data_8IHQ
#
_entry.id   8IHQ
#
_cell.length_a   1.00
_cell.length_b   1.00
_cell.length_c   1.00
_cell.angle_alpha   90.00
_cell.angle_beta   90.00
_cell.angle_gamma   90.00
#
_symmetry.space_group_name_H-M   'P 1'
#
loop_
_entity.id
_entity.type
_entity.pdbx_description
1 polymer 'Amidohydrolase family protein'
2 non-polymer 'ZINC ION'
#
_entity_poly.entity_id   1
_entity_poly.type   'polypeptide(L)'
_entity_poly.pdbx_seq_one_letter_code
;MPIRRRFASLLLLACAPAWAEPVAVQCGRLFDARSGQLKGPHTLLVADGRIRQVLPGTGADAAGARVVDLGDKVCLPGWT
DLHVHLGSQSSPQSYSEDFRLDPVDHAFRAVGYAEKTLMAGFTSVRDLGGEVSPHLRDAINQGLVRGPRIFAAGKSIATT
GGHADPTNGWNERLAHLVGAPGPAEGVVNSVDEARQAVRQRYKEGSDLI(KCX)ITATGGVLSYARSGDAPQFTVDEIKA
VVDTARDYGFRVAAHAHGTEGMKRAVQAGVTSIEHGTYMDDEVMRLMKQHGTWYVPTFYAGRFVTEKAAIDGYFPEVVRP
KAARIGALISQTAAKAYRNGVRIAFGTDQGVGPHGDNAREFVYMVEAGIPAAYALQAATVHAAQVLGVDDQGVLEPGKRA
DVIALAGNPLEDINAVLDVRFVMKDGVIYKQ
;
_entity_poly.pdbx_strand_id   A,B,C,D,E,F,G,H
#
loop_
_chem_comp.id
_chem_comp.type
_chem_comp.name
_chem_comp.formula
ZN non-polymer 'ZINC ION' 'Zn 2'
#
# COMPACT_ATOMS: atom_id res chain seq x y z
N PRO A 22 53.77 27.10 3.26
CA PRO A 22 54.86 27.67 2.46
C PRO A 22 55.97 26.65 2.19
N VAL A 23 55.70 25.70 1.31
CA VAL A 23 56.66 24.64 1.00
C VAL A 23 57.27 24.92 -0.37
N ALA A 24 58.53 24.52 -0.54
CA ALA A 24 59.25 24.68 -1.80
C ALA A 24 59.57 23.29 -2.33
N VAL A 25 58.96 22.93 -3.44
CA VAL A 25 59.21 21.65 -4.09
C VAL A 25 60.21 21.88 -5.22
N GLN A 26 61.37 21.24 -5.07
CA GLN A 26 62.43 21.33 -6.11
C GLN A 26 62.28 20.13 -7.04
N CYS A 27 62.11 20.38 -8.33
CA CYS A 27 61.90 19.34 -9.33
C CYS A 27 63.04 19.32 -10.33
N GLY A 28 63.59 18.14 -10.58
CA GLY A 28 64.65 17.98 -11.54
C GLY A 28 64.22 18.19 -12.98
N ARG A 29 63.02 17.73 -13.31
CA ARG A 29 62.47 17.87 -14.66
C ARG A 29 60.98 18.14 -14.56
N LEU A 30 60.53 19.23 -15.20
CA LEU A 30 59.14 19.66 -15.13
C LEU A 30 58.47 19.44 -16.48
N PHE A 31 57.28 18.87 -16.46
CA PHE A 31 56.50 18.67 -17.67
C PHE A 31 55.49 19.80 -17.84
N ASP A 32 55.48 20.41 -19.03
CA ASP A 32 54.60 21.52 -19.33
C ASP A 32 53.36 20.96 -20.02
N ALA A 33 52.30 20.75 -19.24
CA ALA A 33 51.07 20.17 -19.79
C ALA A 33 50.41 21.08 -20.82
N ARG A 34 50.66 22.38 -20.76
CA ARG A 34 50.10 23.28 -21.77
C ARG A 34 50.83 23.15 -23.11
N SER A 35 52.12 22.84 -23.07
CA SER A 35 52.92 22.71 -24.28
C SER A 35 53.28 21.28 -24.64
N GLY A 36 53.32 20.37 -23.67
CA GLY A 36 53.68 19.00 -23.95
C GLY A 36 55.15 18.72 -24.01
N GLN A 37 55.99 19.65 -23.57
CA GLN A 37 57.44 19.51 -23.63
C GLN A 37 58.02 19.40 -22.23
N LEU A 38 59.00 18.51 -22.07
CA LEU A 38 59.68 18.32 -20.79
C LEU A 38 60.72 19.42 -20.60
N LYS A 39 60.58 20.19 -19.53
CA LYS A 39 61.44 21.33 -19.27
C LYS A 39 62.57 20.94 -18.32
N GLY A 40 63.34 21.94 -17.90
CA GLY A 40 64.45 21.74 -17.01
C GLY A 40 64.05 21.83 -15.55
N PRO A 41 65.04 21.84 -14.66
CA PRO A 41 64.74 21.92 -13.22
C PRO A 41 63.99 23.19 -12.87
N HIS A 42 63.07 23.07 -11.91
CA HIS A 42 62.24 24.19 -11.49
C HIS A 42 62.00 24.09 -9.98
N THR A 43 61.39 25.14 -9.43
CA THR A 43 61.02 25.18 -8.03
C THR A 43 59.61 25.74 -7.92
N LEU A 44 58.75 25.02 -7.21
CA LEU A 44 57.35 25.40 -7.02
C LEU A 44 57.15 25.87 -5.58
N LEU A 45 56.56 27.06 -5.42
CA LEU A 45 56.22 27.57 -4.10
C LEU A 45 54.73 27.34 -3.85
N VAL A 46 54.42 26.58 -2.80
CA VAL A 46 53.05 26.20 -2.48
C VAL A 46 52.67 26.82 -1.15
N ALA A 47 51.54 27.53 -1.13
CA ALA A 47 51.04 28.16 0.09
C ALA A 47 49.53 28.22 0.02
N ASP A 48 48.88 27.80 1.11
CA ASP A 48 47.42 27.82 1.24
C ASP A 48 46.74 26.92 0.20
N GLY A 49 47.38 25.82 -0.16
CA GLY A 49 46.80 24.86 -1.08
C GLY A 49 46.83 25.24 -2.53
N ARG A 50 47.63 26.24 -2.91
CA ARG A 50 47.74 26.69 -4.28
C ARG A 50 49.21 26.85 -4.64
N ILE A 51 49.48 26.94 -5.94
CA ILE A 51 50.82 27.17 -6.44
C ILE A 51 51.04 28.67 -6.50
N ARG A 52 52.06 29.15 -5.78
CA ARG A 52 52.30 30.59 -5.70
C ARG A 52 53.18 31.07 -6.85
N GLN A 53 54.27 30.36 -7.14
CA GLN A 53 55.14 30.75 -8.24
C GLN A 53 56.02 29.58 -8.64
N VAL A 54 56.42 29.59 -9.91
CA VAL A 54 57.35 28.61 -10.46
C VAL A 54 58.60 29.37 -10.88
N LEU A 55 59.75 28.98 -10.32
CA LEU A 55 61.01 29.66 -10.59
C LEU A 55 61.97 28.70 -11.27
N PRO A 56 62.52 29.05 -12.43
CA PRO A 56 63.54 28.20 -13.06
C PRO A 56 64.72 27.99 -12.12
N GLY A 57 65.26 26.77 -12.15
CA GLY A 57 66.39 26.42 -11.31
C GLY A 57 65.99 25.83 -9.98
N ALA A 65 61.38 28.21 4.81
CA ALA A 65 60.43 27.37 4.10
C ALA A 65 60.96 25.94 3.96
N ARG A 66 60.11 24.97 4.27
CA ARG A 66 60.50 23.57 4.13
C ARG A 66 60.73 23.24 2.66
N VAL A 67 61.60 22.25 2.42
CA VAL A 67 62.04 21.89 1.09
C VAL A 67 61.73 20.41 0.83
N VAL A 68 61.10 20.13 -0.29
CA VAL A 68 60.87 18.76 -0.76
C VAL A 68 61.67 18.57 -2.04
N ASP A 69 62.65 17.67 -1.99
CA ASP A 69 63.64 17.51 -3.06
C ASP A 69 63.25 16.31 -3.94
N LEU A 70 63.17 16.53 -5.24
CA LEU A 70 62.94 15.47 -6.21
C LEU A 70 63.90 15.64 -7.37
N GLY A 71 65.19 15.81 -7.08
CA GLY A 71 66.15 16.20 -8.10
C GLY A 71 66.28 15.20 -9.24
N ASP A 72 66.10 13.92 -8.92
CA ASP A 72 66.24 12.85 -9.95
C ASP A 72 64.88 12.28 -10.32
N LYS A 73 63.84 13.11 -10.36
CA LYS A 73 62.48 12.68 -10.66
C LYS A 73 61.84 13.66 -11.64
N VAL A 74 60.74 13.22 -12.24
CA VAL A 74 59.99 14.02 -13.21
C VAL A 74 58.68 14.45 -12.56
N CYS A 75 58.44 15.76 -12.54
CA CYS A 75 57.26 16.31 -11.89
C CYS A 75 56.17 16.58 -12.93
N LEU A 76 54.95 16.20 -12.60
CA LEU A 76 53.81 16.35 -13.49
C LEU A 76 52.61 16.81 -12.68
N PRO A 77 51.64 17.46 -13.34
CA PRO A 77 50.37 17.72 -12.66
C PRO A 77 49.63 16.42 -12.35
N GLY A 78 48.78 16.48 -11.33
CA GLY A 78 48.01 15.30 -10.98
C GLY A 78 47.09 14.88 -12.10
N TRP A 79 46.93 13.57 -12.27
CA TRP A 79 46.14 13.03 -13.35
C TRP A 79 44.65 13.05 -13.01
N THR A 80 43.82 13.05 -14.05
CA THR A 80 42.38 13.01 -13.91
C THR A 80 41.83 11.85 -14.72
N ASP A 81 40.96 11.05 -14.10
CA ASP A 81 40.29 9.94 -14.76
C ASP A 81 38.83 10.31 -14.95
N LEU A 82 38.38 10.34 -16.20
CA LEU A 82 37.05 10.84 -16.54
C LEU A 82 36.00 9.76 -16.65
N HIS A 83 36.32 8.51 -16.29
CA HIS A 83 35.33 7.45 -16.30
C HIS A 83 35.77 6.38 -15.29
N VAL A 84 35.17 6.42 -14.10
CA VAL A 84 35.41 5.44 -13.06
C VAL A 84 34.08 5.09 -12.39
N HIS A 85 34.08 3.96 -11.69
CA HIS A 85 32.96 3.52 -10.85
C HIS A 85 33.56 3.06 -9.52
N LEU A 86 33.72 4.00 -8.59
CA LEU A 86 34.42 3.71 -7.35
C LEU A 86 33.59 2.91 -6.35
N GLY A 87 32.31 2.70 -6.63
CA GLY A 87 31.47 1.97 -5.70
C GLY A 87 31.24 0.52 -6.08
N SER A 88 32.06 0.00 -7.00
CA SER A 88 31.93 -1.38 -7.43
C SER A 88 33.24 -1.84 -8.06
N GLN A 89 33.37 -3.15 -8.22
CA GLN A 89 34.49 -3.75 -8.92
C GLN A 89 34.05 -5.11 -9.43
N SER A 90 34.39 -5.41 -10.69
CA SER A 90 33.93 -6.65 -11.31
C SER A 90 34.56 -7.87 -10.65
N SER A 91 33.76 -8.91 -10.51
CA SER A 91 34.21 -10.15 -9.88
C SER A 91 33.25 -11.26 -10.31
N PRO A 92 33.63 -12.53 -10.12
CA PRO A 92 32.71 -13.63 -10.46
C PRO A 92 31.39 -13.57 -9.72
N GLN A 93 31.36 -12.97 -8.53
CA GLN A 93 30.11 -12.92 -7.72
C GLN A 93 29.44 -11.56 -7.86
N SER A 94 29.77 -10.81 -8.91
CA SER A 94 29.25 -9.42 -9.05
C SER A 94 27.75 -9.40 -9.35
N TYR A 95 27.27 -10.34 -10.16
CA TYR A 95 25.89 -10.30 -10.62
C TYR A 95 24.90 -10.78 -9.56
N SER A 96 25.36 -11.33 -8.44
CA SER A 96 24.49 -11.74 -7.36
C SER A 96 24.49 -10.77 -6.19
N GLU A 97 25.39 -9.79 -6.17
CA GLU A 97 25.47 -8.83 -5.08
C GLU A 97 24.28 -7.88 -5.04
N ASP A 98 23.48 -7.82 -6.11
CA ASP A 98 22.32 -6.93 -6.11
C ASP A 98 21.26 -7.35 -5.10
N PHE A 99 21.23 -8.62 -4.72
CA PHE A 99 20.21 -9.14 -3.83
C PHE A 99 20.75 -9.62 -2.49
N ARG A 100 22.05 -9.49 -2.25
CA ARG A 100 22.66 -9.99 -1.03
C ARG A 100 23.40 -8.93 -0.22
N LEU A 101 23.91 -7.88 -0.85
CA LEU A 101 24.68 -6.85 -0.17
C LEU A 101 23.86 -5.58 0.02
N ASP A 102 24.40 -4.69 0.84
CA ASP A 102 23.79 -3.41 1.16
C ASP A 102 24.76 -2.29 0.79
N PRO A 103 24.32 -1.04 0.72
CA PRO A 103 25.25 0.06 0.40
C PRO A 103 26.40 0.20 1.39
N VAL A 104 26.21 -0.25 2.63
CA VAL A 104 27.25 -0.11 3.64
C VAL A 104 28.49 -0.90 3.27
N ASP A 105 28.30 -2.13 2.79
CA ASP A 105 29.43 -2.95 2.35
C ASP A 105 30.13 -2.32 1.16
N HIS A 106 29.36 -1.76 0.22
CA HIS A 106 29.95 -1.07 -0.92
C HIS A 106 30.77 0.13 -0.49
N ALA A 107 30.30 0.87 0.52
CA ALA A 107 31.08 1.99 1.05
C ALA A 107 32.37 1.51 1.71
N PHE A 108 32.30 0.42 2.48
CA PHE A 108 33.49 -0.09 3.13
C PHE A 108 34.52 -0.58 2.11
N ARG A 109 34.06 -1.08 0.96
CA ARG A 109 35.00 -1.41 -0.11
C ARG A 109 35.50 -0.16 -0.83
N ALA A 110 34.63 0.84 -0.98
CA ALA A 110 35.00 2.06 -1.69
C ALA A 110 36.05 2.85 -0.95
N VAL A 111 36.14 2.69 0.36
CA VAL A 111 37.23 3.33 1.11
C VAL A 111 38.59 2.89 0.56
N GLY A 112 38.79 1.58 0.48
CA GLY A 112 40.04 1.06 -0.07
C GLY A 112 40.19 1.35 -1.55
N TYR A 113 39.09 1.30 -2.29
CA TYR A 113 39.14 1.63 -3.72
C TYR A 113 39.66 3.06 -3.93
N ALA A 114 39.13 4.00 -3.16
CA ALA A 114 39.54 5.40 -3.31
C ALA A 114 40.97 5.61 -2.85
N GLU A 115 41.39 4.93 -1.77
CA GLU A 115 42.78 5.04 -1.35
C GLU A 115 43.73 4.53 -2.44
N LYS A 116 43.40 3.38 -3.04
CA LYS A 116 44.23 2.84 -4.11
C LYS A 116 44.24 3.75 -5.34
N THR A 117 43.10 4.35 -5.67
CA THR A 117 43.05 5.28 -6.80
C THR A 117 43.91 6.52 -6.54
N LEU A 118 43.84 7.06 -5.32
CA LEU A 118 44.63 8.24 -5.00
C LEU A 118 46.13 7.92 -5.02
N MET A 119 46.52 6.77 -4.49
CA MET A 119 47.94 6.43 -4.44
C MET A 119 48.54 6.14 -5.80
N ALA A 120 47.72 5.91 -6.83
CA ALA A 120 48.23 5.61 -8.15
C ALA A 120 48.64 6.85 -8.93
N GLY A 121 48.34 8.04 -8.42
CA GLY A 121 48.68 9.28 -9.09
C GLY A 121 47.51 10.08 -9.61
N PHE A 122 46.28 9.63 -9.38
CA PHE A 122 45.09 10.29 -9.88
C PHE A 122 44.46 11.08 -8.75
N THR A 123 44.65 12.40 -8.78
CA THR A 123 44.12 13.29 -7.76
C THR A 123 42.70 13.76 -8.04
N SER A 124 42.13 13.40 -9.20
CA SER A 124 40.77 13.78 -9.53
C SER A 124 40.14 12.67 -10.37
N VAL A 125 38.85 12.42 -10.15
CA VAL A 125 38.10 11.43 -10.90
C VAL A 125 36.71 11.99 -11.22
N ARG A 126 36.13 11.49 -12.30
CA ARG A 126 34.74 11.74 -12.65
C ARG A 126 34.00 10.41 -12.57
N ASP A 127 33.12 10.28 -11.57
CA ASP A 127 32.34 9.07 -11.40
C ASP A 127 31.06 9.17 -12.22
N LEU A 128 30.80 8.16 -13.04
CA LEU A 128 29.74 8.19 -14.04
C LEU A 128 28.67 7.15 -13.73
N GLY A 129 28.28 7.03 -12.47
CA GLY A 129 27.23 6.11 -12.08
C GLY A 129 27.44 5.49 -10.72
N GLY A 130 26.39 5.51 -9.90
CA GLY A 130 26.47 4.98 -8.55
C GLY A 130 25.90 5.94 -7.52
N GLU A 131 25.19 5.40 -6.53
CA GLU A 131 24.56 6.21 -5.50
C GLU A 131 25.36 6.23 -4.20
N VAL A 132 26.57 5.69 -4.20
CA VAL A 132 27.45 5.76 -3.05
C VAL A 132 28.52 6.84 -3.22
N SER A 133 28.78 7.28 -4.45
CA SER A 133 29.87 8.19 -4.76
C SER A 133 29.66 9.61 -4.23
N PRO A 134 28.45 10.18 -4.26
CA PRO A 134 28.26 11.48 -3.59
C PRO A 134 28.60 11.46 -2.11
N HIS A 135 28.23 10.38 -1.41
CA HIS A 135 28.54 10.28 0.01
C HIS A 135 30.04 10.14 0.24
N LEU A 136 30.71 9.36 -0.60
CA LEU A 136 32.17 9.25 -0.49
C LEU A 136 32.84 10.58 -0.78
N ARG A 137 32.32 11.34 -1.75
CA ARG A 137 32.85 12.66 -2.03
C ARG A 137 32.70 13.58 -0.82
N ASP A 138 31.52 13.56 -0.19
CA ASP A 138 31.32 14.38 1.01
C ASP A 138 32.26 13.97 2.13
N ALA A 139 32.44 12.65 2.32
CA ALA A 139 33.35 12.17 3.37
C ALA A 139 34.78 12.60 3.10
N ILE A 140 35.22 12.53 1.84
CA ILE A 140 36.58 12.94 1.50
C ILE A 140 36.75 14.44 1.69
N ASN A 141 35.72 15.22 1.33
CA ASN A 141 35.80 16.67 1.52
C ASN A 141 35.83 17.03 3.00
N GLN A 142 35.13 16.29 3.84
CA GLN A 142 35.15 16.53 5.28
C GLN A 142 36.41 15.99 5.94
N GLY A 143 37.23 15.21 5.23
CA GLY A 143 38.48 14.73 5.76
C GLY A 143 38.40 13.44 6.54
N LEU A 144 37.29 12.70 6.45
CA LEU A 144 37.18 11.45 7.19
C LEU A 144 37.99 10.34 6.56
N VAL A 145 38.08 10.30 5.23
CA VAL A 145 38.81 9.28 4.51
C VAL A 145 39.67 9.93 3.44
N ARG A 146 40.65 9.18 2.96
CA ARG A 146 41.60 9.66 1.96
C ARG A 146 41.16 9.21 0.57
N GLY A 147 41.28 10.10 -0.40
CA GLY A 147 40.92 9.80 -1.77
C GLY A 147 41.08 10.98 -2.69
N PRO A 148 40.71 10.81 -3.96
CA PRO A 148 40.83 11.92 -4.92
C PRO A 148 39.66 12.88 -4.87
N ARG A 149 39.66 13.85 -5.78
CA ARG A 149 38.57 14.82 -5.90
C ARG A 149 37.52 14.27 -6.84
N ILE A 150 36.32 14.03 -6.33
CA ILE A 150 35.29 13.28 -7.05
C ILE A 150 34.29 14.26 -7.66
N PHE A 151 34.02 14.11 -8.95
CA PHE A 151 32.91 14.78 -9.63
C PHE A 151 31.88 13.69 -9.95
N ALA A 152 30.78 13.67 -9.22
CA ALA A 152 29.86 12.55 -9.21
C ALA A 152 28.62 12.85 -10.05
N ALA A 153 28.27 11.92 -10.94
CA ALA A 153 27.07 12.05 -11.76
C ALA A 153 25.83 11.47 -11.11
N GLY A 154 25.96 10.78 -9.97
CA GLY A 154 24.81 10.18 -9.34
C GLY A 154 24.29 8.99 -10.12
N LYS A 155 22.99 8.75 -9.98
CA LYS A 155 22.36 7.64 -10.69
C LYS A 155 22.16 8.01 -12.16
N SER A 156 22.52 7.10 -13.05
CA SER A 156 22.43 7.35 -14.48
C SER A 156 20.98 7.33 -14.94
N ILE A 157 20.71 8.05 -16.02
CA ILE A 157 19.37 8.16 -16.60
C ILE A 157 19.28 7.24 -17.82
N ALA A 158 18.20 6.46 -17.89
CA ALA A 158 17.99 5.55 -19.00
C ALA A 158 16.50 5.52 -19.32
N THR A 159 16.11 4.58 -20.19
CA THR A 159 14.73 4.35 -20.58
C THR A 159 14.28 3.00 -20.05
N THR A 160 13.06 2.61 -20.41
CA THR A 160 12.52 1.33 -19.96
C THR A 160 13.23 0.18 -20.68
N GLY A 161 13.80 -0.74 -19.91
CA GLY A 161 14.60 -1.79 -20.50
C GLY A 161 15.97 -1.34 -20.97
N GLY A 162 16.44 -0.18 -20.51
CA GLY A 162 17.68 0.37 -20.96
C GLY A 162 18.90 -0.25 -20.31
N HIS A 163 20.07 0.27 -20.68
CA HIS A 163 21.32 -0.22 -20.12
C HIS A 163 21.44 0.06 -18.63
N ALA A 164 20.89 1.18 -18.17
CA ALA A 164 20.95 1.57 -16.77
C ALA A 164 19.62 1.36 -16.05
N ASP A 165 18.74 0.53 -16.60
CA ASP A 165 17.51 0.19 -15.92
C ASP A 165 17.82 -0.71 -14.73
N PRO A 166 17.41 -0.35 -13.51
CA PRO A 166 17.83 -1.12 -12.33
C PRO A 166 17.14 -2.47 -12.18
N THR A 167 16.12 -2.77 -12.98
CA THR A 167 15.32 -3.98 -12.80
C THR A 167 15.37 -4.89 -14.02
N ASN A 168 16.48 -4.84 -14.78
CA ASN A 168 16.67 -5.77 -15.89
C ASN A 168 17.07 -7.14 -15.35
N GLY A 169 16.36 -8.18 -15.81
CA GLY A 169 16.66 -9.53 -15.40
C GLY A 169 15.92 -10.02 -14.18
N TRP A 170 15.20 -9.15 -13.48
CA TRP A 170 14.43 -9.58 -12.33
C TRP A 170 13.20 -10.35 -12.77
N ASN A 171 12.80 -11.34 -11.97
CA ASN A 171 11.62 -12.11 -12.29
C ASN A 171 10.36 -11.29 -11.99
N GLU A 172 9.20 -11.84 -12.36
CA GLU A 172 7.97 -11.07 -12.29
C GLU A 172 7.54 -10.77 -10.86
N ARG A 173 7.84 -11.66 -9.92
CA ARG A 173 7.47 -11.42 -8.53
C ARG A 173 8.20 -10.20 -7.96
N LEU A 174 9.53 -10.18 -8.08
CA LEU A 174 10.29 -9.05 -7.57
C LEU A 174 9.95 -7.78 -8.33
N ALA A 175 9.76 -7.89 -9.65
CA ALA A 175 9.41 -6.71 -10.45
C ALA A 175 8.06 -6.14 -10.04
N HIS A 176 7.09 -7.00 -9.71
CA HIS A 176 5.78 -6.50 -9.32
C HIS A 176 5.81 -5.89 -7.92
N LEU A 177 6.46 -6.56 -6.96
CA LEU A 177 6.54 -5.99 -5.63
C LEU A 177 7.53 -4.82 -5.53
N VAL A 178 8.30 -4.54 -6.58
CA VAL A 178 9.15 -3.36 -6.60
C VAL A 178 8.58 -2.25 -7.48
N GLY A 179 7.59 -2.53 -8.32
CA GLY A 179 7.00 -1.53 -9.17
C GLY A 179 7.83 -1.22 -10.40
N ALA A 180 7.28 -0.38 -11.25
CA ALA A 180 7.96 0.07 -12.46
C ALA A 180 8.74 1.35 -12.17
N PRO A 181 10.05 1.39 -12.42
CA PRO A 181 10.82 2.59 -12.13
C PRO A 181 10.36 3.78 -12.97
N GLY A 182 10.48 4.97 -12.39
CA GLY A 182 10.08 6.19 -13.04
C GLY A 182 11.16 7.24 -12.97
N PRO A 183 10.77 8.51 -13.16
CA PRO A 183 11.76 9.60 -13.10
C PRO A 183 12.50 9.69 -11.78
N ALA A 184 11.84 9.35 -10.67
CA ALA A 184 12.53 9.36 -9.38
C ALA A 184 13.56 8.25 -9.28
N GLU A 185 13.36 7.16 -10.01
CA GLU A 185 14.31 6.05 -10.05
C GLU A 185 15.32 6.16 -11.18
N GLY A 186 15.17 7.13 -12.07
CA GLY A 186 16.10 7.32 -13.17
C GLY A 186 15.66 6.78 -14.52
N VAL A 187 14.41 6.35 -14.66
CA VAL A 187 13.90 5.77 -15.90
C VAL A 187 12.98 6.79 -16.55
N VAL A 188 13.26 7.13 -17.79
CA VAL A 188 12.49 8.20 -18.48
C VAL A 188 11.86 7.60 -19.73
N ASN A 189 10.69 8.10 -20.10
CA ASN A 189 10.00 7.68 -21.30
C ASN A 189 9.36 8.82 -22.09
N SER A 190 9.51 10.07 -21.66
CA SER A 190 8.92 11.19 -22.37
C SER A 190 9.72 12.46 -22.07
N VAL A 191 9.36 13.54 -22.76
CA VAL A 191 10.08 14.80 -22.62
C VAL A 191 9.85 15.39 -21.22
N ASP A 192 8.64 15.27 -20.69
CA ASP A 192 8.34 15.81 -19.38
C ASP A 192 8.92 14.98 -18.24
N GLU A 193 9.27 13.72 -18.50
CA GLU A 193 9.93 12.92 -17.48
C GLU A 193 11.43 13.16 -17.44
N ALA A 194 12.03 13.55 -18.57
CA ALA A 194 13.45 13.86 -18.59
C ALA A 194 13.77 15.08 -17.74
N ARG A 195 12.90 16.09 -17.78
CA ARG A 195 13.07 17.28 -16.95
C ARG A 195 13.02 16.91 -15.48
N GLN A 196 12.05 16.07 -15.10
CA GLN A 196 11.93 15.66 -13.71
C GLN A 196 13.13 14.82 -13.28
N ALA A 197 13.65 13.98 -14.19
CA ALA A 197 14.83 13.18 -13.85
C ALA A 197 16.06 14.05 -13.62
N VAL A 198 16.27 15.05 -14.48
CA VAL A 198 17.41 15.95 -14.28
C VAL A 198 17.25 16.74 -12.99
N ARG A 199 16.02 17.21 -12.71
CA ARG A 199 15.78 17.96 -11.48
C ARG A 199 15.97 17.09 -10.24
N GLN A 200 15.61 15.80 -10.32
CA GLN A 200 15.82 14.89 -9.20
C GLN A 200 17.30 14.57 -9.01
N ARG A 201 18.06 14.50 -10.10
CA ARG A 201 19.51 14.35 -9.96
C ARG A 201 20.12 15.58 -9.30
N TYR A 202 19.65 16.77 -9.68
CA TYR A 202 20.11 17.99 -9.02
C TYR A 202 19.72 18.00 -7.54
N LYS A 203 18.52 17.54 -7.23
CA LYS A 203 18.05 17.52 -5.85
C LYS A 203 18.87 16.58 -4.98
N GLU A 204 19.33 15.47 -5.54
CA GLU A 204 20.07 14.46 -4.77
C GLU A 204 21.55 14.80 -4.64
N GLY A 205 22.02 15.89 -5.24
CA GLY A 205 23.39 16.31 -5.06
C GLY A 205 24.36 15.77 -6.08
N SER A 206 24.05 15.96 -7.36
CA SER A 206 24.91 15.52 -8.45
C SER A 206 25.71 16.69 -9.00
N ASP A 207 26.80 16.36 -9.69
CA ASP A 207 27.65 17.36 -10.32
C ASP A 207 27.55 17.38 -11.84
N LEU A 208 26.98 16.34 -12.45
CA LEU A 208 26.77 16.29 -13.88
C LEU A 208 25.71 15.23 -14.18
N ILE A 209 25.41 15.06 -15.46
CA ILE A 209 24.35 14.14 -15.88
C ILE A 209 24.91 13.01 -16.74
N KCX A 210 24.40 11.80 -16.53
CA KCX A 210 24.82 10.63 -17.31
CB KCX A 210 25.61 9.66 -16.42
CG KCX A 210 26.82 9.02 -17.07
CD KCX A 210 26.47 8.24 -18.32
CE KCX A 210 27.62 7.38 -18.78
NZ KCX A 210 27.84 6.25 -17.84
C KCX A 210 23.62 9.92 -17.92
O KCX A 210 22.69 9.52 -17.21
CX KCX A 210 28.56 5.19 -18.22
OQ1 KCX A 210 28.74 4.25 -17.42
OQ2 KCX A 210 29.04 5.14 -19.36
N ILE A 211 23.64 9.75 -19.24
CA ILE A 211 22.58 9.01 -19.93
C ILE A 211 23.17 7.88 -20.75
N THR A 212 22.41 6.80 -20.89
CA THR A 212 22.79 5.67 -21.74
C THR A 212 22.06 5.83 -23.07
N ALA A 213 22.80 6.23 -24.11
CA ALA A 213 22.17 6.51 -25.40
C ALA A 213 21.78 5.25 -26.16
N THR A 214 22.50 4.14 -25.94
CA THR A 214 22.22 2.89 -26.64
C THR A 214 22.25 1.75 -25.61
N GLY A 215 22.22 0.52 -26.11
CA GLY A 215 22.39 -0.64 -25.26
C GLY A 215 23.82 -0.79 -24.82
N GLY A 216 24.04 -1.79 -23.96
CA GLY A 216 25.33 -2.00 -23.36
C GLY A 216 25.75 -3.46 -23.40
N VAL A 217 26.93 -3.71 -22.84
CA VAL A 217 27.51 -5.05 -22.83
C VAL A 217 27.22 -5.78 -21.52
N LEU A 218 27.42 -5.11 -20.39
CA LEU A 218 27.36 -5.76 -19.09
C LEU A 218 25.95 -5.81 -18.50
N SER A 219 24.97 -5.20 -19.17
CA SER A 219 23.61 -5.25 -18.67
C SER A 219 23.01 -6.64 -18.88
N TYR A 220 21.98 -6.94 -18.08
CA TYR A 220 21.25 -8.19 -18.21
C TYR A 220 20.09 -8.06 -19.19
N ALA A 221 20.38 -7.55 -20.38
CA ALA A 221 19.41 -7.33 -21.43
C ALA A 221 19.83 -8.10 -22.68
N ARG A 222 19.09 -7.89 -23.77
CA ARG A 222 19.30 -8.61 -25.01
C ARG A 222 20.16 -7.85 -26.01
N SER A 223 19.92 -6.55 -26.17
CA SER A 223 20.62 -5.76 -27.16
C SER A 223 21.91 -5.18 -26.60
N GLY A 224 22.81 -4.80 -27.51
CA GLY A 224 24.07 -4.20 -27.12
C GLY A 224 24.35 -2.85 -27.77
N ASP A 225 23.69 -2.57 -28.89
CA ASP A 225 23.91 -1.30 -29.60
C ASP A 225 22.62 -0.74 -30.20
N ALA A 226 21.48 -0.97 -29.56
CA ALA A 226 20.30 -0.41 -30.22
C ALA A 226 20.00 0.99 -29.69
N PRO A 227 19.50 1.90 -30.55
CA PRO A 227 19.19 3.25 -30.08
C PRO A 227 18.02 3.28 -29.10
N GLN A 228 18.31 3.60 -27.84
CA GLN A 228 17.34 3.54 -26.76
C GLN A 228 16.82 4.91 -26.34
N PHE A 229 17.16 5.96 -27.07
CA PHE A 229 16.72 7.31 -26.78
C PHE A 229 16.26 7.99 -28.06
N THR A 230 15.25 8.84 -27.93
CA THR A 230 14.79 9.64 -29.09
C THR A 230 15.48 10.99 -28.98
N VAL A 231 15.56 11.73 -30.07
CA VAL A 231 16.24 13.02 -30.10
C VAL A 231 15.57 14.02 -29.18
N ASP A 232 14.24 13.97 -29.09
CA ASP A 232 13.52 14.93 -28.24
C ASP A 232 13.87 14.76 -26.77
N GLU A 233 13.97 13.51 -26.30
CA GLU A 233 14.28 13.28 -24.89
C GLU A 233 15.71 13.70 -24.56
N ILE A 234 16.66 13.41 -25.43
CA ILE A 234 18.04 13.83 -25.20
C ILE A 234 18.12 15.35 -25.21
N LYS A 235 17.40 16.00 -26.13
CA LYS A 235 17.39 17.46 -26.18
C LYS A 235 16.80 18.04 -24.90
N ALA A 236 15.73 17.43 -24.38
CA ALA A 236 15.16 17.88 -23.12
C ALA A 236 16.17 17.73 -21.97
N VAL A 237 16.88 16.61 -21.94
CA VAL A 237 17.89 16.39 -20.90
C VAL A 237 18.97 17.47 -20.98
N VAL A 238 19.45 17.74 -22.19
CA VAL A 238 20.51 18.73 -22.35
C VAL A 238 20.02 20.13 -21.96
N ASP A 239 18.80 20.48 -22.34
CA ASP A 239 18.26 21.79 -21.97
C ASP A 239 18.13 21.94 -20.46
N THR A 240 17.60 20.92 -19.79
CA THR A 240 17.46 21.00 -18.34
C THR A 240 18.82 21.08 -17.66
N ALA A 241 19.78 20.27 -18.11
CA ALA A 241 21.12 20.31 -17.52
C ALA A 241 21.77 21.66 -17.72
N ARG A 242 21.61 22.25 -18.90
CA ARG A 242 22.13 23.59 -19.15
C ARG A 242 21.45 24.61 -18.25
N ASP A 243 20.16 24.44 -17.99
CA ASP A 243 19.46 25.32 -17.05
C ASP A 243 20.06 25.21 -15.65
N TYR A 244 20.45 24.00 -15.24
CA TYR A 244 21.04 23.80 -13.91
C TYR A 244 22.56 23.83 -13.93
N GLY A 245 23.19 24.13 -15.06
CA GLY A 245 24.63 24.25 -15.12
C GLY A 245 25.38 22.95 -15.23
N PHE A 246 24.70 21.85 -15.52
CA PHE A 246 25.33 20.54 -15.61
C PHE A 246 25.86 20.27 -17.01
N ARG A 247 26.82 19.36 -17.09
CA ARG A 247 27.29 18.82 -18.36
C ARG A 247 26.82 17.38 -18.49
N VAL A 248 26.66 16.93 -19.73
CA VAL A 248 26.05 15.64 -20.02
C VAL A 248 27.06 14.76 -20.73
N ALA A 249 27.24 13.53 -20.22
CA ALA A 249 28.10 12.53 -20.88
C ALA A 249 27.19 11.40 -21.35
N ALA A 250 27.46 10.78 -22.50
CA ALA A 250 26.55 9.75 -23.03
C ALA A 250 27.29 8.43 -23.31
N HIS A 251 26.79 7.32 -22.78
CA HIS A 251 27.37 5.99 -23.10
C HIS A 251 26.76 5.55 -24.44
N ALA A 252 27.58 5.22 -25.44
CA ALA A 252 26.99 4.88 -26.75
C ALA A 252 27.87 3.92 -27.55
N HIS A 253 27.29 2.81 -28.03
CA HIS A 253 28.02 1.84 -28.88
C HIS A 253 27.53 1.96 -30.33
N GLY A 254 26.21 1.88 -30.59
CA GLY A 254 25.76 1.91 -31.97
C GLY A 254 25.88 3.27 -32.61
N THR A 255 25.77 3.28 -33.94
CA THR A 255 25.98 4.51 -34.70
C THR A 255 24.79 5.46 -34.61
N GLU A 256 23.56 4.93 -34.62
CA GLU A 256 22.39 5.79 -34.64
C GLU A 256 22.24 6.54 -33.32
N GLY A 257 22.38 5.83 -32.20
CA GLY A 257 22.30 6.50 -30.91
C GLY A 257 23.45 7.49 -30.70
N MET A 258 24.64 7.14 -31.17
CA MET A 258 25.77 8.06 -31.10
C MET A 258 25.49 9.33 -31.87
N LYS A 259 24.95 9.19 -33.09
CA LYS A 259 24.64 10.37 -33.91
C LYS A 259 23.55 11.21 -33.27
N ARG A 260 22.53 10.57 -32.70
CA ARG A 260 21.47 11.30 -32.01
C ARG A 260 22.03 12.09 -30.84
N ALA A 261 22.88 11.46 -30.02
CA ALA A 261 23.44 12.14 -28.87
C ALA A 261 24.36 13.28 -29.29
N VAL A 262 25.17 13.08 -30.34
CA VAL A 262 26.05 14.15 -30.81
C VAL A 262 25.25 15.32 -31.32
N GLN A 263 24.20 15.06 -32.10
CA GLN A 263 23.40 16.15 -32.66
C GLN A 263 22.56 16.84 -31.59
N ALA A 264 22.22 16.14 -30.51
CA ALA A 264 21.46 16.77 -29.44
C ALA A 264 22.29 17.82 -28.70
N GLY A 265 23.59 17.57 -28.53
CA GLY A 265 24.45 18.55 -27.91
C GLY A 265 25.10 18.12 -26.61
N VAL A 266 25.37 16.82 -26.46
CA VAL A 266 26.07 16.32 -25.28
C VAL A 266 27.53 16.72 -25.35
N THR A 267 28.23 16.63 -24.22
CA THR A 267 29.62 17.08 -24.13
C THR A 267 30.62 16.01 -24.55
N SER A 268 30.44 14.78 -24.06
CA SER A 268 31.39 13.71 -24.32
C SER A 268 30.65 12.41 -24.64
N ILE A 269 31.32 11.55 -25.40
CA ILE A 269 30.80 10.24 -25.78
C ILE A 269 31.66 9.19 -25.11
N GLU A 270 31.03 8.27 -24.38
CA GLU A 270 31.78 7.36 -23.52
C GLU A 270 32.36 6.16 -24.27
N HIS A 271 31.72 5.71 -25.34
CA HIS A 271 32.29 4.68 -26.19
C HIS A 271 31.95 4.99 -27.63
N GLY A 272 32.72 4.42 -28.55
CA GLY A 272 32.53 4.68 -29.96
C GLY A 272 32.68 3.46 -30.84
N THR A 273 32.38 2.27 -30.25
CA THR A 273 32.62 0.99 -30.95
C THR A 273 32.27 1.07 -32.44
N TYR A 274 31.12 1.59 -32.78
CA TYR A 274 30.62 1.60 -34.16
C TYR A 274 30.56 3.01 -34.73
N MET A 275 31.61 3.80 -34.48
CA MET A 275 31.69 5.16 -35.00
C MET A 275 32.14 5.14 -36.46
N ASP A 276 31.47 5.92 -37.29
CA ASP A 276 31.76 5.99 -38.72
C ASP A 276 32.16 7.41 -39.11
N ASP A 277 32.29 7.65 -40.41
CA ASP A 277 32.81 8.91 -40.91
C ASP A 277 31.88 10.08 -40.61
N GLU A 278 30.57 9.88 -40.79
CA GLU A 278 29.63 10.98 -40.55
C GLU A 278 29.58 11.37 -39.09
N VAL A 279 29.65 10.39 -38.19
CA VAL A 279 29.70 10.71 -36.76
C VAL A 279 30.97 11.47 -36.42
N MET A 280 32.09 11.08 -37.04
CA MET A 280 33.33 11.82 -36.82
C MET A 280 33.23 13.25 -37.30
N ARG A 281 32.64 13.46 -38.47
CA ARG A 281 32.45 14.82 -38.99
C ARG A 281 31.56 15.64 -38.06
N LEU A 282 30.47 15.05 -37.58
CA LEU A 282 29.57 15.76 -36.68
C LEU A 282 30.26 16.08 -35.36
N MET A 283 31.08 15.15 -34.85
CA MET A 283 31.83 15.40 -33.63
C MET A 283 32.82 16.55 -33.80
N LYS A 284 33.52 16.57 -34.93
CA LYS A 284 34.48 17.65 -35.17
C LYS A 284 33.77 18.99 -35.34
N GLN A 285 32.61 19.00 -36.00
CA GLN A 285 31.86 20.24 -36.19
C GLN A 285 31.30 20.75 -34.86
N HIS A 286 30.76 19.86 -34.04
CA HIS A 286 30.15 20.27 -32.78
C HIS A 286 31.17 20.53 -31.68
N GLY A 287 32.26 19.77 -31.66
CA GLY A 287 33.25 19.87 -30.61
C GLY A 287 33.11 18.84 -29.50
N THR A 288 32.61 17.64 -29.86
CA THR A 288 32.36 16.59 -28.85
C THR A 288 33.67 15.93 -28.43
N TRP A 289 33.84 15.64 -27.13
CA TRP A 289 35.00 14.91 -26.62
C TRP A 289 34.75 13.41 -26.70
N TYR A 290 35.84 12.66 -26.93
CA TYR A 290 35.77 11.21 -27.08
C TYR A 290 36.60 10.54 -26.00
N VAL A 291 36.00 9.58 -25.31
CA VAL A 291 36.65 8.84 -24.24
C VAL A 291 36.70 7.37 -24.63
N PRO A 292 37.86 6.86 -25.09
CA PRO A 292 37.88 5.52 -25.69
C PRO A 292 37.69 4.38 -24.69
N THR A 293 38.37 4.43 -23.54
CA THR A 293 38.33 3.38 -22.51
C THR A 293 38.79 2.04 -23.09
N PHE A 294 40.09 2.00 -23.43
CA PHE A 294 40.69 0.75 -23.90
C PHE A 294 40.63 -0.33 -22.83
N TYR A 295 40.86 0.04 -21.57
CA TYR A 295 41.00 -0.93 -20.50
C TYR A 295 39.75 -1.77 -20.33
N ALA A 296 38.58 -1.15 -20.37
CA ALA A 296 37.33 -1.90 -20.20
C ALA A 296 37.12 -2.90 -21.33
N GLY A 297 37.40 -2.49 -22.57
CA GLY A 297 37.26 -3.40 -23.69
C GLY A 297 38.20 -4.58 -23.59
N ARG A 298 39.46 -4.32 -23.24
CA ARG A 298 40.41 -5.42 -23.08
C ARG A 298 39.97 -6.35 -21.96
N PHE A 299 39.49 -5.78 -20.85
CA PHE A 299 39.05 -6.60 -19.73
C PHE A 299 37.88 -7.49 -20.10
N VAL A 300 36.88 -6.94 -20.80
CA VAL A 300 35.71 -7.74 -21.13
C VAL A 300 36.07 -8.82 -22.15
N THR A 301 36.94 -8.51 -23.11
CA THR A 301 37.38 -9.54 -24.05
C THR A 301 38.12 -10.65 -23.33
N GLU A 302 39.00 -10.31 -22.38
CA GLU A 302 39.74 -11.32 -21.66
C GLU A 302 38.83 -12.17 -20.79
N LYS A 303 37.86 -11.54 -20.11
CA LYS A 303 37.00 -12.26 -19.18
C LYS A 303 35.89 -13.04 -19.89
N ALA A 304 35.60 -12.72 -21.15
CA ALA A 304 34.62 -13.52 -21.88
C ALA A 304 35.16 -14.91 -22.24
N ALA A 305 36.49 -15.09 -22.19
CA ALA A 305 37.06 -16.40 -22.49
C ALA A 305 36.86 -17.38 -21.34
N ILE A 306 36.80 -16.89 -20.11
CA ILE A 306 36.58 -17.76 -18.95
C ILE A 306 35.11 -18.16 -18.90
N ASP A 307 34.86 -19.45 -18.75
CA ASP A 307 33.50 -19.97 -18.73
C ASP A 307 32.90 -19.81 -17.35
N GLY A 308 31.70 -19.22 -17.30
CA GLY A 308 31.00 -19.00 -16.05
C GLY A 308 31.26 -17.66 -15.39
N TYR A 309 32.26 -16.91 -15.86
CA TYR A 309 32.51 -15.58 -15.31
C TYR A 309 31.35 -14.64 -15.63
N PHE A 310 30.84 -14.68 -16.86
CA PHE A 310 29.74 -13.85 -17.30
C PHE A 310 28.48 -14.68 -17.54
N PRO A 311 27.30 -14.10 -17.36
CA PRO A 311 26.08 -14.81 -17.73
C PRO A 311 26.03 -15.05 -19.24
N GLU A 312 25.33 -16.12 -19.63
CA GLU A 312 25.24 -16.47 -21.04
C GLU A 312 24.55 -15.38 -21.86
N VAL A 313 23.74 -14.53 -21.21
CA VAL A 313 23.14 -13.39 -21.90
C VAL A 313 24.19 -12.34 -22.23
N VAL A 314 25.22 -12.24 -21.39
CA VAL A 314 26.19 -11.14 -21.47
C VAL A 314 27.40 -11.54 -22.30
N ARG A 315 27.78 -12.82 -22.21
CA ARG A 315 29.05 -13.27 -22.79
C ARG A 315 29.19 -12.97 -24.29
N PRO A 316 28.22 -13.28 -25.15
CA PRO A 316 28.41 -12.94 -26.58
C PRO A 316 28.56 -11.45 -26.82
N LYS A 317 27.79 -10.61 -26.12
CA LYS A 317 27.88 -9.17 -26.30
C LYS A 317 29.27 -8.66 -25.96
N ALA A 318 29.82 -9.12 -24.83
CA ALA A 318 31.17 -8.71 -24.45
C ALA A 318 32.18 -9.19 -25.48
N ALA A 319 32.17 -10.48 -25.80
CA ALA A 319 33.16 -11.05 -26.70
C ALA A 319 33.12 -10.41 -28.07
N ARG A 320 31.96 -9.89 -28.48
CA ARG A 320 31.87 -9.22 -29.78
C ARG A 320 32.28 -7.76 -29.69
N ILE A 321 31.62 -7.00 -28.81
CA ILE A 321 31.78 -5.55 -28.81
C ILE A 321 33.15 -5.13 -28.30
N GLY A 322 33.65 -5.77 -27.24
CA GLY A 322 34.83 -5.25 -26.56
C GLY A 322 36.08 -5.23 -27.41
N ALA A 323 36.14 -6.03 -28.47
CA ALA A 323 37.35 -6.18 -29.26
C ALA A 323 37.47 -5.15 -30.39
N LEU A 324 36.53 -4.20 -30.48
CA LEU A 324 36.48 -3.25 -31.57
C LEU A 324 36.64 -1.81 -31.06
N ILE A 325 37.50 -1.60 -30.08
CA ILE A 325 37.67 -0.31 -29.45
C ILE A 325 38.99 0.35 -29.85
N SER A 326 40.07 -0.40 -29.83
CA SER A 326 41.43 0.15 -30.14
C SER A 326 41.53 0.63 -31.60
N GLN A 327 40.91 -0.08 -32.55
CA GLN A 327 40.92 0.36 -33.94
C GLN A 327 40.11 1.63 -34.14
N THR A 328 38.92 1.71 -33.54
CA THR A 328 38.10 2.91 -33.67
C THR A 328 38.78 4.12 -33.05
N ALA A 329 39.39 3.94 -31.88
CA ALA A 329 40.10 5.05 -31.24
C ALA A 329 41.29 5.51 -32.07
N ALA A 330 42.04 4.58 -32.65
CA ALA A 330 43.16 4.96 -33.51
C ALA A 330 42.67 5.72 -34.75
N LYS A 331 41.59 5.24 -35.37
CA LYS A 331 41.06 5.93 -36.54
C LYS A 331 40.55 7.32 -36.19
N ALA A 332 39.87 7.44 -35.04
CA ALA A 332 39.36 8.74 -34.61
C ALA A 332 40.50 9.70 -34.33
N TYR A 333 41.58 9.22 -33.71
CA TYR A 333 42.74 10.07 -33.51
C TYR A 333 43.35 10.51 -34.85
N ARG A 334 43.44 9.58 -35.80
CA ARG A 334 44.00 9.94 -37.10
C ARG A 334 43.12 10.93 -37.84
N ASN A 335 41.81 10.90 -37.60
CA ASN A 335 40.88 11.80 -38.30
C ASN A 335 40.75 13.16 -37.64
N GLY A 336 41.23 13.34 -36.41
CA GLY A 336 41.20 14.63 -35.76
C GLY A 336 40.12 14.84 -34.72
N VAL A 337 39.66 13.78 -34.06
CA VAL A 337 38.63 13.90 -33.04
C VAL A 337 39.30 14.11 -31.69
N ARG A 338 38.80 15.06 -30.91
CA ARG A 338 39.38 15.36 -29.60
C ARG A 338 39.15 14.19 -28.65
N ILE A 339 40.22 13.72 -28.02
CA ILE A 339 40.21 12.52 -27.20
C ILE A 339 40.64 12.87 -25.79
N ALA A 340 39.88 12.40 -24.80
CA ALA A 340 40.20 12.58 -23.40
C ALA A 340 40.53 11.23 -22.77
N PHE A 341 40.98 11.26 -21.52
CA PHE A 341 41.47 10.08 -20.83
C PHE A 341 40.39 9.55 -19.88
N GLY A 342 39.97 8.32 -20.11
CA GLY A 342 39.04 7.65 -19.21
C GLY A 342 39.22 6.15 -19.30
N THR A 343 39.03 5.49 -18.16
CA THR A 343 39.37 4.08 -18.01
C THR A 343 38.17 3.15 -17.84
N ASP A 344 37.05 3.64 -17.33
CA ASP A 344 35.89 2.81 -16.99
C ASP A 344 36.26 1.78 -15.92
N GLN A 345 37.03 2.21 -14.93
CA GLN A 345 37.37 1.32 -13.83
C GLN A 345 36.13 1.03 -12.99
N GLY A 346 36.19 -0.11 -12.29
CA GLY A 346 35.03 -0.79 -11.79
C GLY A 346 34.73 -2.07 -12.57
N VAL A 347 35.01 -2.04 -13.88
CA VAL A 347 35.20 -3.28 -14.63
C VAL A 347 36.59 -3.86 -14.34
N GLY A 348 37.63 -3.04 -14.56
CA GLY A 348 38.97 -3.40 -14.19
C GLY A 348 39.27 -3.04 -12.74
N PRO A 349 40.37 -3.56 -12.21
CA PRO A 349 40.69 -3.32 -10.80
C PRO A 349 41.14 -1.89 -10.55
N HIS A 350 40.61 -1.29 -9.48
CA HIS A 350 40.98 0.06 -9.12
C HIS A 350 42.45 0.14 -8.73
N GLY A 351 43.04 1.31 -8.96
CA GLY A 351 44.46 1.50 -8.74
C GLY A 351 45.35 1.09 -9.88
N ASP A 352 44.79 0.67 -11.02
CA ASP A 352 45.55 0.24 -12.18
C ASP A 352 45.22 1.07 -13.42
N ASN A 353 44.72 2.31 -13.22
CA ASN A 353 44.28 3.14 -14.33
C ASN A 353 45.42 3.50 -15.28
N ALA A 354 46.62 3.76 -14.75
CA ALA A 354 47.75 4.25 -15.55
C ALA A 354 48.10 3.32 -16.69
N ARG A 355 47.79 2.03 -16.60
CA ARG A 355 48.04 1.11 -17.70
C ARG A 355 47.42 1.57 -19.00
N GLU A 356 46.30 2.30 -18.95
CA GLU A 356 45.69 2.80 -20.18
C GLU A 356 46.66 3.64 -20.99
N PHE A 357 47.53 4.40 -20.32
CA PHE A 357 48.55 5.15 -21.04
C PHE A 357 49.30 4.25 -22.02
N VAL A 358 49.76 3.09 -21.53
CA VAL A 358 50.43 2.14 -22.41
C VAL A 358 49.51 1.76 -23.57
N TYR A 359 48.26 1.42 -23.27
CA TYR A 359 47.32 1.02 -24.32
C TYR A 359 47.13 2.14 -25.33
N MET A 360 47.32 3.38 -24.93
CA MET A 360 47.23 4.48 -25.88
C MET A 360 48.46 4.55 -26.77
N VAL A 361 49.65 4.37 -26.18
CA VAL A 361 50.88 4.56 -26.94
C VAL A 361 51.02 3.48 -28.00
N GLU A 362 50.67 2.24 -27.66
CA GLU A 362 50.69 1.15 -28.62
C GLU A 362 49.49 1.18 -29.56
N ALA A 363 48.70 2.26 -29.55
CA ALA A 363 47.60 2.44 -30.49
C ALA A 363 47.89 3.54 -31.50
N GLY A 364 49.11 4.05 -31.53
CA GLY A 364 49.50 5.12 -32.44
C GLY A 364 49.47 6.51 -31.84
N ILE A 365 48.93 6.66 -30.63
CA ILE A 365 48.84 7.98 -30.01
C ILE A 365 50.16 8.30 -29.33
N PRO A 366 50.76 9.46 -29.61
CA PRO A 366 52.04 9.80 -28.98
C PRO A 366 51.91 9.95 -27.47
N ALA A 367 53.02 9.66 -26.77
CA ALA A 367 53.00 9.70 -25.32
C ALA A 367 52.74 11.11 -24.79
N ALA A 368 53.25 12.13 -25.49
CA ALA A 368 53.02 13.50 -25.06
C ALA A 368 51.53 13.85 -25.09
N TYR A 369 50.83 13.46 -26.16
CA TYR A 369 49.40 13.70 -26.23
C TYR A 369 48.65 12.87 -25.20
N ALA A 370 49.11 11.65 -24.94
CA ALA A 370 48.47 10.81 -23.93
C ALA A 370 48.57 11.45 -22.54
N LEU A 371 49.73 12.02 -22.22
CA LEU A 371 49.88 12.71 -20.94
C LEU A 371 49.09 14.02 -20.92
N GLN A 372 48.99 14.71 -22.06
CA GLN A 372 48.21 15.94 -22.12
C GLN A 372 46.73 15.66 -21.91
N ALA A 373 46.21 14.56 -22.44
CA ALA A 373 44.78 14.28 -22.39
C ALA A 373 44.27 14.05 -20.98
N ALA A 374 45.15 13.69 -20.04
CA ALA A 374 44.74 13.44 -18.66
C ALA A 374 44.96 14.64 -17.75
N THR A 375 45.58 15.72 -18.24
CA THR A 375 45.87 16.87 -17.40
C THR A 375 45.14 18.13 -17.87
N VAL A 376 45.34 18.55 -19.12
CA VAL A 376 44.84 19.86 -19.57
C VAL A 376 43.54 19.68 -20.34
N HIS A 377 43.34 18.51 -20.94
CA HIS A 377 42.10 18.24 -21.64
C HIS A 377 41.02 17.74 -20.70
N ALA A 378 41.41 17.05 -19.63
CA ALA A 378 40.42 16.57 -18.66
C ALA A 378 39.76 17.73 -17.92
N ALA A 379 40.50 18.81 -17.66
CA ALA A 379 39.90 20.00 -17.08
C ALA A 379 38.94 20.67 -18.04
N GLN A 380 39.25 20.67 -19.34
CA GLN A 380 38.33 21.20 -20.33
C GLN A 380 37.05 20.37 -20.39
N VAL A 381 37.17 19.05 -20.31
CA VAL A 381 35.98 18.20 -20.26
C VAL A 381 35.18 18.48 -19.00
N LEU A 382 35.87 18.63 -17.87
CA LEU A 382 35.19 18.88 -16.60
C LEU A 382 34.62 20.30 -16.51
N GLY A 383 35.13 21.22 -17.31
CA GLY A 383 34.62 22.58 -17.29
C GLY A 383 35.16 23.45 -16.18
N VAL A 384 36.36 23.15 -15.69
CA VAL A 384 36.98 23.92 -14.61
C VAL A 384 38.27 24.54 -15.14
N ASP A 385 38.86 25.42 -14.32
CA ASP A 385 40.07 26.13 -14.70
C ASP A 385 41.13 26.17 -13.62
N ASP A 386 40.85 25.70 -12.41
CA ASP A 386 41.78 25.80 -11.29
C ASP A 386 42.71 24.61 -11.19
N GLN A 387 42.77 23.76 -12.21
CA GLN A 387 43.62 22.57 -12.15
C GLN A 387 44.02 22.16 -13.58
N GLY A 388 45.05 21.34 -13.66
CA GLY A 388 45.49 20.82 -14.93
C GLY A 388 46.90 21.21 -15.33
N VAL A 389 47.29 22.44 -14.99
CA VAL A 389 48.60 22.99 -15.33
C VAL A 389 49.28 23.46 -14.06
N LEU A 390 50.60 23.24 -13.97
CA LEU A 390 51.39 23.72 -12.85
C LEU A 390 51.70 25.20 -13.08
N GLU A 391 50.73 26.04 -12.76
CA GLU A 391 50.81 27.48 -12.97
C GLU A 391 50.38 28.21 -11.71
N PRO A 392 50.86 29.45 -11.53
CA PRO A 392 50.47 30.21 -10.33
C PRO A 392 48.96 30.42 -10.28
N GLY A 393 48.42 30.35 -9.05
CA GLY A 393 47.00 30.53 -8.84
C GLY A 393 46.15 29.28 -9.02
N LYS A 394 46.75 28.15 -9.36
CA LYS A 394 46.03 26.91 -9.56
C LYS A 394 46.30 25.94 -8.42
N ARG A 395 45.47 24.90 -8.34
CA ARG A 395 45.58 23.94 -7.25
C ARG A 395 46.93 23.22 -7.30
N ALA A 396 47.47 22.92 -6.13
CA ALA A 396 48.77 22.27 -6.02
C ALA A 396 48.58 20.76 -5.90
N ASP A 397 48.33 20.13 -7.05
CA ASP A 397 48.24 18.67 -7.15
C ASP A 397 49.41 18.21 -8.02
N VAL A 398 50.46 17.70 -7.38
CA VAL A 398 51.71 17.37 -8.05
C VAL A 398 52.03 15.90 -7.84
N ILE A 399 52.52 15.24 -8.89
CA ILE A 399 52.99 13.87 -8.78
C ILE A 399 54.37 13.78 -9.40
N ALA A 400 55.10 12.73 -9.01
CA ALA A 400 56.46 12.54 -9.47
C ALA A 400 56.67 11.11 -9.95
N LEU A 401 57.49 10.98 -10.98
CA LEU A 401 57.83 9.70 -11.58
C LEU A 401 59.34 9.48 -11.52
N ALA A 402 59.74 8.23 -11.33
CA ALA A 402 61.15 7.90 -11.25
C ALA A 402 61.84 8.06 -12.61
N GLY A 403 61.18 7.60 -13.68
CA GLY A 403 61.74 7.67 -15.01
C GLY A 403 60.98 8.66 -15.88
N ASN A 404 61.63 9.05 -16.97
CA ASN A 404 61.03 9.99 -17.91
C ASN A 404 59.97 9.24 -18.72
N PRO A 405 58.69 9.65 -18.67
CA PRO A 405 57.65 8.88 -19.37
C PRO A 405 57.60 9.13 -20.86
N LEU A 406 58.26 10.16 -21.38
CA LEU A 406 58.20 10.42 -22.82
C LEU A 406 59.01 9.39 -23.60
N GLU A 407 60.22 9.07 -23.14
CA GLU A 407 61.04 8.08 -23.82
C GLU A 407 60.63 6.65 -23.50
N ASP A 408 59.85 6.44 -22.43
CA ASP A 408 59.38 5.11 -22.07
C ASP A 408 58.09 5.28 -21.29
N ILE A 409 56.97 4.85 -21.88
CA ILE A 409 55.67 5.06 -21.25
C ILE A 409 55.47 4.22 -19.99
N ASN A 410 56.15 3.07 -19.88
CA ASN A 410 55.97 2.20 -18.72
C ASN A 410 56.33 2.89 -17.42
N ALA A 411 57.11 3.97 -17.47
CA ALA A 411 57.47 4.73 -16.28
C ALA A 411 56.25 5.35 -15.61
N VAL A 412 55.11 5.42 -16.29
CA VAL A 412 53.89 5.88 -15.63
C VAL A 412 53.36 4.90 -14.60
N LEU A 413 53.94 3.70 -14.51
CA LEU A 413 53.47 2.69 -13.58
C LEU A 413 54.19 2.70 -12.25
N ASP A 414 55.09 3.66 -12.01
CA ASP A 414 55.83 3.76 -10.76
C ASP A 414 55.82 5.22 -10.29
N VAL A 415 54.83 5.56 -9.47
CA VAL A 415 54.70 6.89 -8.92
C VAL A 415 55.36 6.94 -7.55
N ARG A 416 56.21 7.94 -7.32
CA ARG A 416 57.00 8.03 -6.10
C ARG A 416 56.59 9.19 -5.19
N PHE A 417 55.80 10.14 -5.68
CA PHE A 417 55.41 11.29 -4.88
C PHE A 417 54.03 11.76 -5.32
N VAL A 418 53.12 11.90 -4.36
CA VAL A 418 51.75 12.33 -4.59
C VAL A 418 51.42 13.41 -3.57
N MET A 419 51.03 14.59 -4.07
CA MET A 419 50.60 15.72 -3.25
C MET A 419 49.31 16.27 -3.84
N LYS A 420 48.32 16.50 -2.97
CA LYS A 420 47.01 16.99 -3.41
C LYS A 420 46.62 18.18 -2.56
N ASP A 421 46.35 19.31 -3.21
CA ASP A 421 45.89 20.54 -2.55
C ASP A 421 46.87 21.03 -1.49
N GLY A 422 48.17 20.81 -1.71
CA GLY A 422 49.18 21.23 -0.79
C GLY A 422 49.51 20.24 0.32
N VAL A 423 48.76 19.15 0.42
CA VAL A 423 48.99 18.12 1.43
C VAL A 423 49.65 16.93 0.75
N ILE A 424 50.80 16.52 1.26
CA ILE A 424 51.54 15.39 0.71
C ILE A 424 50.94 14.10 1.24
N TYR A 425 50.52 13.22 0.34
CA TYR A 425 49.97 11.92 0.70
C TYR A 425 50.94 10.78 0.48
N LYS A 426 51.87 10.91 -0.47
CA LYS A 426 52.92 9.92 -0.64
C LYS A 426 54.23 10.63 -0.90
N GLN A 427 55.26 10.25 -0.15
CA GLN A 427 56.58 10.86 -0.30
C GLN A 427 57.56 9.89 -0.92
N PRO B 22 -23.09 53.76 14.54
CA PRO B 22 -23.04 55.20 14.23
C PRO B 22 -22.06 55.95 15.14
N VAL B 23 -20.78 55.76 14.91
CA VAL B 23 -19.74 56.40 15.72
C VAL B 23 -19.12 57.54 14.95
N ALA B 24 -18.70 58.58 15.67
CA ALA B 24 -18.05 59.75 15.08
C ALA B 24 -16.62 59.81 15.61
N VAL B 25 -15.67 59.59 14.73
CA VAL B 25 -14.26 59.67 15.10
C VAL B 25 -13.73 61.04 14.69
N GLN B 26 -13.30 61.79 15.73
CA GLN B 26 -12.74 63.14 15.49
C GLN B 26 -11.22 63.01 15.42
N CYS B 27 -10.63 63.44 14.29
CA CYS B 27 -9.19 63.32 14.06
C CYS B 27 -8.57 64.70 13.95
N GLY B 28 -7.47 64.91 14.68
CA GLY B 28 -6.75 66.16 14.64
C GLY B 28 -6.04 66.40 13.32
N ARG B 29 -5.47 65.34 12.73
CA ARG B 29 -4.75 65.44 11.47
C ARG B 29 -5.04 64.19 10.65
N LEU B 30 -5.51 64.39 9.42
CA LEU B 30 -5.89 63.29 8.54
C LEU B 30 -4.90 63.17 7.40
N PHE B 31 -4.46 61.95 7.12
CA PHE B 31 -3.56 61.67 6.01
C PHE B 31 -4.36 61.22 4.80
N ASP B 32 -4.11 61.86 3.65
CA ASP B 32 -4.80 61.55 2.41
C ASP B 32 -3.93 60.57 1.62
N ALA B 33 -4.26 59.28 1.74
CA ALA B 33 -3.48 58.25 1.07
C ALA B 33 -3.56 58.36 -0.45
N ARG B 34 -4.62 58.96 -0.98
CA ARG B 34 -4.71 59.14 -2.43
C ARG B 34 -3.79 60.25 -2.92
N SER B 35 -3.55 61.27 -2.08
CA SER B 35 -2.71 62.39 -2.45
C SER B 35 -1.35 62.41 -1.75
N GLY B 36 -1.23 61.78 -0.60
CA GLY B 36 0.02 61.76 0.13
C GLY B 36 0.29 62.98 0.98
N GLN B 37 -0.71 63.84 1.19
CA GLN B 37 -0.55 65.07 1.95
C GLN B 37 -1.33 65.00 3.26
N LEU B 38 -0.72 65.51 4.33
CA LEU B 38 -1.35 65.54 5.63
C LEU B 38 -2.34 66.71 5.69
N LYS B 39 -3.60 66.41 5.95
CA LYS B 39 -4.65 67.41 5.95
C LYS B 39 -4.93 67.90 7.37
N GLY B 40 -5.97 68.71 7.51
CA GLY B 40 -6.35 69.27 8.78
C GLY B 40 -7.32 68.38 9.54
N PRO B 41 -7.88 68.90 10.64
CA PRO B 41 -8.82 68.10 11.43
C PRO B 41 -10.04 67.71 10.62
N HIS B 42 -10.54 66.50 10.88
CA HIS B 42 -11.69 65.96 10.17
C HIS B 42 -12.54 65.14 11.13
N THR B 43 -13.71 64.72 10.65
CA THR B 43 -14.61 63.86 11.41
C THR B 43 -15.12 62.77 10.49
N LEU B 44 -14.99 61.52 10.93
CA LEU B 44 -15.43 60.36 10.17
C LEU B 44 -16.68 59.78 10.81
N LEU B 45 -17.71 59.56 9.99
CA LEU B 45 -18.93 58.90 10.45
C LEU B 45 -18.90 57.45 10.02
N VAL B 46 -18.96 56.53 10.98
CA VAL B 46 -18.86 55.10 10.72
C VAL B 46 -20.18 54.45 11.11
N ALA B 47 -20.75 53.67 10.19
CA ALA B 47 -22.00 52.97 10.44
C ALA B 47 -22.02 51.70 9.61
N ASP B 48 -22.36 50.58 10.26
CA ASP B 48 -22.46 49.26 9.61
C ASP B 48 -21.12 48.81 9.04
N GLY B 49 -20.02 49.16 9.70
CA GLY B 49 -18.70 48.72 9.29
C GLY B 49 -18.11 49.43 8.10
N ARG B 50 -18.66 50.57 7.71
CA ARG B 50 -18.17 51.35 6.58
C ARG B 50 -18.07 52.81 6.98
N ILE B 51 -17.32 53.57 6.17
CA ILE B 51 -17.19 55.00 6.38
C ILE B 51 -18.34 55.69 5.64
N ARG B 52 -19.17 56.43 6.39
CA ARG B 52 -20.35 57.06 5.81
C ARG B 52 -20.02 58.41 5.20
N GLN B 53 -19.28 59.26 5.91
CA GLN B 53 -18.90 60.56 5.38
C GLN B 53 -17.72 61.11 6.17
N VAL B 54 -16.96 61.97 5.49
CA VAL B 54 -15.84 62.69 6.09
C VAL B 54 -16.16 64.17 6.02
N LEU B 55 -16.19 64.83 7.19
CA LEU B 55 -16.56 66.24 7.27
C LEU B 55 -15.38 67.04 7.80
N PRO B 56 -14.94 68.07 7.08
CA PRO B 56 -13.88 68.94 7.61
C PRO B 56 -14.28 69.54 8.96
N GLY B 57 -13.30 69.64 9.85
CA GLY B 57 -13.53 70.19 11.17
C GLY B 57 -13.89 69.14 12.20
N ALA B 65 -24.90 60.02 18.74
CA ALA B 65 -23.76 59.27 18.23
C ALA B 65 -22.57 59.37 19.16
N ARG B 66 -21.98 58.23 19.51
CA ARG B 66 -20.81 58.21 20.36
C ARG B 66 -19.63 58.86 19.65
N VAL B 67 -18.71 59.42 20.44
CA VAL B 67 -17.59 60.20 19.92
C VAL B 67 -16.29 59.57 20.38
N VAL B 68 -15.37 59.37 19.45
CA VAL B 68 -14.01 58.92 19.73
C VAL B 68 -13.07 60.06 19.36
N ASP B 69 -12.38 60.62 20.35
CA ASP B 69 -11.59 61.83 20.18
C ASP B 69 -10.12 61.47 20.04
N LEU B 70 -9.48 61.98 18.98
CA LEU B 70 -8.05 61.82 18.77
C LEU B 70 -7.45 63.16 18.35
N GLY B 71 -7.77 64.21 19.10
CA GLY B 71 -7.44 65.56 18.67
C GLY B 71 -5.96 65.81 18.48
N ASP B 72 -5.14 65.14 19.30
CA ASP B 72 -3.66 65.34 19.24
C ASP B 72 -2.99 64.12 18.61
N LYS B 73 -3.65 63.47 17.64
CA LYS B 73 -3.12 62.29 16.98
C LYS B 73 -3.31 62.41 15.48
N VAL B 74 -2.59 61.55 14.75
CA VAL B 74 -2.62 61.54 13.29
C VAL B 74 -3.37 60.28 12.85
N CYS B 75 -4.41 60.46 12.05
CA CYS B 75 -5.26 59.36 11.61
C CYS B 75 -4.83 58.90 10.22
N LEU B 76 -4.74 57.60 10.04
CA LEU B 76 -4.32 57.00 8.78
C LEU B 76 -5.18 55.78 8.49
N PRO B 77 -5.30 55.40 7.22
CA PRO B 77 -5.93 54.11 6.91
C PRO B 77 -5.10 52.95 7.44
N GLY B 78 -5.78 51.84 7.69
CA GLY B 78 -5.07 50.66 8.18
C GLY B 78 -4.04 50.18 7.17
N TRP B 79 -2.92 49.69 7.68
CA TRP B 79 -1.82 49.26 6.83
C TRP B 79 -2.05 47.84 6.33
N THR B 80 -1.41 47.53 5.21
CA THR B 80 -1.47 46.20 4.60
C THR B 80 -0.05 45.69 4.39
N ASP B 81 0.20 44.45 4.81
CA ASP B 81 1.48 43.79 4.61
C ASP B 81 1.28 42.70 3.56
N LEU B 82 2.02 42.81 2.46
CA LEU B 82 1.82 41.95 1.30
C LEU B 82 2.73 40.74 1.27
N HIS B 83 3.50 40.49 2.34
CA HIS B 83 4.34 39.30 2.40
C HIS B 83 4.56 38.96 3.88
N VAL B 84 3.79 37.98 4.38
CA VAL B 84 3.93 37.48 5.75
C VAL B 84 3.79 35.97 5.73
N HIS B 85 4.24 35.34 6.81
CA HIS B 85 4.06 33.91 7.06
C HIS B 85 3.61 33.78 8.51
N LEU B 86 2.30 33.84 8.74
CA LEU B 86 1.76 33.88 10.09
C LEU B 86 1.78 32.52 10.78
N GLY B 87 2.11 31.45 10.07
CA GLY B 87 2.12 30.13 10.68
C GLY B 87 3.49 29.64 11.07
N SER B 88 4.47 30.54 11.12
CA SER B 88 5.83 30.17 11.50
C SER B 88 6.58 31.42 11.95
N GLN B 89 7.71 31.19 12.62
CA GLN B 89 8.62 32.25 13.01
C GLN B 89 10.00 31.64 13.17
N SER B 90 11.02 32.33 12.64
CA SER B 90 12.37 31.79 12.63
C SER B 90 12.93 31.71 14.05
N SER B 91 13.66 30.63 14.30
CA SER B 91 14.26 30.39 15.62
C SER B 91 15.39 29.39 15.43
N PRO B 92 16.28 29.25 16.43
CA PRO B 92 17.34 28.25 16.32
C PRO B 92 16.84 26.83 16.15
N GLN B 93 15.64 26.51 16.63
CA GLN B 93 15.08 25.17 16.53
C GLN B 93 14.12 25.02 15.36
N SER B 94 14.14 25.98 14.43
CA SER B 94 13.14 26.00 13.33
C SER B 94 13.30 24.82 12.37
N TYR B 95 14.54 24.43 12.07
CA TYR B 95 14.78 23.42 11.06
C TYR B 95 14.51 22.00 11.54
N SER B 96 14.26 21.80 12.84
CA SER B 96 13.92 20.49 13.36
C SER B 96 12.43 20.34 13.65
N GLU B 97 11.65 21.42 13.57
CA GLU B 97 10.22 21.36 13.86
C GLU B 97 9.44 20.60 12.79
N ASP B 98 10.03 20.33 11.63
CA ASP B 98 9.33 19.61 10.57
C ASP B 98 9.04 18.17 10.97
N PHE B 99 9.81 17.59 11.89
CA PHE B 99 9.66 16.20 12.26
C PHE B 99 9.22 16.00 13.71
N ARG B 100 8.99 17.08 14.47
CA ARG B 100 8.63 16.98 15.88
C ARG B 100 7.31 17.64 16.23
N LEU B 101 6.88 18.65 15.48
CA LEU B 101 5.65 19.37 15.80
C LEU B 101 4.53 18.97 14.84
N ASP B 102 3.32 19.40 15.19
CA ASP B 102 2.11 19.13 14.42
C ASP B 102 1.47 20.46 14.04
N PRO B 103 0.52 20.47 13.10
CA PRO B 103 -0.15 21.73 12.75
C PRO B 103 -0.86 22.39 13.92
N VAL B 104 -1.27 21.61 14.93
CA VAL B 104 -2.00 22.17 16.06
C VAL B 104 -1.12 23.15 16.85
N ASP B 105 0.14 22.79 17.06
CA ASP B 105 1.05 23.70 17.76
C ASP B 105 1.28 24.98 16.97
N HIS B 106 1.42 24.86 15.65
CA HIS B 106 1.57 26.04 14.81
C HIS B 106 0.33 26.92 14.86
N ALA B 107 -0.86 26.31 14.92
CA ALA B 107 -2.07 27.11 15.08
C ALA B 107 -2.10 27.83 16.43
N PHE B 108 -1.69 27.15 17.50
CA PHE B 108 -1.68 27.80 18.80
C PHE B 108 -0.68 28.94 18.86
N ARG B 109 0.43 28.84 18.12
CA ARG B 109 1.35 29.98 18.03
C ARG B 109 0.82 31.09 17.14
N ALA B 110 0.15 30.74 16.03
CA ALA B 110 -0.45 31.73 15.15
C ALA B 110 -1.54 32.52 15.85
N VAL B 111 -2.18 31.94 16.87
CA VAL B 111 -3.17 32.68 17.63
C VAL B 111 -2.57 33.97 18.20
N GLY B 112 -1.37 33.88 18.78
CA GLY B 112 -0.70 35.08 19.28
C GLY B 112 -0.02 35.88 18.19
N TYR B 113 0.48 35.21 17.16
CA TYR B 113 1.10 35.94 16.04
C TYR B 113 0.12 36.91 15.39
N ALA B 114 -1.11 36.45 15.16
CA ALA B 114 -2.11 37.30 14.51
C ALA B 114 -2.48 38.49 15.37
N GLU B 115 -2.61 38.29 16.69
CA GLU B 115 -2.91 39.41 17.57
C GLU B 115 -1.77 40.43 17.61
N LYS B 116 -0.52 39.95 17.67
CA LYS B 116 0.61 40.87 17.62
C LYS B 116 0.69 41.62 16.30
N THR B 117 0.30 40.98 15.18
CA THR B 117 0.28 41.68 13.91
C THR B 117 -0.84 42.72 13.86
N LEU B 118 -2.02 42.38 14.37
CA LEU B 118 -3.14 43.31 14.35
C LEU B 118 -2.88 44.54 15.23
N MET B 119 -2.30 44.33 16.42
CA MET B 119 -2.07 45.44 17.33
C MET B 119 -0.99 46.39 16.83
N ALA B 120 -0.19 45.99 15.86
CA ALA B 120 0.86 46.85 15.33
C ALA B 120 0.36 47.86 14.31
N GLY B 121 -0.91 47.78 13.92
CA GLY B 121 -1.49 48.70 12.96
C GLY B 121 -1.81 48.11 11.61
N PHE B 122 -1.59 46.81 11.41
CA PHE B 122 -1.80 46.15 10.13
C PHE B 122 -3.13 45.40 10.18
N THR B 123 -4.14 45.98 9.55
CA THR B 123 -5.48 45.42 9.52
C THR B 123 -5.69 44.44 8.38
N SER B 124 -4.70 44.28 7.50
CA SER B 124 -4.79 43.35 6.38
C SER B 124 -3.41 42.79 6.09
N VAL B 125 -3.35 41.50 5.73
CA VAL B 125 -2.11 40.84 5.36
C VAL B 125 -2.36 39.93 4.17
N ARG B 126 -1.31 39.69 3.40
CA ARG B 126 -1.30 38.70 2.33
C ARG B 126 -0.31 37.61 2.73
N ASP B 127 -0.82 36.43 3.03
CA ASP B 127 0.02 35.31 3.42
C ASP B 127 0.44 34.54 2.17
N LEU B 128 1.75 34.33 2.02
CA LEU B 128 2.32 33.80 0.79
C LEU B 128 2.96 32.43 1.02
N GLY B 129 2.27 31.57 1.75
CA GLY B 129 2.75 30.22 1.99
C GLY B 129 2.41 29.68 3.36
N GLY B 130 1.88 28.46 3.39
CA GLY B 130 1.47 27.84 4.64
C GLY B 130 0.07 27.24 4.55
N GLU B 131 -0.11 26.06 5.16
CA GLU B 131 -1.39 25.37 5.13
C GLU B 131 -2.21 25.56 6.39
N VAL B 132 -1.77 26.45 7.28
CA VAL B 132 -2.53 26.79 8.48
C VAL B 132 -3.27 28.12 8.32
N SER B 133 -2.85 28.95 7.37
CA SER B 133 -3.38 30.31 7.21
C SER B 133 -4.83 30.36 6.72
N PRO B 134 -5.26 29.50 5.79
CA PRO B 134 -6.70 29.48 5.47
C PRO B 134 -7.59 29.18 6.66
N HIS B 135 -7.18 28.25 7.53
CA HIS B 135 -7.97 27.94 8.71
C HIS B 135 -8.00 29.10 9.70
N LEU B 136 -6.86 29.77 9.88
CA LEU B 136 -6.83 30.96 10.73
C LEU B 136 -7.70 32.08 10.15
N ARG B 137 -7.70 32.23 8.83
CA ARG B 137 -8.57 33.22 8.19
C ARG B 137 -10.04 32.90 8.44
N ASP B 138 -10.42 31.63 8.31
CA ASP B 138 -11.79 31.24 8.59
C ASP B 138 -12.16 31.49 10.05
N ALA B 139 -11.24 31.16 10.98
CA ALA B 139 -11.50 31.40 12.39
C ALA B 139 -11.67 32.88 12.70
N ILE B 140 -10.83 33.73 12.09
CA ILE B 140 -10.94 35.17 12.31
C ILE B 140 -12.23 35.71 11.72
N ASN B 141 -12.64 35.19 10.56
CA ASN B 141 -13.90 35.63 9.96
C ASN B 141 -15.09 35.20 10.79
N GLN B 142 -15.04 34.02 11.42
CA GLN B 142 -16.10 33.57 12.29
C GLN B 142 -16.08 34.23 13.66
N GLY B 143 -15.03 34.97 13.98
CA GLY B 143 -14.96 35.70 15.24
C GLY B 143 -14.43 34.93 16.42
N LEU B 144 -13.79 33.78 16.20
CA LEU B 144 -13.27 33.01 17.31
C LEU B 144 -11.99 33.62 17.87
N VAL B 145 -11.15 34.19 17.02
CA VAL B 145 -9.89 34.79 17.43
C VAL B 145 -9.75 36.15 16.77
N ARG B 146 -8.87 36.97 17.33
CA ARG B 146 -8.62 38.32 16.85
C ARG B 146 -7.41 38.34 15.94
N GLY B 147 -7.52 39.11 14.85
CA GLY B 147 -6.43 39.24 13.90
C GLY B 147 -6.80 40.10 12.71
N PRO B 148 -5.89 40.22 11.76
CA PRO B 148 -6.16 41.04 10.57
C PRO B 148 -6.96 40.30 9.51
N ARG B 149 -7.17 40.94 8.37
CA ARG B 149 -7.86 40.35 7.23
C ARG B 149 -6.85 39.64 6.35
N ILE B 150 -6.98 38.32 6.24
CA ILE B 150 -5.96 37.48 5.63
C ILE B 150 -6.36 37.14 4.20
N PHE B 151 -5.44 37.37 3.25
CA PHE B 151 -5.56 36.87 1.89
C PHE B 151 -4.52 35.77 1.73
N ALA B 152 -4.96 34.52 1.70
CA ALA B 152 -4.08 33.37 1.84
C ALA B 152 -3.82 32.72 0.50
N ALA B 153 -2.54 32.48 0.20
CA ALA B 153 -2.14 31.81 -1.04
C ALA B 153 -2.08 30.29 -0.90
N GLY B 154 -2.23 29.76 0.31
CA GLY B 154 -2.15 28.33 0.49
C GLY B 154 -0.74 27.80 0.33
N LYS B 155 -0.63 26.54 -0.09
CA LYS B 155 0.67 25.93 -0.30
C LYS B 155 1.29 26.44 -1.59
N SER B 156 2.56 26.82 -1.53
CA SER B 156 3.24 27.37 -2.69
C SER B 156 3.52 26.28 -3.73
N ILE B 157 3.62 26.69 -4.99
CA ILE B 157 3.87 25.79 -6.10
C ILE B 157 5.34 25.89 -6.50
N ALA B 158 5.99 24.75 -6.67
CA ALA B 158 7.39 24.71 -7.06
C ALA B 158 7.59 23.52 -7.99
N THR B 159 8.86 23.23 -8.30
CA THR B 159 9.26 22.10 -9.12
C THR B 159 10.03 21.10 -8.26
N THR B 160 10.55 20.05 -8.89
CA THR B 160 11.29 19.03 -8.17
C THR B 160 12.64 19.58 -7.72
N GLY B 161 12.90 19.50 -6.42
CA GLY B 161 14.09 20.10 -5.87
C GLY B 161 14.04 21.61 -5.75
N GLY B 162 12.84 22.18 -5.81
CA GLY B 162 12.68 23.62 -5.79
C GLY B 162 12.79 24.23 -4.40
N HIS B 163 12.60 25.54 -4.37
CA HIS B 163 12.65 26.26 -3.10
C HIS B 163 11.51 25.88 -2.17
N ALA B 164 10.34 25.57 -2.72
CA ALA B 164 9.17 25.19 -1.93
C ALA B 164 8.90 23.69 -1.98
N ASP B 165 9.88 22.89 -2.36
CA ASP B 165 9.73 21.44 -2.32
C ASP B 165 9.70 20.98 -0.87
N PRO B 166 8.68 20.26 -0.43
CA PRO B 166 8.56 19.93 0.99
C PRO B 166 9.53 18.85 1.47
N THR B 167 10.25 18.18 0.57
CA THR B 167 11.09 17.05 0.95
C THR B 167 12.56 17.29 0.62
N ASN B 168 12.99 18.55 0.62
CA ASN B 168 14.41 18.87 0.45
C ASN B 168 15.16 18.58 1.74
N GLY B 169 16.25 17.83 1.63
CA GLY B 169 17.08 17.51 2.77
C GLY B 169 16.71 16.24 3.51
N TRP B 170 15.59 15.62 3.17
CA TRP B 170 15.21 14.36 3.80
C TRP B 170 16.09 13.23 3.30
N ASN B 171 16.36 12.27 4.18
CA ASN B 171 17.16 11.11 3.78
C ASN B 171 16.32 10.17 2.92
N GLU B 172 16.97 9.14 2.38
CA GLU B 172 16.32 8.28 1.40
C GLU B 172 15.21 7.44 2.01
N ARG B 173 15.33 7.06 3.29
CA ARG B 173 14.29 6.28 3.93
C ARG B 173 12.99 7.07 4.04
N LEU B 174 13.06 8.27 4.62
CA LEU B 174 11.85 9.09 4.75
C LEU B 174 11.30 9.47 3.38
N ALA B 175 12.19 9.80 2.44
CA ALA B 175 11.76 10.16 1.09
C ALA B 175 11.05 9.01 0.39
N HIS B 176 11.53 7.78 0.58
CA HIS B 176 10.88 6.64 -0.07
C HIS B 176 9.55 6.32 0.59
N LEU B 177 9.49 6.29 1.93
CA LEU B 177 8.22 6.02 2.58
C LEU B 177 7.25 7.19 2.52
N VAL B 178 7.67 8.35 2.02
CA VAL B 178 6.75 9.47 1.80
C VAL B 178 6.41 9.66 0.33
N GLY B 179 7.16 9.05 -0.59
CA GLY B 179 6.88 9.18 -2.00
C GLY B 179 7.40 10.48 -2.57
N ALA B 180 7.25 10.59 -3.89
CA ALA B 180 7.65 11.80 -4.61
C ALA B 180 6.47 12.75 -4.72
N PRO B 181 6.61 14.00 -4.27
CA PRO B 181 5.48 14.93 -4.33
C PRO B 181 5.04 15.20 -5.75
N GLY B 182 3.75 15.45 -5.92
CA GLY B 182 3.17 15.72 -7.21
C GLY B 182 2.30 16.96 -7.19
N PRO B 183 1.41 17.09 -8.20
CA PRO B 183 0.54 18.27 -8.25
C PRO B 183 -0.34 18.42 -7.02
N ALA B 184 -0.76 17.32 -6.39
CA ALA B 184 -1.56 17.42 -5.17
C ALA B 184 -0.72 17.93 -4.01
N GLU B 185 0.59 17.72 -4.05
CA GLU B 185 1.48 18.23 -3.01
C GLU B 185 2.11 19.57 -3.34
N GLY B 186 1.89 20.08 -4.55
CA GLY B 186 2.41 21.38 -4.95
C GLY B 186 3.66 21.35 -5.79
N VAL B 187 4.05 20.20 -6.34
CA VAL B 187 5.27 20.08 -7.13
C VAL B 187 4.87 19.69 -8.54
N VAL B 188 5.29 20.49 -9.53
CA VAL B 188 4.90 20.29 -10.91
C VAL B 188 6.14 20.17 -11.78
N ASN B 189 5.97 19.52 -12.93
CA ASN B 189 7.05 19.38 -13.90
C ASN B 189 6.59 19.55 -15.34
N SER B 190 5.33 19.89 -15.59
CA SER B 190 4.83 20.06 -16.94
C SER B 190 3.60 20.97 -16.90
N VAL B 191 3.05 21.25 -18.09
CA VAL B 191 1.93 22.17 -18.20
C VAL B 191 0.68 21.59 -17.55
N ASP B 192 0.39 20.32 -17.81
CA ASP B 192 -0.79 19.69 -17.24
C ASP B 192 -0.71 19.59 -15.72
N GLU B 193 0.48 19.28 -15.20
CA GLU B 193 0.66 19.28 -13.74
C GLU B 193 0.49 20.67 -13.15
N ALA B 194 0.92 21.71 -13.87
CA ALA B 194 0.70 23.08 -13.40
C ALA B 194 -0.79 23.42 -13.36
N ARG B 195 -1.54 23.03 -14.39
CA ARG B 195 -2.99 23.23 -14.38
C ARG B 195 -3.63 22.50 -13.21
N GLN B 196 -3.26 21.24 -13.00
CA GLN B 196 -3.81 20.47 -11.89
C GLN B 196 -3.45 21.09 -10.54
N ALA B 197 -2.25 21.64 -10.40
CA ALA B 197 -1.84 22.26 -9.14
C ALA B 197 -2.63 23.55 -8.87
N VAL B 198 -2.84 24.37 -9.89
CA VAL B 198 -3.66 25.57 -9.68
C VAL B 198 -5.08 25.17 -9.32
N ARG B 199 -5.63 24.16 -9.99
CA ARG B 199 -6.99 23.70 -9.67
C ARG B 199 -7.06 23.13 -8.26
N GLN B 200 -6.02 22.42 -7.81
CA GLN B 200 -6.00 21.90 -6.44
C GLN B 200 -5.89 23.02 -5.40
N ARG B 201 -5.12 24.07 -5.70
CA ARG B 201 -5.08 25.23 -4.81
C ARG B 201 -6.45 25.88 -4.72
N TYR B 202 -7.15 26.01 -5.86
CA TYR B 202 -8.52 26.51 -5.82
C TYR B 202 -9.42 25.62 -4.98
N LYS B 203 -9.27 24.30 -5.13
CA LYS B 203 -10.10 23.35 -4.41
C LYS B 203 -9.87 23.44 -2.90
N GLU B 204 -8.63 23.65 -2.50
CA GLU B 204 -8.28 23.69 -1.08
C GLU B 204 -8.64 25.01 -0.41
N GLY B 205 -9.11 26.01 -1.17
CA GLY B 205 -9.59 27.24 -0.59
C GLY B 205 -8.55 28.33 -0.48
N SER B 206 -7.89 28.64 -1.59
CA SER B 206 -6.88 29.70 -1.64
C SER B 206 -7.47 30.97 -2.25
N ASP B 207 -6.79 32.08 -2.02
CA ASP B 207 -7.18 33.37 -2.56
C ASP B 207 -6.27 33.87 -3.67
N LEU B 208 -5.08 33.29 -3.81
CA LEU B 208 -4.17 33.65 -4.89
C LEU B 208 -3.18 32.50 -5.08
N ILE B 209 -2.22 32.71 -5.97
CA ILE B 209 -1.25 31.67 -6.32
C ILE B 209 0.18 32.14 -6.02
N KCX B 210 0.99 31.25 -5.49
CA KCX B 210 2.39 31.55 -5.19
CB KCX B 210 2.62 31.59 -3.67
CG KCX B 210 3.53 32.70 -3.17
CD KCX B 210 4.90 32.64 -3.81
CE KCX B 210 5.87 33.56 -3.08
NZ KCX B 210 6.19 33.04 -1.72
C KCX B 210 3.33 30.53 -5.83
O KCX B 210 3.20 29.33 -5.59
CX KCX B 210 7.26 33.48 -1.07
OQ1 KCX B 210 7.51 33.03 0.06
OQ2 KCX B 210 8.00 34.32 -1.59
N ILE B 211 4.26 31.01 -6.65
CA ILE B 211 5.26 30.13 -7.25
C ILE B 211 6.66 30.61 -6.91
N THR B 212 7.60 29.67 -6.81
CA THR B 212 9.01 29.98 -6.62
C THR B 212 9.70 29.91 -7.97
N ALA B 213 10.08 31.05 -8.55
CA ALA B 213 10.67 31.01 -9.91
C ALA B 213 12.17 30.67 -9.85
N THR B 214 12.80 30.78 -8.69
CA THR B 214 14.27 30.55 -8.62
C THR B 214 14.59 29.81 -7.32
N GLY B 215 15.87 29.57 -7.05
CA GLY B 215 16.27 28.96 -5.77
C GLY B 215 16.09 29.97 -4.66
N GLY B 216 16.38 29.57 -3.43
CA GLY B 216 16.15 30.47 -2.28
C GLY B 216 17.31 30.41 -1.32
N VAL B 217 17.22 31.13 -0.21
CA VAL B 217 18.36 31.20 0.74
C VAL B 217 18.07 30.30 1.95
N LEU B 218 16.80 30.11 2.31
CA LEU B 218 16.48 29.37 3.56
C LEU B 218 16.09 27.92 3.28
N SER B 219 16.02 27.52 2.01
CA SER B 219 15.75 26.13 1.69
C SER B 219 16.97 25.26 2.00
N TYR B 220 16.70 23.97 2.21
CA TYR B 220 17.77 23.00 2.43
C TYR B 220 18.26 22.41 1.10
N ALA B 221 18.59 23.29 0.17
CA ALA B 221 19.06 22.92 -1.16
C ALA B 221 20.44 23.52 -1.40
N ARG B 222 20.93 23.38 -2.63
CA ARG B 222 22.27 23.81 -2.99
C ARG B 222 22.29 25.19 -3.65
N SER B 223 21.36 25.44 -4.56
CA SER B 223 21.35 26.68 -5.33
C SER B 223 20.56 27.77 -4.60
N GLY B 224 20.83 29.02 -4.98
CA GLY B 224 20.12 30.14 -4.41
C GLY B 224 19.45 31.05 -5.43
N ASP B 225 19.91 31.00 -6.69
CA ASP B 225 19.36 31.86 -7.73
C ASP B 225 19.27 31.15 -9.08
N ALA B 226 19.05 29.84 -9.09
CA ALA B 226 19.01 29.24 -10.42
C ALA B 226 17.57 29.21 -10.94
N PRO B 227 17.39 29.38 -12.26
CA PRO B 227 16.03 29.34 -12.83
C PRO B 227 15.40 27.95 -12.74
N GLN B 228 14.37 27.83 -11.90
CA GLN B 228 13.75 26.54 -11.62
C GLN B 228 12.41 26.35 -12.31
N PHE B 229 12.04 27.26 -13.20
CA PHE B 229 10.80 27.18 -13.96
C PHE B 229 11.05 27.49 -15.42
N THR B 230 10.29 26.82 -16.28
CA THR B 230 10.38 27.12 -17.73
C THR B 230 9.25 28.10 -18.04
N VAL B 231 9.37 28.83 -19.14
CA VAL B 231 8.38 29.84 -19.52
C VAL B 231 7.02 29.21 -19.76
N ASP B 232 6.99 28.00 -20.34
CA ASP B 232 5.72 27.35 -20.62
C ASP B 232 4.95 27.02 -19.35
N GLU B 233 5.64 26.52 -18.32
CA GLU B 233 4.96 26.19 -17.07
C GLU B 233 4.43 27.43 -16.35
N ILE B 234 5.21 28.51 -16.32
CA ILE B 234 4.73 29.74 -15.71
C ILE B 234 3.54 30.29 -16.48
N LYS B 235 3.59 30.24 -17.81
CA LYS B 235 2.46 30.69 -18.61
C LYS B 235 1.21 29.86 -18.35
N ALA B 236 1.37 28.53 -18.22
CA ALA B 236 0.24 27.68 -17.87
C ALA B 236 -0.33 28.04 -16.50
N VAL B 237 0.54 28.30 -15.53
CA VAL B 237 0.07 28.70 -14.20
C VAL B 237 -0.71 30.00 -14.28
N VAL B 238 -0.20 30.98 -15.01
CA VAL B 238 -0.87 32.27 -15.11
C VAL B 238 -2.21 32.13 -15.80
N ASP B 239 -2.28 31.36 -16.88
CA ASP B 239 -3.56 31.15 -17.56
C ASP B 239 -4.58 30.46 -16.67
N THR B 240 -4.17 29.39 -15.98
CA THR B 240 -5.09 28.68 -15.11
C THR B 240 -5.57 29.58 -13.96
N ALA B 241 -4.67 30.36 -13.37
CA ALA B 241 -5.06 31.27 -12.31
C ALA B 241 -6.03 32.34 -12.81
N ARG B 242 -5.77 32.87 -14.01
CA ARG B 242 -6.67 33.84 -14.61
C ARG B 242 -8.05 33.25 -14.85
N ASP B 243 -8.11 31.95 -15.20
CA ASP B 243 -9.40 31.29 -15.35
C ASP B 243 -10.23 31.29 -14.08
N TYR B 244 -9.59 31.34 -12.91
CA TYR B 244 -10.28 31.32 -11.62
C TYR B 244 -10.25 32.67 -10.90
N GLY B 245 -9.76 33.72 -11.56
CA GLY B 245 -9.71 35.02 -10.93
C GLY B 245 -8.59 35.21 -9.95
N PHE B 246 -7.59 34.34 -9.96
CA PHE B 246 -6.46 34.43 -9.04
C PHE B 246 -5.38 35.35 -9.60
N ARG B 247 -4.61 35.95 -8.70
CA ARG B 247 -3.40 36.67 -9.04
C ARG B 247 -2.19 35.86 -8.60
N VAL B 248 -1.07 36.05 -9.30
CA VAL B 248 0.12 35.23 -9.11
C VAL B 248 1.26 36.11 -8.62
N ALA B 249 1.91 35.69 -7.53
CA ALA B 249 3.11 36.38 -7.03
C ALA B 249 4.28 35.42 -7.20
N ALA B 250 5.48 35.91 -7.53
CA ALA B 250 6.62 35.02 -7.79
C ALA B 250 7.83 35.36 -6.92
N HIS B 251 8.38 34.37 -6.21
CA HIS B 251 9.63 34.59 -5.44
C HIS B 251 10.79 34.45 -6.42
N ALA B 252 11.68 35.45 -6.52
CA ALA B 252 12.74 35.34 -7.54
C ALA B 252 14.01 36.12 -7.14
N HIS B 253 15.17 35.45 -7.18
CA HIS B 253 16.46 36.12 -6.89
C HIS B 253 17.26 36.30 -8.18
N GLY B 254 17.46 35.23 -8.99
CA GLY B 254 18.28 35.38 -10.16
C GLY B 254 17.61 36.15 -11.27
N THR B 255 18.42 36.58 -12.24
CA THR B 255 17.92 37.44 -13.30
C THR B 255 17.10 36.66 -14.33
N GLU B 256 17.53 35.44 -14.67
CA GLU B 256 16.84 34.69 -15.70
C GLU B 256 15.43 34.27 -15.27
N GLY B 257 15.31 33.74 -14.05
CA GLY B 257 13.99 33.40 -13.55
C GLY B 257 13.09 34.61 -13.38
N MET B 258 13.66 35.72 -12.92
CA MET B 258 12.91 36.96 -12.81
C MET B 258 12.38 37.41 -14.16
N LYS B 259 13.23 37.38 -15.19
CA LYS B 259 12.80 37.78 -16.52
C LYS B 259 11.74 36.84 -17.09
N ARG B 260 11.90 35.53 -16.86
CA ARG B 260 10.89 34.57 -17.30
C ARG B 260 9.54 34.85 -16.64
N ALA B 261 9.55 35.08 -15.32
CA ALA B 261 8.30 35.32 -14.61
C ALA B 261 7.67 36.64 -15.05
N VAL B 262 8.47 37.68 -15.27
CA VAL B 262 7.93 38.96 -15.72
C VAL B 262 7.31 38.82 -17.10
N GLN B 263 8.00 38.14 -18.02
CA GLN B 263 7.47 38.00 -19.37
C GLN B 263 6.26 37.07 -19.42
N ALA B 264 6.16 36.13 -18.48
CA ALA B 264 4.99 35.25 -18.46
C ALA B 264 3.71 35.99 -18.09
N GLY B 265 3.82 36.99 -17.21
CA GLY B 265 2.66 37.79 -16.87
C GLY B 265 2.22 37.73 -15.43
N VAL B 266 3.16 37.51 -14.50
CA VAL B 266 2.82 37.53 -13.08
C VAL B 266 2.56 38.96 -12.63
N THR B 267 1.95 39.08 -11.45
CA THR B 267 1.53 40.38 -10.93
C THR B 267 2.64 41.08 -10.14
N SER B 268 3.31 40.34 -9.24
CA SER B 268 4.31 40.94 -8.38
C SER B 268 5.52 40.02 -8.29
N ILE B 269 6.67 40.64 -8.01
CA ILE B 269 7.94 39.92 -7.82
C ILE B 269 8.35 40.09 -6.37
N GLU B 270 8.62 38.97 -5.70
CA GLU B 270 8.81 38.99 -4.24
C GLU B 270 10.20 39.43 -3.83
N HIS B 271 11.22 39.17 -4.64
CA HIS B 271 12.57 39.68 -4.39
C HIS B 271 13.22 40.01 -5.72
N GLY B 272 14.22 40.88 -5.67
CA GLY B 272 14.87 41.33 -6.89
C GLY B 272 16.38 41.42 -6.76
N THR B 273 16.98 40.54 -5.97
CA THR B 273 18.38 40.69 -5.56
C THR B 273 19.32 40.91 -6.74
N TYR B 274 19.07 40.23 -7.86
CA TYR B 274 19.92 40.34 -9.05
C TYR B 274 19.17 40.96 -10.23
N MET B 275 18.35 41.98 -9.95
CA MET B 275 17.61 42.66 -10.99
C MET B 275 18.53 43.61 -11.76
N ASP B 276 18.39 43.62 -13.09
CA ASP B 276 19.23 44.46 -13.97
C ASP B 276 18.34 45.47 -14.69
N ASP B 277 18.87 46.11 -15.75
CA ASP B 277 18.12 47.18 -16.45
C ASP B 277 17.16 46.62 -17.50
N GLU B 278 17.39 45.40 -18.00
CA GLU B 278 16.44 44.78 -18.94
C GLU B 278 15.22 44.27 -18.16
N VAL B 279 15.44 43.79 -16.93
CA VAL B 279 14.30 43.39 -16.12
C VAL B 279 13.50 44.59 -15.66
N MET B 280 14.18 45.70 -15.34
CA MET B 280 13.49 46.92 -14.96
C MET B 280 12.65 47.46 -16.12
N ARG B 281 13.21 47.46 -17.33
CA ARG B 281 12.45 47.91 -18.49
C ARG B 281 11.24 47.02 -18.74
N LEU B 282 11.42 45.71 -18.64
CA LEU B 282 10.29 44.79 -18.84
C LEU B 282 9.23 44.98 -17.77
N MET B 283 9.64 45.21 -16.52
CA MET B 283 8.68 45.46 -15.45
C MET B 283 7.90 46.74 -15.69
N LYS B 284 8.58 47.80 -16.12
CA LYS B 284 7.88 49.05 -16.39
C LYS B 284 6.94 48.92 -17.57
N GLN B 285 7.33 48.18 -18.60
CA GLN B 285 6.46 47.98 -19.76
C GLN B 285 5.24 47.14 -19.39
N HIS B 286 5.44 46.05 -18.66
CA HIS B 286 4.34 45.16 -18.31
C HIS B 286 3.47 45.72 -17.20
N GLY B 287 4.08 46.40 -16.23
CA GLY B 287 3.36 46.88 -15.08
C GLY B 287 3.48 46.02 -13.83
N THR B 288 4.63 45.37 -13.68
CA THR B 288 4.83 44.43 -12.54
C THR B 288 5.10 45.21 -11.25
N TRP B 289 4.52 44.75 -10.12
CA TRP B 289 4.79 45.33 -8.81
C TRP B 289 6.03 44.69 -8.19
N TYR B 290 6.76 45.48 -7.41
CA TYR B 290 8.00 45.05 -6.78
C TYR B 290 7.86 45.13 -5.26
N VAL B 291 8.18 44.04 -4.58
CA VAL B 291 8.11 43.96 -3.13
C VAL B 291 9.52 43.70 -2.60
N PRO B 292 10.19 44.71 -2.06
CA PRO B 292 11.61 44.54 -1.74
C PRO B 292 11.89 43.65 -0.53
N THR B 293 11.12 43.77 0.54
CA THR B 293 11.32 43.01 1.79
C THR B 293 12.72 43.27 2.37
N PHE B 294 12.91 44.51 2.81
CA PHE B 294 14.17 44.88 3.46
C PHE B 294 14.41 44.08 4.74
N TYR B 295 13.34 43.87 5.52
CA TYR B 295 13.48 43.30 6.85
C TYR B 295 14.09 41.90 6.80
N ALA B 296 13.60 41.05 5.91
CA ALA B 296 14.14 39.70 5.78
C ALA B 296 15.59 39.72 5.32
N GLY B 297 15.91 40.61 4.39
CA GLY B 297 17.29 40.72 3.92
C GLY B 297 18.25 41.11 5.02
N ARG B 298 17.85 42.05 5.88
CA ARG B 298 18.69 42.39 7.03
C ARG B 298 18.76 41.26 8.04
N PHE B 299 17.63 40.58 8.29
CA PHE B 299 17.58 39.54 9.29
C PHE B 299 18.48 38.36 8.93
N VAL B 300 18.47 37.95 7.66
CA VAL B 300 19.29 36.78 7.29
C VAL B 300 20.76 37.09 7.42
N THR B 301 21.18 38.30 7.01
CA THR B 301 22.58 38.68 7.15
C THR B 301 22.99 38.77 8.63
N GLU B 302 22.12 39.32 9.47
CA GLU B 302 22.43 39.40 10.89
C GLU B 302 22.54 38.02 11.53
N LYS B 303 21.64 37.10 11.15
CA LYS B 303 21.63 35.79 11.77
C LYS B 303 22.69 34.85 11.19
N ALA B 304 23.22 35.15 10.01
CA ALA B 304 24.31 34.34 9.47
C ALA B 304 25.62 34.55 10.21
N ALA B 305 25.74 35.64 10.99
CA ALA B 305 26.96 35.86 11.76
C ALA B 305 27.02 34.94 12.98
N ILE B 306 25.88 34.53 13.51
CA ILE B 306 25.85 33.62 14.65
C ILE B 306 26.12 32.20 14.16
N ASP B 307 27.08 31.53 14.81
CA ASP B 307 27.46 30.19 14.42
C ASP B 307 26.46 29.17 14.98
N GLY B 308 25.96 28.30 14.11
CA GLY B 308 25.00 27.28 14.51
C GLY B 308 23.55 27.67 14.35
N TYR B 309 23.24 28.95 14.14
CA TYR B 309 21.86 29.36 13.93
C TYR B 309 21.32 28.77 12.63
N PHE B 310 22.12 28.79 11.56
CA PHE B 310 21.71 28.26 10.27
C PHE B 310 22.51 27.01 9.92
N PRO B 311 21.94 26.09 9.16
CA PRO B 311 22.71 24.96 8.67
C PRO B 311 23.83 25.42 7.75
N GLU B 312 24.90 24.63 7.69
CA GLU B 312 26.04 24.98 6.85
C GLU B 312 25.69 25.05 5.37
N VAL B 313 24.63 24.35 4.96
CA VAL B 313 24.15 24.46 3.59
C VAL B 313 23.51 25.83 3.34
N VAL B 314 22.92 26.42 4.38
CA VAL B 314 22.13 27.64 4.22
C VAL B 314 22.96 28.89 4.48
N ARG B 315 23.93 28.80 5.39
CA ARG B 315 24.64 30.00 5.85
C ARG B 315 25.32 30.78 4.74
N PRO B 316 26.09 30.18 3.82
CA PRO B 316 26.69 30.99 2.75
C PRO B 316 25.67 31.70 1.88
N LYS B 317 24.57 31.00 1.53
CA LYS B 317 23.56 31.60 0.68
C LYS B 317 22.93 32.82 1.34
N ALA B 318 22.61 32.73 2.63
CA ALA B 318 22.07 33.88 3.33
C ALA B 318 23.08 35.02 3.39
N ALA B 319 24.30 34.72 3.86
CA ALA B 319 25.30 35.77 4.05
C ALA B 319 25.66 36.46 2.74
N ARG B 320 25.48 35.77 1.60
CA ARG B 320 25.75 36.40 0.31
C ARG B 320 24.54 37.16 -0.22
N ILE B 321 23.40 36.49 -0.34
CA ILE B 321 22.26 37.06 -1.04
C ILE B 321 21.63 38.19 -0.23
N GLY B 322 21.47 38.02 1.09
CA GLY B 322 20.66 38.95 1.85
C GLY B 322 21.19 40.37 1.89
N ALA B 323 22.47 40.57 1.62
CA ALA B 323 23.09 41.88 1.75
C ALA B 323 22.93 42.76 0.52
N LEU B 324 22.29 42.26 -0.55
CA LEU B 324 22.19 42.98 -1.81
C LEU B 324 20.74 43.38 -2.14
N ILE B 325 19.96 43.74 -1.12
CA ILE B 325 18.55 44.06 -1.31
C ILE B 325 18.31 45.56 -1.28
N SER B 326 18.90 46.28 -0.36
CA SER B 326 18.67 47.74 -0.21
C SER B 326 19.18 48.55 -1.42
N GLN B 327 20.34 48.14 -2.01
CA GLN B 327 20.84 48.82 -3.19
C GLN B 327 19.95 48.60 -4.39
N THR B 328 19.50 47.36 -4.60
CA THR B 328 18.62 47.06 -5.73
C THR B 328 17.29 47.79 -5.60
N ALA B 329 16.72 47.81 -4.39
CA ALA B 329 15.45 48.51 -4.20
C ALA B 329 15.60 50.01 -4.42
N ALA B 330 16.71 50.60 -3.94
CA ALA B 330 16.93 52.02 -4.18
C ALA B 330 17.09 52.33 -5.66
N LYS B 331 17.85 51.50 -6.38
CA LYS B 331 18.03 51.72 -7.81
C LYS B 331 16.72 51.55 -8.57
N ALA B 332 15.92 50.54 -8.19
CA ALA B 332 14.63 50.33 -8.84
C ALA B 332 13.68 51.50 -8.58
N TYR B 333 13.69 52.05 -7.36
CA TYR B 333 12.89 53.24 -7.10
C TYR B 333 13.37 54.41 -7.95
N ARG B 334 14.69 54.61 -8.06
CA ARG B 334 15.21 55.70 -8.88
C ARG B 334 14.89 55.51 -10.36
N ASN B 335 14.72 54.28 -10.81
CA ASN B 335 14.45 54.02 -12.23
C ASN B 335 12.96 54.06 -12.58
N GLY B 336 12.07 54.06 -11.60
CA GLY B 336 10.66 54.18 -11.86
C GLY B 336 9.85 52.90 -11.79
N VAL B 337 10.27 51.91 -11.01
CA VAL B 337 9.54 50.66 -10.87
C VAL B 337 8.55 50.79 -9.72
N ARG B 338 7.32 50.36 -9.95
CA ARG B 338 6.29 50.44 -8.92
C ARG B 338 6.62 49.50 -7.76
N ILE B 339 6.61 50.05 -6.55
CA ILE B 339 7.05 49.34 -5.35
C ILE B 339 5.91 49.29 -4.36
N ALA B 340 5.66 48.11 -3.80
CA ALA B 340 4.67 47.89 -2.77
C ALA B 340 5.35 47.53 -1.46
N PHE B 341 4.54 47.41 -0.41
CA PHE B 341 5.05 47.21 0.95
C PHE B 341 4.93 45.75 1.33
N GLY B 342 6.07 45.12 1.63
CA GLY B 342 6.08 43.75 2.12
C GLY B 342 7.30 43.54 2.98
N THR B 343 7.17 42.66 3.97
CA THR B 343 8.20 42.46 4.98
C THR B 343 8.76 41.06 5.05
N ASP B 344 8.04 40.05 4.55
CA ASP B 344 8.45 38.65 4.68
C ASP B 344 8.58 38.23 6.13
N GLN B 345 7.63 38.64 6.95
CA GLN B 345 7.64 38.25 8.35
C GLN B 345 7.36 36.75 8.49
N GLY B 346 7.82 36.19 9.60
CA GLY B 346 8.04 34.77 9.73
C GLY B 346 9.51 34.42 9.72
N VAL B 347 10.31 35.17 8.96
CA VAL B 347 11.74 35.23 9.21
C VAL B 347 12.03 36.14 10.39
N GLY B 348 11.54 37.38 10.32
CA GLY B 348 11.60 38.29 11.44
C GLY B 348 10.43 38.10 12.38
N PRO B 349 10.52 38.69 13.57
CA PRO B 349 9.46 38.50 14.57
C PRO B 349 8.18 39.22 14.20
N HIS B 350 7.05 38.52 14.36
CA HIS B 350 5.75 39.13 14.07
C HIS B 350 5.47 40.27 15.03
N GLY B 351 4.69 41.24 14.55
CA GLY B 351 4.42 42.44 15.31
C GLY B 351 5.45 43.53 15.19
N ASP B 352 6.48 43.34 14.36
CA ASP B 352 7.53 44.33 14.17
C ASP B 352 7.62 44.77 12.71
N ASN B 353 6.52 44.66 11.96
CA ASN B 353 6.53 44.98 10.54
C ASN B 353 6.84 46.45 10.27
N ALA B 354 6.34 47.35 11.12
CA ALA B 354 6.46 48.79 10.88
C ALA B 354 7.91 49.26 10.79
N ARG B 355 8.85 48.51 11.34
CA ARG B 355 10.26 48.87 11.20
C ARG B 355 10.70 48.97 9.74
N GLU B 356 10.02 48.24 8.84
CA GLU B 356 10.34 48.36 7.42
C GLU B 356 10.15 49.79 6.92
N PHE B 357 9.15 50.50 7.46
CA PHE B 357 8.96 51.90 7.09
C PHE B 357 10.22 52.72 7.34
N VAL B 358 11.02 52.35 8.35
CA VAL B 358 12.29 53.01 8.56
C VAL B 358 13.27 52.64 7.45
N TYR B 359 13.40 51.34 7.17
CA TYR B 359 14.42 50.88 6.21
C TYR B 359 14.19 51.45 4.83
N MET B 360 12.94 51.67 4.44
CA MET B 360 12.65 52.32 3.18
C MET B 360 13.16 53.76 3.16
N VAL B 361 12.92 54.50 4.24
CA VAL B 361 13.22 55.93 4.23
C VAL B 361 14.73 56.16 4.19
N GLU B 362 15.49 55.35 4.94
CA GLU B 362 16.94 55.45 4.88
C GLU B 362 17.53 54.79 3.63
N ALA B 363 16.68 54.40 2.68
CA ALA B 363 17.14 53.90 1.39
C ALA B 363 16.88 54.90 0.26
N GLY B 364 16.46 56.12 0.60
CA GLY B 364 16.17 57.14 -0.39
C GLY B 364 14.71 57.32 -0.73
N ILE B 365 13.84 56.42 -0.26
CA ILE B 365 12.42 56.50 -0.58
C ILE B 365 11.75 57.50 0.38
N PRO B 366 11.02 58.49 -0.13
CA PRO B 366 10.38 59.46 0.76
C PRO B 366 9.33 58.81 1.64
N ALA B 367 9.12 59.41 2.82
CA ALA B 367 8.18 58.84 3.79
C ALA B 367 6.76 58.85 3.27
N ALA B 368 6.37 59.89 2.51
CA ALA B 368 5.02 59.93 1.96
C ALA B 368 4.77 58.76 1.02
N TYR B 369 5.73 58.46 0.14
CA TYR B 369 5.58 57.32 -0.75
C TYR B 369 5.59 56.00 0.03
N ALA B 370 6.40 55.93 1.10
CA ALA B 370 6.43 54.72 1.91
C ALA B 370 5.08 54.46 2.56
N LEU B 371 4.43 55.52 3.07
CA LEU B 371 3.11 55.37 3.65
C LEU B 371 2.06 55.07 2.58
N GLN B 372 2.22 55.64 1.38
CA GLN B 372 1.29 55.37 0.29
C GLN B 372 1.36 53.91 -0.15
N ALA B 373 2.56 53.33 -0.18
CA ALA B 373 2.74 51.98 -0.71
C ALA B 373 2.05 50.92 0.13
N ALA B 374 1.76 51.21 1.40
CA ALA B 374 1.11 50.25 2.27
C ALA B 374 -0.40 50.45 2.38
N THR B 375 -0.95 51.51 1.77
CA THR B 375 -2.37 51.78 1.87
C THR B 375 -3.07 51.73 0.52
N VAL B 376 -2.64 52.52 -0.46
CA VAL B 376 -3.39 52.66 -1.70
C VAL B 376 -2.78 51.78 -2.79
N HIS B 377 -1.49 51.48 -2.68
CA HIS B 377 -0.85 50.59 -3.63
C HIS B 377 -1.04 49.13 -3.25
N ALA B 378 -1.15 48.83 -1.96
CA ALA B 378 -1.39 47.45 -1.53
C ALA B 378 -2.76 46.95 -1.97
N ALA B 379 -3.76 47.83 -2.00
CA ALA B 379 -5.06 47.45 -2.53
C ALA B 379 -5.01 47.19 -4.03
N GLN B 380 -4.19 47.97 -4.76
CA GLN B 380 -4.01 47.71 -6.19
C GLN B 380 -3.33 46.37 -6.42
N VAL B 381 -2.33 46.04 -5.60
CA VAL B 381 -1.70 44.73 -5.71
C VAL B 381 -2.71 43.62 -5.37
N LEU B 382 -3.53 43.84 -4.35
CA LEU B 382 -4.51 42.82 -3.95
C LEU B 382 -5.68 42.74 -4.92
N GLY B 383 -5.91 43.77 -5.72
CA GLY B 383 -7.00 43.74 -6.68
C GLY B 383 -8.36 44.04 -6.10
N VAL B 384 -8.43 44.81 -5.01
CA VAL B 384 -9.69 45.16 -4.38
C VAL B 384 -9.84 46.69 -4.43
N ASP B 385 -11.04 47.15 -4.04
CA ASP B 385 -11.36 48.57 -4.08
C ASP B 385 -12.05 49.08 -2.83
N ASP B 386 -12.42 48.22 -1.89
CA ASP B 386 -13.18 48.63 -0.72
C ASP B 386 -12.30 49.03 0.45
N GLN B 387 -11.00 49.21 0.23
CA GLN B 387 -10.10 49.56 1.33
C GLN B 387 -8.90 50.33 0.77
N GLY B 388 -8.20 51.01 1.66
CA GLY B 388 -6.99 51.72 1.28
C GLY B 388 -7.06 53.22 1.50
N VAL B 389 -8.24 53.82 1.27
CA VAL B 389 -8.45 55.24 1.40
C VAL B 389 -9.60 55.49 2.36
N LEU B 390 -9.47 56.52 3.18
CA LEU B 390 -10.54 56.93 4.10
C LEU B 390 -11.55 57.74 3.30
N GLU B 391 -12.43 57.04 2.60
CA GLU B 391 -13.42 57.63 1.72
C GLU B 391 -14.78 57.01 1.99
N PRO B 392 -15.87 57.72 1.70
CA PRO B 392 -17.21 57.16 1.90
C PRO B 392 -17.42 55.89 1.09
N GLY B 393 -18.11 54.93 1.69
CA GLY B 393 -18.40 53.67 1.05
C GLY B 393 -17.31 52.62 1.15
N LYS B 394 -16.20 52.92 1.82
CA LYS B 394 -15.10 51.98 1.99
C LYS B 394 -15.04 51.48 3.42
N ARG B 395 -14.29 50.40 3.62
CA ARG B 395 -14.18 49.78 4.94
C ARG B 395 -13.58 50.74 5.94
N ALA B 396 -14.07 50.66 7.18
CA ALA B 396 -13.62 51.56 8.26
C ALA B 396 -12.50 50.87 9.04
N ASP B 397 -11.30 50.91 8.47
CA ASP B 397 -10.08 50.42 9.12
C ASP B 397 -9.18 51.62 9.35
N VAL B 398 -9.15 52.12 10.58
CA VAL B 398 -8.47 53.36 10.92
C VAL B 398 -7.43 53.10 12.00
N ILE B 399 -6.28 53.75 11.88
CA ILE B 399 -5.25 53.69 12.91
C ILE B 399 -4.82 55.11 13.24
N ALA B 400 -4.22 55.26 14.42
CA ALA B 400 -3.78 56.57 14.90
C ALA B 400 -2.35 56.49 15.41
N LEU B 401 -1.61 57.57 15.19
CA LEU B 401 -0.23 57.71 15.63
C LEU B 401 -0.10 58.92 16.54
N ALA B 402 0.79 58.80 17.53
CA ALA B 402 1.00 59.91 18.46
C ALA B 402 1.72 61.07 17.79
N GLY B 403 2.75 60.77 16.99
CA GLY B 403 3.52 61.78 16.31
C GLY B 403 3.25 61.78 14.81
N ASN B 404 3.62 62.88 14.17
CA ASN B 404 3.43 63.02 12.73
C ASN B 404 4.50 62.18 12.04
N PRO B 405 4.12 61.18 11.23
CA PRO B 405 5.12 60.29 10.63
C PRO B 405 5.88 60.91 9.47
N LEU B 406 5.42 62.03 8.91
CA LEU B 406 6.12 62.63 7.78
C LEU B 406 7.41 63.31 8.22
N GLU B 407 7.37 64.06 9.32
CA GLU B 407 8.57 64.75 9.78
C GLU B 407 9.55 63.78 10.44
N ASP B 408 9.03 62.71 11.05
CA ASP B 408 9.86 61.68 11.66
C ASP B 408 9.25 60.32 11.37
N ILE B 409 9.99 59.43 10.71
CA ILE B 409 9.32 58.14 10.33
C ILE B 409 9.38 57.12 11.48
N ASN B 410 10.05 57.44 12.59
CA ASN B 410 10.00 56.53 13.75
C ASN B 410 8.65 56.53 14.44
N ALA B 411 7.82 57.55 14.20
CA ALA B 411 6.51 57.63 14.84
C ALA B 411 5.59 56.49 14.44
N VAL B 412 5.90 55.76 13.37
CA VAL B 412 5.12 54.58 12.99
C VAL B 412 5.30 53.43 13.97
N LEU B 413 6.23 53.54 14.92
CA LEU B 413 6.48 52.46 15.87
C LEU B 413 5.66 52.59 17.15
N ASP B 414 4.77 53.58 17.24
CA ASP B 414 3.93 53.77 18.42
C ASP B 414 2.50 54.04 17.94
N VAL B 415 1.71 52.97 17.81
CA VAL B 415 0.32 53.07 17.40
C VAL B 415 -0.56 53.12 18.64
N ARG B 416 -1.48 54.10 18.69
CA ARG B 416 -2.30 54.32 19.86
C ARG B 416 -3.77 53.97 19.66
N PHE B 417 -4.22 53.77 18.44
CA PHE B 417 -5.63 53.48 18.17
C PHE B 417 -5.73 52.60 16.93
N VAL B 418 -6.43 51.48 17.07
CA VAL B 418 -6.63 50.51 16.00
C VAL B 418 -8.11 50.16 15.96
N MET B 419 -8.75 50.39 14.80
CA MET B 419 -10.13 50.04 14.54
C MET B 419 -10.21 49.31 13.20
N LYS B 420 -10.93 48.19 13.19
CA LYS B 420 -11.06 47.37 11.98
C LYS B 420 -12.53 47.08 11.73
N ASP B 421 -13.03 47.45 10.55
CA ASP B 421 -14.39 47.17 10.12
C ASP B 421 -15.42 47.76 11.07
N GLY B 422 -15.11 48.90 11.68
CA GLY B 422 -16.01 49.56 12.61
C GLY B 422 -15.90 49.10 14.04
N VAL B 423 -15.11 48.07 14.32
CA VAL B 423 -14.92 47.56 15.68
C VAL B 423 -13.56 48.03 16.17
N ILE B 424 -13.54 48.70 17.31
CA ILE B 424 -12.31 49.21 17.90
C ILE B 424 -11.62 48.08 18.66
N TYR B 425 -10.38 47.80 18.29
CA TYR B 425 -9.58 46.78 18.96
C TYR B 425 -8.54 47.36 19.90
N LYS B 426 -8.05 48.57 19.64
CA LYS B 426 -7.16 49.24 20.57
C LYS B 426 -7.55 50.70 20.67
N GLN B 427 -7.70 51.19 21.90
CA GLN B 427 -8.09 52.57 22.12
C GLN B 427 -6.93 53.37 22.70
N PRO C 22 -51.44 -9.08 -30.10
CA PRO C 22 -52.39 -8.47 -31.04
C PRO C 22 -53.54 -7.76 -30.34
N VAL C 23 -53.25 -6.61 -29.76
CA VAL C 23 -54.24 -5.82 -29.01
C VAL C 23 -54.67 -4.63 -29.86
N ALA C 24 -55.92 -4.23 -29.69
CA ALA C 24 -56.48 -3.07 -30.39
C ALA C 24 -56.84 -2.03 -29.35
N VAL C 25 -56.13 -0.91 -29.37
CA VAL C 25 -56.41 0.19 -28.46
C VAL C 25 -57.23 1.22 -29.20
N GLN C 26 -58.46 1.43 -28.70
CA GLN C 26 -59.36 2.43 -29.30
C GLN C 26 -59.22 3.73 -28.52
N CYS C 27 -58.87 4.82 -29.21
CA CYS C 27 -58.62 6.11 -28.60
C CYS C 27 -59.64 7.13 -29.09
N GLY C 28 -60.24 7.86 -28.16
CA GLY C 28 -61.20 8.89 -28.49
C GLY C 28 -60.58 10.09 -29.18
N ARG C 29 -59.39 10.49 -28.73
CA ARG C 29 -58.68 11.64 -29.29
C ARG C 29 -57.19 11.31 -29.33
N LEU C 30 -56.59 11.45 -30.52
CA LEU C 30 -55.19 11.12 -30.73
C LEU C 30 -54.38 12.39 -30.95
N PHE C 31 -53.25 12.50 -30.28
CA PHE C 31 -52.34 13.63 -30.44
C PHE C 31 -51.24 13.27 -31.43
N ASP C 32 -51.04 14.13 -32.43
CA ASP C 32 -50.04 13.91 -33.47
C ASP C 32 -48.78 14.67 -33.06
N ALA C 33 -47.84 13.95 -32.46
CA ALA C 33 -46.61 14.58 -31.98
C ALA C 33 -45.76 15.13 -33.12
N ARG C 34 -45.91 14.59 -34.33
CA ARG C 34 -45.16 15.13 -35.45
C ARG C 34 -45.73 16.46 -35.92
N SER C 35 -47.05 16.65 -35.78
CA SER C 35 -47.70 17.88 -36.20
C SER C 35 -48.13 18.79 -35.06
N GLY C 36 -48.34 18.24 -33.87
CA GLY C 36 -48.78 19.05 -32.75
C GLY C 36 -50.26 19.33 -32.69
N GLN C 37 -51.07 18.64 -33.49
CA GLN C 37 -52.51 18.87 -33.55
C GLN C 37 -53.26 17.66 -32.99
N LEU C 38 -54.31 17.93 -32.24
CA LEU C 38 -55.15 16.89 -31.66
C LEU C 38 -56.11 16.38 -32.73
N LYS C 39 -56.04 15.08 -33.02
CA LYS C 39 -56.83 14.47 -34.08
C LYS C 39 -58.10 13.84 -33.50
N GLY C 40 -58.83 13.13 -34.35
CA GLY C 40 -60.05 12.48 -33.97
C GLY C 40 -59.82 11.06 -33.46
N PRO C 41 -60.91 10.32 -33.26
CA PRO C 41 -60.78 8.94 -32.76
C PRO C 41 -59.97 8.08 -33.71
N HIS C 42 -59.18 7.17 -33.13
CA HIS C 42 -58.33 6.28 -33.91
C HIS C 42 -58.27 4.92 -33.24
N THR C 43 -57.66 3.96 -33.92
CA THR C 43 -57.44 2.62 -33.39
C THR C 43 -56.02 2.20 -33.70
N LEU C 44 -55.31 1.75 -32.67
CA LEU C 44 -53.93 1.30 -32.79
C LEU C 44 -53.87 -0.21 -32.66
N LEU C 45 -53.19 -0.86 -33.62
CA LEU C 45 -52.97 -2.29 -33.56
C LEU C 45 -51.55 -2.55 -33.07
N VAL C 46 -51.42 -3.25 -31.95
CA VAL C 46 -50.13 -3.51 -31.32
C VAL C 46 -49.87 -5.00 -31.36
N ALA C 47 -48.69 -5.38 -31.85
CA ALA C 47 -48.28 -6.78 -31.93
C ALA C 47 -46.78 -6.87 -31.82
N ASP C 48 -46.29 -7.75 -30.95
CA ASP C 48 -44.86 -7.99 -30.75
C ASP C 48 -44.15 -6.75 -30.24
N GLY C 49 -44.83 -5.95 -29.42
CA GLY C 49 -44.21 -4.78 -28.82
C GLY C 49 -44.02 -3.60 -29.74
N ARG C 50 -44.74 -3.56 -30.86
CA ARG C 50 -44.65 -2.48 -31.82
C ARG C 50 -46.04 -2.10 -32.29
N ILE C 51 -46.15 -0.89 -32.85
CA ILE C 51 -47.40 -0.40 -33.42
C ILE C 51 -47.49 -0.90 -34.86
N ARG C 52 -48.53 -1.68 -35.15
CA ARG C 52 -48.67 -2.28 -36.47
C ARG C 52 -49.37 -1.35 -37.45
N GLN C 53 -50.46 -0.72 -37.03
CA GLN C 53 -51.16 0.22 -37.90
C GLN C 53 -52.08 1.10 -37.07
N VAL C 54 -52.33 2.30 -37.61
CA VAL C 54 -53.26 3.26 -37.02
C VAL C 54 -54.38 3.46 -38.02
N LEU C 55 -55.62 3.18 -37.59
CA LEU C 55 -56.78 3.27 -38.46
C LEU C 55 -57.74 4.34 -37.95
N PRO C 56 -58.11 5.31 -38.76
CA PRO C 56 -59.11 6.29 -38.34
C PRO C 56 -60.41 5.61 -37.93
N GLY C 57 -61.04 6.15 -36.89
CA GLY C 57 -62.29 5.60 -36.39
C GLY C 57 -62.10 4.57 -35.30
N ALA C 65 -58.98 -10.34 -31.44
CA ALA C 65 -58.07 -9.40 -30.82
C ALA C 65 -58.71 -8.70 -29.64
N ARG C 66 -58.01 -8.68 -28.50
CA ARG C 66 -58.53 -7.99 -27.33
C ARG C 66 -58.60 -6.49 -27.57
N VAL C 67 -59.51 -5.83 -26.88
CA VAL C 67 -59.81 -4.42 -27.09
C VAL C 67 -59.59 -3.66 -25.79
N VAL C 68 -58.84 -2.56 -25.87
CA VAL C 68 -58.67 -1.64 -24.76
C VAL C 68 -59.33 -0.31 -25.15
N ASP C 69 -60.37 0.06 -24.42
CA ASP C 69 -61.23 1.20 -24.80
C ASP C 69 -60.85 2.42 -23.97
N LEU C 70 -60.59 3.54 -24.65
CA LEU C 70 -60.33 4.81 -23.99
C LEU C 70 -61.12 5.91 -24.70
N GLY C 71 -62.42 5.66 -24.90
CA GLY C 71 -63.22 6.53 -25.76
C GLY C 71 -63.29 7.97 -25.28
N ASP C 72 -63.26 8.16 -23.96
CA ASP C 72 -63.37 9.53 -23.37
C ASP C 72 -62.01 9.98 -22.82
N LYS C 73 -60.91 9.59 -23.47
CA LYS C 73 -59.57 9.93 -23.02
C LYS C 73 -58.75 10.40 -24.22
N VAL C 74 -57.62 11.04 -23.91
CA VAL C 74 -56.71 11.58 -24.91
C VAL C 74 -55.46 10.71 -24.92
N CYS C 75 -55.11 10.17 -26.08
CA CYS C 75 -53.97 9.26 -26.22
C CYS C 75 -52.75 10.03 -26.72
N LEU C 76 -51.61 9.78 -26.10
CA LEU C 76 -50.37 10.45 -26.44
C LEU C 76 -49.23 9.44 -26.42
N PRO C 77 -48.14 9.71 -27.14
CA PRO C 77 -46.95 8.89 -26.98
C PRO C 77 -46.36 9.04 -25.59
N GLY C 78 -45.63 8.01 -25.16
CA GLY C 78 -45.00 8.08 -23.85
C GLY C 78 -43.99 9.21 -23.78
N TRP C 79 -43.92 9.84 -22.61
CA TRP C 79 -43.06 10.98 -22.42
C TRP C 79 -41.63 10.55 -22.12
N THR C 80 -40.68 11.44 -22.41
CA THR C 80 -39.27 11.21 -22.15
C THR C 80 -38.72 12.36 -21.31
N ASP C 81 -38.00 12.03 -20.24
CA ASP C 81 -37.35 13.02 -19.39
C ASP C 81 -35.85 12.93 -19.62
N LEU C 82 -35.26 14.03 -20.08
CA LEU C 82 -33.86 14.03 -20.52
C LEU C 82 -32.89 14.47 -19.43
N HIS C 83 -33.35 14.63 -18.19
CA HIS C 83 -32.44 14.98 -17.10
C HIS C 83 -33.08 14.48 -15.80
N VAL C 84 -32.63 13.32 -15.31
CA VAL C 84 -33.07 12.76 -14.04
C VAL C 84 -31.87 12.17 -13.32
N HIS C 85 -32.04 11.95 -12.02
CA HIS C 85 -31.06 11.26 -11.18
C HIS C 85 -31.85 10.27 -10.33
N LEU C 86 -32.04 9.05 -10.86
CA LEU C 86 -32.91 8.07 -10.23
C LEU C 86 -32.27 7.40 -9.02
N GLY C 87 -30.98 7.63 -8.77
CA GLY C 87 -30.32 6.99 -7.65
C GLY C 87 -30.16 7.89 -6.43
N SER C 88 -30.90 8.99 -6.40
CA SER C 88 -30.83 9.91 -5.26
C SER C 88 -32.09 10.77 -5.24
N GLN C 89 -32.30 11.41 -4.11
CA GLN C 89 -33.38 12.39 -3.94
C GLN C 89 -33.00 13.34 -2.83
N SER C 90 -33.21 14.64 -3.06
CA SER C 90 -32.77 15.65 -2.10
C SER C 90 -33.58 15.56 -0.81
N SER C 91 -32.88 15.76 0.31
CA SER C 91 -33.50 15.70 1.62
C SER C 91 -32.59 16.43 2.60
N PRO C 92 -33.09 16.78 3.80
CA PRO C 92 -32.23 17.44 4.78
C PRO C 92 -31.00 16.64 5.17
N GLN C 93 -31.05 15.30 5.08
CA GLN C 93 -29.94 14.44 5.45
C GLN C 93 -29.10 14.02 4.24
N SER C 94 -29.29 14.69 3.11
CA SER C 94 -28.63 14.25 1.84
C SER C 94 -27.11 14.40 1.90
N TYR C 95 -26.61 15.48 2.51
CA TYR C 95 -25.19 15.76 2.47
C TYR C 95 -24.37 14.90 3.42
N SER C 96 -25.01 14.12 4.29
CA SER C 96 -24.30 13.20 5.18
C SER C 96 -24.37 11.76 4.72
N GLU C 97 -25.18 11.45 3.70
CA GLU C 97 -25.31 10.08 3.22
C GLU C 97 -24.06 9.58 2.50
N ASP C 98 -23.13 10.47 2.15
CA ASP C 98 -21.92 10.04 1.46
C ASP C 98 -21.03 9.19 2.35
N PHE C 99 -21.13 9.33 3.67
CA PHE C 99 -20.27 8.61 4.59
C PHE C 99 -21.01 7.62 5.48
N ARG C 100 -22.32 7.46 5.31
CA ARG C 100 -23.11 6.57 6.14
C ARG C 100 -23.85 5.48 5.38
N LEU C 101 -24.19 5.71 4.11
CA LEU C 101 -24.96 4.75 3.33
C LEU C 101 -24.07 4.02 2.34
N ASP C 102 -24.61 2.95 1.77
CA ASP C 102 -23.94 2.13 0.78
C ASP C 102 -24.75 2.14 -0.52
N PRO C 103 -24.19 1.68 -1.63
CA PRO C 103 -24.98 1.63 -2.88
C PRO C 103 -26.22 0.75 -2.78
N VAL C 104 -26.23 -0.22 -1.88
CA VAL C 104 -27.37 -1.14 -1.77
C VAL C 104 -28.61 -0.38 -1.31
N ASP C 105 -28.46 0.53 -0.35
CA ASP C 105 -29.60 1.32 0.11
C ASP C 105 -30.12 2.23 -1.00
N HIS C 106 -29.21 2.83 -1.77
CA HIS C 106 -29.63 3.65 -2.90
C HIS C 106 -30.36 2.83 -3.95
N ALA C 107 -29.93 1.58 -4.19
CA ALA C 107 -30.65 0.70 -5.09
C ALA C 107 -32.05 0.39 -4.57
N PHE C 108 -32.17 0.11 -3.27
CA PHE C 108 -33.49 -0.19 -2.71
C PHE C 108 -34.42 1.01 -2.78
N ARG C 109 -33.88 2.24 -2.70
CA ARG C 109 -34.72 3.41 -2.90
C ARG C 109 -35.04 3.65 -4.37
N ALA C 110 -34.09 3.39 -5.27
CA ALA C 110 -34.34 3.52 -6.70
C ALA C 110 -35.39 2.53 -7.18
N VAL C 111 -35.57 1.41 -6.49
CA VAL C 111 -36.63 0.47 -6.86
C VAL C 111 -37.98 1.18 -6.85
N GLY C 112 -38.27 1.95 -5.80
CA GLY C 112 -39.50 2.71 -5.76
C GLY C 112 -39.48 3.97 -6.60
N TYR C 113 -38.31 4.61 -6.72
CA TYR C 113 -38.20 5.80 -7.55
C TYR C 113 -38.57 5.50 -9.00
N ALA C 114 -38.07 4.38 -9.54
CA ALA C 114 -38.34 4.05 -10.93
C ALA C 114 -39.81 3.75 -11.18
N GLU C 115 -40.47 3.06 -10.25
CA GLU C 115 -41.89 2.81 -10.40
C GLU C 115 -42.71 4.09 -10.31
N LYS C 116 -42.35 5.00 -9.39
CA LYS C 116 -43.05 6.27 -9.32
C LYS C 116 -42.85 7.09 -10.58
N THR C 117 -41.67 7.00 -11.20
CA THR C 117 -41.43 7.70 -12.46
C THR C 117 -42.23 7.09 -13.60
N LEU C 118 -42.27 5.76 -13.67
CA LEU C 118 -43.00 5.09 -14.75
C LEU C 118 -44.49 5.34 -14.67
N MET C 119 -45.06 5.32 -13.45
CA MET C 119 -46.50 5.51 -13.30
C MET C 119 -46.95 6.93 -13.62
N ALA C 120 -46.02 7.88 -13.67
CA ALA C 120 -46.38 9.27 -13.97
C ALA C 120 -46.54 9.53 -15.46
N GLY C 121 -46.24 8.56 -16.31
CA GLY C 121 -46.38 8.72 -17.74
C GLY C 121 -45.08 8.77 -18.51
N PHE C 122 -43.94 8.64 -17.85
CA PHE C 122 -42.63 8.76 -18.49
C PHE C 122 -42.08 7.36 -18.72
N THR C 123 -42.15 6.90 -19.96
CA THR C 123 -41.69 5.57 -20.34
C THR C 123 -40.22 5.54 -20.71
N SER C 124 -39.55 6.69 -20.74
CA SER C 124 -38.13 6.75 -21.05
C SER C 124 -37.50 7.90 -20.27
N VAL C 125 -36.27 7.69 -19.81
CA VAL C 125 -35.51 8.70 -19.10
C VAL C 125 -34.06 8.67 -19.55
N ARG C 126 -33.40 9.81 -19.43
CA ARG C 126 -31.95 9.92 -19.63
C ARG C 126 -31.34 10.30 -18.28
N ASP C 127 -30.59 9.36 -17.70
CA ASP C 127 -29.94 9.60 -16.42
C ASP C 127 -28.57 10.22 -16.66
N LEU C 128 -28.30 11.34 -16.00
CA LEU C 128 -27.13 12.15 -16.28
C LEU C 128 -26.19 12.19 -15.08
N GLY C 129 -25.96 11.04 -14.46
CA GLY C 129 -25.04 10.95 -13.34
C GLY C 129 -25.45 9.95 -12.28
N GLY C 130 -24.51 9.12 -11.86
CA GLY C 130 -24.79 8.08 -10.89
C GLY C 130 -24.28 6.72 -11.32
N GLU C 131 -23.73 5.95 -10.37
CA GLU C 131 -23.16 4.64 -10.66
C GLU C 131 -24.11 3.50 -10.30
N VAL C 132 -25.35 3.81 -9.94
CA VAL C 132 -26.35 2.78 -9.69
C VAL C 132 -27.31 2.62 -10.87
N SER C 133 -27.38 3.61 -11.76
CA SER C 133 -28.35 3.63 -12.85
C SER C 133 -28.09 2.58 -13.93
N PRO C 134 -26.85 2.30 -14.33
CA PRO C 134 -26.64 1.16 -15.25
C PRO C 134 -27.14 -0.16 -14.71
N HIS C 135 -26.94 -0.43 -13.43
CA HIS C 135 -27.43 -1.67 -12.84
C HIS C 135 -28.95 -1.72 -12.80
N LEU C 136 -29.59 -0.59 -12.46
CA LEU C 136 -31.04 -0.53 -12.50
C LEU C 136 -31.58 -0.71 -13.92
N ARG C 137 -30.88 -0.16 -14.91
CA ARG C 137 -31.28 -0.36 -16.30
C ARG C 137 -31.18 -1.82 -16.68
N ASP C 138 -30.10 -2.50 -16.30
CA ASP C 138 -29.98 -3.92 -16.58
C ASP C 138 -31.07 -4.73 -15.89
N ALA C 139 -31.38 -4.39 -14.63
CA ALA C 139 -32.44 -5.10 -13.91
C ALA C 139 -33.80 -4.90 -14.57
N ILE C 140 -34.09 -3.68 -15.03
CA ILE C 140 -35.36 -3.42 -15.69
C ILE C 140 -35.43 -4.14 -17.03
N ASN C 141 -34.31 -4.20 -17.75
CA ASN C 141 -34.28 -4.93 -19.02
C ASN C 141 -34.47 -6.42 -18.81
N GLN C 142 -33.92 -6.98 -17.73
CA GLN C 142 -34.11 -8.39 -17.42
C GLN C 142 -35.48 -8.69 -16.82
N GLY C 143 -36.25 -7.67 -16.47
CA GLY C 143 -37.60 -7.88 -15.98
C GLY C 143 -37.72 -8.12 -14.48
N LEU C 144 -36.67 -7.83 -13.70
CA LEU C 144 -36.74 -8.04 -12.27
C LEU C 144 -37.56 -6.97 -11.57
N VAL C 145 -37.49 -5.72 -12.05
CA VAL C 145 -38.20 -4.60 -11.45
C VAL C 145 -38.88 -3.81 -12.56
N ARG C 146 -39.86 -3.01 -12.17
CA ARG C 146 -40.64 -2.18 -13.09
C ARG C 146 -40.08 -0.77 -13.14
N GLY C 147 -40.00 -0.21 -14.34
CA GLY C 147 -39.52 1.14 -14.53
C GLY C 147 -39.48 1.54 -15.97
N PRO C 148 -38.97 2.75 -16.24
CA PRO C 148 -38.89 3.22 -17.63
C PRO C 148 -37.66 2.72 -18.36
N ARG C 149 -37.47 3.18 -19.59
CA ARG C 149 -36.31 2.83 -20.41
C ARG C 149 -35.20 3.83 -20.12
N ILE C 150 -34.09 3.36 -19.57
CA ILE C 150 -33.04 4.22 -19.03
C ILE C 150 -31.90 4.33 -20.03
N PHE C 151 -31.49 5.56 -20.34
CA PHE C 151 -30.26 5.83 -21.08
C PHE C 151 -29.29 6.47 -20.07
N ALA C 152 -28.29 5.71 -19.66
CA ALA C 152 -27.47 6.06 -18.51
C ALA C 152 -26.12 6.61 -18.95
N ALA C 153 -25.74 7.76 -18.39
CA ALA C 153 -24.45 8.38 -18.67
C ALA C 153 -23.34 7.90 -17.75
N GLY C 154 -23.66 7.13 -16.71
CA GLY C 154 -22.65 6.68 -15.78
C GLY C 154 -22.13 7.81 -14.92
N LYS C 155 -20.87 7.68 -14.49
CA LYS C 155 -20.26 8.71 -13.66
C LYS C 155 -19.86 9.91 -14.51
N SER C 156 -20.19 11.10 -14.05
CA SER C 156 -19.91 12.32 -14.80
C SER C 156 -18.41 12.63 -14.78
N ILE C 157 -17.95 13.33 -15.82
CA ILE C 157 -16.56 13.70 -15.98
C ILE C 157 -16.39 15.16 -15.57
N ALA C 158 -15.38 15.44 -14.76
CA ALA C 158 -15.10 16.80 -14.31
C ALA C 158 -13.59 16.98 -14.21
N THR C 159 -13.17 18.09 -13.64
CA THR C 159 -11.77 18.42 -13.40
C THR C 159 -11.51 18.43 -11.90
N THR C 160 -10.29 18.81 -11.52
CA THR C 160 -9.92 18.85 -10.11
C THR C 160 -10.62 20.02 -9.43
N GLY C 161 -11.36 19.72 -8.37
CA GLY C 161 -12.17 20.72 -7.71
C GLY C 161 -13.43 21.10 -8.46
N GLY C 162 -13.86 20.25 -9.40
CA GLY C 162 -15.00 20.56 -10.24
C GLY C 162 -16.33 20.30 -9.55
N HIS C 163 -17.39 20.53 -10.32
CA HIS C 163 -18.74 20.30 -9.80
C HIS C 163 -19.01 18.84 -9.53
N ALA C 164 -18.43 17.94 -10.33
CA ALA C 164 -18.63 16.50 -10.16
C ALA C 164 -17.42 15.82 -9.54
N ASP C 165 -16.54 16.57 -8.88
CA ASP C 165 -15.43 15.97 -8.16
C ASP C 165 -15.95 15.25 -6.93
N PRO C 166 -15.66 13.96 -6.76
CA PRO C 166 -16.28 13.20 -5.67
C PRO C 166 -15.71 13.51 -4.28
N THR C 167 -14.64 14.29 -4.19
CA THR C 167 -13.97 14.52 -2.91
C THR C 167 -13.95 16.00 -2.53
N ASN C 168 -14.95 16.77 -2.99
CA ASN C 168 -15.08 18.16 -2.57
C ASN C 168 -15.65 18.22 -1.16
N GLY C 169 -14.98 18.97 -0.29
CA GLY C 169 -15.43 19.16 1.07
C GLY C 169 -14.89 18.14 2.07
N TRP C 170 -14.18 17.13 1.62
CA TRP C 170 -13.58 16.15 2.53
C TRP C 170 -12.37 16.77 3.21
N ASN C 171 -12.16 16.37 4.48
CA ASN C 171 -11.00 16.86 5.20
C ASN C 171 -9.74 16.17 4.70
N GLU C 172 -8.59 16.62 5.21
CA GLU C 172 -7.31 16.18 4.67
C GLU C 172 -7.03 14.71 4.99
N ARG C 173 -7.52 14.21 6.12
CA ARG C 173 -7.30 12.81 6.46
C ARG C 173 -7.99 11.88 5.47
N LEU C 174 -9.30 12.08 5.26
CA LEU C 174 -10.02 11.25 4.31
C LEU C 174 -9.49 11.42 2.89
N ALA C 175 -9.16 12.67 2.52
CA ALA C 175 -8.62 12.91 1.19
C ALA C 175 -7.29 12.22 0.97
N HIS C 176 -6.42 12.18 1.98
CA HIS C 176 -5.14 11.52 1.81
C HIS C 176 -5.28 10.00 1.79
N LEU C 177 -6.09 9.44 2.70
CA LEU C 177 -6.29 7.99 2.65
C LEU C 177 -7.18 7.53 1.51
N VAL C 178 -7.79 8.45 0.76
CA VAL C 178 -8.53 8.09 -0.45
C VAL C 178 -7.78 8.44 -1.73
N GLY C 179 -6.73 9.25 -1.66
CA GLY C 179 -5.97 9.60 -2.83
C GLY C 179 -6.64 10.67 -3.67
N ALA C 180 -5.92 11.09 -4.70
CA ALA C 180 -6.43 12.09 -5.65
C ALA C 180 -7.12 11.39 -6.81
N PRO C 181 -8.38 11.73 -7.10
CA PRO C 181 -9.08 11.05 -8.19
C PRO C 181 -8.42 11.32 -9.54
N GLY C 182 -8.52 10.33 -10.41
CA GLY C 182 -7.94 10.42 -11.74
C GLY C 182 -8.93 10.03 -12.82
N PRO C 183 -8.43 9.70 -14.01
CA PRO C 183 -9.33 9.32 -15.11
C PRO C 183 -10.21 8.12 -14.79
N ALA C 184 -9.72 7.18 -13.97
CA ALA C 184 -10.55 6.05 -13.58
C ALA C 184 -11.68 6.47 -12.65
N GLU C 185 -11.48 7.56 -11.90
CA GLU C 185 -12.51 8.08 -11.02
C GLU C 185 -13.36 9.17 -11.66
N GLY C 186 -13.02 9.60 -12.87
CA GLY C 186 -13.79 10.61 -13.58
C GLY C 186 -13.25 12.02 -13.52
N VAL C 187 -12.02 12.20 -13.02
CA VAL C 187 -11.40 13.55 -12.90
C VAL C 187 -10.24 13.67 -13.90
N VAL C 188 -10.35 14.64 -14.80
CA VAL C 188 -9.38 14.80 -15.92
C VAL C 188 -8.67 16.14 -15.80
N ASN C 189 -7.44 16.23 -16.30
CA ASN C 189 -6.72 17.48 -16.33
C ASN C 189 -5.96 17.71 -17.64
N SER C 190 -6.09 16.82 -18.62
CA SER C 190 -5.38 16.96 -19.89
C SER C 190 -6.13 16.16 -20.96
N VAL C 191 -5.63 16.26 -22.20
CA VAL C 191 -6.28 15.61 -23.32
C VAL C 191 -6.24 14.09 -23.20
N ASP C 192 -5.08 13.55 -22.84
CA ASP C 192 -4.94 12.10 -22.69
C ASP C 192 -5.78 11.56 -21.55
N GLU C 193 -5.85 12.29 -20.44
CA GLU C 193 -6.74 11.89 -19.35
C GLU C 193 -8.20 11.93 -19.78
N ALA C 194 -8.58 12.91 -20.61
CA ALA C 194 -9.95 12.95 -21.12
C ALA C 194 -10.25 11.75 -22.01
N ARG C 195 -9.31 11.38 -22.88
CA ARG C 195 -9.48 10.19 -23.69
C ARG C 195 -9.63 8.94 -22.83
N GLN C 196 -8.76 8.80 -21.82
CA GLN C 196 -8.84 7.65 -20.93
C GLN C 196 -10.15 7.62 -20.16
N ALA C 197 -10.67 8.80 -19.77
CA ALA C 197 -11.93 8.85 -19.03
C ALA C 197 -13.11 8.46 -19.90
N VAL C 198 -13.15 8.92 -21.15
CA VAL C 198 -14.22 8.49 -22.05
C VAL C 198 -14.14 6.99 -22.30
N ARG C 199 -12.93 6.47 -22.49
CA ARG C 199 -12.78 5.03 -22.69
C ARG C 199 -13.19 4.23 -21.46
N GLN C 200 -12.90 4.74 -20.26
CA GLN C 200 -13.34 4.07 -19.04
C GLN C 200 -14.85 4.11 -18.86
N ARG C 201 -15.49 5.22 -19.26
CA ARG C 201 -16.95 5.26 -19.24
C ARG C 201 -17.54 4.24 -20.21
N TYR C 202 -16.94 4.11 -21.40
CA TYR C 202 -17.38 3.07 -22.31
C TYR C 202 -17.18 1.68 -21.72
N LYS C 203 -16.04 1.47 -21.04
CA LYS C 203 -15.75 0.16 -20.46
C LYS C 203 -16.75 -0.18 -19.36
N GLU C 204 -17.16 0.80 -18.57
CA GLU C 204 -18.07 0.56 -17.44
C GLU C 204 -19.52 0.39 -17.88
N GLY C 205 -19.82 0.58 -19.16
CA GLY C 205 -21.16 0.31 -19.66
C GLY C 205 -22.09 1.52 -19.65
N SER C 206 -21.65 2.62 -20.26
CA SER C 206 -22.44 3.83 -20.35
C SER C 206 -23.07 3.95 -21.73
N ASP C 207 -24.09 4.80 -21.83
CA ASP C 207 -24.77 5.06 -23.09
C ASP C 207 -24.48 6.45 -23.66
N LEU C 208 -23.92 7.35 -22.87
CA LEU C 208 -23.55 8.68 -23.32
C LEU C 208 -22.56 9.27 -22.33
N ILE C 209 -22.12 10.49 -22.61
CA ILE C 209 -21.09 11.15 -21.80
C ILE C 209 -21.65 12.43 -21.15
N KCX C 210 -21.26 12.65 -19.90
CA KCX C 210 -21.68 13.84 -19.16
CB KCX C 210 -22.64 13.46 -18.03
CG KCX C 210 -23.81 14.40 -17.82
CD KCX C 210 -23.37 15.82 -17.53
CE KCX C 210 -24.53 16.66 -17.04
NZ KCX C 210 -24.95 16.25 -15.68
C KCX C 210 -20.48 14.59 -18.60
O KCX C 210 -19.68 14.01 -17.85
CX KCX C 210 -25.70 17.06 -14.93
OQ1 KCX C 210 -26.05 16.70 -13.79
OQ2 KCX C 210 -26.04 18.17 -15.37
N ILE C 211 -20.34 15.86 -18.94
CA ILE C 211 -19.27 16.69 -18.39
C ILE C 211 -19.85 17.92 -17.72
N THR C 212 -19.18 18.41 -16.68
CA THR C 212 -19.52 19.66 -16.00
C THR C 212 -18.63 20.76 -16.55
N ALA C 213 -19.20 21.62 -17.40
CA ALA C 213 -18.42 22.65 -18.06
C ALA C 213 -18.05 23.80 -17.12
N THR C 214 -18.89 24.06 -16.11
CA THR C 214 -18.62 25.15 -15.16
C THR C 214 -18.85 24.68 -13.73
N GLY C 215 -18.86 25.63 -12.80
CA GLY C 215 -19.22 25.32 -11.43
C GLY C 215 -20.71 25.06 -11.28
N GLY C 216 -21.10 24.66 -10.08
CA GLY C 216 -22.47 24.28 -9.81
C GLY C 216 -23.00 24.90 -8.53
N VAL C 217 -24.26 24.61 -8.26
CA VAL C 217 -24.96 25.15 -7.10
C VAL C 217 -24.86 24.20 -5.90
N LEU C 218 -25.14 22.92 -6.12
CA LEU C 218 -25.27 21.96 -5.03
C LEU C 218 -23.95 21.33 -4.61
N SER C 219 -22.86 21.63 -5.30
CA SER C 219 -21.57 21.08 -4.91
C SER C 219 -21.06 21.76 -3.64
N TYR C 220 -20.18 21.04 -2.94
CA TYR C 220 -19.54 21.59 -1.74
C TYR C 220 -18.26 22.34 -2.09
N ALA C 221 -18.38 23.27 -3.04
CA ALA C 221 -17.26 24.07 -3.51
C ALA C 221 -17.58 25.55 -3.32
N ARG C 222 -16.71 26.41 -3.84
CA ARG C 222 -16.83 27.86 -3.65
C ARG C 222 -17.50 28.55 -4.83
N SER C 223 -17.15 28.18 -6.05
CA SER C 223 -17.65 28.85 -7.24
C SER C 223 -18.96 28.22 -7.71
N GLY C 224 -19.71 28.98 -8.51
CA GLY C 224 -20.95 28.50 -9.06
C GLY C 224 -21.04 28.60 -10.58
N ASP C 225 -20.23 29.47 -11.18
CA ASP C 225 -20.27 29.65 -12.63
C ASP C 225 -18.88 29.88 -13.23
N ALA C 226 -17.84 29.29 -12.64
CA ALA C 226 -16.55 29.59 -13.26
C ALA C 226 -16.21 28.53 -14.31
N PRO C 227 -15.54 28.94 -15.41
CA PRO C 227 -15.17 27.96 -16.44
C PRO C 227 -14.13 26.96 -15.96
N GLN C 228 -14.55 25.70 -15.83
CA GLN C 228 -13.71 24.66 -15.25
C GLN C 228 -13.14 23.69 -16.29
N PHE C 229 -13.31 24.00 -17.58
CA PHE C 229 -12.79 23.18 -18.66
C PHE C 229 -12.14 24.07 -19.70
N THR C 230 -11.09 23.55 -20.32
CA THR C 230 -10.42 24.28 -21.43
C THR C 230 -11.01 23.73 -22.72
N VAL C 231 -10.92 24.49 -23.81
CA VAL C 231 -11.49 24.09 -25.09
C VAL C 231 -10.85 22.80 -25.60
N ASP C 232 -9.54 22.63 -25.38
CA ASP C 232 -8.85 21.44 -25.85
C ASP C 232 -9.38 20.18 -25.19
N GLU C 233 -9.62 20.21 -23.87
CA GLU C 233 -10.13 19.03 -23.17
C GLU C 233 -11.55 18.68 -23.60
N ILE C 234 -12.41 19.69 -23.78
CA ILE C 234 -13.76 19.41 -24.23
C ILE C 234 -13.73 18.84 -25.65
N LYS C 235 -12.87 19.39 -26.51
CA LYS C 235 -12.74 18.86 -27.86
C LYS C 235 -12.25 17.41 -27.86
N ALA C 236 -11.29 17.09 -26.99
CA ALA C 236 -10.84 15.72 -26.86
C ALA C 236 -11.96 14.80 -26.40
N VAL C 237 -12.76 15.25 -25.43
CA VAL C 237 -13.89 14.45 -24.97
C VAL C 237 -14.88 14.20 -26.10
N VAL C 238 -15.19 15.24 -26.86
CA VAL C 238 -16.16 15.09 -27.95
C VAL C 238 -15.63 14.15 -29.02
N ASP C 239 -14.35 14.27 -29.39
CA ASP C 239 -13.78 13.36 -30.38
C ASP C 239 -13.79 11.92 -29.90
N THR C 240 -13.36 11.69 -28.66
CA THR C 240 -13.35 10.32 -28.14
C THR C 240 -14.75 9.74 -28.07
N ALA C 241 -15.74 10.53 -27.63
CA ALA C 241 -17.11 10.05 -27.58
C ALA C 241 -17.65 9.74 -28.98
N ARG C 242 -17.33 10.61 -29.96
CA ARG C 242 -17.73 10.35 -31.33
C ARG C 242 -17.11 9.06 -31.87
N ASP C 243 -15.89 8.74 -31.44
CA ASP C 243 -15.28 7.48 -31.84
C ASP C 243 -16.06 6.26 -31.37
N TYR C 244 -16.83 6.38 -30.28
CA TYR C 244 -17.60 5.27 -29.73
C TYR C 244 -19.10 5.44 -29.95
N GLY C 245 -19.53 6.44 -30.71
CA GLY C 245 -20.94 6.64 -30.95
C GLY C 245 -21.69 7.30 -29.81
N PHE C 246 -20.99 7.91 -28.86
CA PHE C 246 -21.63 8.55 -27.72
C PHE C 246 -22.00 10.00 -28.05
N ARG C 247 -23.02 10.49 -27.37
CA ARG C 247 -23.38 11.90 -27.39
C ARG C 247 -23.01 12.53 -26.05
N VAL C 248 -22.72 13.82 -26.09
CA VAL C 248 -22.18 14.53 -24.93
C VAL C 248 -23.16 15.61 -24.49
N ALA C 249 -23.50 15.61 -23.21
CA ALA C 249 -24.29 16.67 -22.59
C ALA C 249 -23.41 17.40 -21.59
N ALA C 250 -23.56 18.72 -21.51
CA ALA C 250 -22.68 19.51 -20.63
C ALA C 250 -23.47 20.34 -19.61
N HIS C 251 -23.15 20.16 -18.32
CA HIS C 251 -23.75 21.03 -17.28
C HIS C 251 -23.00 22.35 -17.33
N ALA C 252 -23.70 23.48 -17.44
CA ALA C 252 -23.07 24.82 -17.58
C ALA C 252 -23.93 25.97 -17.07
N HIS C 253 -23.36 26.87 -16.25
CA HIS C 253 -24.07 28.06 -15.78
C HIS C 253 -23.48 29.36 -16.33
N GLY C 254 -22.16 29.54 -16.23
CA GLY C 254 -21.56 30.76 -16.70
C GLY C 254 -21.48 30.84 -18.21
N THR C 255 -21.22 32.06 -18.70
CA THR C 255 -21.25 32.30 -20.14
C THR C 255 -20.01 31.75 -20.83
N GLU C 256 -18.83 31.87 -20.20
CA GLU C 256 -17.61 31.44 -20.85
C GLU C 256 -17.55 29.92 -21.03
N GLY C 257 -17.88 29.18 -19.98
CA GLY C 257 -17.93 27.73 -20.11
C GLY C 257 -18.99 27.26 -21.08
N MET C 258 -20.15 27.92 -21.08
CA MET C 258 -21.20 27.61 -22.03
C MET C 258 -20.73 27.81 -23.46
N LYS C 259 -20.06 28.94 -23.73
CA LYS C 259 -19.56 29.21 -25.07
C LYS C 259 -18.48 28.22 -25.48
N ARG C 260 -17.59 27.87 -24.55
CA ARG C 260 -16.56 26.86 -24.85
C ARG C 260 -17.20 25.52 -25.21
N ALA C 261 -18.19 25.08 -24.42
CA ALA C 261 -18.83 23.80 -24.68
C ALA C 261 -19.60 23.83 -26.00
N VAL C 262 -20.28 24.94 -26.30
CA VAL C 262 -21.01 25.03 -27.56
C VAL C 262 -20.05 24.99 -28.75
N GLN C 263 -18.95 25.74 -28.67
CA GLN C 263 -18.01 25.76 -29.78
C GLN C 263 -17.26 24.44 -29.92
N ALA C 264 -17.10 23.70 -28.83
CA ALA C 264 -16.42 22.40 -28.93
C ALA C 264 -17.24 21.38 -29.70
N GLY C 265 -18.56 21.44 -29.58
CA GLY C 265 -19.41 20.55 -30.35
C GLY C 265 -20.25 19.58 -29.55
N VAL C 266 -20.65 19.97 -28.32
CA VAL C 266 -21.54 19.13 -27.53
C VAL C 266 -22.94 19.17 -28.11
N THR C 267 -23.76 18.22 -27.67
CA THR C 267 -25.11 18.05 -28.21
C THR C 267 -26.14 18.92 -27.49
N SER C 268 -26.11 18.94 -26.15
CA SER C 268 -27.10 19.65 -25.38
C SER C 268 -26.43 20.39 -24.23
N ILE C 269 -27.08 21.46 -23.79
CA ILE C 269 -26.62 22.27 -22.65
C ILE C 269 -27.65 22.12 -21.54
N GLU C 270 -27.18 21.74 -20.34
CA GLU C 270 -28.08 21.34 -19.27
C GLU C 270 -28.68 22.53 -18.53
N HIS C 271 -27.97 23.65 -18.43
CA HIS C 271 -28.52 24.87 -17.87
C HIS C 271 -27.96 26.06 -18.64
N GLY C 272 -28.67 27.17 -18.57
CA GLY C 272 -28.27 28.35 -19.31
C GLY C 272 -28.42 29.64 -18.54
N THR C 273 -28.21 29.59 -17.22
CA THR C 273 -28.56 30.69 -16.33
C THR C 273 -28.01 32.04 -16.80
N TYR C 274 -26.79 32.05 -17.32
CA TYR C 274 -26.14 33.27 -17.77
C TYR C 274 -25.91 33.26 -19.28
N MET C 275 -26.89 32.78 -20.04
CA MET C 275 -26.81 32.76 -21.50
C MET C 275 -27.08 34.14 -22.07
N ASP C 276 -26.26 34.56 -23.03
CA ASP C 276 -26.39 35.87 -23.65
C ASP C 276 -26.66 35.71 -25.15
N ASP C 277 -26.60 36.82 -25.89
CA ASP C 277 -26.96 36.80 -27.33
C ASP C 277 -25.92 36.05 -28.19
N GLU C 278 -24.63 36.16 -27.87
CA GLU C 278 -23.58 35.47 -28.65
C GLU C 278 -23.68 33.96 -28.43
N VAL C 279 -24.05 33.51 -27.22
CA VAL C 279 -24.24 32.08 -27.02
C VAL C 279 -25.47 31.59 -27.74
N MET C 280 -26.54 32.40 -27.77
CA MET C 280 -27.73 32.01 -28.51
C MET C 280 -27.44 31.92 -30.01
N ARG C 281 -26.69 32.88 -30.55
CA ARG C 281 -26.31 32.82 -31.95
C ARG C 281 -25.49 31.58 -32.25
N LEU C 282 -24.51 31.28 -31.41
CA LEU C 282 -23.68 30.09 -31.62
C LEU C 282 -24.49 28.82 -31.52
N MET C 283 -25.44 28.76 -30.58
CA MET C 283 -26.30 27.59 -30.45
C MET C 283 -27.17 27.41 -31.69
N LYS C 284 -27.73 28.50 -32.21
CA LYS C 284 -28.56 28.39 -33.41
C LYS C 284 -27.73 27.98 -34.62
N GLN C 285 -26.50 28.50 -34.73
CA GLN C 285 -25.65 28.13 -35.85
C GLN C 285 -25.22 26.67 -35.77
N HIS C 286 -24.81 26.22 -34.59
CA HIS C 286 -24.32 24.85 -34.43
C HIS C 286 -25.47 23.83 -34.40
N GLY C 287 -26.58 24.19 -33.78
CA GLY C 287 -27.69 23.27 -33.60
C GLY C 287 -27.76 22.63 -32.24
N THR C 288 -27.34 23.36 -31.21
CA THR C 288 -27.30 22.81 -29.83
C THR C 288 -28.71 22.78 -29.21
N TRP C 289 -29.05 21.70 -28.50
CA TRP C 289 -30.31 21.60 -27.78
C TRP C 289 -30.17 22.23 -26.39
N TYR C 290 -31.27 22.80 -25.92
CA TYR C 290 -31.31 23.50 -24.63
C TYR C 290 -32.31 22.81 -23.71
N VAL C 291 -31.87 22.49 -22.50
CA VAL C 291 -32.69 21.84 -21.50
C VAL C 291 -32.80 22.78 -20.30
N PRO C 292 -33.94 23.46 -20.13
CA PRO C 292 -34.00 24.52 -19.11
C PRO C 292 -34.03 24.02 -17.68
N THR C 293 -34.80 22.97 -17.38
CA THR C 293 -34.96 22.42 -16.03
C THR C 293 -35.51 23.48 -15.07
N PHE C 294 -36.76 23.86 -15.32
CA PHE C 294 -37.44 24.82 -14.46
C PHE C 294 -37.60 24.28 -13.04
N TYR C 295 -37.92 22.99 -12.92
CA TYR C 295 -38.28 22.42 -11.63
C TYR C 295 -37.15 22.53 -10.62
N ALA C 296 -35.93 22.19 -11.02
CA ALA C 296 -34.79 22.29 -10.12
C ALA C 296 -34.52 23.74 -9.73
N GLY C 297 -34.65 24.66 -10.68
CA GLY C 297 -34.43 26.06 -10.38
C GLY C 297 -35.41 26.59 -9.35
N ARG C 298 -36.68 26.20 -9.46
CA ARG C 298 -37.65 26.59 -8.44
C ARG C 298 -37.38 25.90 -7.10
N PHE C 299 -37.01 24.62 -7.14
CA PHE C 299 -36.80 23.86 -5.92
C PHE C 299 -35.65 24.42 -5.10
N VAL C 300 -34.54 24.78 -5.75
CA VAL C 300 -33.39 25.27 -4.98
C VAL C 300 -33.70 26.60 -4.32
N THR C 301 -34.40 27.49 -5.04
CA THR C 301 -34.78 28.77 -4.44
C THR C 301 -35.75 28.57 -3.28
N GLU C 302 -36.71 27.66 -3.43
CA GLU C 302 -37.65 27.42 -2.34
C GLU C 302 -36.95 26.82 -1.12
N LYS C 303 -36.00 25.91 -1.34
CA LYS C 303 -35.34 25.25 -0.22
C LYS C 303 -34.25 26.11 0.41
N ALA C 304 -33.76 27.12 -0.30
CA ALA C 304 -32.78 28.03 0.30
C ALA C 304 -33.39 28.93 1.35
N ALA C 305 -34.73 29.08 1.37
CA ALA C 305 -35.37 29.90 2.39
C ALA C 305 -35.40 29.20 3.74
N ILE C 306 -35.40 27.88 3.75
CA ILE C 306 -35.39 27.12 5.00
C ILE C 306 -33.97 27.12 5.56
N ASP C 307 -33.83 27.48 6.84
CA ASP C 307 -32.53 27.55 7.48
C ASP C 307 -32.09 26.16 7.91
N GLY C 308 -30.86 25.78 7.52
CA GLY C 308 -30.30 24.49 7.86
C GLY C 308 -30.52 23.41 6.83
N TYR C 309 -31.40 23.62 5.86
CA TYR C 309 -31.60 22.63 4.80
C TYR C 309 -30.34 22.49 3.95
N PHE C 310 -29.69 23.59 3.60
CA PHE C 310 -28.49 23.58 2.80
C PHE C 310 -27.29 24.02 3.63
N PRO C 311 -26.09 23.54 3.30
CA PRO C 311 -24.89 24.05 3.96
C PRO C 311 -24.68 25.52 3.63
N GLU C 312 -24.02 26.24 4.54
CA GLU C 312 -23.78 27.66 4.35
C GLU C 312 -22.91 27.94 3.12
N VAL C 313 -22.13 26.96 2.68
CA VAL C 313 -21.37 27.11 1.44
C VAL C 313 -22.30 27.09 0.24
N VAL C 314 -23.41 26.35 0.34
CA VAL C 314 -24.27 26.10 -0.82
C VAL C 314 -25.41 27.11 -0.89
N ARG C 315 -25.90 27.57 0.26
CA ARG C 315 -27.12 28.38 0.30
C ARG C 315 -27.06 29.64 -0.55
N PRO C 316 -26.02 30.48 -0.47
CA PRO C 316 -25.99 31.67 -1.34
C PRO C 316 -26.01 31.33 -2.82
N LYS C 317 -25.26 30.31 -3.23
CA LYS C 317 -25.22 29.95 -4.64
C LYS C 317 -26.59 29.53 -5.15
N ALA C 318 -27.31 28.72 -4.38
CA ALA C 318 -28.65 28.33 -4.77
C ALA C 318 -29.58 29.53 -4.83
N ALA C 319 -29.62 30.31 -3.75
CA ALA C 319 -30.56 31.44 -3.68
C ALA C 319 -30.29 32.46 -4.77
N ARG C 320 -29.06 32.55 -5.27
CA ARG C 320 -28.76 33.48 -6.35
C ARG C 320 -29.04 32.86 -7.72
N ILE C 321 -28.44 31.72 -8.02
CA ILE C 321 -28.47 31.18 -9.37
C ILE C 321 -29.86 30.66 -9.73
N GLY C 322 -30.54 29.96 -8.81
CA GLY C 322 -31.75 29.25 -9.18
C GLY C 322 -32.89 30.13 -9.65
N ALA C 323 -32.87 31.41 -9.30
CA ALA C 323 -33.99 32.30 -9.60
C ALA C 323 -33.92 32.91 -10.99
N LEU C 324 -32.88 32.62 -11.78
CA LEU C 324 -32.67 33.24 -13.08
C LEU C 324 -32.80 32.25 -14.23
N ILE C 325 -33.69 31.28 -14.11
CA ILE C 325 -33.84 30.23 -15.12
C ILE C 325 -35.05 30.46 -16.02
N SER C 326 -36.17 30.87 -15.42
CA SER C 326 -37.44 31.08 -16.19
C SER C 326 -37.31 32.21 -17.22
N GLN C 327 -36.62 33.30 -16.87
CA GLN C 327 -36.44 34.42 -17.79
C GLN C 327 -35.52 34.04 -18.95
N THR C 328 -34.42 33.35 -18.65
CA THR C 328 -33.50 32.94 -19.71
C THR C 328 -34.16 31.95 -20.67
N ALA C 329 -34.92 31.00 -20.13
CA ALA C 329 -35.60 30.04 -21.00
C ALA C 329 -36.64 30.72 -21.88
N ALA C 330 -37.40 31.67 -21.32
CA ALA C 330 -38.38 32.38 -22.13
C ALA C 330 -37.69 33.20 -23.22
N LYS C 331 -36.60 33.88 -22.89
CA LYS C 331 -35.88 34.68 -23.89
C LYS C 331 -35.29 33.79 -24.97
N ALA C 332 -34.73 32.63 -24.58
CA ALA C 332 -34.18 31.70 -25.57
C ALA C 332 -35.27 31.14 -26.47
N TYR C 333 -36.45 30.85 -25.93
CA TYR C 333 -37.56 30.43 -26.78
C TYR C 333 -37.96 31.52 -27.76
N ARG C 334 -38.04 32.77 -27.28
CA ARG C 334 -38.38 33.87 -28.17
C ARG C 334 -37.31 34.11 -29.23
N ASN C 335 -36.06 33.78 -28.96
CA ASN C 335 -34.99 34.00 -29.93
C ASN C 335 -34.80 32.87 -30.93
N GLY C 336 -35.40 31.71 -30.69
CA GLY C 336 -35.36 30.62 -31.64
C GLY C 336 -34.40 29.49 -31.32
N VAL C 337 -34.10 29.25 -30.05
CA VAL C 337 -33.21 28.17 -29.65
C VAL C 337 -34.03 26.90 -29.43
N ARG C 338 -33.55 25.78 -29.97
CA ARG C 338 -34.25 24.52 -29.82
C ARG C 338 -34.22 24.06 -28.36
N ILE C 339 -35.40 23.75 -27.83
CA ILE C 339 -35.58 23.45 -26.41
C ILE C 339 -36.15 22.05 -26.26
N ALA C 340 -35.56 21.26 -25.38
CA ALA C 340 -36.03 19.92 -25.05
C ALA C 340 -36.55 19.90 -23.62
N PHE C 341 -37.11 18.75 -23.24
CA PHE C 341 -37.78 18.60 -21.95
C PHE C 341 -36.86 17.89 -20.97
N GLY C 342 -36.54 18.58 -19.86
CA GLY C 342 -35.77 17.97 -18.79
C GLY C 342 -36.12 18.63 -17.49
N THR C 343 -36.04 17.86 -16.40
CA THR C 343 -36.50 18.30 -15.10
C THR C 343 -35.44 18.33 -14.02
N ASP C 344 -34.34 17.58 -14.18
CA ASP C 344 -33.30 17.47 -13.15
C ASP C 344 -33.87 16.88 -11.86
N GLN C 345 -34.71 15.86 -11.99
CA GLN C 345 -35.25 15.20 -10.81
C GLN C 345 -34.16 14.45 -10.08
N GLY C 346 -34.39 14.23 -8.78
CA GLY C 346 -33.36 13.93 -7.82
C GLY C 346 -33.07 15.11 -6.91
N VAL C 347 -33.19 16.32 -7.43
CA VAL C 347 -33.38 17.49 -6.59
C VAL C 347 -34.83 17.56 -6.12
N GLY C 348 -35.76 17.56 -7.07
CA GLY C 348 -37.17 17.46 -6.77
C GLY C 348 -37.60 16.02 -6.59
N PRO C 349 -38.80 15.81 -6.05
CA PRO C 349 -39.26 14.44 -5.78
C PRO C 349 -39.61 13.70 -7.06
N HIS C 350 -39.17 12.45 -7.14
CA HIS C 350 -39.47 11.62 -8.29
C HIS C 350 -40.97 11.34 -8.39
N GLY C 351 -41.44 11.17 -9.62
CA GLY C 351 -42.86 10.99 -9.87
C GLY C 351 -43.64 12.28 -10.03
N ASP C 352 -42.97 13.43 -9.98
CA ASP C 352 -43.63 14.74 -10.12
C ASP C 352 -43.08 15.52 -11.31
N ASN C 353 -42.53 14.82 -12.30
CA ASN C 353 -41.90 15.48 -13.45
C ASN C 353 -42.91 16.29 -14.26
N ALA C 354 -44.14 15.81 -14.41
CA ALA C 354 -45.13 16.44 -15.26
C ALA C 354 -45.43 17.88 -14.88
N ARG C 355 -45.17 18.27 -13.63
CA ARG C 355 -45.37 19.66 -13.22
C ARG C 355 -44.55 20.62 -14.05
N GLU C 356 -43.42 20.16 -14.62
CA GLU C 356 -42.64 21.03 -15.50
C GLU C 356 -43.46 21.49 -16.70
N PHE C 357 -44.36 20.64 -17.20
CA PHE C 357 -45.24 21.05 -18.29
C PHE C 357 -46.02 22.31 -17.94
N VAL C 358 -46.35 22.48 -16.65
CA VAL C 358 -47.00 23.72 -16.23
C VAL C 358 -46.02 24.89 -16.31
N TYR C 359 -44.81 24.71 -15.77
CA TYR C 359 -43.86 25.82 -15.66
C TYR C 359 -43.48 26.37 -17.03
N MET C 360 -43.39 25.50 -18.04
CA MET C 360 -43.13 25.98 -19.39
C MET C 360 -44.28 26.83 -19.91
N VAL C 361 -45.52 26.39 -19.68
CA VAL C 361 -46.66 27.09 -20.25
C VAL C 361 -46.80 28.49 -19.66
N GLU C 362 -46.62 28.62 -18.36
CA GLU C 362 -46.65 29.93 -17.73
C GLU C 362 -45.37 30.72 -17.94
N ALA C 363 -44.48 30.25 -18.81
CA ALA C 363 -43.29 30.99 -19.20
C ALA C 363 -43.38 31.52 -20.63
N GLY C 364 -44.54 31.40 -21.27
CA GLY C 364 -44.73 31.85 -22.63
C GLY C 364 -44.67 30.75 -23.68
N ILE C 365 -44.26 29.55 -23.31
CA ILE C 365 -44.14 28.47 -24.28
C ILE C 365 -45.51 27.82 -24.48
N PRO C 366 -45.99 27.69 -25.72
CA PRO C 366 -47.30 27.08 -25.95
C PRO C 366 -47.34 25.63 -25.52
N ALA C 367 -48.53 25.18 -25.13
CA ALA C 367 -48.69 23.81 -24.63
C ALA C 367 -48.39 22.78 -25.70
N ALA C 368 -48.73 23.05 -26.95
CA ALA C 368 -48.44 22.11 -28.03
C ALA C 368 -46.94 21.90 -28.18
N TYR C 369 -46.16 22.98 -28.15
CA TYR C 369 -44.71 22.84 -28.22
C TYR C 369 -44.16 22.15 -26.99
N ALA C 370 -44.74 22.41 -25.81
CA ALA C 370 -44.29 21.75 -24.60
C ALA C 370 -44.49 20.24 -24.67
N LEU C 371 -45.64 19.81 -25.22
CA LEU C 371 -45.88 18.39 -25.40
C LEU C 371 -45.00 17.81 -26.50
N GLN C 372 -44.71 18.59 -27.54
CA GLN C 372 -43.83 18.11 -28.61
C GLN C 372 -42.40 17.89 -28.10
N ALA C 373 -41.93 18.77 -27.21
CA ALA C 373 -40.54 18.71 -26.77
C ALA C 373 -40.22 17.46 -25.98
N ALA C 374 -41.23 16.80 -25.39
CA ALA C 374 -41.01 15.60 -24.61
C ALA C 374 -41.23 14.32 -25.40
N THR C 375 -41.71 14.41 -26.65
CA THR C 375 -41.99 13.21 -27.44
C THR C 375 -41.12 13.11 -28.68
N VAL C 376 -41.14 14.12 -29.56
CA VAL C 376 -40.49 13.99 -30.86
C VAL C 376 -39.13 14.67 -30.83
N HIS C 377 -38.96 15.65 -29.95
CA HIS C 377 -37.66 16.30 -29.82
C HIS C 377 -36.74 15.54 -28.88
N ALA C 378 -37.31 14.85 -27.89
CA ALA C 378 -36.49 14.05 -26.98
C ALA C 378 -35.82 12.88 -27.69
N ALA C 379 -36.50 12.30 -28.68
CA ALA C 379 -35.88 11.25 -29.48
C ALA C 379 -34.76 11.80 -30.35
N GLN C 380 -34.92 13.03 -30.86
CA GLN C 380 -33.84 13.67 -31.61
C GLN C 380 -32.63 13.93 -30.72
N VAL C 381 -32.87 14.38 -29.49
CA VAL C 381 -31.77 14.57 -28.54
C VAL C 381 -31.11 13.22 -28.23
N LEU C 382 -31.91 12.17 -28.05
CA LEU C 382 -31.37 10.86 -27.72
C LEU C 382 -30.70 10.19 -28.92
N GLY C 383 -31.03 10.62 -30.14
CA GLY C 383 -30.42 10.04 -31.32
C GLY C 383 -31.02 8.72 -31.76
N VAL C 384 -32.29 8.48 -31.45
CA VAL C 384 -32.97 7.25 -31.83
C VAL C 384 -34.14 7.61 -32.75
N ASP C 385 -34.75 6.56 -33.33
CA ASP C 385 -35.84 6.74 -34.27
C ASP C 385 -37.02 5.81 -34.03
N ASP C 386 -36.92 4.86 -33.12
CA ASP C 386 -37.97 3.86 -32.90
C ASP C 386 -39.00 4.30 -31.87
N GLN C 387 -39.00 5.57 -31.48
CA GLN C 387 -39.94 6.04 -30.46
C GLN C 387 -40.19 7.52 -30.66
N GLY C 388 -41.28 8.00 -30.06
CA GLY C 388 -41.61 9.41 -30.10
C GLY C 388 -42.92 9.73 -30.78
N VAL C 389 -43.25 8.98 -31.84
CA VAL C 389 -44.46 9.20 -32.62
C VAL C 389 -45.25 7.90 -32.66
N LEU C 390 -46.58 8.00 -32.58
CA LEU C 390 -47.46 6.85 -32.70
C LEU C 390 -47.62 6.52 -34.19
N GLU C 391 -46.64 5.83 -34.72
CA GLU C 391 -46.57 5.48 -36.14
C GLU C 391 -46.25 4.01 -36.29
N PRO C 392 -46.64 3.40 -37.42
CA PRO C 392 -46.33 1.98 -37.63
C PRO C 392 -44.83 1.73 -37.62
N GLY C 393 -44.44 0.59 -37.04
CA GLY C 393 -43.05 0.20 -36.95
C GLY C 393 -42.29 0.79 -35.78
N LYS C 394 -42.94 1.58 -34.93
CA LYS C 394 -42.29 2.19 -33.77
C LYS C 394 -42.79 1.53 -32.50
N ARG C 395 -42.04 1.78 -31.41
CA ARG C 395 -42.36 1.15 -30.13
C ARG C 395 -43.73 1.59 -29.64
N ALA C 396 -44.45 0.65 -29.00
CA ALA C 396 -45.81 0.91 -28.51
C ALA C 396 -45.74 1.36 -27.06
N ASP C 397 -45.41 2.64 -26.87
CA ASP C 397 -45.42 3.28 -25.56
C ASP C 397 -46.51 4.35 -25.60
N VAL C 398 -47.67 4.05 -25.01
CA VAL C 398 -48.85 4.88 -25.11
C VAL C 398 -49.31 5.27 -23.71
N ILE C 399 -49.73 6.53 -23.56
CA ILE C 399 -50.30 7.00 -22.30
C ILE C 399 -51.61 7.71 -22.62
N ALA C 400 -52.46 7.81 -21.59
CA ALA C 400 -53.77 8.41 -21.75
C ALA C 400 -54.03 9.42 -20.64
N LEU C 401 -54.74 10.48 -21.00
CA LEU C 401 -55.11 11.55 -20.08
C LEU C 401 -56.63 11.69 -20.04
N ALA C 402 -57.13 12.03 -18.85
CA ALA C 402 -58.58 12.19 -18.69
C ALA C 402 -59.09 13.43 -19.42
N GLY C 403 -58.37 14.56 -19.30
CA GLY C 403 -58.75 15.79 -19.93
C GLY C 403 -57.80 16.15 -21.07
N ASN C 404 -58.28 17.04 -21.93
CA ASN C 404 -57.48 17.49 -23.06
C ASN C 404 -56.40 18.44 -22.56
N PRO C 405 -55.11 18.13 -22.77
CA PRO C 405 -54.05 18.99 -22.21
C PRO C 405 -53.81 20.28 -22.98
N LEU C 406 -54.34 20.41 -24.20
CA LEU C 406 -54.09 21.63 -24.97
C LEU C 406 -54.87 22.81 -24.40
N GLU C 407 -56.15 22.61 -24.07
CA GLU C 407 -56.95 23.68 -23.50
C GLU C 407 -56.69 23.89 -22.02
N ASP C 408 -56.06 22.93 -21.35
CA ASP C 408 -55.74 23.06 -19.93
C ASP C 408 -54.52 22.18 -19.66
N ILE C 409 -53.38 22.81 -19.35
CA ILE C 409 -52.15 22.06 -19.14
C ILE C 409 -52.17 21.20 -17.88
N ASN C 410 -52.94 21.59 -16.86
CA ASN C 410 -52.99 20.85 -15.62
C ASN C 410 -53.45 19.41 -15.81
N ALA C 411 -54.14 19.12 -16.92
CA ALA C 411 -54.56 17.76 -17.21
C ALA C 411 -53.40 16.80 -17.38
N VAL C 412 -52.18 17.31 -17.57
CA VAL C 412 -51.02 16.41 -17.61
C VAL C 412 -50.71 15.79 -16.27
N LEU C 413 -51.38 16.23 -15.19
CA LEU C 413 -51.10 15.73 -13.85
C LEU C 413 -51.96 14.54 -13.46
N ASP C 414 -52.81 14.04 -14.36
CA ASP C 414 -53.69 12.91 -14.08
C ASP C 414 -53.61 11.92 -15.24
N VAL C 415 -52.71 10.96 -15.13
CA VAL C 415 -52.53 9.92 -16.15
C VAL C 415 -53.35 8.70 -15.75
N ARG C 416 -54.14 8.17 -16.69
CA ARG C 416 -55.05 7.08 -16.40
C ARG C 416 -54.67 5.76 -17.08
N PHE C 417 -53.75 5.78 -18.05
CA PHE C 417 -53.37 4.58 -18.77
C PHE C 417 -51.93 4.70 -19.20
N VAL C 418 -51.13 3.69 -18.86
CA VAL C 418 -49.70 3.63 -19.19
C VAL C 418 -49.40 2.25 -19.76
N MET C 419 -48.87 2.22 -20.99
CA MET C 419 -48.45 1.01 -21.67
C MET C 419 -47.06 1.24 -22.24
N LYS C 420 -46.16 0.27 -22.02
CA LYS C 420 -44.78 0.38 -22.48
C LYS C 420 -44.40 -0.89 -23.21
N ASP C 421 -43.97 -0.74 -24.46
CA ASP C 421 -43.49 -1.85 -25.29
C ASP C 421 -44.54 -2.94 -25.46
N GLY C 422 -45.82 -2.55 -25.50
CA GLY C 422 -46.90 -3.49 -25.65
C GLY C 422 -47.44 -4.09 -24.38
N VAL C 423 -46.79 -3.83 -23.24
CA VAL C 423 -47.22 -4.35 -21.95
C VAL C 423 -47.89 -3.22 -21.19
N ILE C 424 -49.12 -3.44 -20.75
CA ILE C 424 -49.88 -2.44 -20.01
C ILE C 424 -49.45 -2.49 -18.55
N TYR C 425 -49.00 -1.35 -18.03
CA TYR C 425 -48.60 -1.23 -16.63
C TYR C 425 -49.62 -0.51 -15.78
N LYS C 426 -50.42 0.39 -16.35
CA LYS C 426 -51.51 1.00 -15.64
C LYS C 426 -52.73 1.08 -16.54
N GLN C 427 -53.87 0.61 -16.03
CA GLN C 427 -55.11 0.62 -16.81
C GLN C 427 -56.08 1.65 -16.26
N PRO D 22 25.41 -35.75 -41.37
CA PRO D 22 25.51 -36.02 -42.81
C PRO D 22 24.50 -37.06 -43.27
N VAL D 23 23.24 -36.68 -43.35
CA VAL D 23 22.16 -37.59 -43.74
C VAL D 23 21.72 -37.26 -45.17
N ALA D 24 21.31 -38.29 -45.90
CA ALA D 24 20.83 -38.14 -47.27
C ALA D 24 19.36 -38.53 -47.29
N VAL D 25 18.49 -37.57 -47.54
CA VAL D 25 17.05 -37.82 -47.65
C VAL D 25 16.69 -37.93 -49.11
N GLN D 26 16.23 -39.13 -49.48
CA GLN D 26 15.80 -39.38 -50.88
C GLN D 26 14.30 -39.15 -50.96
N CYS D 27 13.87 -38.24 -51.84
CA CYS D 27 12.46 -37.87 -51.98
C CYS D 27 11.96 -38.24 -53.37
N GLY D 28 10.81 -38.91 -53.42
CA GLY D 28 10.20 -39.29 -54.67
C GLY D 28 9.68 -38.11 -55.47
N ARG D 29 9.10 -37.13 -54.79
CA ARG D 29 8.54 -35.94 -55.42
C ARG D 29 8.83 -34.73 -54.54
N LEU D 30 9.45 -33.71 -55.13
CA LEU D 30 9.85 -32.51 -54.40
C LEU D 30 8.99 -31.33 -54.83
N PHE D 31 8.49 -30.58 -53.86
CA PHE D 31 7.71 -29.38 -54.13
C PHE D 31 8.61 -28.15 -54.07
N ASP D 32 8.55 -27.32 -55.11
CA ASP D 32 9.36 -26.12 -55.21
C ASP D 32 8.52 -24.95 -54.71
N ALA D 33 8.71 -24.59 -53.43
CA ALA D 33 7.94 -23.51 -52.82
C ALA D 33 8.21 -22.16 -53.48
N ARG D 34 9.37 -21.99 -54.11
CA ARG D 34 9.64 -20.73 -54.80
C ARG D 34 8.87 -20.64 -56.12
N SER D 35 8.63 -21.77 -56.76
CA SER D 35 7.92 -21.79 -58.04
C SER D 35 6.50 -22.33 -57.95
N GLY D 36 6.19 -23.15 -56.96
CA GLY D 36 4.86 -23.71 -56.82
C GLY D 36 4.60 -24.94 -57.66
N GLN D 37 5.63 -25.54 -58.25
CA GLN D 37 5.48 -26.70 -59.12
C GLN D 37 6.09 -27.94 -58.47
N LEU D 38 5.41 -29.07 -58.63
CA LEU D 38 5.88 -30.34 -58.09
C LEU D 38 6.95 -30.92 -59.02
N LYS D 39 8.15 -31.14 -58.49
CA LYS D 39 9.26 -31.61 -59.29
C LYS D 39 9.40 -33.13 -59.19
N GLY D 40 10.48 -33.65 -59.76
CA GLY D 40 10.75 -35.07 -59.75
C GLY D 40 11.55 -35.49 -58.54
N PRO D 41 12.02 -36.74 -58.54
CA PRO D 41 12.80 -37.25 -57.41
C PRO D 41 14.07 -36.44 -57.19
N HIS D 42 14.45 -36.29 -55.92
CA HIS D 42 15.62 -35.51 -55.55
C HIS D 42 16.28 -36.14 -54.34
N THR D 43 17.48 -35.63 -54.01
CA THR D 43 18.21 -36.05 -52.83
C THR D 43 18.70 -34.81 -52.10
N LEU D 44 18.41 -34.73 -50.81
CA LEU D 44 18.82 -33.61 -49.96
C LEU D 44 19.94 -34.08 -49.04
N LEU D 45 21.04 -33.33 -49.02
CA LEU D 45 22.15 -33.61 -48.13
C LEU D 45 22.08 -32.65 -46.94
N VAL D 46 21.95 -33.20 -45.74
CA VAL D 46 21.78 -32.41 -44.53
C VAL D 46 22.99 -32.63 -43.63
N ALA D 47 23.59 -31.53 -43.18
CA ALA D 47 24.75 -31.59 -42.30
C ALA D 47 24.76 -30.34 -41.42
N ASP D 48 24.93 -30.54 -40.11
CA ASP D 48 25.00 -29.46 -39.14
C ASP D 48 23.71 -28.65 -39.08
N GLY D 49 22.56 -29.31 -39.30
CA GLY D 49 21.28 -28.65 -39.20
C GLY D 49 20.89 -27.78 -40.36
N ARG D 50 21.58 -27.90 -41.49
CA ARG D 50 21.28 -27.12 -42.68
C ARG D 50 21.25 -28.04 -43.89
N ILE D 51 20.68 -27.53 -44.98
CA ILE D 51 20.64 -28.25 -46.24
C ILE D 51 21.91 -27.93 -47.01
N ARG D 52 22.70 -28.96 -47.32
CA ARG D 52 23.98 -28.76 -47.98
C ARG D 52 23.84 -28.68 -49.50
N GLN D 53 23.08 -29.60 -50.09
CA GLN D 53 22.87 -29.58 -51.53
C GLN D 53 21.65 -30.42 -51.88
N VAL D 54 21.05 -30.07 -53.02
CA VAL D 54 19.93 -30.81 -53.59
C VAL D 54 20.38 -31.35 -54.94
N LEU D 55 20.33 -32.66 -55.11
CA LEU D 55 20.80 -33.32 -56.32
C LEU D 55 19.64 -34.01 -57.01
N PRO D 56 19.35 -33.69 -58.28
CA PRO D 56 18.32 -34.43 -59.01
C PRO D 56 18.60 -35.93 -59.02
N GLY D 57 17.54 -36.72 -58.88
CA GLY D 57 17.66 -38.16 -58.87
C GLY D 57 17.80 -38.74 -57.49
N ALA D 65 27.20 -42.15 -45.35
CA ALA D 65 26.07 -41.30 -44.98
C ALA D 65 24.78 -42.11 -44.88
N ARG D 66 24.08 -41.95 -43.75
CA ARG D 66 22.81 -42.64 -43.56
C ARG D 66 21.78 -42.13 -44.56
N VAL D 67 20.82 -42.99 -44.89
CA VAL D 67 19.84 -42.74 -45.94
C VAL D 67 18.44 -42.82 -45.34
N VAL D 68 17.63 -41.80 -45.61
CA VAL D 68 16.21 -41.79 -45.25
C VAL D 68 15.42 -41.80 -46.55
N ASP D 69 14.71 -42.92 -46.78
CA ASP D 69 14.01 -43.10 -48.07
C ASP D 69 12.53 -42.74 -47.99
N LEU D 70 12.09 -41.77 -48.78
CA LEU D 70 10.65 -41.43 -48.85
C LEU D 70 10.28 -41.58 -50.32
N GLY D 71 10.66 -42.71 -50.92
CA GLY D 71 10.43 -42.91 -52.38
C GLY D 71 8.99 -42.67 -52.78
N ASP D 72 8.03 -43.19 -52.03
CA ASP D 72 6.61 -43.04 -52.40
C ASP D 72 6.01 -41.87 -51.64
N LYS D 73 6.74 -40.77 -51.49
CA LYS D 73 6.25 -39.64 -50.65
C LYS D 73 6.45 -38.29 -51.34
N VAL D 74 5.62 -37.27 -50.92
CA VAL D 74 5.84 -35.89 -51.44
C VAL D 74 6.56 -35.09 -50.37
N CYS D 75 7.74 -34.54 -50.67
CA CYS D 75 8.54 -33.78 -49.72
C CYS D 75 8.25 -32.29 -49.87
N LEU D 76 8.08 -31.62 -48.74
CA LEU D 76 7.76 -30.20 -48.71
C LEU D 76 8.55 -29.54 -47.59
N PRO D 77 8.79 -28.23 -47.69
CA PRO D 77 9.35 -27.50 -46.55
C PRO D 77 8.37 -27.48 -45.38
N GLY D 78 8.92 -27.34 -44.18
CA GLY D 78 8.07 -27.29 -43.01
C GLY D 78 7.14 -26.09 -43.05
N TRP D 79 5.93 -26.28 -42.55
CA TRP D 79 4.90 -25.25 -42.60
C TRP D 79 5.07 -24.27 -41.46
N THR D 80 4.55 -23.06 -41.66
CA THR D 80 4.58 -22.00 -40.65
C THR D 80 3.16 -21.50 -40.43
N ASP D 81 2.76 -21.40 -39.16
CA ASP D 81 1.47 -20.86 -38.78
C ASP D 81 1.70 -19.49 -38.14
N LEU D 82 1.11 -18.45 -38.74
CA LEU D 82 1.38 -17.08 -38.35
C LEU D 82 0.38 -16.52 -37.36
N HIS D 83 -0.52 -17.35 -36.82
CA HIS D 83 -1.46 -16.88 -35.81
C HIS D 83 -1.87 -18.09 -34.96
N VAL D 84 -1.26 -18.24 -33.79
CA VAL D 84 -1.60 -19.30 -32.84
C VAL D 84 -1.57 -18.72 -31.43
N HIS D 85 -2.20 -19.44 -30.51
CA HIS D 85 -2.16 -19.13 -29.08
C HIS D 85 -1.90 -20.45 -28.36
N LEU D 86 -0.62 -20.79 -28.18
CA LEU D 86 -0.24 -22.09 -27.66
C LEU D 86 -0.45 -22.21 -26.15
N GLY D 87 -0.78 -21.12 -25.46
CA GLY D 87 -0.97 -21.18 -24.02
C GLY D 87 -2.41 -21.24 -23.59
N SER D 88 -3.31 -21.55 -24.52
CA SER D 88 -4.74 -21.65 -24.20
C SER D 88 -5.43 -22.49 -25.26
N GLN D 89 -6.64 -22.91 -24.93
CA GLN D 89 -7.51 -23.61 -25.87
C GLN D 89 -8.95 -23.42 -25.42
N SER D 90 -9.83 -23.11 -26.37
CA SER D 90 -11.21 -22.79 -26.04
C SER D 90 -11.94 -24.02 -25.50
N SER D 91 -12.78 -23.79 -24.50
CA SER D 91 -13.55 -24.86 -23.86
C SER D 91 -14.72 -24.21 -23.14
N PRO D 92 -15.73 -25.01 -22.75
CA PRO D 92 -16.85 -24.44 -22.00
C PRO D 92 -16.45 -23.78 -20.70
N GLN D 93 -15.35 -24.20 -20.07
CA GLN D 93 -14.89 -23.64 -18.81
C GLN D 93 -13.81 -22.58 -19.00
N SER D 94 -13.64 -22.09 -20.22
CA SER D 94 -12.52 -21.16 -20.53
C SER D 94 -12.67 -19.81 -19.82
N TYR D 95 -13.88 -19.29 -19.73
CA TYR D 95 -14.08 -17.95 -19.20
C TYR D 95 -13.98 -17.88 -17.68
N SER D 96 -13.90 -19.02 -16.99
CA SER D 96 -13.73 -19.02 -15.54
C SER D 96 -12.30 -19.34 -15.12
N GLU D 97 -11.44 -19.74 -16.05
CA GLU D 97 -10.06 -20.09 -15.72
C GLU D 97 -9.22 -18.88 -15.33
N ASP D 98 -9.70 -17.66 -15.59
CA ASP D 98 -8.96 -16.47 -15.23
C ASP D 98 -8.81 -16.30 -13.72
N PHE D 99 -9.71 -16.90 -12.94
CA PHE D 99 -9.72 -16.72 -11.49
C PHE D 99 -9.47 -18.02 -10.72
N ARG D 100 -9.26 -19.14 -11.40
CA ARG D 100 -9.08 -20.42 -10.75
C ARG D 100 -7.76 -21.11 -11.07
N LEU D 101 -7.15 -20.84 -12.22
CA LEU D 101 -5.92 -21.49 -12.64
C LEU D 101 -4.73 -20.56 -12.49
N ASP D 102 -3.54 -21.14 -12.59
CA ASP D 102 -2.28 -20.42 -12.50
C ASP D 102 -1.49 -20.62 -13.78
N PRO D 103 -0.44 -19.84 -14.04
CA PRO D 103 0.37 -20.06 -15.25
C PRO D 103 0.98 -21.44 -15.33
N VAL D 104 1.21 -22.11 -14.20
CA VAL D 104 1.84 -23.42 -14.20
C VAL D 104 0.96 -24.44 -14.91
N ASP D 105 -0.35 -24.41 -14.66
CA ASP D 105 -1.26 -25.32 -15.33
C ASP D 105 -1.29 -25.07 -16.83
N HIS D 106 -1.29 -23.79 -17.22
CA HIS D 106 -1.24 -23.46 -18.65
C HIS D 106 0.04 -23.94 -19.29
N ALA D 107 1.17 -23.86 -18.58
CA ALA D 107 2.42 -24.40 -19.10
C ALA D 107 2.34 -25.92 -19.27
N PHE D 108 1.76 -26.61 -18.29
CA PHE D 108 1.64 -28.07 -18.39
C PHE D 108 0.73 -28.48 -19.55
N ARG D 109 -0.28 -27.67 -19.87
CA ARG D 109 -1.09 -27.94 -21.04
C ARG D 109 -0.36 -27.59 -22.35
N ALA D 110 0.40 -26.49 -22.35
CA ALA D 110 1.17 -26.12 -23.52
C ALA D 110 2.23 -27.13 -23.86
N VAL D 111 2.70 -27.91 -22.87
CA VAL D 111 3.65 -28.97 -23.15
C VAL D 111 3.08 -29.93 -24.19
N GLY D 112 1.82 -30.35 -24.03
CA GLY D 112 1.19 -31.21 -25.02
C GLY D 112 0.73 -30.47 -26.25
N TYR D 113 0.30 -29.21 -26.08
CA TYR D 113 -0.12 -28.42 -27.25
C TYR D 113 0.99 -28.27 -28.26
N ALA D 114 2.21 -27.97 -27.78
CA ALA D 114 3.34 -27.76 -28.69
C ALA D 114 3.70 -29.04 -29.44
N GLU D 115 3.68 -30.19 -28.76
CA GLU D 115 3.95 -31.45 -29.44
C GLU D 115 2.88 -31.79 -30.47
N LYS D 116 1.61 -31.57 -30.14
CA LYS D 116 0.54 -31.79 -31.12
C LYS D 116 0.69 -30.87 -32.32
N THR D 117 1.16 -29.64 -32.11
CA THR D 117 1.38 -28.73 -33.23
C THR D 117 2.56 -29.17 -34.08
N LEU D 118 3.66 -29.59 -33.44
CA LEU D 118 4.84 -30.01 -34.18
C LEU D 118 4.58 -31.26 -35.00
N MET D 119 3.85 -32.23 -34.43
CA MET D 119 3.60 -33.48 -35.15
C MET D 119 2.68 -33.30 -36.34
N ALA D 120 1.96 -32.19 -36.43
CA ALA D 120 1.04 -31.95 -37.55
C ALA D 120 1.76 -31.44 -38.79
N GLY D 121 3.05 -31.14 -38.71
CA GLY D 121 3.80 -30.66 -39.84
C GLY D 121 4.24 -29.22 -39.75
N PHE D 122 3.94 -28.52 -38.66
CA PHE D 122 4.24 -27.10 -38.52
C PHE D 122 5.49 -26.97 -37.66
N THR D 123 6.62 -26.69 -38.30
CA THR D 123 7.91 -26.55 -37.63
C THR D 123 8.17 -25.14 -37.13
N SER D 124 7.28 -24.20 -37.43
CA SER D 124 7.42 -22.81 -36.97
C SER D 124 6.05 -22.22 -36.73
N VAL D 125 5.94 -21.40 -35.69
CA VAL D 125 4.71 -20.70 -35.35
C VAL D 125 5.02 -19.27 -34.93
N ARG D 126 4.04 -18.39 -35.13
CA ARG D 126 4.07 -17.03 -34.61
C ARG D 126 2.97 -16.91 -33.58
N ASP D 127 3.35 -16.78 -32.31
CA ASP D 127 2.38 -16.63 -31.24
C ASP D 127 2.05 -15.15 -31.06
N LEU D 128 0.76 -14.82 -31.07
CA LEU D 128 0.28 -13.45 -31.11
C LEU D 128 -0.47 -13.09 -29.83
N GLY D 129 0.06 -13.49 -28.68
CA GLY D 129 -0.56 -13.15 -27.41
C GLY D 129 -0.42 -14.23 -26.36
N GLY D 130 0.00 -13.85 -25.16
CA GLY D 130 0.21 -14.79 -24.08
C GLY D 130 1.55 -14.59 -23.39
N GLU D 131 1.57 -14.71 -22.06
CA GLU D 131 2.78 -14.51 -21.28
C GLU D 131 3.46 -15.83 -20.90
N VAL D 132 2.99 -16.95 -21.43
CA VAL D 132 3.63 -18.25 -21.21
C VAL D 132 4.48 -18.66 -22.41
N SER D 133 4.25 -18.07 -23.58
CA SER D 133 4.90 -18.48 -24.83
C SER D 133 6.39 -18.17 -24.88
N PRO D 134 6.86 -17.02 -24.39
CA PRO D 134 8.33 -16.83 -24.31
C PRO D 134 9.04 -17.88 -23.49
N HIS D 135 8.46 -18.29 -22.36
CA HIS D 135 9.07 -19.33 -21.54
C HIS D 135 9.07 -20.68 -22.24
N LEU D 136 7.98 -21.02 -22.93
CA LEU D 136 7.95 -22.25 -23.71
C LEU D 136 8.96 -22.21 -24.85
N ARG D 137 9.14 -21.05 -25.48
CA ARG D 137 10.15 -20.92 -26.53
C ARG D 137 11.54 -21.14 -25.96
N ASP D 138 11.84 -20.56 -24.80
CA ASP D 138 13.14 -20.79 -24.18
C ASP D 138 13.34 -22.25 -23.81
N ALA D 139 12.30 -22.90 -23.29
CA ALA D 139 12.41 -24.32 -22.94
C ALA D 139 12.65 -25.18 -24.17
N ILE D 140 11.97 -24.87 -25.28
CA ILE D 140 12.17 -25.64 -26.51
C ILE D 140 13.56 -25.40 -27.07
N ASN D 141 14.05 -24.17 -26.98
CA ASN D 141 15.41 -23.88 -27.46
C ASN D 141 16.45 -24.58 -26.61
N GLN D 142 16.22 -24.70 -25.29
CA GLN D 142 17.15 -25.42 -24.43
C GLN D 142 17.01 -26.93 -24.54
N GLY D 143 16.00 -27.43 -25.23
CA GLY D 143 15.84 -28.85 -25.44
C GLY D 143 15.11 -29.61 -24.35
N LEU D 144 14.42 -28.91 -23.46
CA LEU D 144 13.70 -29.60 -22.39
C LEU D 144 12.42 -30.26 -22.89
N VAL D 145 11.73 -29.62 -23.84
CA VAL D 145 10.49 -30.13 -24.38
C VAL D 145 10.53 -30.04 -25.90
N ARG D 146 9.65 -30.79 -26.54
CA ARG D 146 9.57 -30.85 -28.00
C ARG D 146 8.48 -29.91 -28.51
N GLY D 147 8.78 -29.21 -29.59
CA GLY D 147 7.84 -28.30 -30.20
C GLY D 147 8.41 -27.57 -31.38
N PRO D 148 7.63 -26.66 -31.96
CA PRO D 148 8.11 -25.90 -33.12
C PRO D 148 8.96 -24.70 -32.74
N ARG D 149 9.35 -23.92 -33.74
CA ARG D 149 10.14 -22.70 -33.53
C ARG D 149 9.17 -21.54 -33.32
N ILE D 150 9.21 -20.94 -32.14
CA ILE D 150 8.21 -19.97 -31.71
C ILE D 150 8.75 -18.56 -31.89
N PHE D 151 7.97 -17.70 -32.55
CA PHE D 151 8.21 -16.26 -32.59
C PHE D 151 7.11 -15.62 -31.76
N ALA D 152 7.45 -15.15 -30.57
CA ALA D 152 6.47 -14.77 -29.56
C ALA D 152 6.32 -13.26 -29.49
N ALA D 153 5.07 -12.79 -29.54
CA ALA D 153 4.76 -11.37 -29.43
C ALA D 153 4.58 -10.91 -27.99
N GLY D 154 4.53 -11.83 -27.03
CA GLY D 154 4.32 -11.44 -25.65
C GLY D 154 2.90 -10.99 -25.40
N LYS D 155 2.74 -10.10 -24.41
CA LYS D 155 1.42 -9.59 -24.08
C LYS D 155 1.01 -8.53 -25.10
N SER D 156 -0.22 -8.63 -25.58
CA SER D 156 -0.72 -7.72 -26.60
C SER D 156 -0.96 -6.32 -26.01
N ILE D 157 -0.87 -5.32 -26.87
CA ILE D 157 -1.06 -3.92 -26.48
C ILE D 157 -2.46 -3.48 -26.90
N ALA D 158 -3.18 -2.84 -25.97
CA ALA D 158 -4.52 -2.35 -26.25
C ALA D 158 -4.70 -1.02 -25.53
N THR D 159 -5.94 -0.53 -25.52
CA THR D 159 -6.34 0.69 -24.83
C THR D 159 -7.28 0.34 -23.68
N THR D 160 -7.79 1.36 -23.02
CA THR D 160 -8.69 1.15 -21.89
C THR D 160 -10.04 0.64 -22.40
N GLY D 161 -10.46 -0.52 -21.87
CA GLY D 161 -11.67 -1.15 -22.36
C GLY D 161 -11.50 -1.84 -23.69
N GLY D 162 -10.27 -2.10 -24.11
CA GLY D 162 -10.00 -2.68 -25.40
C GLY D 162 -10.21 -4.18 -25.45
N HIS D 163 -9.93 -4.73 -26.63
CA HIS D 163 -10.07 -6.18 -26.83
C HIS D 163 -9.09 -6.97 -26.00
N ALA D 164 -7.89 -6.43 -25.78
CA ALA D 164 -6.85 -7.11 -25.00
C ALA D 164 -6.69 -6.52 -23.60
N ASP D 165 -7.69 -5.78 -23.12
CA ASP D 165 -7.65 -5.28 -21.75
C ASP D 165 -7.85 -6.44 -20.79
N PRO D 166 -6.93 -6.65 -19.84
CA PRO D 166 -7.01 -7.85 -18.99
C PRO D 166 -8.11 -7.80 -17.93
N THR D 167 -8.77 -6.66 -17.74
CA THR D 167 -9.74 -6.50 -16.66
C THR D 167 -11.13 -6.17 -17.18
N ASN D 168 -11.47 -6.62 -18.39
CA ASN D 168 -12.82 -6.48 -18.90
C ASN D 168 -13.73 -7.50 -18.25
N GLY D 169 -14.87 -7.02 -17.73
CA GLY D 169 -15.84 -7.89 -17.10
C GLY D 169 -15.66 -8.11 -15.62
N TRP D 170 -14.56 -7.63 -15.03
CA TRP D 170 -14.36 -7.77 -13.60
C TRP D 170 -15.26 -6.79 -12.85
N ASN D 171 -15.70 -7.21 -11.66
CA ASN D 171 -16.52 -6.33 -10.84
C ASN D 171 -15.64 -5.27 -10.18
N GLU D 172 -16.30 -4.33 -9.48
CA GLU D 172 -15.59 -3.16 -8.98
C GLU D 172 -14.64 -3.51 -7.83
N ARG D 173 -14.97 -4.54 -7.04
CA ARG D 173 -14.09 -4.93 -5.94
C ARG D 173 -12.74 -5.43 -6.46
N LEU D 174 -12.77 -6.38 -7.40
CA LEU D 174 -11.53 -6.89 -7.98
C LEU D 174 -10.81 -5.81 -8.78
N ALA D 175 -11.55 -4.99 -9.52
CA ALA D 175 -10.94 -3.93 -10.30
C ALA D 175 -10.24 -2.90 -9.42
N HIS D 176 -10.79 -2.62 -8.24
CA HIS D 176 -10.12 -1.72 -7.31
C HIS D 176 -8.93 -2.39 -6.66
N LEU D 177 -9.05 -3.68 -6.31
CA LEU D 177 -7.94 -4.38 -5.70
C LEU D 177 -6.80 -4.64 -6.68
N VAL D 178 -7.02 -4.52 -7.98
CA VAL D 178 -5.98 -4.70 -8.98
C VAL D 178 -5.54 -3.40 -9.63
N GLY D 179 -6.29 -2.31 -9.46
CA GLY D 179 -5.92 -1.04 -10.03
C GLY D 179 -6.23 -0.97 -11.52
N ALA D 180 -5.91 0.18 -12.10
CA ALA D 180 -6.10 0.41 -13.52
C ALA D 180 -4.83 0.03 -14.28
N PRO D 181 -4.93 -0.87 -15.27
CA PRO D 181 -3.72 -1.27 -16.01
C PRO D 181 -3.10 -0.10 -16.75
N GLY D 182 -1.78 -0.14 -16.87
CA GLY D 182 -1.04 0.89 -17.54
C GLY D 182 -0.07 0.34 -18.57
N PRO D 183 0.93 1.14 -18.96
CA PRO D 183 1.90 0.66 -19.95
C PRO D 183 2.64 -0.60 -19.54
N ALA D 184 2.88 -0.79 -18.24
CA ALA D 184 3.53 -2.01 -17.79
C ALA D 184 2.62 -3.22 -17.92
N GLU D 185 1.31 -3.00 -17.87
CA GLU D 185 0.33 -4.08 -18.05
C GLU D 185 -0.13 -4.24 -19.50
N GLY D 186 0.27 -3.34 -20.38
CA GLY D 186 -0.09 -3.42 -21.79
C GLY D 186 -1.22 -2.54 -22.25
N VAL D 187 -1.66 -1.57 -21.42
CA VAL D 187 -2.77 -0.69 -21.76
C VAL D 187 -2.23 0.72 -21.90
N VAL D 188 -2.47 1.30 -23.08
CA VAL D 188 -1.90 2.64 -23.39
C VAL D 188 -3.04 3.60 -23.70
N ASN D 189 -2.80 4.89 -23.50
CA ASN D 189 -3.77 5.92 -23.84
C ASN D 189 -3.14 7.15 -24.48
N SER D 190 -1.83 7.17 -24.74
CA SER D 190 -1.17 8.31 -25.35
C SER D 190 0.11 7.83 -26.03
N VAL D 191 0.80 8.77 -26.68
CA VAL D 191 2.01 8.44 -27.43
C VAL D 191 3.12 7.96 -26.51
N ASP D 192 3.33 8.67 -25.39
CA ASP D 192 4.38 8.28 -24.45
C ASP D 192 4.11 6.94 -23.80
N GLU D 193 2.85 6.66 -23.46
CA GLU D 193 2.49 5.35 -22.95
C GLU D 193 2.72 4.26 -23.98
N ALA D 194 2.45 4.55 -25.26
CA ALA D 194 2.73 3.59 -26.32
C ALA D 194 4.22 3.29 -26.44
N ARG D 195 5.05 4.33 -26.37
CA ARG D 195 6.49 4.13 -26.38
C ARG D 195 6.94 3.28 -25.20
N GLN D 196 6.44 3.60 -24.00
CA GLN D 196 6.79 2.83 -22.82
C GLN D 196 6.34 1.38 -22.92
N ALA D 197 5.17 1.14 -23.54
CA ALA D 197 4.67 -0.22 -23.68
C ALA D 197 5.51 -1.02 -24.66
N VAL D 198 5.91 -0.43 -25.78
CA VAL D 198 6.79 -1.14 -26.70
C VAL D 198 8.13 -1.44 -26.04
N ARG D 199 8.67 -0.48 -25.29
CA ARG D 199 9.93 -0.70 -24.58
C ARG D 199 9.79 -1.79 -23.52
N GLN D 200 8.66 -1.85 -22.83
CA GLN D 200 8.43 -2.91 -21.85
C GLN D 200 8.28 -4.28 -22.50
N ARG D 201 7.65 -4.34 -23.68
CA ARG D 201 7.59 -5.61 -24.42
C ARG D 201 9.00 -6.05 -24.82
N TYR D 202 9.83 -5.11 -25.28
CA TYR D 202 11.23 -5.45 -25.57
C TYR D 202 11.95 -5.94 -24.32
N LYS D 203 11.70 -5.29 -23.18
CA LYS D 203 12.37 -5.67 -21.94
C LYS D 203 11.97 -7.06 -21.49
N GLU D 204 10.71 -7.42 -21.68
CA GLU D 204 10.20 -8.72 -21.23
C GLU D 204 10.58 -9.86 -22.16
N GLY D 205 11.21 -9.58 -23.29
CA GLY D 205 11.71 -10.62 -24.17
C GLY D 205 10.76 -11.05 -25.25
N SER D 206 10.27 -10.10 -26.03
CA SER D 206 9.37 -10.38 -27.14
C SER D 206 10.11 -10.34 -28.47
N ASP D 207 9.50 -10.94 -29.48
CA ASP D 207 10.06 -10.96 -30.83
C ASP D 207 9.33 -10.06 -31.81
N LEU D 208 8.12 -9.62 -31.47
CA LEU D 208 7.37 -8.69 -32.31
C LEU D 208 6.32 -7.99 -31.44
N ILE D 209 5.50 -7.17 -32.07
CA ILE D 209 4.50 -6.38 -31.36
C ILE D 209 3.09 -6.72 -31.86
N KCX D 210 2.15 -6.80 -30.93
CA KCX D 210 0.75 -7.08 -31.26
CB KCX D 210 0.35 -8.48 -30.76
CG KCX D 210 -0.52 -9.29 -31.71
CD KCX D 210 -1.81 -8.58 -32.05
CE KCX D 210 -2.78 -9.51 -32.74
NZ KCX D 210 -3.29 -10.54 -31.79
C KCX D 210 -0.18 -6.03 -30.67
O KCX D 210 -0.18 -5.80 -29.47
CX KCX D 210 -4.40 -11.22 -32.08
OQ1 KCX D 210 -4.81 -12.07 -31.29
OQ2 KCX D 210 -5.00 -11.01 -33.14
N ILE D 211 -0.97 -5.38 -31.52
CA ILE D 211 -1.95 -4.41 -31.06
C ILE D 211 -3.35 -4.80 -31.54
N THR D 212 -4.36 -4.46 -30.75
CA THR D 212 -5.76 -4.65 -31.13
C THR D 212 -6.28 -3.32 -31.65
N ALA D 213 -6.45 -3.22 -32.97
CA ALA D 213 -6.86 -1.96 -33.57
C ALA D 213 -8.33 -1.66 -33.37
N THR D 214 -9.16 -2.69 -33.23
CA THR D 214 -10.60 -2.49 -33.02
C THR D 214 -11.11 -3.39 -31.91
N GLY D 215 -12.44 -3.48 -31.78
CA GLY D 215 -13.04 -4.39 -30.80
C GLY D 215 -12.94 -5.81 -31.27
N GLY D 216 -13.43 -6.77 -30.49
CA GLY D 216 -13.28 -8.18 -30.85
C GLY D 216 -14.54 -8.95 -30.56
N VAL D 217 -14.54 -10.26 -30.83
CA VAL D 217 -15.77 -11.08 -30.65
C VAL D 217 -15.71 -11.85 -29.32
N LEU D 218 -14.52 -12.28 -28.90
CA LEU D 218 -14.43 -13.16 -27.70
C LEU D 218 -14.09 -12.35 -26.45
N SER D 219 -14.06 -11.02 -26.58
CA SER D 219 -13.79 -10.15 -25.40
C SER D 219 -15.05 -10.03 -24.54
N TYR D 220 -14.89 -9.87 -23.23
CA TYR D 220 -16.05 -9.61 -22.38
C TYR D 220 -16.43 -8.13 -22.38
N ALA D 221 -16.57 -7.58 -23.59
CA ALA D 221 -16.90 -6.18 -23.78
C ALA D 221 -18.20 -6.07 -24.60
N ARG D 222 -18.55 -4.85 -24.98
CA ARG D 222 -19.80 -4.58 -25.68
C ARG D 222 -19.63 -4.49 -27.19
N SER D 223 -18.59 -3.82 -27.65
CA SER D 223 -18.38 -3.59 -29.07
C SER D 223 -17.60 -4.74 -29.71
N GLY D 224 -17.72 -4.84 -31.04
CA GLY D 224 -17.00 -5.85 -31.77
C GLY D 224 -16.15 -5.31 -32.92
N ASP D 225 -16.46 -4.10 -33.39
CA ASP D 225 -15.71 -3.52 -34.50
C ASP D 225 -15.52 -2.01 -34.34
N ALA D 226 -15.41 -1.52 -33.11
CA ALA D 226 -15.26 -0.06 -33.05
C ALA D 226 -13.77 0.32 -33.04
N PRO D 227 -13.42 1.46 -33.67
CA PRO D 227 -12.02 1.87 -33.68
C PRO D 227 -11.51 2.28 -32.30
N GLN D 228 -10.60 1.48 -31.75
CA GLN D 228 -10.13 1.65 -30.38
C GLN D 228 -8.73 2.25 -30.31
N PHE D 229 -8.18 2.70 -31.43
CA PHE D 229 -6.86 3.32 -31.48
C PHE D 229 -6.92 4.56 -32.34
N THR D 230 -6.12 5.56 -31.97
CA THR D 230 -6.02 6.79 -32.78
C THR D 230 -4.79 6.61 -33.68
N VAL D 231 -4.72 7.36 -34.77
CA VAL D 231 -3.62 7.23 -35.72
C VAL D 231 -2.29 7.59 -35.08
N ASP D 232 -2.28 8.58 -34.19
CA ASP D 232 -1.04 9.00 -33.53
C ASP D 232 -0.47 7.88 -32.66
N GLU D 233 -1.31 7.18 -31.90
CA GLU D 233 -0.81 6.10 -31.05
C GLU D 233 -0.27 4.93 -31.86
N ILE D 234 -0.96 4.55 -32.93
CA ILE D 234 -0.47 3.48 -33.78
C ILE D 234 0.85 3.88 -34.44
N LYS D 235 0.95 5.14 -34.89
CA LYS D 235 2.20 5.60 -35.47
C LYS D 235 3.34 5.58 -34.45
N ALA D 236 3.06 5.98 -33.21
CA ALA D 236 4.08 5.90 -32.16
C ALA D 236 4.51 4.46 -31.92
N VAL D 237 3.55 3.53 -31.89
CA VAL D 237 3.89 2.12 -31.71
C VAL D 237 4.78 1.63 -32.84
N VAL D 238 4.43 1.97 -34.08
CA VAL D 238 5.21 1.51 -35.23
C VAL D 238 6.61 2.09 -35.20
N ASP D 239 6.75 3.38 -34.88
CA ASP D 239 8.08 3.98 -34.79
C ASP D 239 8.92 3.35 -33.70
N THR D 240 8.34 3.16 -32.51
CA THR D 240 9.10 2.55 -31.42
C THR D 240 9.52 1.11 -31.77
N ALA D 241 8.61 0.34 -32.37
CA ALA D 241 8.95 -1.02 -32.76
C ALA D 241 10.05 -1.03 -33.82
N ARG D 242 9.98 -0.11 -34.79
CA ARG D 242 11.02 -0.01 -35.80
C ARG D 242 12.37 0.33 -35.18
N ASP D 243 12.37 1.13 -34.10
CA ASP D 243 13.61 1.43 -33.41
C ASP D 243 14.27 0.20 -32.83
N TYR D 244 13.51 -0.85 -32.52
CA TYR D 244 14.04 -2.08 -31.94
C TYR D 244 14.03 -3.25 -32.92
N GLY D 245 13.71 -3.01 -34.19
CA GLY D 245 13.69 -4.08 -35.16
C GLY D 245 12.47 -4.98 -35.10
N PHE D 246 11.42 -4.55 -34.43
CA PHE D 246 10.20 -5.34 -34.30
C PHE D 246 9.26 -5.08 -35.48
N ARG D 247 8.45 -6.09 -35.79
CA ARG D 247 7.35 -5.96 -36.72
C ARG D 247 6.03 -5.96 -35.95
N VAL D 248 5.04 -5.27 -36.51
CA VAL D 248 3.74 -5.11 -35.78
C VAL D 248 2.59 -5.77 -36.54
N ALA D 249 1.81 -6.62 -35.86
CA ALA D 249 0.60 -7.22 -36.46
C ALA D 249 -0.60 -6.58 -35.77
N ALA D 250 -1.70 -6.35 -36.50
CA ALA D 250 -2.86 -5.67 -35.91
C ALA D 250 -4.14 -6.50 -36.06
N HIS D 251 -4.83 -6.75 -34.95
CA HIS D 251 -6.14 -7.44 -35.01
C HIS D 251 -7.19 -6.39 -35.38
N ALA D 252 -7.97 -6.62 -36.45
CA ALA D 252 -8.91 -5.55 -36.85
C ALA D 252 -10.15 -6.11 -37.56
N HIS D 253 -11.35 -5.73 -37.10
CA HIS D 253 -12.61 -6.15 -37.76
C HIS D 253 -13.23 -4.96 -38.50
N GLY D 254 -13.42 -3.80 -37.85
CA GLY D 254 -14.09 -2.71 -38.52
C GLY D 254 -13.23 -2.04 -39.56
N THR D 255 -13.89 -1.24 -40.41
CA THR D 255 -13.19 -0.63 -41.54
C THR D 255 -12.32 0.54 -41.11
N GLU D 256 -12.80 1.36 -40.16
CA GLU D 256 -12.06 2.55 -39.76
C GLU D 256 -10.76 2.19 -39.06
N GLY D 257 -10.81 1.27 -38.10
CA GLY D 257 -9.59 0.84 -37.44
C GLY D 257 -8.62 0.15 -38.39
N MET D 258 -9.16 -0.66 -39.31
CA MET D 258 -8.32 -1.30 -40.31
C MET D 258 -7.61 -0.27 -41.18
N LYS D 259 -8.32 0.75 -41.63
CA LYS D 259 -7.72 1.79 -42.45
C LYS D 259 -6.68 2.58 -41.66
N ARG D 260 -6.96 2.89 -40.39
CA ARG D 260 -5.99 3.58 -39.56
C ARG D 260 -4.71 2.76 -39.40
N ALA D 261 -4.85 1.46 -39.12
CA ALA D 261 -3.69 0.62 -38.94
C ALA D 261 -2.90 0.47 -40.24
N VAL D 262 -3.59 0.33 -41.37
CA VAL D 262 -2.89 0.22 -42.65
C VAL D 262 -2.13 1.49 -42.96
N GLN D 263 -2.76 2.66 -42.76
CA GLN D 263 -2.09 3.91 -43.07
C GLN D 263 -0.96 4.21 -42.10
N ALA D 264 -1.04 3.70 -40.87
CA ALA D 264 0.04 3.93 -39.91
C ALA D 264 1.32 3.20 -40.30
N GLY D 265 1.19 2.02 -40.91
CA GLY D 265 2.36 1.31 -41.38
C GLY D 265 2.63 -0.04 -40.74
N VAL D 266 1.57 -0.73 -40.31
CA VAL D 266 1.73 -2.07 -39.75
C VAL D 266 2.05 -3.05 -40.87
N THR D 267 2.53 -4.23 -40.47
CA THR D 267 2.99 -5.25 -41.41
C THR D 267 1.85 -6.15 -41.89
N SER D 268 1.02 -6.64 -40.97
CA SER D 268 -0.02 -7.58 -41.32
C SER D 268 -1.31 -7.23 -40.58
N ILE D 269 -2.43 -7.63 -41.17
CA ILE D 269 -3.77 -7.42 -40.61
C ILE D 269 -4.34 -8.79 -40.27
N GLU D 270 -4.78 -8.97 -39.03
CA GLU D 270 -5.13 -10.29 -38.53
C GLU D 270 -6.53 -10.73 -38.94
N HIS D 271 -7.46 -9.80 -39.12
CA HIS D 271 -8.78 -10.12 -39.65
C HIS D 271 -9.24 -8.97 -40.54
N GLY D 272 -10.22 -9.22 -41.41
CA GLY D 272 -10.74 -8.12 -42.22
C GLY D 272 -12.22 -8.29 -42.50
N THR D 273 -12.97 -8.72 -41.45
CA THR D 273 -14.42 -8.99 -41.65
C THR D 273 -15.08 -7.87 -42.45
N TYR D 274 -14.75 -6.63 -42.22
CA TYR D 274 -15.47 -5.49 -42.87
C TYR D 274 -14.52 -4.71 -43.78
N MET D 275 -13.66 -5.40 -44.51
CA MET D 275 -12.74 -4.77 -45.46
C MET D 275 -13.49 -4.36 -46.72
N ASP D 276 -13.23 -3.15 -47.19
CA ASP D 276 -13.87 -2.62 -48.38
C ASP D 276 -12.81 -2.31 -49.45
N ASP D 277 -13.22 -1.63 -50.53
CA ASP D 277 -12.31 -1.38 -51.68
C ASP D 277 -11.20 -0.38 -51.35
N GLU D 278 -11.50 0.69 -50.61
CA GLU D 278 -10.49 1.72 -50.27
C GLU D 278 -9.39 1.08 -49.42
N VAL D 279 -9.75 0.20 -48.48
CA VAL D 279 -8.72 -0.50 -47.67
C VAL D 279 -7.93 -1.44 -48.60
N MET D 280 -8.60 -2.21 -49.46
CA MET D 280 -7.86 -3.08 -50.36
C MET D 280 -6.84 -2.29 -51.19
N ARG D 281 -7.25 -1.12 -51.70
CA ARG D 281 -6.33 -0.28 -52.46
C ARG D 281 -5.17 0.18 -51.59
N LEU D 282 -5.47 0.61 -50.36
CA LEU D 282 -4.40 1.05 -49.46
C LEU D 282 -3.46 -0.09 -49.11
N MET D 283 -4.00 -1.29 -48.92
CA MET D 283 -3.16 -2.45 -48.63
C MET D 283 -2.25 -2.78 -49.80
N LYS D 284 -2.79 -2.74 -51.02
CA LYS D 284 -1.97 -3.02 -52.19
C LYS D 284 -0.90 -1.96 -52.39
N GLN D 285 -1.23 -0.70 -52.14
CA GLN D 285 -0.24 0.37 -52.29
C GLN D 285 0.86 0.27 -51.24
N HIS D 286 0.48 0.02 -49.98
CA HIS D 286 1.46 -0.04 -48.90
C HIS D 286 2.23 -1.36 -48.90
N GLY D 287 1.57 -2.46 -49.24
CA GLY D 287 2.18 -3.76 -49.17
C GLY D 287 1.85 -4.57 -47.93
N THR D 288 0.61 -4.37 -47.43
CA THR D 288 0.19 -5.05 -46.17
C THR D 288 -0.15 -6.51 -46.42
N TRP D 289 0.27 -7.42 -45.50
CA TRP D 289 -0.10 -8.83 -45.58
C TRP D 289 -1.45 -9.06 -44.91
N TYR D 290 -2.20 -10.02 -45.43
CA TYR D 290 -3.54 -10.33 -44.94
C TYR D 290 -3.57 -11.77 -44.44
N VAL D 291 -4.06 -11.96 -43.22
CA VAL D 291 -4.17 -13.27 -42.60
C VAL D 291 -5.64 -13.54 -42.33
N PRO D 292 -6.29 -14.38 -43.14
CA PRO D 292 -7.75 -14.50 -43.03
C PRO D 292 -8.24 -15.24 -41.80
N THR D 293 -7.59 -16.35 -41.42
CA THR D 293 -8.00 -17.18 -40.28
C THR D 293 -9.43 -17.70 -40.46
N PHE D 294 -9.58 -18.57 -41.46
CA PHE D 294 -10.88 -19.20 -41.71
C PHE D 294 -11.32 -20.06 -40.53
N TYR D 295 -10.37 -20.78 -39.92
CA TYR D 295 -10.72 -21.78 -38.91
C TYR D 295 -11.43 -21.15 -37.72
N ALA D 296 -10.90 -20.04 -37.21
CA ALA D 296 -11.53 -19.37 -36.07
C ALA D 296 -12.91 -18.84 -36.44
N GLY D 297 -13.05 -18.30 -37.65
CA GLY D 297 -14.34 -17.79 -38.08
C GLY D 297 -15.40 -18.88 -38.15
N ARG D 298 -15.03 -20.06 -38.64
CA ARG D 298 -15.97 -21.18 -38.63
C ARG D 298 -16.25 -21.68 -37.21
N PHE D 299 -15.21 -21.73 -36.37
CA PHE D 299 -15.36 -22.26 -35.03
C PHE D 299 -16.30 -21.41 -34.19
N VAL D 300 -16.18 -20.09 -34.27
CA VAL D 300 -17.03 -19.23 -33.44
C VAL D 300 -18.49 -19.36 -33.85
N THR D 301 -18.76 -19.40 -35.16
CA THR D 301 -20.13 -19.58 -35.63
C THR D 301 -20.70 -20.93 -35.21
N GLU D 302 -19.89 -21.99 -35.30
CA GLU D 302 -20.38 -23.30 -34.89
C GLU D 302 -20.66 -23.34 -33.38
N LYS D 303 -19.80 -22.73 -32.58
CA LYS D 303 -19.96 -22.79 -31.13
C LYS D 303 -21.01 -21.83 -30.62
N ALA D 304 -21.37 -20.80 -31.39
CA ALA D 304 -22.46 -19.91 -30.98
C ALA D 304 -23.82 -20.57 -31.04
N ALA D 305 -23.95 -21.68 -31.77
CA ALA D 305 -25.23 -22.39 -31.83
C ALA D 305 -25.51 -23.15 -30.55
N ILE D 306 -24.47 -23.57 -29.83
CA ILE D 306 -24.65 -24.28 -28.56
C ILE D 306 -24.98 -23.27 -27.48
N ASP D 307 -26.04 -23.53 -26.73
CA ASP D 307 -26.49 -22.63 -25.68
C ASP D 307 -25.65 -22.83 -24.43
N GLY D 308 -25.12 -21.73 -23.88
CA GLY D 308 -24.31 -21.77 -22.68
C GLY D 308 -22.82 -21.91 -22.92
N TYR D 309 -22.40 -22.22 -24.15
CA TYR D 309 -20.97 -22.29 -24.44
C TYR D 309 -20.32 -20.92 -24.31
N PHE D 310 -20.97 -19.88 -24.82
CA PHE D 310 -20.46 -18.53 -24.77
C PHE D 310 -21.31 -17.66 -23.85
N PRO D 311 -20.72 -16.65 -23.21
CA PRO D 311 -21.52 -15.70 -22.44
C PRO D 311 -22.48 -14.94 -23.35
N GLU D 312 -23.60 -14.51 -22.77
CA GLU D 312 -24.60 -13.78 -23.54
C GLU D 312 -24.07 -12.47 -24.10
N VAL D 313 -23.03 -11.91 -23.49
CA VAL D 313 -22.38 -10.73 -24.04
C VAL D 313 -21.62 -11.08 -25.32
N VAL D 314 -21.11 -12.30 -25.41
CA VAL D 314 -20.21 -12.68 -26.49
C VAL D 314 -20.96 -13.33 -27.65
N ARG D 315 -22.04 -14.06 -27.35
CA ARG D 315 -22.70 -14.89 -28.36
C ARG D 315 -23.17 -14.11 -29.58
N PRO D 316 -23.88 -12.98 -29.46
CA PRO D 316 -24.28 -12.25 -30.67
C PRO D 316 -23.10 -11.79 -31.52
N LYS D 317 -22.04 -11.30 -30.88
CA LYS D 317 -20.89 -10.83 -31.63
C LYS D 317 -20.25 -11.95 -32.44
N ALA D 318 -20.09 -13.13 -31.83
CA ALA D 318 -19.55 -14.26 -32.56
C ALA D 318 -20.47 -14.67 -33.71
N ALA D 319 -21.75 -14.89 -33.40
CA ALA D 319 -22.69 -15.38 -34.42
C ALA D 319 -22.82 -14.41 -35.58
N ARG D 320 -22.57 -13.12 -35.36
CA ARG D 320 -22.64 -12.14 -36.45
C ARG D 320 -21.32 -12.05 -37.20
N ILE D 321 -20.22 -11.77 -36.49
CA ILE D 321 -18.97 -11.43 -37.15
C ILE D 321 -18.35 -12.66 -37.81
N GLY D 322 -18.36 -13.82 -37.14
CA GLY D 322 -17.58 -14.95 -37.61
C GLY D 322 -17.99 -15.48 -38.97
N ALA D 323 -19.22 -15.21 -39.42
CA ALA D 323 -19.74 -15.79 -40.65
C ALA D 323 -19.36 -14.99 -41.89
N LEU D 324 -18.64 -13.88 -41.76
CA LEU D 324 -18.34 -13.00 -42.88
C LEU D 324 -16.84 -12.96 -43.19
N ILE D 325 -16.15 -14.09 -43.05
CA ILE D 325 -14.71 -14.15 -43.25
C ILE D 325 -14.35 -14.77 -44.59
N SER D 326 -14.99 -15.84 -44.98
CA SER D 326 -14.66 -16.56 -46.24
C SER D 326 -14.96 -15.72 -47.49
N GLN D 327 -16.07 -14.93 -47.48
CA GLN D 327 -16.38 -14.06 -48.61
C GLN D 327 -15.36 -12.93 -48.74
N THR D 328 -15.00 -12.31 -47.62
CA THR D 328 -14.02 -11.22 -47.67
C THR D 328 -12.66 -11.73 -48.13
N ALA D 329 -12.23 -12.88 -47.64
CA ALA D 329 -10.95 -13.44 -48.06
C ALA D 329 -10.95 -13.80 -49.54
N ALA D 330 -12.04 -14.38 -50.04
CA ALA D 330 -12.12 -14.69 -51.46
C ALA D 330 -12.09 -13.42 -52.31
N LYS D 331 -12.82 -12.38 -51.90
CA LYS D 331 -12.81 -11.13 -52.66
C LYS D 331 -11.44 -10.47 -52.63
N ALA D 332 -10.78 -10.50 -51.46
CA ALA D 332 -9.43 -9.93 -51.37
C ALA D 332 -8.44 -10.69 -52.22
N TYR D 333 -8.55 -12.02 -52.28
CA TYR D 333 -7.69 -12.78 -53.19
C TYR D 333 -7.97 -12.41 -54.64
N ARG D 334 -9.25 -12.27 -55.01
CA ARG D 334 -9.58 -11.90 -56.38
C ARG D 334 -9.11 -10.49 -56.72
N ASN D 335 -8.98 -9.60 -55.74
CA ASN D 335 -8.56 -8.23 -55.99
C ASN D 335 -7.05 -8.04 -55.99
N GLY D 336 -6.28 -9.01 -55.51
CA GLY D 336 -4.85 -8.93 -55.55
C GLY D 336 -4.15 -8.57 -54.26
N VAL D 337 -4.74 -8.88 -53.11
CA VAL D 337 -4.14 -8.59 -51.82
C VAL D 337 -3.28 -9.77 -51.39
N ARG D 338 -2.07 -9.50 -50.92
CA ARG D 338 -1.16 -10.56 -50.50
C ARG D 338 -1.70 -11.24 -49.25
N ILE D 339 -1.79 -12.57 -49.30
CA ILE D 339 -2.43 -13.37 -48.26
C ILE D 339 -1.42 -14.35 -47.70
N ALA D 340 -1.34 -14.43 -46.37
CA ALA D 340 -0.48 -15.38 -45.68
C ALA D 340 -1.34 -16.40 -44.94
N PHE D 341 -0.68 -17.38 -44.34
CA PHE D 341 -1.36 -18.51 -43.71
C PHE D 341 -1.41 -18.31 -42.21
N GLY D 342 -2.62 -18.25 -41.66
CA GLY D 342 -2.80 -18.18 -40.22
C GLY D 342 -4.13 -18.80 -39.85
N THR D 343 -4.18 -19.38 -38.65
CA THR D 343 -5.33 -20.16 -38.22
C THR D 343 -6.01 -19.64 -36.96
N ASP D 344 -5.32 -18.85 -36.13
CA ASP D 344 -5.86 -18.39 -34.86
C ASP D 344 -6.19 -19.57 -33.94
N GLN D 345 -5.30 -20.56 -33.90
CA GLN D 345 -5.52 -21.69 -33.01
C GLN D 345 -5.37 -21.26 -31.56
N GLY D 346 -6.00 -22.04 -30.68
CA GLY D 346 -6.35 -21.60 -29.34
C GLY D 346 -7.83 -21.35 -29.20
N VAL D 347 -8.47 -20.86 -30.27
CA VAL D 347 -9.92 -21.00 -30.40
C VAL D 347 -10.27 -22.42 -30.84
N GLY D 348 -9.68 -22.86 -31.95
CA GLY D 348 -9.80 -24.23 -32.38
C GLY D 348 -8.77 -25.13 -31.71
N PRO D 349 -8.94 -26.44 -31.83
CA PRO D 349 -8.04 -27.37 -31.14
C PRO D 349 -6.66 -27.40 -31.81
N HIS D 350 -5.63 -27.38 -30.98
CA HIS D 350 -4.26 -27.44 -31.48
C HIS D 350 -3.99 -28.78 -32.14
N GLY D 351 -3.10 -28.77 -33.12
CA GLY D 351 -2.81 -29.95 -33.91
C GLY D 351 -3.74 -30.18 -35.09
N ASP D 352 -4.67 -29.26 -35.34
CA ASP D 352 -5.62 -29.37 -36.45
C ASP D 352 -5.50 -28.19 -37.41
N ASN D 353 -4.33 -27.55 -37.44
CA ASN D 353 -4.15 -26.36 -38.27
C ASN D 353 -4.30 -26.66 -39.75
N ALA D 354 -3.83 -27.82 -40.21
CA ALA D 354 -3.81 -28.15 -41.64
C ALA D 354 -5.19 -28.12 -42.27
N ARG D 355 -6.26 -28.26 -41.49
CA ARG D 355 -7.60 -28.16 -42.05
C ARG D 355 -7.85 -26.83 -42.73
N GLU D 356 -7.14 -25.77 -42.31
CA GLU D 356 -7.28 -24.48 -42.99
C GLU D 356 -6.91 -24.59 -44.47
N PHE D 357 -5.93 -25.43 -44.81
CA PHE D 357 -5.59 -25.65 -46.21
C PHE D 357 -6.80 -26.08 -47.02
N VAL D 358 -7.73 -26.82 -46.40
CA VAL D 358 -8.97 -27.16 -47.08
C VAL D 358 -9.84 -25.92 -47.27
N TYR D 359 -10.04 -25.15 -46.19
CA TYR D 359 -10.97 -24.01 -46.24
C TYR D 359 -10.53 -22.97 -47.26
N MET D 360 -9.23 -22.81 -47.46
CA MET D 360 -8.74 -21.91 -48.49
C MET D 360 -9.13 -22.40 -49.88
N VAL D 361 -8.95 -23.70 -50.13
CA VAL D 361 -9.15 -24.21 -51.49
C VAL D 361 -10.62 -24.14 -51.89
N GLU D 362 -11.52 -24.46 -50.96
CA GLU D 362 -12.94 -24.33 -51.24
C GLU D 362 -13.43 -22.88 -51.17
N ALA D 363 -12.51 -21.92 -51.07
CA ALA D 363 -12.85 -20.51 -51.14
C ALA D 363 -12.37 -19.87 -52.45
N GLY D 364 -11.90 -20.68 -53.39
CA GLY D 364 -11.42 -20.18 -54.68
C GLY D 364 -9.92 -20.05 -54.79
N ILE D 365 -9.19 -20.22 -53.68
CA ILE D 365 -7.73 -20.06 -53.71
C ILE D 365 -7.11 -21.38 -54.19
N PRO D 366 -6.24 -21.35 -55.20
CA PRO D 366 -5.63 -22.58 -55.69
C PRO D 366 -4.76 -23.24 -54.64
N ALA D 367 -4.65 -24.57 -54.73
CA ALA D 367 -3.88 -25.32 -53.74
C ALA D 367 -2.40 -24.96 -53.77
N ALA D 368 -1.85 -24.68 -54.96
CA ALA D 368 -0.44 -24.30 -55.04
C ALA D 368 -0.17 -23.01 -54.29
N TYR D 369 -1.04 -22.01 -54.45
CA TYR D 369 -0.88 -20.77 -53.71
C TYR D 369 -1.09 -20.98 -52.22
N ALA D 370 -2.02 -21.87 -51.84
CA ALA D 370 -2.25 -22.15 -50.44
C ALA D 370 -1.01 -22.76 -49.80
N LEU D 371 -0.34 -23.68 -50.50
CA LEU D 371 0.89 -24.26 -49.99
C LEU D 371 2.03 -23.25 -49.99
N GLN D 372 2.05 -22.35 -50.98
CA GLN D 372 3.09 -21.32 -51.02
C GLN D 372 2.96 -20.35 -49.85
N ALA D 373 1.72 -20.00 -49.47
CA ALA D 373 1.50 -18.99 -48.45
C ALA D 373 2.00 -19.41 -47.08
N ALA D 374 2.16 -20.71 -46.83
CA ALA D 374 2.63 -21.20 -45.55
C ALA D 374 4.12 -21.48 -45.51
N THR D 375 4.82 -21.39 -46.66
CA THR D 375 6.24 -21.69 -46.70
C THR D 375 7.09 -20.48 -47.07
N VAL D 376 6.84 -19.85 -48.22
CA VAL D 376 7.74 -18.81 -48.72
C VAL D 376 7.20 -17.44 -48.39
N HIS D 377 5.88 -17.32 -48.22
CA HIS D 377 5.29 -16.05 -47.83
C HIS D 377 5.32 -15.86 -46.32
N ALA D 378 5.25 -16.94 -45.55
CA ALA D 378 5.32 -16.83 -44.10
C ALA D 378 6.69 -16.34 -43.64
N ALA D 379 7.76 -16.73 -44.34
CA ALA D 379 9.08 -16.20 -44.03
C ALA D 379 9.18 -14.71 -44.36
N GLN D 380 8.52 -14.28 -45.44
CA GLN D 380 8.49 -12.85 -45.75
C GLN D 380 7.74 -12.07 -44.69
N VAL D 381 6.63 -12.61 -44.20
CA VAL D 381 5.90 -11.97 -43.10
C VAL D 381 6.78 -11.93 -41.84
N LEU D 382 7.49 -13.02 -41.56
CA LEU D 382 8.32 -13.08 -40.37
C LEU D 382 9.59 -12.25 -40.51
N GLY D 383 10.00 -11.93 -41.73
CA GLY D 383 11.19 -11.12 -41.93
C GLY D 383 12.50 -11.87 -41.83
N VAL D 384 12.49 -13.17 -42.12
CA VAL D 384 13.70 -13.99 -42.06
C VAL D 384 13.97 -14.54 -43.47
N ASP D 385 15.15 -15.17 -43.61
CA ASP D 385 15.58 -15.70 -44.89
C ASP D 385 16.15 -17.11 -44.82
N ASP D 386 16.35 -17.67 -43.64
CA ASP D 386 17.00 -18.96 -43.48
C ASP D 386 16.02 -20.12 -43.52
N GLN D 387 14.77 -19.89 -43.92
CA GLN D 387 13.77 -20.96 -43.94
C GLN D 387 12.72 -20.63 -45.00
N GLY D 388 11.97 -21.66 -45.38
CA GLY D 388 10.88 -21.50 -46.32
C GLY D 388 11.05 -22.28 -47.61
N VAL D 389 12.28 -22.37 -48.10
CA VAL D 389 12.58 -23.06 -49.35
C VAL D 389 13.63 -24.13 -49.08
N LEU D 390 13.49 -25.28 -49.74
CA LEU D 390 14.47 -26.36 -49.65
C LEU D 390 15.64 -26.02 -50.57
N GLU D 391 16.52 -25.17 -50.08
CA GLU D 391 17.66 -24.67 -50.83
C GLU D 391 18.92 -24.79 -49.99
N PRO D 392 20.09 -24.87 -50.64
CA PRO D 392 21.34 -24.96 -49.88
C PRO D 392 21.55 -23.74 -48.99
N GLY D 393 22.09 -23.99 -47.79
CA GLY D 393 22.34 -22.93 -46.84
C GLY D 393 21.17 -22.54 -45.96
N LYS D 394 20.02 -23.19 -46.12
CA LYS D 394 18.84 -22.89 -45.33
C LYS D 394 18.57 -24.01 -44.34
N ARG D 395 17.70 -23.72 -43.37
CA ARG D 395 17.41 -24.69 -42.32
C ARG D 395 16.76 -25.94 -42.90
N ALA D 396 17.10 -27.09 -42.32
CA ALA D 396 16.59 -28.38 -42.79
C ALA D 396 15.34 -28.76 -42.00
N ASP D 397 14.22 -28.15 -42.39
CA ASP D 397 12.91 -28.47 -41.84
C ASP D 397 12.08 -29.07 -42.97
N VAL D 398 11.95 -30.39 -42.98
CA VAL D 398 11.34 -31.12 -44.08
C VAL D 398 10.17 -31.94 -43.56
N ILE D 399 9.08 -31.98 -44.33
CA ILE D 399 7.93 -32.82 -44.00
C ILE D 399 7.57 -33.62 -45.25
N ALA D 400 6.85 -34.72 -45.02
CA ALA D 400 6.47 -35.61 -46.10
C ALA D 400 4.99 -35.96 -46.00
N LEU D 401 4.37 -36.10 -47.17
CA LEU D 401 2.95 -36.45 -47.29
C LEU D 401 2.82 -37.74 -48.09
N ALA D 402 1.82 -38.53 -47.71
CA ALA D 402 1.57 -39.80 -48.41
C ALA D 402 1.05 -39.56 -49.81
N GLY D 403 0.12 -38.62 -49.97
CA GLY D 403 -0.47 -38.33 -51.25
C GLY D 403 -0.04 -36.96 -51.77
N ASN D 404 -0.23 -36.77 -53.07
CA ASN D 404 0.13 -35.51 -53.70
C ASN D 404 -0.92 -34.47 -53.32
N PRO D 405 -0.54 -33.38 -52.66
CA PRO D 405 -1.53 -32.41 -52.19
C PRO D 405 -2.11 -31.53 -53.28
N LEU D 406 -1.51 -31.48 -54.47
CA LEU D 406 -2.02 -30.62 -55.52
C LEU D 406 -3.31 -31.17 -56.12
N GLU D 407 -3.34 -32.48 -56.40
CA GLU D 407 -4.54 -33.08 -56.98
C GLU D 407 -5.66 -33.18 -55.95
N ASP D 408 -5.33 -33.49 -54.70
CA ASP D 408 -6.29 -33.54 -53.61
C ASP D 408 -5.73 -32.78 -52.42
N ILE D 409 -6.48 -31.80 -51.91
CA ILE D 409 -6.00 -30.96 -50.83
C ILE D 409 -6.13 -31.64 -49.47
N ASN D 410 -6.88 -32.74 -49.38
CA ASN D 410 -7.04 -33.46 -48.13
C ASN D 410 -5.78 -34.20 -47.69
N ALA D 411 -4.85 -34.44 -48.62
CA ALA D 411 -3.63 -35.17 -48.31
C ALA D 411 -2.75 -34.44 -47.30
N VAL D 412 -2.99 -33.14 -47.07
CA VAL D 412 -2.28 -32.41 -46.02
C VAL D 412 -2.66 -32.85 -44.63
N LEU D 413 -3.68 -33.69 -44.48
CA LEU D 413 -4.13 -34.14 -43.17
C LEU D 413 -3.46 -35.43 -42.72
N ASP D 414 -2.50 -35.96 -43.49
CA ASP D 414 -1.79 -37.19 -43.13
C ASP D 414 -0.31 -36.97 -43.38
N VAL D 415 0.41 -36.50 -42.35
CA VAL D 415 1.85 -36.28 -42.43
C VAL D 415 2.57 -37.51 -41.92
N ARG D 416 3.55 -37.99 -42.69
CA ARG D 416 4.24 -39.23 -42.37
C ARG D 416 5.69 -39.04 -41.96
N PHE D 417 6.26 -37.85 -42.14
CA PHE D 417 7.66 -37.61 -41.81
C PHE D 417 7.83 -36.14 -41.45
N VAL D 418 8.42 -35.90 -40.28
CA VAL D 418 8.68 -34.55 -39.78
C VAL D 418 10.13 -34.49 -39.28
N MET D 419 10.91 -33.57 -39.85
CA MET D 419 12.29 -33.30 -39.46
C MET D 419 12.47 -31.80 -39.28
N LYS D 420 13.09 -31.41 -38.17
CA LYS D 420 13.29 -30.00 -37.86
C LYS D 420 14.75 -29.77 -37.50
N ASP D 421 15.40 -28.87 -38.22
CA ASP D 421 16.79 -28.48 -37.96
C ASP D 421 17.75 -29.67 -38.02
N GLY D 422 17.46 -30.64 -38.89
CA GLY D 422 18.29 -31.80 -39.05
C GLY D 422 17.98 -32.95 -38.11
N VAL D 423 17.08 -32.75 -37.14
CA VAL D 423 16.69 -33.79 -36.20
C VAL D 423 15.32 -34.31 -36.61
N ILE D 424 15.22 -35.62 -36.80
CA ILE D 424 13.98 -36.26 -37.20
C ILE D 424 13.11 -36.47 -35.96
N TYR D 425 11.91 -35.93 -35.98
CA TYR D 425 10.95 -36.09 -34.89
C TYR D 425 9.86 -37.09 -35.20
N LYS D 426 9.50 -37.28 -36.46
CA LYS D 426 8.56 -38.32 -36.84
C LYS D 426 9.05 -39.00 -38.11
N GLN D 427 9.10 -40.33 -38.07
CA GLN D 427 9.57 -41.09 -39.22
C GLN D 427 8.41 -41.84 -39.88
N PRO E 22 -7.67 -56.96 -19.67
CA PRO E 22 -6.96 -57.96 -18.86
C PRO E 22 -5.62 -58.36 -19.47
N VAL E 23 -4.55 -58.23 -18.69
CA VAL E 23 -3.20 -58.54 -19.15
C VAL E 23 -2.62 -59.61 -18.23
N ALA E 24 -2.05 -60.66 -18.83
CA ALA E 24 -1.38 -61.72 -18.08
C ALA E 24 0.12 -61.52 -18.19
N VAL E 25 0.76 -61.25 -17.05
CA VAL E 25 2.21 -61.04 -17.00
C VAL E 25 2.85 -62.28 -16.40
N GLN E 26 3.72 -62.92 -17.18
CA GLN E 26 4.46 -64.10 -16.74
C GLN E 26 5.83 -63.67 -16.26
N CYS E 27 6.17 -64.08 -15.04
CA CYS E 27 7.39 -63.67 -14.36
C CYS E 27 8.26 -64.88 -14.06
N GLY E 28 9.53 -64.81 -14.46
CA GLY E 28 10.45 -65.90 -14.16
C GLY E 28 10.71 -66.06 -12.68
N ARG E 29 10.91 -64.94 -11.97
CA ARG E 29 11.11 -64.94 -10.53
C ARG E 29 10.37 -63.76 -9.92
N LEU E 30 9.77 -63.98 -8.77
CA LEU E 30 8.95 -62.98 -8.10
C LEU E 30 9.51 -62.69 -6.71
N PHE E 31 9.39 -61.44 -6.28
CA PHE E 31 9.86 -61.01 -4.97
C PHE E 31 8.65 -60.72 -4.09
N ASP E 32 8.58 -61.39 -2.94
CA ASP E 32 7.51 -61.20 -1.97
C ASP E 32 7.98 -60.16 -0.94
N ALA E 33 7.47 -58.94 -1.07
CA ALA E 33 7.90 -57.86 -0.18
C ALA E 33 7.44 -58.10 1.25
N ARG E 34 6.34 -58.81 1.44
CA ARG E 34 5.84 -59.07 2.79
C ARG E 34 6.73 -60.05 3.56
N SER E 35 7.57 -60.81 2.85
CA SER E 35 8.47 -61.77 3.48
C SER E 35 9.94 -61.51 3.19
N GLY E 36 10.25 -60.78 2.12
CA GLY E 36 11.63 -60.54 1.75
C GLY E 36 12.32 -61.70 1.07
N GLN E 37 11.56 -62.63 0.49
CA GLN E 37 12.11 -63.80 -0.16
C GLN E 37 11.75 -63.79 -1.65
N LEU E 38 12.61 -64.40 -2.45
CA LEU E 38 12.41 -64.48 -3.89
C LEU E 38 11.79 -65.82 -4.24
N LYS E 39 10.61 -65.78 -4.85
CA LYS E 39 9.84 -66.98 -5.16
C LYS E 39 10.22 -67.47 -6.57
N GLY E 40 9.45 -68.43 -7.09
CA GLY E 40 9.69 -68.96 -8.41
C GLY E 40 8.83 -68.28 -9.47
N PRO E 41 8.63 -68.96 -10.59
CA PRO E 41 7.81 -68.38 -11.66
C PRO E 41 6.37 -68.14 -11.20
N HIS E 42 5.77 -67.08 -11.73
CA HIS E 42 4.41 -66.72 -11.35
C HIS E 42 3.72 -66.06 -12.54
N THR E 43 2.40 -65.86 -12.40
CA THR E 43 1.59 -65.19 -13.40
C THR E 43 0.66 -64.22 -12.70
N LEU E 44 0.71 -62.96 -13.09
CA LEU E 44 -0.12 -61.91 -12.52
C LEU E 44 -1.22 -61.54 -13.51
N LEU E 45 -2.46 -61.49 -13.03
CA LEU E 45 -3.59 -61.08 -13.85
C LEU E 45 -3.97 -59.64 -13.48
N VAL E 46 -3.89 -58.75 -14.45
CA VAL E 46 -4.15 -57.33 -14.24
C VAL E 46 -5.43 -56.96 -14.97
N ALA E 47 -6.37 -56.35 -14.25
CA ALA E 47 -7.63 -55.90 -14.84
C ALA E 47 -8.11 -54.67 -14.10
N ASP E 48 -8.56 -53.66 -14.86
CA ASP E 48 -9.07 -52.41 -14.31
C ASP E 48 -8.01 -51.66 -13.51
N GLY E 49 -6.74 -51.90 -13.80
CA GLY E 49 -5.66 -51.22 -13.14
C GLY E 49 -5.19 -51.81 -11.83
N ARG E 50 -5.73 -52.95 -11.42
CA ARG E 50 -5.34 -53.61 -10.19
C ARG E 50 -4.93 -55.04 -10.48
N ILE E 51 -4.42 -55.72 -9.45
CA ILE E 51 -4.01 -57.11 -9.55
C ILE E 51 -5.20 -57.99 -9.18
N ARG E 52 -5.55 -58.91 -10.08
CA ARG E 52 -6.69 -59.79 -9.85
C ARG E 52 -6.30 -61.09 -9.17
N GLN E 53 -5.28 -61.74 -9.71
CA GLN E 53 -4.88 -63.06 -9.17
C GLN E 53 -3.41 -63.38 -9.48
N VAL E 54 -2.70 -63.93 -8.51
CA VAL E 54 -1.31 -64.35 -8.67
C VAL E 54 -1.29 -65.87 -8.63
N LEU E 55 -0.94 -66.48 -9.76
CA LEU E 55 -0.95 -67.93 -9.88
C LEU E 55 0.47 -68.47 -9.99
N PRO E 56 0.86 -69.43 -9.15
CA PRO E 56 2.19 -70.02 -9.30
C PRO E 56 2.35 -70.72 -10.64
N GLY E 57 3.56 -70.66 -11.18
CA GLY E 57 3.85 -71.28 -12.47
C GLY E 57 4.12 -70.28 -13.57
N ALA E 65 -6.37 -63.06 -22.80
CA ALA E 65 -5.62 -61.96 -22.19
C ALA E 65 -4.26 -61.80 -22.86
N ARG E 66 -3.91 -60.55 -23.16
CA ARG E 66 -2.61 -60.27 -23.79
C ARG E 66 -1.47 -60.66 -22.86
N VAL E 67 -0.47 -61.32 -23.41
CA VAL E 67 0.60 -61.94 -22.64
C VAL E 67 1.83 -61.04 -22.68
N VAL E 68 2.35 -60.70 -21.50
CA VAL E 68 3.63 -60.01 -21.36
C VAL E 68 4.59 -60.96 -20.67
N ASP E 69 5.65 -61.36 -21.36
CA ASP E 69 6.58 -62.38 -20.88
C ASP E 69 7.85 -61.73 -20.38
N LEU E 70 8.26 -62.06 -19.16
CA LEU E 70 9.51 -61.62 -18.56
C LEU E 70 10.20 -62.80 -17.89
N GLY E 71 10.28 -63.92 -18.61
CA GLY E 71 10.76 -65.16 -18.04
C GLY E 71 12.21 -65.13 -17.58
N ASP E 72 13.03 -64.26 -18.15
CA ASP E 72 14.42 -64.12 -17.77
C ASP E 72 14.68 -62.82 -17.02
N LYS E 73 13.72 -62.41 -16.20
CA LYS E 73 13.82 -61.17 -15.43
C LYS E 73 13.24 -61.39 -14.05
N VAL E 74 13.64 -60.55 -13.11
CA VAL E 74 13.19 -60.61 -11.73
C VAL E 74 12.20 -59.47 -11.51
N CYS E 75 10.99 -59.81 -11.08
CA CYS E 75 9.93 -58.83 -10.93
C CYS E 75 9.76 -58.43 -9.46
N LEU E 76 9.53 -57.13 -9.26
CA LEU E 76 9.34 -56.53 -7.95
C LEU E 76 8.19 -55.54 -8.02
N PRO E 77 7.61 -55.18 -6.89
CA PRO E 77 6.68 -54.06 -6.88
C PRO E 77 7.40 -52.75 -7.16
N GLY E 78 6.63 -51.75 -7.58
CA GLY E 78 7.20 -50.44 -7.84
C GLY E 78 7.75 -49.80 -6.57
N TRP E 79 8.85 -49.08 -6.72
CA TRP E 79 9.53 -48.47 -5.59
C TRP E 79 8.90 -47.13 -5.24
N THR E 80 9.05 -46.74 -3.98
CA THR E 80 8.57 -45.46 -3.48
C THR E 80 9.74 -44.69 -2.86
N ASP E 81 9.91 -43.44 -3.31
CA ASP E 81 10.93 -42.56 -2.77
C ASP E 81 10.25 -41.55 -1.85
N LEU E 82 10.62 -41.56 -0.57
CA LEU E 82 9.92 -40.79 0.44
C LEU E 82 10.52 -39.41 0.68
N HIS E 83 11.52 -39.00 -0.10
CA HIS E 83 12.09 -37.66 0.05
C HIS E 83 12.66 -37.25 -1.30
N VAL E 84 11.90 -36.45 -2.05
CA VAL E 84 12.34 -35.90 -3.33
C VAL E 84 11.91 -34.44 -3.42
N HIS E 85 12.56 -33.71 -4.32
CA HIS E 85 12.20 -32.33 -4.66
C HIS E 85 12.12 -32.26 -6.17
N LEU E 86 10.95 -32.59 -6.73
CA LEU E 86 10.79 -32.67 -8.17
C LEU E 86 10.77 -31.31 -8.84
N GLY E 87 10.68 -30.22 -8.08
CA GLY E 87 10.66 -28.89 -8.63
C GLY E 87 12.00 -28.17 -8.67
N SER E 88 13.10 -28.86 -8.35
CA SER E 88 14.41 -28.23 -8.38
C SER E 88 15.47 -29.31 -8.54
N GLN E 89 16.67 -28.85 -8.90
CA GLN E 89 17.84 -29.70 -8.99
C GLN E 89 19.07 -28.86 -8.72
N SER E 90 20.03 -29.41 -7.99
CA SER E 90 21.20 -28.64 -7.58
C SER E 90 22.07 -28.30 -8.79
N SER E 91 22.63 -27.10 -8.77
CA SER E 91 23.41 -26.58 -9.87
C SER E 91 24.32 -25.47 -9.34
N PRO E 92 25.41 -25.17 -10.02
CA PRO E 92 26.24 -24.02 -9.61
C PRO E 92 25.51 -22.69 -9.68
N GLN E 93 24.40 -22.61 -10.41
CA GLN E 93 23.63 -21.37 -10.53
C GLN E 93 22.39 -21.37 -9.65
N SER E 94 22.29 -22.30 -8.69
CA SER E 94 21.07 -22.48 -7.92
C SER E 94 20.85 -21.38 -6.87
N TYR E 95 21.86 -20.58 -6.56
CA TYR E 95 21.74 -19.55 -5.54
C TYR E 95 21.51 -18.16 -6.13
N SER E 96 21.28 -18.06 -7.43
CA SER E 96 20.88 -16.82 -8.06
C SER E 96 19.54 -16.92 -8.80
N GLU E 97 18.98 -18.12 -8.95
CA GLU E 97 17.75 -18.31 -9.68
C GLU E 97 16.51 -17.91 -8.89
N ASP E 98 16.65 -17.64 -7.59
CA ASP E 98 15.53 -17.15 -6.79
C ASP E 98 15.13 -15.76 -7.25
N PHE E 99 16.05 -15.03 -7.89
CA PHE E 99 15.79 -13.67 -8.34
C PHE E 99 15.79 -13.52 -9.85
N ARG E 100 15.94 -14.62 -10.61
CA ARG E 100 15.99 -14.57 -12.07
C ARG E 100 14.91 -15.40 -12.73
N LEU E 101 14.63 -16.60 -12.22
CA LEU E 101 13.73 -17.54 -12.88
C LEU E 101 12.32 -17.45 -12.31
N ASP E 102 11.38 -18.02 -13.07
CA ASP E 102 9.96 -18.03 -12.75
C ASP E 102 9.49 -19.46 -12.51
N PRO E 103 8.34 -19.65 -11.83
CA PRO E 103 7.82 -21.00 -11.60
C PRO E 103 7.53 -21.78 -12.89
N VAL E 104 7.26 -21.09 -14.00
CA VAL E 104 6.96 -21.78 -15.24
C VAL E 104 8.19 -22.52 -15.77
N ASP E 105 9.38 -21.89 -15.63
CA ASP E 105 10.61 -22.57 -15.99
C ASP E 105 10.83 -23.81 -15.13
N HIS E 106 10.53 -23.70 -13.83
CA HIS E 106 10.63 -24.86 -12.95
C HIS E 106 9.66 -25.96 -13.35
N ALA E 107 8.46 -25.60 -13.82
CA ALA E 107 7.53 -26.61 -14.30
C ALA E 107 8.05 -27.30 -15.55
N PHE E 108 8.62 -26.53 -16.48
CA PHE E 108 9.17 -27.12 -17.70
C PHE E 108 10.36 -28.03 -17.41
N ARG E 109 11.14 -27.72 -16.36
CA ARG E 109 12.19 -28.65 -15.95
C ARG E 109 11.62 -29.86 -15.23
N ALA E 110 10.58 -29.65 -14.42
CA ALA E 110 9.96 -30.72 -13.66
C ALA E 110 9.32 -31.77 -14.54
N VAL E 111 8.87 -31.40 -15.74
CA VAL E 111 8.34 -32.40 -16.67
C VAL E 111 9.39 -33.49 -16.93
N GLY E 112 10.60 -33.08 -17.33
CA GLY E 112 11.66 -34.02 -17.56
C GLY E 112 12.14 -34.71 -16.30
N TYR E 113 12.19 -33.97 -15.19
CA TYR E 113 12.58 -34.60 -13.92
C TYR E 113 11.64 -35.73 -13.57
N ALA E 114 10.32 -35.52 -13.71
CA ALA E 114 9.35 -36.55 -13.38
C ALA E 114 9.43 -37.73 -14.34
N GLU E 115 9.63 -37.45 -15.63
CA GLU E 115 9.78 -38.56 -16.57
C GLU E 115 11.00 -39.43 -16.24
N LYS E 116 12.12 -38.78 -15.93
CA LYS E 116 13.33 -39.52 -15.56
C LYS E 116 13.13 -40.29 -14.25
N THR E 117 12.43 -39.71 -13.30
CA THR E 117 12.16 -40.41 -12.04
C THR E 117 11.28 -41.64 -12.26
N LEU E 118 10.26 -41.51 -13.10
CA LEU E 118 9.38 -42.65 -13.37
C LEU E 118 10.11 -43.75 -14.12
N MET E 119 10.97 -43.39 -15.08
CA MET E 119 11.66 -44.40 -15.87
C MET E 119 12.69 -45.19 -15.06
N ALA E 120 13.06 -44.72 -13.87
CA ALA E 120 14.05 -45.42 -13.05
C ALA E 120 13.46 -46.54 -12.21
N GLY E 121 12.13 -46.71 -12.22
CA GLY E 121 11.48 -47.74 -11.44
C GLY E 121 10.71 -47.24 -10.23
N PHE E 122 10.65 -45.93 -10.02
CA PHE E 122 9.97 -45.34 -8.87
C PHE E 122 8.61 -44.84 -9.34
N THR E 123 7.57 -45.64 -9.07
CA THR E 123 6.22 -45.32 -9.49
C THR E 123 5.47 -44.44 -8.50
N SER E 124 6.05 -44.13 -7.37
CA SER E 124 5.42 -43.24 -6.37
C SER E 124 6.51 -42.46 -5.64
N VAL E 125 6.28 -41.23 -5.31
CA VAL E 125 7.20 -40.36 -4.59
C VAL E 125 6.43 -39.55 -3.55
N ARG E 126 7.14 -39.14 -2.51
CA ARG E 126 6.64 -38.22 -1.49
C ARG E 126 7.45 -36.94 -1.60
N ASP E 127 6.81 -35.87 -2.06
CA ASP E 127 7.48 -34.59 -2.24
C ASP E 127 7.45 -33.80 -0.94
N LEU E 128 8.61 -33.32 -0.52
CA LEU E 128 8.79 -32.73 0.80
C LEU E 128 9.17 -31.25 0.71
N GLY E 129 8.49 -30.52 -0.17
CA GLY E 129 8.74 -29.09 -0.30
C GLY E 129 8.74 -28.59 -1.72
N GLY E 130 8.06 -27.47 -1.96
CA GLY E 130 7.97 -26.91 -3.29
C GLY E 130 6.55 -26.55 -3.69
N GLU E 131 6.46 -25.39 -4.45
CA GLU E 131 5.11 -24.88 -4.81
C GLU E 131 4.65 -25.45 -6.16
N VAL E 132 5.52 -26.06 -6.93
CA VAL E 132 5.15 -26.61 -8.23
C VAL E 132 4.60 -28.04 -8.11
N SER E 133 4.98 -28.75 -7.06
CA SER E 133 4.64 -30.18 -6.95
C SER E 133 3.15 -30.47 -6.95
N PRO E 134 2.29 -29.74 -6.23
CA PRO E 134 0.85 -30.02 -6.33
C PRO E 134 0.31 -29.88 -7.75
N HIS E 135 0.77 -28.87 -8.49
CA HIS E 135 0.32 -28.71 -9.87
C HIS E 135 0.85 -29.82 -10.77
N LEU E 136 2.09 -30.26 -10.57
CA LEU E 136 2.60 -31.40 -11.32
C LEU E 136 1.82 -32.67 -11.01
N ARG E 137 1.44 -32.87 -9.74
CA ARG E 137 0.60 -34.01 -9.38
C ARG E 137 -0.75 -33.94 -10.08
N ASP E 138 -1.35 -32.75 -10.10
CA ASP E 138 -2.62 -32.58 -10.80
C ASP E 138 -2.48 -32.87 -12.30
N ALA E 139 -1.40 -32.40 -12.91
CA ALA E 139 -1.19 -32.65 -14.34
C ALA E 139 -0.97 -34.12 -14.63
N ILE E 140 -0.22 -34.82 -13.77
CA ILE E 140 0.01 -36.25 -13.98
C ILE E 140 -1.29 -37.04 -13.79
N ASN E 141 -2.11 -36.64 -12.80
CA ASN E 141 -3.37 -37.33 -12.57
C ASN E 141 -4.35 -37.11 -13.71
N GLN E 142 -4.26 -35.97 -14.40
CA GLN E 142 -5.12 -35.70 -15.55
C GLN E 142 -4.59 -36.31 -16.84
N GLY E 143 -3.41 -36.94 -16.81
CA GLY E 143 -2.85 -37.55 -18.00
C GLY E 143 -2.15 -36.60 -18.94
N LEU E 144 -1.87 -35.37 -18.51
CA LEU E 144 -1.21 -34.41 -19.41
C LEU E 144 0.26 -34.75 -19.59
N VAL E 145 0.94 -35.16 -18.53
CA VAL E 145 2.36 -35.50 -18.58
C VAL E 145 2.56 -36.85 -17.88
N ARG E 146 3.75 -37.39 -18.03
CA ARG E 146 4.11 -38.69 -17.47
C ARG E 146 4.96 -38.51 -16.23
N GLY E 147 4.77 -39.39 -15.25
CA GLY E 147 5.52 -39.35 -14.02
C GLY E 147 4.96 -40.29 -12.98
N PRO E 148 5.54 -40.28 -11.79
CA PRO E 148 5.08 -41.16 -10.71
C PRO E 148 3.88 -40.56 -9.99
N ARG E 149 3.38 -41.31 -9.02
CA ARG E 149 2.29 -40.86 -8.17
C ARG E 149 2.85 -40.01 -7.04
N ILE E 150 2.44 -38.74 -6.98
CA ILE E 150 3.05 -37.76 -6.09
C ILE E 150 2.18 -37.58 -4.86
N PHE E 151 2.79 -37.67 -3.68
CA PHE E 151 2.17 -37.28 -2.42
C PHE E 151 2.86 -35.99 -1.99
N ALA E 152 2.21 -34.86 -2.22
CA ALA E 152 2.85 -33.56 -2.10
C ALA E 152 2.54 -32.92 -0.75
N ALA E 153 3.60 -32.45 -0.08
CA ALA E 153 3.48 -31.74 1.18
C ALA E 153 3.27 -30.24 1.00
N GLY E 154 3.67 -29.69 -0.14
CA GLY E 154 3.52 -28.26 -0.37
C GLY E 154 4.60 -27.45 0.33
N LYS E 155 4.21 -26.29 0.84
CA LYS E 155 5.14 -25.44 1.57
C LYS E 155 5.59 -26.09 2.86
N SER E 156 6.86 -25.88 3.21
CA SER E 156 7.41 -26.36 4.47
C SER E 156 7.28 -25.27 5.53
N ILE E 157 6.92 -25.66 6.74
CA ILE E 157 6.67 -24.73 7.84
C ILE E 157 7.94 -24.58 8.65
N ALA E 158 8.35 -23.33 8.87
CA ALA E 158 9.55 -23.02 9.63
C ALA E 158 9.27 -21.81 10.52
N THR E 159 10.27 -21.42 11.30
CA THR E 159 10.22 -20.23 12.14
C THR E 159 11.07 -19.14 11.53
N THR E 160 11.09 -17.97 12.18
CA THR E 160 11.85 -16.84 11.67
C THR E 160 13.34 -17.15 11.68
N GLY E 161 13.99 -16.96 10.54
CA GLY E 161 15.38 -17.34 10.39
C GLY E 161 15.62 -18.82 10.25
N GLY E 162 14.57 -19.61 10.04
CA GLY E 162 14.69 -21.05 9.99
C GLY E 162 15.27 -21.55 8.69
N HIS E 163 15.45 -22.87 8.63
CA HIS E 163 16.04 -23.52 7.46
C HIS E 163 15.18 -23.33 6.21
N ALA E 164 13.86 -23.22 6.39
CA ALA E 164 12.94 -23.06 5.27
C ALA E 164 12.38 -21.64 5.15
N ASP E 165 13.04 -20.67 5.76
CA ASP E 165 12.63 -19.28 5.63
C ASP E 165 12.84 -18.82 4.19
N PRO E 166 11.80 -18.28 3.53
CA PRO E 166 11.94 -17.89 2.11
C PRO E 166 12.70 -16.59 1.89
N THR E 167 13.08 -15.87 2.95
CA THR E 167 13.78 -14.59 2.82
C THR E 167 15.14 -14.60 3.50
N ASN E 168 15.73 -15.77 3.71
CA ASN E 168 17.05 -15.86 4.30
C ASN E 168 18.11 -15.33 3.34
N GLY E 169 18.98 -14.46 3.83
CA GLY E 169 20.07 -13.93 3.04
C GLY E 169 19.74 -12.71 2.21
N TRP E 170 18.48 -12.30 2.16
CA TRP E 170 18.10 -11.13 1.39
C TRP E 170 18.59 -9.85 2.06
N ASN E 171 18.79 -8.81 1.25
CA ASN E 171 19.22 -7.53 1.79
C ASN E 171 18.01 -6.76 2.31
N GLU E 172 18.29 -5.58 2.88
CA GLU E 172 17.23 -4.83 3.57
C GLU E 172 16.18 -4.32 2.60
N ARG E 173 16.59 -3.91 1.40
CA ARG E 173 15.65 -3.36 0.44
C ARG E 173 14.64 -4.42 -0.01
N LEU E 174 15.13 -5.59 -0.42
CA LEU E 174 14.22 -6.66 -0.85
C LEU E 174 13.34 -7.14 0.30
N ALA E 175 13.93 -7.31 1.49
CA ALA E 175 13.16 -7.79 2.63
C ALA E 175 12.12 -6.79 3.07
N HIS E 176 12.33 -5.51 2.74
CA HIS E 176 11.32 -4.47 3.06
C HIS E 176 10.13 -4.53 2.10
N LEU E 177 10.36 -4.80 0.81
CA LEU E 177 9.26 -4.75 -0.18
C LEU E 177 8.55 -6.12 -0.28
N VAL E 178 8.82 -7.03 0.65
CA VAL E 178 8.13 -8.36 0.65
C VAL E 178 7.42 -8.51 2.00
N GLY E 179 7.92 -7.82 3.02
CA GLY E 179 7.35 -7.93 4.37
C GLY E 179 7.89 -9.13 5.11
N ALA E 180 7.77 -9.14 6.44
CA ALA E 180 8.20 -10.32 7.24
C ALA E 180 7.20 -11.46 6.96
N PRO E 181 7.67 -12.64 6.51
CA PRO E 181 6.76 -13.76 6.21
C PRO E 181 5.86 -14.11 7.40
N GLY E 182 4.60 -14.49 7.13
CA GLY E 182 3.71 -14.90 8.18
C GLY E 182 3.19 -16.30 7.97
N PRO E 183 2.10 -16.65 8.65
CA PRO E 183 1.55 -18.01 8.53
C PRO E 183 1.09 -18.35 7.12
N ALA E 184 0.77 -17.36 6.29
CA ALA E 184 0.39 -17.65 4.91
C ALA E 184 1.60 -18.02 4.07
N GLU E 185 2.79 -17.59 4.47
CA GLU E 185 4.03 -17.94 3.79
C GLU E 185 4.73 -19.14 4.41
N GLY E 186 4.22 -19.66 5.51
CA GLY E 186 4.81 -20.81 6.17
C GLY E 186 5.71 -20.52 7.35
N VAL E 187 5.81 -19.26 7.78
CA VAL E 187 6.67 -18.87 8.89
C VAL E 187 5.80 -18.57 10.10
N VAL E 188 6.02 -19.30 11.18
CA VAL E 188 5.22 -19.18 12.40
C VAL E 188 6.14 -18.94 13.59
N ASN E 189 5.56 -18.35 14.64
CA ASN E 189 6.30 -18.10 15.87
C ASN E 189 5.47 -18.36 17.12
N SER E 190 4.29 -18.97 16.99
CA SER E 190 3.45 -19.25 18.14
C SER E 190 2.50 -20.41 17.80
N VAL E 191 1.68 -20.79 18.77
CA VAL E 191 0.77 -21.91 18.59
C VAL E 191 -0.36 -21.55 17.64
N ASP E 192 -0.95 -20.36 17.82
CA ASP E 192 -2.05 -19.93 16.99
C ASP E 192 -1.61 -19.68 15.55
N GLU E 193 -0.34 -19.30 15.36
CA GLU E 193 0.20 -19.16 14.01
C GLU E 193 0.45 -20.52 13.36
N ALA E 194 0.89 -21.51 14.15
CA ALA E 194 1.08 -22.85 13.63
C ALA E 194 -0.25 -23.48 13.20
N ARG E 195 -1.31 -23.26 13.97
CA ARG E 195 -2.64 -23.73 13.57
C ARG E 195 -3.04 -23.15 12.23
N GLN E 196 -2.88 -21.84 12.05
CA GLN E 196 -3.21 -21.20 10.78
C GLN E 196 -2.32 -21.70 9.65
N ALA E 197 -1.04 -21.98 9.93
CA ALA E 197 -0.16 -22.51 8.90
C ALA E 197 -0.62 -23.87 8.42
N VAL E 198 -0.99 -24.75 9.35
CA VAL E 198 -1.49 -26.07 8.95
C VAL E 198 -2.79 -25.94 8.16
N ARG E 199 -3.68 -25.06 8.61
CA ARG E 199 -4.93 -24.86 7.88
C ARG E 199 -4.69 -24.29 6.49
N GLN E 200 -3.72 -23.39 6.33
CA GLN E 200 -3.39 -22.85 5.02
C GLN E 200 -2.75 -23.90 4.12
N ARG E 201 -1.94 -24.79 4.69
CA ARG E 201 -1.40 -25.89 3.89
C ARG E 201 -2.52 -26.80 3.40
N TYR E 202 -3.49 -27.10 4.26
CA TYR E 202 -4.66 -27.87 3.82
C TYR E 202 -5.42 -27.13 2.72
N LYS E 203 -5.58 -25.80 2.88
CA LYS E 203 -6.35 -25.02 1.92
C LYS E 203 -5.72 -25.03 0.53
N GLU E 204 -4.40 -25.15 0.46
CA GLU E 204 -3.69 -25.10 -0.81
C GLU E 204 -3.54 -26.46 -1.48
N GLY E 205 -4.13 -27.51 -0.91
CA GLY E 205 -4.15 -28.81 -1.55
C GLY E 205 -2.93 -29.67 -1.25
N SER E 206 -2.58 -29.80 0.01
CA SER E 206 -1.45 -30.63 0.43
C SER E 206 -1.92 -31.99 0.92
N ASP E 207 -1.01 -32.96 0.85
CA ASP E 207 -1.29 -34.31 1.33
C ASP E 207 -0.70 -34.60 2.69
N LEU E 208 0.26 -33.80 3.14
CA LEU E 208 0.90 -33.99 4.44
C LEU E 208 1.58 -32.69 4.83
N ILE E 209 2.19 -32.68 6.02
CA ILE E 209 2.83 -31.48 6.55
C ILE E 209 4.33 -31.72 6.74
N KCX E 210 5.13 -30.72 6.39
CA KCX E 210 6.57 -30.78 6.56
CB KCX E 210 7.26 -30.82 5.19
CG KCX E 210 8.33 -31.89 5.05
CD KCX E 210 9.36 -31.80 6.15
CE KCX E 210 10.77 -32.00 5.61
NZ KCX E 210 11.12 -30.88 4.70
C KCX E 210 7.10 -29.59 7.37
O KCX E 210 6.84 -28.44 7.02
CX KCX E 210 12.26 -30.90 4.04
OQ1 KCX E 210 13.04 -31.85 4.16
OQ2 KCX E 210 12.55 -29.96 3.28
N ILE E 211 7.84 -29.87 8.42
CA ILE E 211 8.46 -28.82 9.23
C ILE E 211 9.97 -29.02 9.31
N THR E 212 10.70 -27.94 9.55
CA THR E 212 12.13 -27.98 9.79
C THR E 212 12.36 -27.71 11.27
N ALA E 213 12.71 -28.74 12.02
CA ALA E 213 12.89 -28.61 13.45
C ALA E 213 14.21 -27.93 13.81
N THR E 214 15.27 -28.19 13.04
CA THR E 214 16.57 -27.57 13.28
C THR E 214 17.07 -26.85 12.05
N GLY E 215 18.33 -26.39 12.08
CA GLY E 215 18.92 -25.76 10.92
C GLY E 215 19.33 -26.77 9.87
N GLY E 216 19.74 -26.25 8.71
CA GLY E 216 20.09 -27.08 7.58
C GLY E 216 21.42 -26.68 6.97
N VAL E 217 21.91 -27.55 6.09
CA VAL E 217 23.19 -27.34 5.43
C VAL E 217 23.08 -26.26 4.35
N LEU E 218 22.02 -26.31 3.54
CA LEU E 218 21.94 -25.51 2.32
C LEU E 218 21.24 -24.18 2.49
N SER E 219 20.88 -23.81 3.71
CA SER E 219 20.22 -22.52 3.91
C SER E 219 21.23 -21.39 4.02
N TYR E 220 20.78 -20.18 3.71
CA TYR E 220 21.61 -18.98 3.83
C TYR E 220 21.54 -18.43 5.26
N ALA E 221 21.93 -19.29 6.20
CA ALA E 221 21.87 -18.98 7.62
C ALA E 221 23.13 -19.51 8.30
N ARG E 222 23.37 -19.01 9.52
CA ARG E 222 24.58 -19.35 10.25
C ARG E 222 24.53 -20.73 10.89
N SER E 223 23.36 -21.21 11.27
CA SER E 223 23.25 -22.43 12.06
C SER E 223 22.99 -23.64 11.17
N GLY E 224 23.42 -24.80 11.65
CA GLY E 224 23.22 -26.05 10.95
C GLY E 224 22.48 -27.09 11.76
N ASP E 225 22.55 -27.01 13.09
CA ASP E 225 21.88 -28.00 13.94
C ASP E 225 21.30 -27.38 15.20
N ALA E 226 20.86 -26.12 15.14
CA ALA E 226 20.35 -25.59 16.40
C ALA E 226 18.84 -25.76 16.48
N PRO E 227 18.29 -25.95 17.68
CA PRO E 227 16.83 -26.10 17.82
C PRO E 227 16.11 -24.80 17.46
N GLN E 228 15.11 -24.91 16.59
CA GLN E 228 14.39 -23.76 16.07
C GLN E 228 12.88 -23.86 16.30
N PHE E 229 12.42 -24.89 16.99
CA PHE E 229 11.03 -25.06 17.35
C PHE E 229 10.93 -25.34 18.85
N THR E 230 9.96 -24.74 19.51
CA THR E 230 9.67 -25.07 20.89
C THR E 230 8.74 -26.29 20.93
N VAL E 231 8.65 -26.93 22.09
CA VAL E 231 7.84 -28.19 22.16
C VAL E 231 6.34 -27.87 22.04
N ASP E 232 5.90 -26.65 22.34
CA ASP E 232 4.49 -26.34 22.18
C ASP E 232 4.09 -26.12 20.72
N GLU E 233 4.96 -25.49 19.93
CA GLU E 233 4.63 -25.24 18.53
C GLU E 233 4.54 -26.54 17.74
N ILE E 234 5.46 -27.48 17.98
CA ILE E 234 5.40 -28.75 17.27
C ILE E 234 4.15 -29.53 17.67
N LYS E 235 3.80 -29.50 18.96
CA LYS E 235 2.58 -30.17 19.40
C LYS E 235 1.34 -29.54 18.78
N ALA E 236 1.30 -28.22 18.65
CA ALA E 236 0.19 -27.58 17.97
C ALA E 236 0.11 -27.97 16.51
N VAL E 237 1.27 -28.05 15.83
CA VAL E 237 1.30 -28.48 14.44
C VAL E 237 0.75 -29.89 14.30
N VAL E 238 1.21 -30.80 15.16
CA VAL E 238 0.76 -32.19 15.09
C VAL E 238 -0.73 -32.30 15.39
N ASP E 239 -1.20 -31.57 16.40
CA ASP E 239 -2.62 -31.62 16.77
C ASP E 239 -3.50 -31.08 15.65
N THR E 240 -3.09 -29.98 15.00
CA THR E 240 -3.86 -29.46 13.89
C THR E 240 -3.82 -30.41 12.70
N ALA E 241 -2.67 -31.04 12.44
CA ALA E 241 -2.56 -31.96 11.32
C ALA E 241 -3.45 -33.19 11.53
N ARG E 242 -3.52 -33.69 12.76
CA ARG E 242 -4.35 -34.85 13.04
C ARG E 242 -5.82 -34.61 12.72
N ASP E 243 -6.27 -33.35 12.83
CA ASP E 243 -7.66 -33.03 12.52
C ASP E 243 -7.96 -33.23 11.04
N TYR E 244 -7.04 -32.83 10.17
CA TYR E 244 -7.25 -32.85 8.73
C TYR E 244 -6.74 -34.13 8.08
N GLY E 245 -6.34 -35.12 8.87
CA GLY E 245 -5.87 -36.37 8.32
C GLY E 245 -4.48 -36.32 7.73
N PHE E 246 -3.60 -35.48 8.27
CA PHE E 246 -2.25 -35.31 7.77
C PHE E 246 -1.25 -36.03 8.67
N ARG E 247 -0.12 -36.40 8.06
CA ARG E 247 1.04 -36.90 8.79
C ARG E 247 2.16 -35.86 8.70
N VAL E 248 3.05 -35.87 9.70
CA VAL E 248 4.05 -34.83 9.87
C VAL E 248 5.44 -35.43 9.73
N ALA E 249 6.26 -34.84 8.87
CA ALA E 249 7.65 -35.19 8.72
C ALA E 249 8.51 -34.02 9.21
N ALA E 250 9.62 -34.34 9.87
CA ALA E 250 10.45 -33.34 10.52
C ALA E 250 11.88 -33.41 10.00
N HIS E 251 12.40 -32.27 9.55
CA HIS E 251 13.81 -32.11 9.24
C HIS E 251 14.56 -31.78 10.52
N ALA E 252 15.64 -32.51 10.78
CA ALA E 252 16.38 -32.32 12.01
C ALA E 252 17.82 -32.80 11.82
N HIS E 253 18.78 -32.04 12.34
CA HIS E 253 20.17 -32.46 12.41
C HIS E 253 20.66 -32.58 13.85
N GLY E 254 20.39 -31.57 14.68
CA GLY E 254 20.84 -31.59 16.06
C GLY E 254 20.03 -32.52 16.94
N THR E 255 20.57 -32.77 18.13
CA THR E 255 19.95 -33.72 19.05
C THR E 255 18.71 -33.13 19.71
N GLU E 256 18.76 -31.85 20.10
CA GLU E 256 17.67 -31.28 20.88
C GLU E 256 16.41 -31.11 20.04
N GLY E 257 16.55 -30.59 18.81
CA GLY E 257 15.39 -30.48 17.93
C GLY E 257 14.81 -31.82 17.56
N MET E 258 15.68 -32.81 17.31
CA MET E 258 15.23 -34.16 17.04
C MET E 258 14.43 -34.72 18.20
N LYS E 259 14.92 -34.51 19.43
CA LYS E 259 14.21 -34.99 20.61
C LYS E 259 12.85 -34.30 20.76
N ARG E 260 12.82 -32.99 20.55
CA ARG E 260 11.55 -32.26 20.65
C ARG E 260 10.55 -32.77 19.63
N ALA E 261 11.00 -32.97 18.38
CA ALA E 261 10.10 -33.44 17.33
C ALA E 261 9.61 -34.86 17.62
N VAL E 262 10.51 -35.72 18.11
CA VAL E 262 10.13 -37.11 18.39
C VAL E 262 9.12 -37.17 19.53
N GLN E 263 9.35 -36.39 20.59
CA GLN E 263 8.42 -36.40 21.71
C GLN E 263 7.10 -35.69 21.40
N ALA E 264 7.10 -34.75 20.46
CA ALA E 264 5.85 -34.10 20.07
C ALA E 264 4.93 -35.05 19.32
N GLY E 265 5.48 -35.96 18.54
CA GLY E 265 4.68 -36.96 17.86
C GLY E 265 4.71 -36.91 16.35
N VAL E 266 5.84 -36.48 15.77
CA VAL E 266 5.98 -36.51 14.32
C VAL E 266 6.06 -37.95 13.83
N THR E 267 5.71 -38.15 12.56
CA THR E 267 5.65 -39.50 12.01
C THR E 267 7.03 -40.03 11.63
N SER E 268 7.83 -39.21 10.95
CA SER E 268 9.14 -39.64 10.48
C SER E 268 10.15 -38.51 10.67
N ILE E 269 11.42 -38.89 10.72
CA ILE E 269 12.53 -37.97 10.88
C ILE E 269 13.36 -38.02 9.61
N GLU E 270 13.63 -36.85 9.03
CA GLU E 270 14.21 -36.79 7.69
C GLU E 270 15.73 -36.94 7.69
N HIS E 271 16.41 -36.45 8.72
CA HIS E 271 17.83 -36.70 8.89
C HIS E 271 18.11 -36.90 10.38
N GLY E 272 19.16 -37.65 10.67
CA GLY E 272 19.49 -37.93 12.06
C GLY E 272 20.95 -37.72 12.39
N THR E 273 21.55 -36.66 11.81
CA THR E 273 23.00 -36.52 11.80
C THR E 273 23.62 -36.66 13.19
N TYR E 274 22.97 -36.11 14.20
CA TYR E 274 23.49 -36.12 15.57
C TYR E 274 22.57 -36.90 16.51
N MET E 275 22.06 -38.03 16.04
CA MET E 275 21.20 -38.87 16.87
C MET E 275 22.04 -39.65 17.87
N ASP E 276 21.61 -39.66 19.13
CA ASP E 276 22.30 -40.37 20.20
C ASP E 276 21.41 -41.46 20.76
N ASP E 277 21.88 -42.10 21.85
CA ASP E 277 21.21 -43.28 22.38
C ASP E 277 19.81 -42.96 22.89
N GLU E 278 19.66 -41.82 23.59
CA GLU E 278 18.34 -41.48 24.13
C GLU E 278 17.33 -41.21 23.03
N VAL E 279 17.76 -40.53 21.96
CA VAL E 279 16.87 -40.30 20.83
C VAL E 279 16.45 -41.62 20.18
N MET E 280 17.40 -42.56 20.06
CA MET E 280 17.06 -43.86 19.50
C MET E 280 16.05 -44.60 20.38
N ARG E 281 16.24 -44.54 21.70
CA ARG E 281 15.30 -45.19 22.60
C ARG E 281 13.91 -44.56 22.50
N LEU E 282 13.84 -43.23 22.44
CA LEU E 282 12.56 -42.56 22.29
C LEU E 282 11.89 -42.90 20.97
N MET E 283 12.68 -43.00 19.90
CA MET E 283 12.13 -43.38 18.60
C MET E 283 11.59 -44.80 18.63
N LYS E 284 12.31 -45.72 19.27
CA LYS E 284 11.83 -47.10 19.38
C LYS E 284 10.55 -47.17 20.20
N GLN E 285 10.48 -46.40 21.30
CA GLN E 285 9.28 -46.43 22.12
C GLN E 285 8.08 -45.79 21.40
N HIS E 286 8.32 -44.71 20.67
CA HIS E 286 7.23 -44.01 19.99
C HIS E 286 6.87 -44.64 18.65
N GLY E 287 7.79 -45.36 18.03
CA GLY E 287 7.55 -45.94 16.73
C GLY E 287 7.85 -45.03 15.55
N THR E 288 8.67 -44.01 15.74
CA THR E 288 8.97 -43.07 14.67
C THR E 288 9.82 -43.74 13.59
N TRP E 289 9.55 -43.38 12.33
CA TRP E 289 10.32 -43.86 11.19
C TRP E 289 11.53 -42.96 10.96
N TYR E 290 12.59 -43.55 10.41
CA TYR E 290 13.84 -42.86 10.16
C TYR E 290 14.19 -42.95 8.68
N VAL E 291 14.57 -41.82 8.10
CA VAL E 291 14.93 -41.74 6.69
C VAL E 291 16.36 -41.23 6.60
N PRO E 292 17.32 -42.08 6.28
CA PRO E 292 18.74 -41.67 6.35
C PRO E 292 19.17 -40.69 5.27
N THR E 293 18.79 -40.92 4.01
CA THR E 293 19.19 -40.10 2.86
C THR E 293 20.72 -40.04 2.72
N PHE E 294 21.29 -41.20 2.39
CA PHE E 294 22.73 -41.29 2.16
C PHE E 294 23.15 -40.40 0.99
N TYR E 295 22.34 -40.37 -0.07
CA TYR E 295 22.73 -39.71 -1.31
C TYR E 295 23.01 -38.22 -1.10
N ALA E 296 22.15 -37.54 -0.33
CA ALA E 296 22.33 -36.11 -0.11
C ALA E 296 23.63 -35.83 0.63
N GLY E 297 23.92 -36.62 1.66
CA GLY E 297 25.16 -36.43 2.39
C GLY E 297 26.39 -36.64 1.53
N ARG E 298 26.39 -37.73 0.74
CA ARG E 298 27.54 -37.97 -0.13
C ARG E 298 27.69 -36.86 -1.16
N PHE E 299 26.58 -36.41 -1.74
CA PHE E 299 26.64 -35.35 -2.75
C PHE E 299 27.19 -34.06 -2.16
N VAL E 300 26.72 -33.67 -0.96
CA VAL E 300 27.21 -32.41 -0.39
C VAL E 300 28.67 -32.54 0.03
N THR E 301 29.08 -33.69 0.54
CA THR E 301 30.50 -33.85 0.89
C THR E 301 31.38 -33.78 -0.36
N GLU E 302 30.93 -34.35 -1.48
CA GLU E 302 31.73 -34.29 -2.69
C GLU E 302 31.73 -32.88 -3.29
N LYS E 303 30.63 -32.15 -3.17
CA LYS E 303 30.56 -30.81 -3.75
C LYS E 303 31.18 -29.74 -2.86
N ALA E 304 31.43 -30.04 -1.58
CA ALA E 304 32.11 -29.08 -0.72
C ALA E 304 33.59 -28.97 -1.03
N ALA E 305 34.17 -29.97 -1.71
CA ALA E 305 35.57 -29.91 -2.08
C ALA E 305 35.83 -28.94 -3.23
N ILE E 306 34.86 -28.81 -4.14
CA ILE E 306 35.01 -27.87 -5.25
C ILE E 306 34.94 -26.44 -4.74
N ASP E 307 35.67 -25.55 -5.39
CA ASP E 307 35.74 -24.16 -4.97
C ASP E 307 34.72 -23.35 -5.77
N GLY E 308 33.90 -22.57 -5.06
CA GLY E 308 32.91 -21.72 -5.68
C GLY E 308 31.58 -22.36 -5.96
N TYR E 309 31.43 -23.67 -5.70
CA TYR E 309 30.13 -24.32 -5.91
C TYR E 309 29.09 -23.80 -4.91
N PHE E 310 29.44 -23.78 -3.64
CA PHE E 310 28.55 -23.32 -2.57
C PHE E 310 28.97 -21.94 -2.09
N PRO E 311 28.02 -21.16 -1.56
CA PRO E 311 28.40 -19.91 -0.91
C PRO E 311 29.26 -20.16 0.31
N GLU E 312 30.07 -19.17 0.66
CA GLU E 312 31.02 -19.33 1.77
C GLU E 312 30.32 -19.60 3.10
N VAL E 313 29.07 -19.15 3.25
CA VAL E 313 28.31 -19.46 4.45
C VAL E 313 27.93 -20.94 4.48
N VAL E 314 27.66 -21.53 3.31
CA VAL E 314 27.15 -22.89 3.24
C VAL E 314 28.28 -23.94 3.27
N ARG E 315 29.46 -23.61 2.74
CA ARG E 315 30.49 -24.62 2.53
C ARG E 315 30.93 -25.34 3.81
N PRO E 316 31.22 -24.66 4.93
CA PRO E 316 31.59 -25.41 6.14
C PRO E 316 30.51 -26.37 6.61
N LYS E 317 29.24 -25.99 6.51
CA LYS E 317 28.16 -26.89 6.93
C LYS E 317 28.12 -28.13 6.06
N ALA E 318 28.26 -27.95 4.74
CA ALA E 318 28.29 -29.11 3.84
C ALA E 318 29.48 -30.00 4.12
N ALA E 319 30.63 -29.40 4.41
CA ALA E 319 31.83 -30.21 4.70
C ALA E 319 31.69 -30.96 6.02
N ARG E 320 31.00 -30.39 7.01
CA ARG E 320 30.95 -31.00 8.34
C ARG E 320 29.80 -31.98 8.48
N ILE E 321 28.56 -31.54 8.24
CA ILE E 321 27.39 -32.32 8.62
C ILE E 321 27.25 -33.57 7.76
N GLY E 322 27.47 -33.44 6.45
CA GLY E 322 27.15 -34.52 5.53
C GLY E 322 28.01 -35.76 5.67
N ALA E 323 29.10 -35.69 6.43
CA ALA E 323 30.05 -36.79 6.50
C ALA E 323 29.71 -37.84 7.55
N LEU E 324 28.62 -37.67 8.31
CA LEU E 324 28.29 -38.57 9.40
C LEU E 324 27.03 -39.39 9.15
N ILE E 325 26.36 -39.15 8.02
CA ILE E 325 25.06 -39.83 7.73
C ILE E 325 25.27 -41.33 7.60
N SER E 326 26.45 -41.75 7.14
CA SER E 326 26.68 -43.20 6.90
C SER E 326 26.88 -43.93 8.23
N GLN E 327 27.54 -43.29 9.19
CA GLN E 327 27.81 -43.96 10.50
C GLN E 327 26.59 -43.84 11.40
N THR E 328 25.81 -42.76 11.25
CA THR E 328 24.59 -42.63 12.03
C THR E 328 23.55 -43.65 11.61
N ALA E 329 23.36 -43.84 10.30
CA ALA E 329 22.35 -44.79 9.83
C ALA E 329 22.73 -46.22 10.20
N ALA E 330 24.02 -46.57 10.11
CA ALA E 330 24.44 -47.90 10.50
C ALA E 330 24.21 -48.14 11.99
N LYS E 331 24.55 -47.16 12.83
CA LYS E 331 24.32 -47.28 14.26
C LYS E 331 22.83 -47.39 14.57
N ALA E 332 21.99 -46.62 13.88
CA ALA E 332 20.55 -46.69 14.09
C ALA E 332 20.00 -48.04 13.67
N TYR E 333 20.49 -48.60 12.57
CA TYR E 333 20.01 -49.92 12.14
C TYR E 333 20.45 -51.01 13.10
N ARG E 334 21.66 -50.90 13.65
CA ARG E 334 22.11 -51.92 14.60
C ARG E 334 21.35 -51.86 15.92
N ASN E 335 20.66 -50.74 16.21
CA ASN E 335 19.95 -50.58 17.45
C ASN E 335 18.47 -50.94 17.36
N GLY E 336 17.96 -51.26 16.17
CA GLY E 336 16.57 -51.64 16.02
C GLY E 336 15.63 -50.53 15.60
N VAL E 337 16.15 -49.38 15.18
CA VAL E 337 15.29 -48.29 14.73
C VAL E 337 14.73 -48.61 13.36
N ARG E 338 13.44 -48.36 13.17
CA ARG E 338 12.79 -48.62 11.89
C ARG E 338 13.25 -47.61 10.85
N ILE E 339 13.66 -48.10 9.69
CA ILE E 339 14.28 -47.29 8.65
C ILE E 339 13.51 -47.46 7.35
N ALA E 340 13.27 -46.35 6.66
CA ALA E 340 12.59 -46.33 5.37
C ALA E 340 13.52 -45.76 4.30
N PHE E 341 13.04 -45.73 3.07
CA PHE E 341 13.84 -45.35 1.91
C PHE E 341 13.56 -43.91 1.52
N GLY E 342 14.62 -43.12 1.40
CA GLY E 342 14.51 -41.75 0.92
C GLY E 342 15.86 -41.25 0.48
N THR E 343 15.86 -40.40 -0.55
CA THR E 343 17.09 -39.98 -1.20
C THR E 343 17.37 -38.48 -1.13
N ASP E 344 16.35 -37.64 -0.95
CA ASP E 344 16.51 -36.18 -0.98
C ASP E 344 16.97 -35.70 -2.35
N GLN E 345 16.45 -36.32 -3.40
CA GLN E 345 16.79 -35.88 -4.75
C GLN E 345 16.25 -34.48 -5.01
N GLY E 346 16.85 -33.81 -5.99
CA GLY E 346 16.83 -32.38 -6.09
C GLY E 346 18.08 -31.73 -5.52
N VAL E 347 18.75 -32.43 -4.63
CA VAL E 347 20.17 -32.17 -4.35
C VAL E 347 21.04 -33.00 -5.28
N GLY E 348 20.77 -34.29 -5.39
CA GLY E 348 21.36 -35.12 -6.40
C GLY E 348 20.57 -35.07 -7.69
N PRO E 349 21.09 -35.69 -8.75
CA PRO E 349 20.40 -35.65 -10.05
C PRO E 349 19.20 -36.58 -10.07
N HIS E 350 18.08 -36.07 -10.57
CA HIS E 350 16.86 -36.88 -10.68
C HIS E 350 17.07 -38.03 -11.66
N GLY E 351 16.53 -39.19 -11.30
CA GLY E 351 16.69 -40.39 -12.09
C GLY E 351 17.77 -41.33 -11.61
N ASP E 352 18.64 -40.88 -10.71
CA ASP E 352 19.70 -41.70 -10.14
C ASP E 352 19.38 -42.14 -8.72
N ASN E 353 18.10 -42.24 -8.37
CA ASN E 353 17.71 -42.54 -7.00
C ASN E 353 18.18 -43.93 -6.56
N ALA E 354 18.09 -44.92 -7.45
CA ALA E 354 18.36 -46.30 -7.08
C ALA E 354 19.78 -46.53 -6.60
N ARG E 355 20.70 -45.61 -6.90
CA ARG E 355 22.06 -45.72 -6.37
C ARG E 355 22.09 -45.74 -4.84
N GLU E 356 21.07 -45.16 -4.19
CA GLU E 356 21.01 -45.23 -2.74
C GLU E 356 20.95 -46.67 -2.25
N PHE E 357 20.33 -47.57 -3.03
CA PHE E 357 20.31 -48.98 -2.65
C PHE E 357 21.73 -49.52 -2.48
N VAL E 358 22.67 -49.01 -3.28
CA VAL E 358 24.06 -49.44 -3.14
C VAL E 358 24.65 -48.92 -1.83
N TYR E 359 24.29 -47.69 -1.44
CA TYR E 359 24.87 -47.09 -0.25
C TYR E 359 24.39 -47.78 1.02
N MET E 360 23.13 -48.21 1.06
CA MET E 360 22.61 -48.90 2.24
C MET E 360 23.27 -50.26 2.44
N VAL E 361 23.40 -51.04 1.35
CA VAL E 361 23.92 -52.39 1.47
C VAL E 361 25.38 -52.37 1.90
N GLU E 362 26.15 -51.42 1.40
CA GLU E 362 27.54 -51.27 1.83
C GLU E 362 27.65 -50.61 3.20
N ALA E 363 26.53 -50.22 3.81
CA ALA E 363 26.51 -49.70 5.17
C ALA E 363 26.14 -50.78 6.19
N GLY E 364 25.96 -52.02 5.75
CA GLY E 364 25.63 -53.12 6.63
C GLY E 364 24.19 -53.57 6.57
N ILE E 365 23.32 -52.82 5.91
CA ILE E 365 21.91 -53.21 5.82
C ILE E 365 21.76 -54.27 4.73
N PRO E 366 21.10 -55.40 5.02
CA PRO E 366 20.95 -56.45 4.00
C PRO E 366 20.13 -55.98 2.81
N ALA E 367 20.34 -56.65 1.67
CA ALA E 367 19.67 -56.28 0.44
C ALA E 367 18.16 -56.46 0.54
N ALA E 368 17.72 -57.55 1.18
CA ALA E 368 16.29 -57.80 1.30
C ALA E 368 15.59 -56.71 2.11
N TYR E 369 16.19 -56.27 3.21
CA TYR E 369 15.61 -55.18 3.98
C TYR E 369 15.64 -53.87 3.22
N ALA E 370 16.71 -53.61 2.46
CA ALA E 370 16.77 -52.39 1.66
C ALA E 370 15.71 -52.37 0.57
N LEU E 371 15.36 -53.54 0.02
CA LEU E 371 14.29 -53.62 -0.95
C LEU E 371 12.92 -53.50 -0.29
N GLN E 372 12.75 -54.07 0.90
CA GLN E 372 11.50 -53.93 1.62
C GLN E 372 11.25 -52.49 2.05
N ALA E 373 12.31 -51.74 2.37
CA ALA E 373 12.16 -50.39 2.87
C ALA E 373 11.57 -49.44 1.83
N ALA E 374 11.62 -49.79 0.55
CA ALA E 374 11.07 -48.94 -0.50
C ALA E 374 9.73 -49.42 -1.02
N THR E 375 9.26 -50.59 -0.59
CA THR E 375 7.97 -51.11 -1.05
C THR E 375 6.96 -51.25 0.08
N VAL E 376 7.26 -52.02 1.12
CA VAL E 376 6.25 -52.38 2.10
C VAL E 376 6.32 -51.46 3.32
N HIS E 377 7.49 -50.85 3.54
CA HIS E 377 7.64 -49.89 4.62
C HIS E 377 7.30 -48.47 4.18
N ALA E 378 7.53 -48.15 2.91
CA ALA E 378 7.12 -46.84 2.39
C ALA E 378 5.60 -46.70 2.41
N ALA E 379 4.87 -47.79 2.18
CA ALA E 379 3.42 -47.73 2.29
C ALA E 379 2.97 -47.52 3.73
N GLN E 380 3.68 -48.10 4.69
CA GLN E 380 3.36 -47.86 6.10
C GLN E 380 3.65 -46.41 6.48
N VAL E 381 4.76 -45.86 5.98
CA VAL E 381 5.06 -44.45 6.23
C VAL E 381 3.99 -43.56 5.62
N LEU E 382 3.58 -43.86 4.38
CA LEU E 382 2.58 -43.05 3.72
C LEU E 382 1.18 -43.26 4.31
N GLY E 383 0.94 -44.43 4.89
CA GLY E 383 -0.37 -44.74 5.42
C GLY E 383 -1.37 -45.23 4.40
N VAL E 384 -0.91 -45.81 3.30
CA VAL E 384 -1.77 -46.33 2.25
C VAL E 384 -1.62 -47.85 2.19
N ASP E 385 -2.74 -48.54 2.02
CA ASP E 385 -2.79 -49.99 2.07
C ASP E 385 -2.93 -50.65 0.71
N ASP E 386 -3.09 -49.87 -0.35
CA ASP E 386 -3.37 -50.42 -1.67
C ASP E 386 -2.12 -50.64 -2.52
N GLN E 387 -0.93 -50.35 -1.98
CA GLN E 387 0.30 -50.51 -2.72
C GLN E 387 1.35 -51.19 -1.84
N GLY E 388 2.50 -51.47 -2.43
CA GLY E 388 3.61 -52.02 -1.68
C GLY E 388 3.93 -53.47 -1.98
N VAL E 389 2.90 -54.30 -2.16
CA VAL E 389 3.08 -55.73 -2.39
C VAL E 389 2.30 -56.15 -3.63
N LEU E 390 2.75 -57.24 -4.25
CA LEU E 390 2.10 -57.78 -5.43
C LEU E 390 1.06 -58.81 -4.97
N GLU E 391 -0.07 -58.30 -4.53
CA GLU E 391 -1.16 -59.12 -4.00
C GLU E 391 -2.46 -58.76 -4.69
N PRO E 392 -3.41 -59.69 -4.75
CA PRO E 392 -4.70 -59.39 -5.38
C PRO E 392 -5.41 -58.22 -4.69
N GLY E 393 -6.04 -57.38 -5.50
CA GLY E 393 -6.76 -56.22 -5.00
C GLY E 393 -5.92 -54.98 -4.82
N LYS E 394 -4.63 -55.03 -5.12
CA LYS E 394 -3.72 -53.90 -4.95
C LYS E 394 -3.38 -53.29 -6.29
N ARG E 395 -2.84 -52.08 -6.24
CA ARG E 395 -2.45 -51.37 -7.45
C ARG E 395 -1.38 -52.15 -8.21
N ALA E 396 -1.50 -52.16 -9.54
CA ALA E 396 -0.59 -52.93 -10.39
C ALA E 396 0.58 -52.05 -10.79
N ASP E 397 1.50 -51.86 -9.85
CA ASP E 397 2.78 -51.20 -10.09
C ASP E 397 3.86 -52.28 -10.05
N VAL E 398 4.35 -52.67 -11.22
CA VAL E 398 5.31 -53.76 -11.34
C VAL E 398 6.53 -53.29 -12.11
N ILE E 399 7.73 -53.58 -11.58
CA ILE E 399 8.96 -53.29 -12.28
C ILE E 399 9.75 -54.59 -12.39
N ALA E 400 10.67 -54.61 -13.35
CA ALA E 400 11.48 -55.79 -13.62
C ALA E 400 12.94 -55.41 -13.78
N LEU E 401 13.81 -56.32 -13.36
CA LEU E 401 15.25 -56.15 -13.44
C LEU E 401 15.86 -57.30 -14.23
N ALA E 402 16.95 -57.00 -14.94
CA ALA E 402 17.63 -58.02 -15.73
C ALA E 402 18.27 -59.08 -14.84
N GLY E 403 18.85 -58.67 -13.72
CA GLY E 403 19.55 -59.57 -12.83
C GLY E 403 18.87 -59.70 -11.48
N ASN E 404 19.50 -60.50 -10.62
CA ASN E 404 18.98 -60.76 -9.28
C ASN E 404 19.60 -59.76 -8.30
N PRO E 405 18.80 -58.91 -7.64
CA PRO E 405 19.38 -57.91 -6.74
C PRO E 405 19.79 -58.45 -5.38
N LEU E 406 19.39 -59.67 -5.01
CA LEU E 406 19.74 -60.21 -3.70
C LEU E 406 21.17 -60.75 -3.65
N GLU E 407 21.81 -60.94 -4.80
CA GLU E 407 23.23 -61.30 -4.83
C GLU E 407 24.12 -60.21 -5.41
N ASP E 408 23.57 -59.32 -6.24
CA ASP E 408 24.31 -58.20 -6.80
C ASP E 408 23.41 -56.97 -6.73
N ILE E 409 23.77 -56.02 -5.88
CA ILE E 409 22.90 -54.87 -5.58
C ILE E 409 23.02 -53.82 -6.69
N ASN E 410 23.86 -54.09 -7.69
CA ASN E 410 23.96 -53.18 -8.82
C ASN E 410 22.90 -53.41 -9.88
N ALA E 411 22.17 -54.53 -9.80
CA ALA E 411 21.12 -54.82 -10.76
C ALA E 411 19.98 -53.81 -10.70
N VAL E 412 19.87 -53.06 -9.60
CA VAL E 412 18.82 -52.05 -9.46
C VAL E 412 19.17 -50.83 -10.30
N LEU E 413 20.32 -50.86 -10.96
CA LEU E 413 20.71 -49.78 -11.86
C LEU E 413 20.31 -50.05 -13.30
N ASP E 414 19.60 -51.15 -13.57
CA ASP E 414 19.17 -51.54 -14.92
C ASP E 414 17.74 -52.05 -14.84
N VAL E 415 16.77 -51.15 -15.04
CA VAL E 415 15.35 -51.49 -15.00
C VAL E 415 14.88 -51.74 -16.43
N ARG E 416 14.24 -52.89 -16.65
CA ARG E 416 13.85 -53.31 -17.98
C ARG E 416 12.35 -53.27 -18.24
N PHE E 417 11.53 -53.04 -17.21
CA PHE E 417 10.08 -53.05 -17.38
C PHE E 417 9.45 -52.24 -16.27
N VAL E 418 8.59 -51.30 -16.65
CA VAL E 418 7.89 -50.43 -15.71
C VAL E 418 6.40 -50.46 -16.03
N MET E 419 5.58 -50.63 -15.00
CA MET E 419 4.13 -50.61 -15.12
C MET E 419 3.53 -49.90 -13.91
N LYS E 420 2.66 -48.94 -14.18
CA LYS E 420 2.02 -48.15 -13.13
C LYS E 420 0.53 -48.05 -13.42
N ASP E 421 -0.29 -48.53 -12.49
CA ASP E 421 -1.74 -48.53 -12.62
C ASP E 421 -2.20 -49.31 -13.85
N GLY E 422 -1.48 -50.36 -14.21
CA GLY E 422 -1.86 -51.22 -15.31
C GLY E 422 -1.43 -50.75 -16.69
N VAL E 423 -0.79 -49.59 -16.78
CA VAL E 423 -0.33 -49.05 -18.06
C VAL E 423 1.16 -49.26 -18.16
N ILE E 424 1.60 -49.82 -19.28
CA ILE E 424 3.02 -50.07 -19.50
C ILE E 424 3.68 -48.79 -20.02
N TYR E 425 4.74 -48.36 -19.33
CA TYR E 425 5.49 -47.18 -19.73
C TYR E 425 6.86 -47.50 -20.31
N LYS E 426 7.54 -48.52 -19.79
CA LYS E 426 8.79 -48.99 -20.33
C LYS E 426 8.71 -50.50 -20.50
N GLN E 427 9.00 -50.97 -21.71
CA GLN E 427 8.94 -52.40 -22.00
C GLN E 427 10.30 -52.94 -22.41
N PRO F 22 -59.24 -1.09 13.38
CA PRO F 22 -59.70 -2.39 13.88
C PRO F 22 -60.34 -3.24 12.80
N VAL F 23 -59.84 -4.47 12.62
CA VAL F 23 -60.34 -5.38 11.60
C VAL F 23 -60.80 -6.66 12.29
N ALA F 24 -62.00 -7.12 11.93
CA ALA F 24 -62.55 -8.37 12.45
C ALA F 24 -62.41 -9.43 11.38
N VAL F 25 -61.62 -10.47 11.66
CA VAL F 25 -61.40 -11.57 10.73
C VAL F 25 -62.18 -12.77 11.21
N GLN F 26 -63.11 -13.24 10.38
CA GLN F 26 -63.92 -14.41 10.68
C GLN F 26 -63.31 -15.62 10.02
N CYS F 27 -63.06 -16.67 10.81
CA CYS F 27 -62.35 -17.86 10.37
C CYS F 27 -63.26 -19.08 10.51
N GLY F 28 -63.39 -19.85 9.43
CA GLY F 28 -64.18 -21.06 9.49
C GLY F 28 -63.59 -22.11 10.41
N ARG F 29 -62.27 -22.29 10.34
CA ARG F 29 -61.56 -23.21 11.21
C ARG F 29 -60.23 -22.58 11.61
N LEU F 30 -59.83 -22.81 12.86
CA LEU F 30 -58.63 -22.22 13.43
C LEU F 30 -57.69 -23.30 13.93
N PHE F 31 -56.39 -23.06 13.79
CA PHE F 31 -55.36 -23.99 14.25
C PHE F 31 -54.69 -23.42 15.49
N ASP F 32 -54.70 -24.18 16.58
CA ASP F 32 -54.05 -23.79 17.83
C ASP F 32 -52.65 -24.38 17.83
N ALA F 33 -51.64 -23.53 17.60
CA ALA F 33 -50.26 -24.01 17.53
C ALA F 33 -49.76 -24.48 18.88
N ARG F 34 -50.29 -23.94 19.98
CA ARG F 34 -49.86 -24.35 21.31
C ARG F 34 -50.32 -25.75 21.65
N SER F 35 -51.32 -26.28 20.95
CA SER F 35 -51.83 -27.62 21.20
C SER F 35 -51.75 -28.54 20.00
N GLY F 36 -51.64 -28.00 18.79
CA GLY F 36 -51.60 -28.81 17.60
C GLY F 36 -52.95 -29.34 17.16
N GLN F 37 -54.04 -28.72 17.59
CA GLN F 37 -55.39 -29.16 17.26
C GLN F 37 -56.11 -28.09 16.46
N LEU F 38 -57.04 -28.53 15.63
CA LEU F 38 -57.82 -27.64 14.77
C LEU F 38 -59.17 -27.37 15.45
N LYS F 39 -59.44 -26.11 15.74
CA LYS F 39 -60.65 -25.71 16.45
C LYS F 39 -61.76 -25.40 15.46
N GLY F 40 -62.86 -24.83 15.94
CA GLY F 40 -63.97 -24.47 15.10
C GLY F 40 -63.91 -23.02 14.63
N PRO F 41 -65.06 -22.48 14.25
CA PRO F 41 -65.09 -21.07 13.80
C PRO F 41 -64.66 -20.12 14.90
N HIS F 42 -64.02 -19.04 14.50
CA HIS F 42 -63.53 -18.05 15.45
C HIS F 42 -63.54 -16.67 14.81
N THR F 43 -63.31 -15.66 15.64
CA THR F 43 -63.22 -14.28 15.18
C THR F 43 -62.03 -13.61 15.86
N LEU F 44 -61.13 -13.05 15.07
CA LEU F 44 -59.94 -12.37 15.57
C LEU F 44 -60.13 -10.87 15.43
N LEU F 45 -59.85 -10.14 16.50
CA LEU F 45 -59.91 -8.68 16.47
C LEU F 45 -58.48 -8.14 16.40
N VAL F 46 -58.19 -7.40 15.33
CA VAL F 46 -56.84 -6.86 15.09
C VAL F 46 -56.90 -5.35 15.23
N ALA F 47 -56.02 -4.81 16.07
CA ALA F 47 -55.93 -3.37 16.26
C ALA F 47 -54.49 -3.00 16.58
N ASP F 48 -54.00 -1.93 15.95
CA ASP F 48 -52.64 -1.43 16.15
C ASP F 48 -51.59 -2.47 15.77
N GLY F 49 -51.93 -3.38 14.87
CA GLY F 49 -51.00 -4.38 14.39
C GLY F 49 -50.87 -5.62 15.23
N ARG F 50 -51.65 -5.76 16.29
CA ARG F 50 -51.62 -6.94 17.14
C ARG F 50 -53.00 -7.55 17.24
N ILE F 51 -53.07 -8.70 17.90
CA ILE F 51 -54.34 -9.40 18.13
C ILE F 51 -54.92 -8.94 19.45
N ARG F 52 -56.17 -8.46 19.41
CA ARG F 52 -56.82 -7.96 20.61
C ARG F 52 -57.61 -9.03 21.34
N GLN F 53 -58.40 -9.79 20.67
CA GLN F 53 -59.22 -10.83 21.33
C GLN F 53 -59.69 -11.88 20.33
N VAL F 54 -59.72 -13.11 20.69
CA VAL F 54 -60.15 -14.25 19.89
C VAL F 54 -61.46 -14.75 20.49
N LEU F 55 -62.55 -14.62 19.74
CA LEU F 55 -63.88 -14.98 20.23
C LEU F 55 -64.38 -16.20 19.50
N PRO F 56 -64.81 -17.25 20.21
CA PRO F 56 -65.38 -18.42 19.52
C PRO F 56 -66.66 -18.04 18.78
N GLY F 57 -66.86 -18.69 17.63
CA GLY F 57 -68.03 -18.43 16.82
C GLY F 57 -67.71 -17.75 15.50
N ALA F 65 -66.12 -2.33 12.78
CA ALA F 65 -64.85 -2.90 12.32
C ALA F 65 -65.03 -3.58 10.96
N ARG F 66 -64.10 -3.32 10.05
CA ARG F 66 -64.16 -3.91 8.72
C ARG F 66 -64.00 -5.43 8.82
N VAL F 67 -64.85 -6.15 8.09
CA VAL F 67 -64.98 -7.59 8.21
C VAL F 67 -64.23 -8.26 7.07
N VAL F 68 -63.35 -9.19 7.41
CA VAL F 68 -62.67 -10.06 6.44
C VAL F 68 -63.14 -11.48 6.70
N ASP F 69 -63.84 -12.05 5.72
CA ASP F 69 -64.48 -13.36 5.88
C ASP F 69 -63.66 -14.43 5.18
N LEU F 70 -63.34 -15.50 5.91
CA LEU F 70 -62.66 -16.67 5.37
C LEU F 70 -63.34 -17.94 5.86
N GLY F 71 -64.67 -17.95 5.76
CA GLY F 71 -65.46 -19.03 6.34
C GLY F 71 -65.20 -20.40 5.77
N ASP F 72 -64.71 -20.48 4.53
CA ASP F 72 -64.40 -21.74 3.87
C ASP F 72 -62.89 -21.93 3.73
N LYS F 73 -62.14 -21.48 4.72
CA LYS F 73 -60.69 -21.59 4.70
C LYS F 73 -60.19 -21.94 6.10
N VAL F 74 -58.99 -22.49 6.15
CA VAL F 74 -58.36 -22.89 7.42
C VAL F 74 -57.27 -21.87 7.73
N CYS F 75 -57.37 -21.25 8.90
CA CYS F 75 -56.43 -20.19 9.29
C CYS F 75 -55.36 -20.72 10.23
N LEU F 76 -54.14 -20.23 10.02
CA LEU F 76 -52.97 -20.61 10.79
C LEU F 76 -52.15 -19.36 11.06
N PRO F 77 -51.27 -19.39 12.05
CA PRO F 77 -50.29 -18.31 12.20
C PRO F 77 -49.30 -18.32 11.04
N GLY F 78 -48.64 -17.18 10.85
CA GLY F 78 -47.64 -17.09 9.80
C GLY F 78 -46.46 -18.00 10.08
N TRP F 79 -45.90 -18.57 9.01
CA TRP F 79 -44.80 -19.51 9.15
C TRP F 79 -43.47 -18.79 9.25
N THR F 80 -42.51 -19.46 9.89
CA THR F 80 -41.15 -18.95 10.02
C THR F 80 -40.17 -19.96 9.43
N ASP F 81 -39.31 -19.48 8.54
CA ASP F 81 -38.25 -20.30 7.94
C ASP F 81 -36.93 -19.94 8.60
N LEU F 82 -36.30 -20.92 9.23
CA LEU F 82 -35.12 -20.66 10.07
C LEU F 82 -33.81 -20.84 9.33
N HIS F 83 -33.84 -21.08 8.01
CA HIS F 83 -32.61 -21.20 7.24
C HIS F 83 -32.91 -20.79 5.80
N VAL F 84 -32.59 -19.56 5.45
CA VAL F 84 -32.74 -19.05 4.08
C VAL F 84 -31.53 -18.22 3.72
N HIS F 85 -31.34 -18.02 2.43
CA HIS F 85 -30.31 -17.13 1.88
C HIS F 85 -31.00 -16.23 0.86
N LEU F 86 -31.57 -15.13 1.33
CA LEU F 86 -32.36 -14.26 0.46
C LEU F 86 -31.51 -13.46 -0.52
N GLY F 87 -30.19 -13.46 -0.36
CA GLY F 87 -29.30 -12.74 -1.23
C GLY F 87 -28.70 -13.55 -2.36
N SER F 88 -29.13 -14.79 -2.56
CA SER F 88 -28.59 -15.62 -3.62
C SER F 88 -29.60 -16.71 -3.98
N GLN F 89 -29.38 -17.32 -5.14
CA GLN F 89 -30.15 -18.47 -5.59
C GLN F 89 -29.28 -19.31 -6.49
N SER F 90 -29.40 -20.63 -6.37
CA SER F 90 -28.53 -21.53 -7.11
C SER F 90 -28.82 -21.47 -8.60
N SER F 91 -27.76 -21.54 -9.40
CA SER F 91 -27.86 -21.42 -10.85
C SER F 91 -26.62 -22.07 -11.46
N PRO F 92 -26.69 -22.48 -12.72
CA PRO F 92 -25.48 -23.01 -13.39
C PRO F 92 -24.36 -21.98 -13.51
N GLN F 93 -24.67 -20.69 -13.36
CA GLN F 93 -23.66 -19.64 -13.44
C GLN F 93 -23.23 -19.12 -12.08
N SER F 94 -23.56 -19.83 -11.01
CA SER F 94 -23.33 -19.34 -9.65
C SER F 94 -21.87 -19.39 -9.22
N TYR F 95 -21.01 -20.11 -9.94
CA TYR F 95 -19.61 -20.24 -9.58
C TYR F 95 -18.69 -19.32 -10.37
N SER F 96 -19.26 -18.41 -11.16
CA SER F 96 -18.50 -17.38 -11.83
C SER F 96 -18.95 -15.96 -11.47
N GLU F 97 -20.08 -15.81 -10.77
CA GLU F 97 -20.61 -14.50 -10.43
C GLU F 97 -19.87 -13.82 -9.29
N ASP F 98 -19.00 -14.54 -8.58
CA ASP F 98 -18.18 -13.94 -7.54
C ASP F 98 -17.20 -12.95 -8.15
N PHE F 99 -16.88 -13.10 -9.44
CA PHE F 99 -15.92 -12.25 -10.12
C PHE F 99 -16.55 -11.39 -11.21
N ARG F 100 -17.87 -11.45 -11.39
CA ARG F 100 -18.55 -10.69 -12.44
C ARG F 100 -19.62 -9.75 -11.91
N LEU F 101 -20.40 -10.16 -10.92
CA LEU F 101 -21.54 -9.40 -10.46
C LEU F 101 -21.20 -8.56 -9.23
N ASP F 102 -22.06 -7.59 -8.96
CA ASP F 102 -21.93 -6.65 -7.86
C ASP F 102 -23.06 -6.84 -6.84
N PRO F 103 -22.88 -6.34 -5.61
CA PRO F 103 -23.95 -6.48 -4.61
C PRO F 103 -25.26 -5.82 -5.01
N VAL F 104 -25.22 -4.80 -5.86
CA VAL F 104 -26.44 -4.11 -6.27
C VAL F 104 -27.33 -5.03 -7.10
N ASP F 105 -26.72 -5.85 -7.98
CA ASP F 105 -27.48 -6.84 -8.72
C ASP F 105 -28.12 -7.85 -7.78
N HIS F 106 -27.38 -8.27 -6.75
CA HIS F 106 -27.95 -9.18 -5.75
C HIS F 106 -29.11 -8.54 -5.00
N ALA F 107 -29.04 -7.23 -4.72
CA ALA F 107 -30.16 -6.55 -4.09
C ALA F 107 -31.38 -6.51 -5.00
N PHE F 108 -31.17 -6.23 -6.29
CA PHE F 108 -32.28 -6.20 -7.23
C PHE F 108 -32.92 -7.57 -7.41
N ARG F 109 -32.13 -8.65 -7.29
CA ARG F 109 -32.72 -9.98 -7.30
C ARG F 109 -33.42 -10.29 -5.98
N ALA F 110 -32.84 -9.83 -4.87
CA ALA F 110 -33.40 -10.08 -3.55
C ALA F 110 -34.75 -9.43 -3.35
N VAL F 111 -35.03 -8.32 -4.04
CA VAL F 111 -36.36 -7.73 -3.95
C VAL F 111 -37.43 -8.75 -4.36
N GLY F 112 -37.26 -9.36 -5.54
CA GLY F 112 -38.20 -10.37 -5.99
C GLY F 112 -38.16 -11.63 -5.15
N TYR F 113 -36.97 -12.04 -4.71
CA TYR F 113 -36.88 -13.20 -3.83
C TYR F 113 -37.70 -13.00 -2.57
N ALA F 114 -37.59 -11.83 -1.94
CA ALA F 114 -38.31 -11.56 -0.71
C ALA F 114 -39.82 -11.47 -0.96
N GLU F 115 -40.22 -10.86 -2.07
CA GLU F 115 -41.66 -10.82 -2.37
C GLU F 115 -42.23 -12.22 -2.57
N LYS F 116 -41.51 -13.07 -3.30
CA LYS F 116 -41.96 -14.45 -3.50
C LYS F 116 -41.98 -15.23 -2.19
N THR F 117 -40.99 -15.01 -1.31
CA THR F 117 -40.99 -15.68 -0.02
C THR F 117 -42.18 -15.25 0.84
N LEU F 118 -42.49 -13.95 0.85
CA LEU F 118 -43.61 -13.47 1.65
C LEU F 118 -44.94 -14.00 1.11
N MET F 119 -45.10 -14.05 -0.21
CA MET F 119 -46.36 -14.48 -0.78
C MET F 119 -46.64 -15.96 -0.56
N ALA F 120 -45.64 -16.75 -0.15
CA ALA F 120 -45.83 -18.17 0.07
C ALA F 120 -46.39 -18.49 1.45
N GLY F 121 -46.55 -17.50 2.32
CA GLY F 121 -47.06 -17.72 3.66
C GLY F 121 -46.03 -17.61 4.77
N PHE F 122 -44.79 -17.29 4.41
CA PHE F 122 -43.69 -17.19 5.41
C PHE F 122 -43.53 -15.72 5.79
N THR F 123 -44.09 -15.31 6.93
CA THR F 123 -44.10 -13.88 7.34
C THR F 123 -42.83 -13.54 8.12
N SER F 124 -41.99 -14.54 8.41
CA SER F 124 -40.70 -14.30 9.11
C SER F 124 -39.64 -15.30 8.62
N VAL F 125 -38.38 -14.86 8.54
CA VAL F 125 -37.27 -15.71 8.12
C VAL F 125 -36.06 -15.40 8.99
N ARG F 126 -35.18 -16.40 9.11
CA ARG F 126 -33.88 -16.25 9.75
C ARG F 126 -32.82 -16.44 8.68
N ASP F 127 -32.12 -15.36 8.34
CA ASP F 127 -31.09 -15.40 7.31
C ASP F 127 -29.77 -15.82 7.92
N LEU F 128 -29.13 -16.82 7.31
CA LEU F 128 -27.97 -17.48 7.88
C LEU F 128 -26.73 -17.26 7.01
N GLY F 129 -26.53 -16.03 6.55
CA GLY F 129 -25.36 -15.71 5.76
C GLY F 129 -25.65 -14.82 4.58
N GLY F 130 -24.82 -13.81 4.36
CA GLY F 130 -25.00 -12.87 3.27
C GLY F 130 -24.82 -11.44 3.72
N GLU F 131 -24.28 -10.62 2.83
CA GLU F 131 -24.00 -9.21 3.12
C GLU F 131 -25.17 -8.29 2.78
N VAL F 132 -26.10 -8.74 1.94
CA VAL F 132 -27.22 -7.88 1.53
C VAL F 132 -28.37 -7.96 2.52
N SER F 133 -28.47 -9.06 3.28
CA SER F 133 -29.65 -9.29 4.12
C SER F 133 -29.89 -8.21 5.17
N PRO F 134 -28.90 -7.69 5.90
CA PRO F 134 -29.20 -6.58 6.82
C PRO F 134 -29.78 -5.35 6.12
N HIS F 135 -29.27 -5.01 4.93
CA HIS F 135 -29.82 -3.88 4.20
C HIS F 135 -31.22 -4.15 3.69
N LEU F 136 -31.51 -5.38 3.25
CA LEU F 136 -32.86 -5.73 2.86
C LEU F 136 -33.82 -5.67 4.05
N ARG F 137 -33.36 -6.12 5.22
CA ARG F 137 -34.17 -6.00 6.43
C ARG F 137 -34.47 -4.54 6.76
N ASP F 138 -33.45 -3.68 6.64
CA ASP F 138 -33.66 -2.25 6.88
C ASP F 138 -34.65 -1.67 5.88
N ALA F 139 -34.54 -2.04 4.60
CA ALA F 139 -35.46 -1.52 3.59
C ALA F 139 -36.89 -1.99 3.83
N ILE F 140 -37.07 -3.25 4.24
CA ILE F 140 -38.40 -3.77 4.50
C ILE F 140 -38.99 -3.09 5.75
N ASN F 141 -38.17 -2.85 6.76
CA ASN F 141 -38.66 -2.20 7.97
C ASN F 141 -39.05 -0.74 7.70
N GLN F 142 -38.40 -0.10 6.73
CA GLN F 142 -38.74 1.27 6.36
C GLN F 142 -39.91 1.35 5.38
N GLY F 143 -40.43 0.21 4.93
CA GLY F 143 -41.55 0.21 4.01
C GLY F 143 -41.18 0.46 2.56
N LEU F 144 -39.90 0.39 2.21
CA LEU F 144 -39.51 0.64 0.82
C LEU F 144 -39.89 -0.52 -0.09
N VAL F 145 -39.72 -1.75 0.39
CA VAL F 145 -40.02 -2.94 -0.38
C VAL F 145 -40.84 -3.90 0.49
N ARG F 146 -41.39 -4.92 -0.14
CA ARG F 146 -42.23 -5.90 0.52
C ARG F 146 -41.45 -7.18 0.78
N GLY F 147 -41.74 -7.82 1.92
CA GLY F 147 -41.09 -9.05 2.29
C GLY F 147 -41.38 -9.45 3.71
N PRO F 148 -40.79 -10.54 4.18
CA PRO F 148 -41.03 -11.02 5.54
C PRO F 148 -40.14 -10.27 6.54
N ARG F 149 -40.32 -10.63 7.81
CA ARG F 149 -39.50 -10.08 8.89
C ARG F 149 -38.21 -10.87 8.97
N ILE F 150 -37.08 -10.18 8.78
CA ILE F 150 -35.78 -10.83 8.64
C ILE F 150 -35.02 -10.75 9.95
N PHE F 151 -34.51 -11.88 10.41
CA PHE F 151 -33.54 -11.93 11.50
C PHE F 151 -32.21 -12.32 10.86
N ALA F 152 -31.32 -11.33 10.69
CA ALA F 152 -30.14 -11.48 9.86
C ALA F 152 -28.92 -11.77 10.72
N ALA F 153 -28.16 -12.80 10.32
CA ALA F 153 -26.90 -13.14 10.98
C ALA F 153 -25.70 -12.41 10.40
N GLY F 154 -25.76 -12.00 9.14
CA GLY F 154 -24.64 -11.33 8.52
C GLY F 154 -23.57 -12.29 8.04
N LYS F 155 -22.30 -11.90 8.22
CA LYS F 155 -21.19 -12.77 7.85
C LYS F 155 -21.19 -14.04 8.69
N SER F 156 -20.83 -15.15 8.06
CA SER F 156 -20.61 -16.40 8.77
C SER F 156 -19.15 -16.53 9.15
N ILE F 157 -18.90 -17.01 10.36
CA ILE F 157 -17.55 -17.09 10.90
C ILE F 157 -16.99 -18.47 10.63
N ALA F 158 -15.80 -18.53 10.03
CA ALA F 158 -15.14 -19.78 9.69
C ALA F 158 -13.65 -19.65 9.99
N THR F 159 -12.92 -20.73 9.78
CA THR F 159 -11.47 -20.76 9.91
C THR F 159 -10.83 -20.77 8.54
N THR F 160 -9.49 -20.77 8.52
CA THR F 160 -8.76 -20.75 7.27
C THR F 160 -9.02 -22.03 6.48
N GLY F 161 -9.42 -21.87 5.22
CA GLY F 161 -9.81 -23.01 4.41
C GLY F 161 -11.16 -23.57 4.73
N GLY F 162 -11.96 -22.88 5.55
CA GLY F 162 -13.23 -23.40 6.00
C GLY F 162 -14.31 -23.32 4.95
N HIS F 163 -15.49 -23.84 5.32
CA HIS F 163 -16.62 -23.88 4.40
C HIS F 163 -17.09 -22.49 4.00
N ALA F 164 -16.91 -21.50 4.89
CA ALA F 164 -17.33 -20.13 4.62
C ALA F 164 -16.16 -19.19 4.34
N ASP F 165 -15.01 -19.74 3.97
CA ASP F 165 -13.88 -18.90 3.59
C ASP F 165 -14.19 -18.16 2.30
N PRO F 166 -14.06 -16.83 2.27
CA PRO F 166 -14.42 -16.07 1.06
C PRO F 166 -13.39 -16.15 -0.06
N THR F 167 -12.25 -16.79 0.15
CA THR F 167 -11.20 -16.88 -0.87
C THR F 167 -10.86 -18.31 -1.23
N ASN F 168 -11.78 -19.25 -0.99
CA ASN F 168 -11.54 -20.64 -1.36
C ASN F 168 -11.57 -20.79 -2.88
N GLY F 169 -10.56 -21.47 -3.41
CA GLY F 169 -10.49 -21.75 -4.83
C GLY F 169 -9.85 -20.68 -5.67
N TRP F 170 -9.52 -19.53 -5.09
CA TRP F 170 -8.90 -18.46 -5.85
C TRP F 170 -7.45 -18.80 -6.18
N ASN F 171 -6.94 -18.21 -7.26
CA ASN F 171 -5.57 -18.44 -7.66
C ASN F 171 -4.63 -17.51 -6.86
N GLU F 172 -3.33 -17.70 -7.07
CA GLU F 172 -2.35 -16.98 -6.25
C GLU F 172 -2.39 -15.48 -6.47
N ARG F 173 -2.63 -15.04 -7.71
CA ARG F 173 -2.64 -13.60 -7.99
C ARG F 173 -3.78 -12.90 -7.25
N LEU F 174 -5.01 -13.42 -7.38
CA LEU F 174 -6.15 -12.81 -6.71
C LEU F 174 -6.01 -12.89 -5.20
N ALA F 175 -5.58 -14.04 -4.68
CA ALA F 175 -5.38 -14.19 -3.25
C ALA F 175 -4.26 -13.29 -2.73
N HIS F 176 -3.33 -12.88 -3.58
CA HIS F 176 -2.30 -11.95 -3.15
C HIS F 176 -2.80 -10.51 -3.16
N LEU F 177 -3.58 -10.14 -4.19
CA LEU F 177 -4.16 -8.80 -4.19
C LEU F 177 -5.23 -8.62 -3.12
N VAL F 178 -5.83 -9.70 -2.64
CA VAL F 178 -6.87 -9.60 -1.62
C VAL F 178 -6.34 -9.76 -0.20
N GLY F 179 -5.21 -10.43 -0.01
CA GLY F 179 -4.67 -10.64 1.31
C GLY F 179 -5.36 -11.78 2.05
N ALA F 180 -4.70 -12.25 3.09
CA ALA F 180 -5.27 -13.29 3.93
C ALA F 180 -6.42 -12.72 4.76
N PRO F 181 -7.62 -13.26 4.67
CA PRO F 181 -8.73 -12.73 5.46
C PRO F 181 -8.47 -12.87 6.96
N GLY F 182 -8.99 -11.90 7.71
CA GLY F 182 -8.84 -11.88 9.15
C GLY F 182 -10.18 -11.78 9.86
N PRO F 183 -10.15 -11.40 11.14
CA PRO F 183 -11.40 -11.31 11.91
C PRO F 183 -12.39 -10.32 11.35
N ALA F 184 -11.94 -9.31 10.60
CA ALA F 184 -12.88 -8.37 9.99
C ALA F 184 -13.61 -9.00 8.81
N GLU F 185 -13.02 -10.01 8.20
CA GLU F 185 -13.66 -10.74 7.10
C GLU F 185 -14.40 -11.99 7.56
N GLY F 186 -14.31 -12.33 8.83
CA GLY F 186 -14.97 -13.50 9.37
C GLY F 186 -14.13 -14.75 9.51
N VAL F 187 -12.82 -14.67 9.25
CA VAL F 187 -11.93 -15.82 9.33
C VAL F 187 -11.08 -15.68 10.57
N VAL F 188 -11.17 -16.66 11.47
CA VAL F 188 -10.46 -16.63 12.75
C VAL F 188 -9.66 -17.92 12.91
N ASN F 189 -8.62 -17.84 13.75
CA ASN F 189 -7.80 -19.00 14.05
C ASN F 189 -7.41 -19.09 15.52
N SER F 190 -8.00 -18.28 16.40
CA SER F 190 -7.68 -18.32 17.81
C SER F 190 -8.86 -17.74 18.60
N VAL F 191 -8.71 -17.74 19.93
CA VAL F 191 -9.77 -17.27 20.80
C VAL F 191 -9.93 -15.75 20.69
N ASP F 192 -8.82 -15.02 20.72
CA ASP F 192 -8.87 -13.57 20.66
C ASP F 192 -9.37 -13.08 19.31
N GLU F 193 -9.12 -13.86 18.25
CA GLU F 193 -9.67 -13.53 16.94
C GLU F 193 -11.17 -13.80 16.87
N ALA F 194 -11.64 -14.87 17.53
CA ALA F 194 -13.06 -15.16 17.57
C ALA F 194 -13.82 -14.08 18.34
N ARG F 195 -13.25 -13.58 19.44
CA ARG F 195 -13.87 -12.48 20.16
C ARG F 195 -14.04 -11.26 19.26
N GLN F 196 -12.99 -10.88 18.53
CA GLN F 196 -13.07 -9.75 17.62
C GLN F 196 -14.05 -10.01 16.49
N ALA F 197 -14.14 -11.25 16.01
CA ALA F 197 -15.11 -11.56 14.96
C ALA F 197 -16.54 -11.37 15.44
N VAL F 198 -16.84 -11.84 16.65
CA VAL F 198 -18.19 -11.64 17.19
C VAL F 198 -18.48 -10.16 17.40
N ARG F 199 -17.49 -9.42 17.92
CA ARG F 199 -17.68 -7.98 18.12
C ARG F 199 -17.90 -7.25 16.79
N GLN F 200 -17.17 -7.66 15.73
CA GLN F 200 -17.35 -7.05 14.42
C GLN F 200 -18.70 -7.40 13.82
N ARG F 201 -19.20 -8.63 14.06
CA ARG F 201 -20.55 -8.96 13.62
C ARG F 201 -21.59 -8.09 14.31
N TYR F 202 -21.42 -7.88 15.62
CA TYR F 202 -22.31 -6.96 16.32
C TYR F 202 -22.22 -5.55 15.76
N LYS F 203 -21.00 -5.10 15.45
CA LYS F 203 -20.80 -3.74 14.96
C LYS F 203 -21.49 -3.50 13.62
N GLU F 204 -21.62 -4.55 12.80
CA GLU F 204 -22.20 -4.41 11.47
C GLU F 204 -23.71 -4.59 11.46
N GLY F 205 -24.35 -4.76 12.62
CA GLY F 205 -25.80 -4.81 12.69
C GLY F 205 -26.39 -6.19 12.48
N SER F 206 -25.87 -7.18 13.19
CA SER F 206 -26.37 -8.54 13.10
C SER F 206 -27.32 -8.85 14.25
N ASP F 207 -28.19 -9.84 14.03
CA ASP F 207 -29.13 -10.29 15.05
C ASP F 207 -28.70 -11.57 15.73
N LEU F 208 -27.78 -12.32 15.14
CA LEU F 208 -27.29 -13.57 15.71
C LEU F 208 -25.96 -13.91 15.05
N ILE F 209 -25.36 -15.02 15.49
CA ILE F 209 -24.06 -15.45 14.99
C ILE F 209 -24.17 -16.80 14.29
N KCX F 210 -23.46 -16.94 13.18
CA KCX F 210 -23.43 -18.19 12.42
CB KCX F 210 -24.13 -18.01 11.08
CG KCX F 210 -25.13 -19.11 10.74
CD KCX F 210 -24.50 -20.48 10.83
CE KCX F 210 -24.93 -21.36 9.67
NZ KCX F 210 -24.41 -20.81 8.39
C KCX F 210 -21.99 -18.66 12.19
O KCX F 210 -21.16 -17.91 11.68
CX KCX F 210 -24.76 -21.37 7.24
OQ1 KCX F 210 -25.51 -22.35 7.23
OQ2 KCX F 210 -24.32 -20.90 6.18
N ILE F 211 -21.70 -19.90 12.57
CA ILE F 211 -20.39 -20.48 12.34
C ILE F 211 -20.51 -21.79 11.55
N THR F 212 -19.45 -22.15 10.83
CA THR F 212 -19.36 -23.42 10.13
C THR F 212 -18.38 -24.30 10.90
N ALA F 213 -18.92 -25.30 11.60
CA ALA F 213 -18.08 -26.17 12.42
C ALA F 213 -17.31 -27.19 11.59
N THR F 214 -17.91 -27.67 10.51
CA THR F 214 -17.25 -28.65 9.64
C THR F 214 -17.23 -28.16 8.20
N GLY F 215 -16.83 -29.03 7.27
CA GLY F 215 -16.84 -28.69 5.87
C GLY F 215 -18.25 -28.76 5.28
N GLY F 216 -18.35 -28.30 4.03
CA GLY F 216 -19.64 -28.23 3.37
C GLY F 216 -19.58 -28.83 1.97
N VAL F 217 -20.78 -29.05 1.42
CA VAL F 217 -20.91 -29.64 0.09
C VAL F 217 -20.51 -28.63 -0.99
N LEU F 218 -20.95 -27.39 -0.87
CA LEU F 218 -20.88 -26.43 -1.97
C LEU F 218 -19.64 -25.55 -1.93
N SER F 219 -18.70 -25.79 -1.03
CA SER F 219 -17.49 -24.98 -0.98
C SER F 219 -16.46 -25.49 -1.98
N TYR F 220 -15.57 -24.59 -2.39
CA TYR F 220 -14.46 -24.94 -3.28
C TYR F 220 -13.27 -25.47 -2.47
N ALA F 221 -13.55 -26.55 -1.73
CA ALA F 221 -12.58 -27.16 -0.84
C ALA F 221 -12.68 -28.68 -0.95
N ARG F 222 -11.66 -29.37 -0.45
CA ARG F 222 -11.58 -30.81 -0.56
C ARG F 222 -12.45 -31.54 0.45
N SER F 223 -12.69 -30.96 1.61
CA SER F 223 -13.36 -31.67 2.70
C SER F 223 -14.85 -31.37 2.71
N GLY F 224 -15.62 -32.33 3.23
CA GLY F 224 -17.05 -32.18 3.37
C GLY F 224 -17.56 -32.35 4.78
N ASP F 225 -16.83 -33.09 5.61
CA ASP F 225 -17.28 -33.32 6.99
C ASP F 225 -16.10 -33.34 7.97
N ALA F 226 -15.04 -32.57 7.71
CA ALA F 226 -13.96 -32.68 8.68
C ALA F 226 -14.08 -31.58 9.74
N PRO F 227 -13.64 -31.85 10.97
CA PRO F 227 -13.71 -30.82 12.02
C PRO F 227 -12.78 -29.66 11.71
N GLN F 228 -13.31 -28.45 11.77
CA GLN F 228 -12.57 -27.23 11.42
C GLN F 228 -12.56 -26.21 12.54
N PHE F 229 -13.10 -26.55 13.71
CA PHE F 229 -13.08 -25.69 14.88
C PHE F 229 -12.59 -26.49 16.07
N THR F 230 -11.78 -25.87 16.92
CA THR F 230 -11.44 -26.46 18.19
C THR F 230 -12.47 -26.06 19.23
N VAL F 231 -12.53 -26.82 20.34
CA VAL F 231 -13.58 -26.56 21.37
C VAL F 231 -13.33 -25.20 22.06
N ASP F 232 -12.08 -24.74 22.16
CA ASP F 232 -11.82 -23.44 22.77
C ASP F 232 -12.34 -22.30 21.90
N GLU F 233 -12.18 -22.39 20.57
CA GLU F 233 -12.66 -21.32 19.70
C GLU F 233 -14.18 -21.23 19.72
N ILE F 234 -14.87 -22.37 19.69
CA ILE F 234 -16.33 -22.35 19.74
C ILE F 234 -16.81 -21.82 21.08
N LYS F 235 -16.14 -22.22 22.17
CA LYS F 235 -16.50 -21.69 23.48
C LYS F 235 -16.31 -20.19 23.57
N ALA F 236 -15.22 -19.68 23.00
CA ALA F 236 -15.00 -18.24 22.96
C ALA F 236 -16.08 -17.54 22.14
N VAL F 237 -16.47 -18.10 21.00
CA VAL F 237 -17.52 -17.51 20.18
C VAL F 237 -18.83 -17.45 20.97
N VAL F 238 -19.19 -18.55 21.64
CA VAL F 238 -20.44 -18.59 22.40
C VAL F 238 -20.39 -17.61 23.57
N ASP F 239 -19.25 -17.54 24.27
CA ASP F 239 -19.12 -16.64 25.40
C ASP F 239 -19.23 -15.18 24.97
N THR F 240 -18.59 -14.82 23.85
CA THR F 240 -18.70 -13.45 23.35
C THR F 240 -20.10 -13.15 22.88
N ALA F 241 -20.77 -14.11 22.24
CA ALA F 241 -22.13 -13.89 21.77
C ALA F 241 -23.09 -13.68 22.93
N ARG F 242 -22.92 -14.42 24.02
CA ARG F 242 -23.79 -14.29 25.17
C ARG F 242 -23.74 -12.88 25.75
N ASP F 243 -22.60 -12.19 25.62
CA ASP F 243 -22.48 -10.83 26.14
C ASP F 243 -23.39 -9.87 25.39
N TYR F 244 -23.47 -10.00 24.07
CA TYR F 244 -24.21 -9.08 23.23
C TYR F 244 -25.64 -9.53 22.96
N GLY F 245 -26.11 -10.57 23.64
CA GLY F 245 -27.47 -11.03 23.46
C GLY F 245 -27.70 -11.81 22.18
N PHE F 246 -26.70 -12.53 21.69
CA PHE F 246 -26.80 -13.27 20.45
C PHE F 246 -26.98 -14.77 20.72
N ARG F 247 -27.59 -15.44 19.76
CA ARG F 247 -27.65 -16.90 19.73
C ARG F 247 -26.79 -17.41 18.58
N VAL F 248 -26.30 -18.64 18.73
CA VAL F 248 -25.31 -19.20 17.82
C VAL F 248 -25.89 -20.41 17.11
N ALA F 249 -25.80 -20.41 15.78
CA ALA F 249 -26.17 -21.54 14.96
C ALA F 249 -24.91 -22.12 14.32
N ALA F 250 -24.86 -23.45 14.20
CA ALA F 250 -23.66 -24.14 13.75
C ALA F 250 -23.97 -25.01 12.54
N HIS F 251 -23.20 -24.83 11.48
CA HIS F 251 -23.21 -25.72 10.33
C HIS F 251 -22.28 -26.89 10.62
N ALA F 252 -22.78 -28.11 10.42
CA ALA F 252 -21.99 -29.30 10.73
C ALA F 252 -22.51 -30.48 9.91
N HIS F 253 -21.59 -31.27 9.38
CA HIS F 253 -21.91 -32.54 8.73
C HIS F 253 -21.30 -33.72 9.46
N GLY F 254 -20.01 -33.65 9.81
CA GLY F 254 -19.34 -34.73 10.49
C GLY F 254 -19.71 -34.85 11.94
N THR F 255 -19.33 -35.99 12.53
CA THR F 255 -19.70 -36.28 13.91
C THR F 255 -18.87 -35.47 14.90
N GLU F 256 -17.56 -35.33 14.64
CA GLU F 256 -16.68 -34.70 15.62
C GLU F 256 -16.96 -33.21 15.75
N GLY F 257 -17.12 -32.51 14.62
CA GLY F 257 -17.47 -31.09 14.68
C GLY F 257 -18.82 -30.85 15.31
N MET F 258 -19.80 -31.71 14.99
CA MET F 258 -21.12 -31.62 15.61
C MET F 258 -21.02 -31.79 17.12
N LYS F 259 -20.22 -32.77 17.57
CA LYS F 259 -20.06 -32.99 19.01
C LYS F 259 -19.39 -31.78 19.67
N ARG F 260 -18.35 -31.23 19.04
CA ARG F 260 -17.69 -30.06 19.61
C ARG F 260 -18.64 -28.88 19.72
N ALA F 261 -19.43 -28.62 18.67
CA ALA F 261 -20.37 -27.51 18.69
C ALA F 261 -21.46 -27.72 19.73
N VAL F 262 -21.97 -28.95 19.85
CA VAL F 262 -23.02 -29.23 20.82
C VAL F 262 -22.52 -29.06 22.24
N GLN F 263 -21.31 -29.56 22.53
CA GLN F 263 -20.77 -29.44 23.88
C GLN F 263 -20.32 -28.03 24.20
N ALA F 264 -19.98 -27.22 23.19
CA ALA F 264 -19.60 -25.84 23.45
C ALA F 264 -20.80 -24.98 23.85
N GLY F 265 -21.99 -25.30 23.33
CA GLY F 265 -23.19 -24.60 23.74
C GLY F 265 -23.90 -23.82 22.66
N VAL F 266 -23.81 -24.27 21.41
CA VAL F 266 -24.55 -23.61 20.34
C VAL F 266 -26.03 -23.85 20.51
N THR F 267 -26.85 -22.96 19.95
CA THR F 267 -28.29 -23.03 20.14
C THR F 267 -28.92 -24.09 19.23
N SER F 268 -28.55 -24.12 17.95
CA SER F 268 -29.15 -25.03 16.99
C SER F 268 -28.08 -25.57 16.07
N ILE F 269 -28.37 -26.72 15.46
CA ILE F 269 -27.48 -27.39 14.53
C ILE F 269 -28.15 -27.38 13.16
N GLU F 270 -27.42 -26.93 12.14
CA GLU F 270 -28.03 -26.65 10.84
C GLU F 270 -28.16 -27.89 9.97
N HIS F 271 -27.21 -28.82 10.06
CA HIS F 271 -27.34 -30.12 9.40
C HIS F 271 -26.77 -31.18 10.32
N GLY F 272 -27.25 -32.41 10.16
CA GLY F 272 -26.81 -33.49 11.03
C GLY F 272 -26.45 -34.75 10.28
N THR F 273 -25.84 -34.60 9.10
CA THR F 273 -25.72 -35.71 8.15
C THR F 273 -25.15 -36.97 8.79
N TYR F 274 -24.16 -36.83 9.65
CA TYR F 274 -23.49 -37.97 10.27
C TYR F 274 -23.70 -37.98 11.78
N MET F 275 -24.92 -37.67 12.22
CA MET F 275 -25.24 -37.70 13.65
C MET F 275 -25.41 -39.14 14.12
N ASP F 276 -24.80 -39.47 15.25
CA ASP F 276 -24.88 -40.81 15.83
C ASP F 276 -25.56 -40.74 17.20
N ASP F 277 -25.58 -41.87 17.89
CA ASP F 277 -26.34 -42.00 19.13
C ASP F 277 -25.81 -41.07 20.22
N GLU F 278 -24.49 -40.97 20.36
CA GLU F 278 -23.92 -40.12 21.40
C GLU F 278 -24.25 -38.65 21.16
N VAL F 279 -24.19 -38.21 19.90
CA VAL F 279 -24.55 -36.83 19.58
C VAL F 279 -26.02 -36.57 19.90
N MET F 280 -26.89 -37.53 19.61
CA MET F 280 -28.31 -37.37 19.93
C MET F 280 -28.51 -37.27 21.44
N ARG F 281 -27.80 -38.11 22.21
CA ARG F 281 -27.91 -38.05 23.66
C ARG F 281 -27.43 -36.71 24.20
N LEU F 282 -26.31 -36.21 23.68
CA LEU F 282 -25.79 -34.92 24.13
C LEU F 282 -26.76 -33.79 23.75
N MET F 283 -27.36 -33.87 22.57
CA MET F 283 -28.33 -32.85 22.16
C MET F 283 -29.56 -32.88 23.06
N LYS F 284 -30.05 -34.07 23.41
CA LYS F 284 -31.20 -34.17 24.31
C LYS F 284 -30.87 -33.64 25.69
N GLN F 285 -29.66 -33.92 26.19
CA GLN F 285 -29.28 -33.43 27.51
C GLN F 285 -29.08 -31.93 27.52
N HIS F 286 -28.50 -31.38 26.45
CA HIS F 286 -28.25 -29.94 26.37
C HIS F 286 -29.45 -29.14 25.91
N GLY F 287 -30.40 -29.76 25.22
CA GLY F 287 -31.54 -29.05 24.70
C GLY F 287 -31.32 -28.36 23.36
N THR F 288 -30.36 -28.82 22.57
CA THR F 288 -30.06 -28.19 21.29
C THR F 288 -31.16 -28.49 20.29
N TRP F 289 -31.48 -27.49 19.46
CA TRP F 289 -32.46 -27.63 18.38
C TRP F 289 -31.79 -28.19 17.14
N TYR F 290 -32.56 -28.92 16.34
CA TYR F 290 -32.08 -29.57 15.12
C TYR F 290 -32.89 -29.08 13.93
N VAL F 291 -32.20 -28.72 12.86
CA VAL F 291 -32.82 -28.23 11.64
C VAL F 291 -32.42 -29.15 10.50
N PRO F 292 -33.33 -30.00 10.01
CA PRO F 292 -32.92 -31.03 9.04
C PRO F 292 -32.60 -30.49 7.65
N THR F 293 -33.43 -29.59 7.11
CA THR F 293 -33.28 -29.04 5.75
C THR F 293 -33.29 -30.16 4.70
N PHE F 294 -34.46 -30.79 4.57
CA PHE F 294 -34.65 -31.82 3.56
C PHE F 294 -34.45 -31.26 2.15
N TYR F 295 -34.96 -30.05 1.91
CA TYR F 295 -35.00 -29.50 0.56
C TYR F 295 -33.60 -29.37 -0.04
N ALA F 296 -32.64 -28.89 0.75
CA ALA F 296 -31.28 -28.70 0.23
C ALA F 296 -30.66 -30.04 -0.17
N GLY F 297 -30.83 -31.06 0.67
CA GLY F 297 -30.30 -32.37 0.33
C GLY F 297 -30.91 -32.95 -0.93
N ARG F 298 -32.24 -32.86 -1.05
CA ARG F 298 -32.88 -33.38 -2.26
C ARG F 298 -32.43 -32.61 -3.49
N PHE F 299 -32.33 -31.28 -3.39
CA PHE F 299 -31.91 -30.47 -4.52
C PHE F 299 -30.49 -30.82 -4.96
N VAL F 300 -29.56 -30.96 -4.00
CA VAL F 300 -28.18 -31.26 -4.39
C VAL F 300 -28.07 -32.68 -4.96
N THR F 301 -28.82 -33.63 -4.41
CA THR F 301 -28.79 -34.98 -4.98
C THR F 301 -29.34 -34.99 -6.41
N GLU F 302 -30.39 -34.22 -6.67
CA GLU F 302 -30.92 -34.18 -8.03
C GLU F 302 -30.00 -33.43 -8.99
N LYS F 303 -29.32 -32.39 -8.51
CA LYS F 303 -28.45 -31.62 -9.39
C LYS F 303 -27.07 -32.25 -9.57
N ALA F 304 -26.69 -33.22 -8.73
CA ALA F 304 -25.43 -33.92 -8.93
C ALA F 304 -25.49 -34.90 -10.10
N ALA F 305 -26.68 -35.29 -10.53
CA ALA F 305 -26.81 -36.19 -11.67
C ALA F 305 -26.54 -35.47 -12.99
N ILE F 306 -26.88 -34.18 -13.07
CA ILE F 306 -26.62 -33.42 -14.29
C ILE F 306 -25.13 -33.20 -14.45
N ASP F 307 -24.67 -33.16 -15.70
CA ASP F 307 -23.25 -33.00 -15.99
C ASP F 307 -22.94 -31.52 -16.23
N GLY F 308 -21.93 -31.02 -15.53
CA GLY F 308 -21.51 -29.64 -15.69
C GLY F 308 -22.20 -28.63 -14.80
N TYR F 309 -23.21 -29.05 -14.03
CA TYR F 309 -23.89 -28.12 -13.13
C TYR F 309 -22.96 -27.66 -12.01
N PHE F 310 -22.30 -28.61 -11.35
CA PHE F 310 -21.37 -28.34 -10.26
C PHE F 310 -19.93 -28.49 -10.72
N PRO F 311 -18.99 -27.80 -10.08
CA PRO F 311 -17.57 -28.06 -10.36
C PRO F 311 -17.19 -29.46 -9.94
N GLU F 312 -16.15 -29.99 -10.59
CA GLU F 312 -15.73 -31.37 -10.34
C GLU F 312 -15.31 -31.60 -8.91
N VAL F 313 -14.85 -30.56 -8.21
CA VAL F 313 -14.54 -30.70 -6.79
C VAL F 313 -15.80 -30.87 -5.96
N VAL F 314 -16.90 -30.23 -6.37
CA VAL F 314 -18.12 -30.20 -5.58
C VAL F 314 -19.01 -31.43 -5.84
N ARG F 315 -18.98 -31.98 -7.06
CA ARG F 315 -19.95 -33.00 -7.46
C ARG F 315 -19.93 -34.24 -6.58
N PRO F 316 -18.78 -34.85 -6.24
CA PRO F 316 -18.83 -36.03 -5.35
C PRO F 316 -19.44 -35.73 -3.99
N LYS F 317 -19.17 -34.55 -3.42
CA LYS F 317 -19.74 -34.20 -2.13
C LYS F 317 -21.26 -34.07 -2.22
N ALA F 318 -21.77 -33.45 -3.28
CA ALA F 318 -23.21 -33.33 -3.46
C ALA F 318 -23.84 -34.70 -3.66
N ALA F 319 -23.18 -35.58 -4.40
CA ALA F 319 -23.72 -36.92 -4.62
C ALA F 319 -23.73 -37.75 -3.34
N ARG F 320 -22.73 -37.57 -2.47
CA ARG F 320 -22.61 -38.43 -1.29
C ARG F 320 -23.39 -37.90 -0.10
N ILE F 321 -23.12 -36.66 0.32
CA ILE F 321 -23.60 -36.18 1.62
C ILE F 321 -25.12 -35.99 1.62
N GLY F 322 -25.67 -35.43 0.54
CA GLY F 322 -27.06 -35.01 0.54
C GLY F 322 -28.08 -36.14 0.57
N ALA F 323 -27.65 -37.39 0.43
CA ALA F 323 -28.56 -38.51 0.31
C ALA F 323 -28.94 -39.14 1.65
N LEU F 324 -28.45 -38.61 2.77
CA LEU F 324 -28.69 -39.23 4.08
C LEU F 324 -29.53 -38.35 5.00
N ILE F 325 -29.96 -37.17 4.53
CA ILE F 325 -30.68 -36.23 5.38
C ILE F 325 -32.01 -36.80 5.85
N SER F 326 -32.77 -37.44 4.97
CA SER F 326 -34.08 -37.97 5.34
C SER F 326 -33.95 -39.04 6.42
N GLN F 327 -33.04 -40.00 6.23
CA GLN F 327 -32.84 -41.04 7.21
C GLN F 327 -32.35 -40.49 8.54
N THR F 328 -31.40 -39.54 8.50
CA THR F 328 -30.90 -38.96 9.74
C THR F 328 -32.01 -38.22 10.49
N ALA F 329 -32.82 -37.45 9.77
CA ALA F 329 -33.90 -36.71 10.42
C ALA F 329 -34.95 -37.64 10.99
N ALA F 330 -35.30 -38.71 10.28
CA ALA F 330 -36.26 -39.66 10.81
C ALA F 330 -35.72 -40.34 12.07
N LYS F 331 -34.45 -40.74 12.05
CA LYS F 331 -33.85 -41.36 13.24
C LYS F 331 -33.81 -40.39 14.40
N ALA F 332 -33.48 -39.12 14.14
CA ALA F 332 -33.45 -38.12 15.20
C ALA F 332 -34.83 -37.87 15.77
N TYR F 333 -35.86 -37.84 14.93
CA TYR F 333 -37.22 -37.66 15.43
C TYR F 333 -37.69 -38.84 16.26
N ARG F 334 -37.32 -40.06 15.85
CA ARG F 334 -37.70 -41.23 16.63
C ARG F 334 -36.99 -41.31 17.98
N ASN F 335 -35.92 -40.55 18.16
CA ASN F 335 -35.14 -40.59 19.39
C ASN F 335 -35.51 -39.48 20.38
N GLY F 336 -36.39 -38.57 20.00
CA GLY F 336 -36.80 -37.50 20.90
C GLY F 336 -36.03 -36.21 20.77
N VAL F 337 -35.25 -36.04 19.71
CA VAL F 337 -34.52 -34.79 19.49
C VAL F 337 -35.47 -33.72 19.01
N ARG F 338 -35.35 -32.53 19.58
CA ARG F 338 -36.22 -31.41 19.20
C ARG F 338 -35.85 -30.91 17.81
N ILE F 339 -36.87 -30.78 16.95
CA ILE F 339 -36.67 -30.47 15.54
C ILE F 339 -37.47 -29.22 15.18
N ALA F 340 -36.86 -28.33 14.42
CA ALA F 340 -37.48 -27.10 13.95
C ALA F 340 -37.51 -27.09 12.43
N PHE F 341 -38.10 -26.04 11.87
CA PHE F 341 -38.35 -25.94 10.44
C PHE F 341 -37.28 -25.07 9.78
N GLY F 342 -36.65 -25.60 8.74
CA GLY F 342 -35.70 -24.83 7.94
C GLY F 342 -35.48 -25.51 6.61
N THR F 343 -35.25 -24.69 5.58
CA THR F 343 -35.21 -25.19 4.21
C THR F 343 -33.87 -24.99 3.50
N ASP F 344 -33.06 -24.01 3.93
CA ASP F 344 -31.80 -23.67 3.25
C ASP F 344 -32.06 -23.16 1.83
N GLN F 345 -33.12 -22.38 1.66
CA GLN F 345 -33.42 -21.80 0.37
C GLN F 345 -32.32 -20.81 -0.03
N GLY F 346 -32.24 -20.55 -1.32
CA GLY F 346 -31.04 -20.04 -1.94
C GLY F 346 -30.19 -21.12 -2.56
N VAL F 347 -30.35 -22.34 -2.09
CA VAL F 347 -29.98 -23.54 -2.86
C VAL F 347 -31.16 -23.98 -3.73
N GLY F 348 -32.33 -24.11 -3.13
CA GLY F 348 -33.56 -24.29 -3.87
C GLY F 348 -34.15 -22.96 -4.29
N PRO F 349 -35.22 -23.00 -5.10
CA PRO F 349 -35.83 -21.76 -5.58
C PRO F 349 -36.65 -21.09 -4.49
N HIS F 350 -36.46 -19.78 -4.34
CA HIS F 350 -37.23 -19.01 -3.35
C HIS F 350 -38.71 -19.01 -3.71
N GLY F 351 -39.55 -19.13 -2.68
CA GLY F 351 -40.98 -19.21 -2.85
C GLY F 351 -41.55 -20.61 -2.82
N ASP F 352 -40.70 -21.63 -2.92
CA ASP F 352 -41.12 -23.03 -2.85
C ASP F 352 -40.81 -23.67 -1.51
N ASN F 353 -40.72 -22.87 -0.45
CA ASN F 353 -40.31 -23.39 0.85
C ASN F 353 -41.29 -24.42 1.40
N ALA F 354 -42.59 -24.18 1.23
CA ALA F 354 -43.61 -25.02 1.86
C ALA F 354 -43.56 -26.47 1.40
N ARG F 355 -42.90 -26.75 0.27
CA ARG F 355 -42.73 -28.14 -0.16
C ARG F 355 -41.99 -28.97 0.88
N GLU F 356 -41.16 -28.34 1.73
CA GLU F 356 -40.51 -29.08 2.79
C GLU F 356 -41.52 -29.74 3.72
N PHE F 357 -42.68 -29.12 3.92
CA PHE F 357 -43.72 -29.74 4.73
C PHE F 357 -44.11 -31.11 4.20
N VAL F 358 -44.06 -31.29 2.87
CA VAL F 358 -44.35 -32.58 2.27
C VAL F 358 -43.24 -33.58 2.61
N TYR F 359 -41.99 -33.12 2.63
CA TYR F 359 -40.87 -34.03 2.85
C TYR F 359 -40.84 -34.54 4.28
N MET F 360 -41.20 -33.70 5.25
CA MET F 360 -41.21 -34.13 6.65
C MET F 360 -42.29 -35.18 6.90
N VAL F 361 -43.50 -34.93 6.39
CA VAL F 361 -44.62 -35.83 6.68
C VAL F 361 -44.38 -37.21 6.06
N GLU F 362 -43.80 -37.24 4.87
CA GLU F 362 -43.45 -38.53 4.26
C GLU F 362 -42.19 -39.14 4.87
N ALA F 363 -41.56 -38.46 5.82
CA ALA F 363 -40.44 -39.01 6.57
C ALA F 363 -40.86 -39.59 7.92
N GLY F 364 -42.16 -39.60 8.21
CA GLY F 364 -42.68 -40.15 9.44
C GLY F 364 -43.11 -39.12 10.46
N ILE F 365 -42.79 -37.85 10.26
CA ILE F 365 -43.18 -36.81 11.21
C ILE F 365 -44.64 -36.45 10.97
N PRO F 366 -45.49 -36.42 12.01
CA PRO F 366 -46.90 -36.09 11.81
C PRO F 366 -47.09 -34.67 11.31
N ALA F 367 -48.23 -34.44 10.67
CA ALA F 367 -48.52 -33.13 10.08
C ALA F 367 -48.64 -32.05 11.16
N ALA F 368 -49.27 -32.39 12.29
CA ALA F 368 -49.43 -31.40 13.35
C ALA F 368 -48.09 -30.94 13.91
N TYR F 369 -47.16 -31.86 14.13
CA TYR F 369 -45.83 -31.47 14.59
C TYR F 369 -45.08 -30.69 13.54
N ALA F 370 -45.22 -31.05 12.26
CA ALA F 370 -44.56 -30.30 11.20
C ALA F 370 -45.09 -28.87 11.10
N LEU F 371 -46.38 -28.67 11.39
CA LEU F 371 -46.94 -27.32 11.41
C LEU F 371 -46.51 -26.57 12.66
N GLN F 372 -46.41 -27.24 13.81
CA GLN F 372 -45.94 -26.59 15.02
C GLN F 372 -44.48 -26.17 14.91
N ALA F 373 -43.67 -26.95 14.18
CA ALA F 373 -42.25 -26.68 14.08
C ALA F 373 -41.93 -25.37 13.38
N ALA F 374 -42.88 -24.84 12.60
CA ALA F 374 -42.67 -23.59 11.89
C ALA F 374 -43.34 -22.40 12.54
N THR F 375 -44.16 -22.62 13.58
CA THR F 375 -44.84 -21.51 14.26
C THR F 375 -44.41 -21.36 15.70
N VAL F 376 -44.56 -22.39 16.53
CA VAL F 376 -44.39 -22.23 17.97
C VAL F 376 -42.99 -22.65 18.40
N HIS F 377 -42.34 -23.50 17.60
CA HIS F 377 -40.97 -23.89 17.88
C HIS F 377 -39.96 -22.96 17.22
N ALA F 378 -40.30 -22.36 16.09
CA ALA F 378 -39.43 -21.36 15.48
C ALA F 378 -39.30 -20.12 16.36
N ALA F 379 -40.37 -19.77 17.09
CA ALA F 379 -40.28 -18.66 18.03
C ALA F 379 -39.38 -19.01 19.21
N GLN F 380 -39.40 -20.26 19.66
CA GLN F 380 -38.49 -20.69 20.72
C GLN F 380 -37.05 -20.67 20.25
N VAL F 381 -36.80 -21.10 19.01
CA VAL F 381 -35.46 -21.05 18.45
C VAL F 381 -35.00 -19.60 18.33
N LEU F 382 -35.88 -18.72 17.85
CA LEU F 382 -35.50 -17.31 17.71
C LEU F 382 -35.41 -16.61 19.06
N GLY F 383 -36.13 -17.09 20.06
CA GLY F 383 -36.14 -16.45 21.36
C GLY F 383 -37.07 -15.26 21.47
N VAL F 384 -38.12 -15.20 20.65
CA VAL F 384 -39.08 -14.11 20.68
C VAL F 384 -40.44 -14.66 21.11
N ASP F 385 -41.10 -13.92 22.00
CA ASP F 385 -42.36 -14.34 22.59
C ASP F 385 -43.57 -13.64 21.99
N ASP F 386 -43.37 -12.74 21.02
CA ASP F 386 -44.46 -11.95 20.47
C ASP F 386 -45.13 -12.59 19.26
N GLN F 387 -44.64 -13.74 18.80
CA GLN F 387 -45.17 -14.37 17.60
C GLN F 387 -45.31 -15.87 17.84
N GLY F 388 -45.85 -16.56 16.85
CA GLY F 388 -45.94 -18.01 16.91
C GLY F 388 -47.36 -18.55 17.05
N VAL F 389 -48.18 -17.90 17.87
CA VAL F 389 -49.52 -18.37 18.15
C VAL F 389 -50.51 -17.23 17.94
N LEU F 390 -51.76 -17.60 17.64
CA LEU F 390 -52.83 -16.63 17.45
C LEU F 390 -53.50 -16.38 18.80
N GLU F 391 -52.85 -15.56 19.61
CA GLU F 391 -53.30 -15.24 20.95
C GLU F 391 -53.34 -13.73 21.14
N PRO F 392 -54.18 -13.24 22.05
CA PRO F 392 -54.23 -11.80 22.29
C PRO F 392 -52.88 -11.25 22.75
N GLY F 393 -52.55 -10.05 22.27
CA GLY F 393 -51.30 -9.41 22.61
C GLY F 393 -50.13 -9.76 21.72
N LYS F 394 -50.30 -10.66 20.75
CA LYS F 394 -49.23 -11.08 19.87
C LYS F 394 -49.38 -10.45 18.49
N ARG F 395 -48.30 -10.53 17.72
CA ARG F 395 -48.30 -9.97 16.37
C ARG F 395 -49.35 -10.65 15.50
N ALA F 396 -50.01 -9.86 14.66
CA ALA F 396 -51.11 -10.36 13.82
C ALA F 396 -50.54 -10.81 12.48
N ASP F 397 -49.90 -11.97 12.49
CA ASP F 397 -49.44 -12.65 11.27
C ASP F 397 -50.34 -13.85 11.07
N VAL F 398 -51.27 -13.74 10.11
CA VAL F 398 -52.27 -14.77 9.86
C VAL F 398 -52.24 -15.18 8.40
N ILE F 399 -52.21 -16.48 8.15
CA ILE F 399 -52.30 -17.00 6.79
C ILE F 399 -53.48 -17.96 6.73
N ALA F 400 -53.97 -18.18 5.52
CA ALA F 400 -55.13 -19.05 5.30
C ALA F 400 -54.87 -19.99 4.14
N LEU F 401 -55.45 -21.18 4.25
CA LEU F 401 -55.33 -22.22 3.24
C LEU F 401 -56.72 -22.64 2.77
N ALA F 402 -56.80 -23.03 1.50
CA ALA F 402 -58.08 -23.45 0.94
C ALA F 402 -58.55 -24.76 1.56
N GLY F 403 -57.64 -25.70 1.81
CA GLY F 403 -57.97 -27.00 2.34
C GLY F 403 -57.43 -27.22 3.74
N ASN F 404 -57.66 -28.43 4.24
CA ASN F 404 -57.23 -28.82 5.57
C ASN F 404 -55.89 -29.52 5.49
N PRO F 405 -54.82 -28.98 6.09
CA PRO F 405 -53.50 -29.61 5.98
C PRO F 405 -53.30 -30.82 6.88
N LEU F 406 -54.18 -31.06 7.84
CA LEU F 406 -54.01 -32.20 8.74
C LEU F 406 -54.43 -33.52 8.10
N GLU F 407 -55.15 -33.49 6.99
CA GLU F 407 -55.47 -34.70 6.23
C GLU F 407 -54.80 -34.74 4.87
N ASP F 408 -54.46 -33.60 4.29
CA ASP F 408 -53.75 -33.53 3.01
C ASP F 408 -52.67 -32.48 3.14
N ILE F 409 -51.41 -32.92 3.13
CA ILE F 409 -50.28 -32.04 3.42
C ILE F 409 -49.92 -31.23 2.18
N ASN F 410 -50.63 -31.43 1.09
CA ASN F 410 -50.40 -30.64 -0.12
C ASN F 410 -51.15 -29.31 -0.09
N ALA F 411 -52.08 -29.12 0.85
CA ALA F 411 -52.82 -27.87 0.95
C ALA F 411 -51.91 -26.70 1.29
N VAL F 412 -50.72 -26.95 1.83
CA VAL F 412 -49.78 -25.89 2.18
C VAL F 412 -49.13 -25.34 0.91
N LEU F 413 -49.48 -25.91 -0.24
CA LEU F 413 -48.99 -25.41 -1.51
C LEU F 413 -49.95 -24.41 -2.15
N ASP F 414 -51.04 -24.04 -1.47
CA ASP F 414 -52.04 -23.10 -1.98
C ASP F 414 -52.45 -22.18 -0.85
N VAL F 415 -51.78 -21.03 -0.73
CA VAL F 415 -52.06 -20.03 0.30
C VAL F 415 -52.99 -18.99 -0.30
N ARG F 416 -54.10 -18.71 0.39
CA ARG F 416 -55.13 -17.83 -0.12
C ARG F 416 -55.23 -16.50 0.61
N PHE F 417 -54.52 -16.33 1.73
CA PHE F 417 -54.63 -15.11 2.50
C PHE F 417 -53.37 -14.94 3.35
N VAL F 418 -52.75 -13.77 3.25
CA VAL F 418 -51.53 -13.45 3.98
C VAL F 418 -51.73 -12.11 4.69
N MET F 419 -51.36 -12.07 5.97
CA MET F 419 -51.43 -10.85 6.77
C MET F 419 -50.21 -10.81 7.69
N LYS F 420 -49.50 -9.68 7.67
CA LYS F 420 -48.30 -9.49 8.47
C LYS F 420 -48.37 -8.14 9.15
N ASP F 421 -48.33 -8.13 10.48
CA ASP F 421 -48.40 -6.92 11.29
C ASP F 421 -49.69 -6.13 11.03
N GLY F 422 -50.78 -6.84 10.75
CA GLY F 422 -52.07 -6.21 10.57
C GLY F 422 -52.34 -5.68 9.17
N VAL F 423 -51.38 -5.77 8.26
CA VAL F 423 -51.54 -5.29 6.90
C VAL F 423 -51.77 -6.47 5.97
N ILE F 424 -52.81 -6.40 5.16
CA ILE F 424 -53.13 -7.49 4.23
C ILE F 424 -52.26 -7.33 2.98
N TYR F 425 -51.54 -8.40 2.64
CA TYR F 425 -50.70 -8.42 1.44
C TYR F 425 -51.25 -9.29 0.33
N LYS F 426 -51.92 -10.39 0.67
CA LYS F 426 -52.60 -11.24 -0.29
C LYS F 426 -53.99 -11.57 0.22
N GLN F 427 -54.99 -11.30 -0.59
CA GLN F 427 -56.38 -11.55 -0.20
C GLN F 427 -57.03 -12.58 -1.11
N PRO G 22 5.38 39.27 46.04
CA PRO G 22 4.51 38.95 47.18
C PRO G 22 3.22 39.77 47.17
N VAL G 23 2.09 39.09 47.19
CA VAL G 23 0.77 39.73 47.15
C VAL G 23 0.01 39.34 48.41
N ALA G 24 -0.58 40.33 49.08
CA ALA G 24 -1.40 40.10 50.26
C ALA G 24 -2.86 40.23 49.85
N VAL G 25 -3.60 39.13 49.95
CA VAL G 25 -5.02 39.10 49.60
C VAL G 25 -5.83 39.12 50.88
N GLN G 26 -6.65 40.14 51.05
CA GLN G 26 -7.51 40.29 52.22
C GLN G 26 -8.90 39.77 51.87
N CYS G 27 -9.40 38.83 52.68
CA CYS G 27 -10.65 38.13 52.41
C CYS G 27 -11.64 38.40 53.53
N GLY G 28 -12.84 38.84 53.17
CA GLY G 28 -13.88 39.05 54.17
C GLY G 28 -14.33 37.77 54.83
N ARG G 29 -14.51 36.71 54.05
CA ARG G 29 -14.89 35.40 54.56
C ARG G 29 -14.14 34.33 53.79
N LEU G 30 -13.70 33.30 54.49
CA LEU G 30 -12.89 32.23 53.91
C LEU G 30 -13.59 30.89 54.10
N PHE G 31 -13.43 30.00 53.12
CA PHE G 31 -14.01 28.66 53.16
C PHE G 31 -12.90 27.65 53.37
N ASP G 32 -13.03 26.84 54.42
CA ASP G 32 -12.07 25.79 54.73
C ASP G 32 -12.57 24.49 54.09
N ALA G 33 -11.95 24.10 52.98
CA ALA G 33 -12.39 22.90 52.27
C ALA G 33 -12.13 21.63 53.08
N ARG G 34 -11.12 21.64 53.94
CA ARG G 34 -10.80 20.46 54.74
C ARG G 34 -11.85 20.20 55.81
N SER G 35 -12.66 21.20 56.15
CA SER G 35 -13.70 21.07 57.17
C SER G 35 -15.10 21.35 56.64
N GLY G 36 -15.24 22.08 55.54
CA GLY G 36 -16.54 22.44 55.03
C GLY G 36 -17.23 23.57 55.76
N GLN G 37 -16.47 24.40 56.48
CA GLN G 37 -17.03 25.49 57.25
C GLN G 37 -16.50 26.82 56.74
N LEU G 38 -17.31 27.86 56.89
CA LEU G 38 -16.95 29.20 56.44
C LEU G 38 -16.39 29.99 57.63
N LYS G 39 -15.15 30.43 57.51
CA LYS G 39 -14.45 31.13 58.58
C LYS G 39 -14.69 32.63 58.46
N GLY G 40 -13.95 33.41 59.24
CA GLY G 40 -14.06 34.85 59.21
C GLY G 40 -13.04 35.50 58.30
N PRO G 41 -12.76 36.78 58.53
CA PRO G 41 -11.77 37.48 57.70
C PRO G 41 -10.39 36.85 57.82
N HIS G 42 -9.64 36.89 56.72
CA HIS G 42 -8.31 36.30 56.69
C HIS G 42 -7.43 37.09 55.72
N THR G 43 -6.14 36.77 55.75
CA THR G 43 -5.17 37.37 54.85
C THR G 43 -4.24 36.28 54.33
N LEU G 44 -4.15 36.16 53.01
CA LEU G 44 -3.31 35.16 52.36
C LEU G 44 -2.08 35.85 51.79
N LEU G 45 -0.90 35.28 52.06
CA LEU G 45 0.35 35.79 51.51
C LEU G 45 0.79 34.87 50.38
N VAL G 46 0.90 35.44 49.17
CA VAL G 46 1.25 34.68 47.98
C VAL G 46 2.63 35.11 47.52
N ALA G 47 3.53 34.13 47.34
CA ALA G 47 4.87 34.41 46.86
C ALA G 47 5.36 33.22 46.05
N ASP G 48 5.97 33.50 44.90
CA ASP G 48 6.49 32.48 44.00
C ASP G 48 5.41 31.53 43.49
N GLY G 49 4.17 32.02 43.44
CA GLY G 49 3.07 31.23 42.92
C GLY G 49 2.43 30.28 43.91
N ARG G 50 2.83 30.30 45.18
CA ARG G 50 2.27 29.43 46.21
C ARG G 50 1.75 30.29 47.35
N ILE G 51 1.10 29.63 48.30
CA ILE G 51 0.58 30.29 49.49
C ILE G 51 1.62 30.20 50.60
N ARG G 52 2.02 31.34 51.16
CA ARG G 52 3.09 31.35 52.19
C ARG G 52 2.47 31.26 53.60
N GLN G 53 1.47 32.11 53.87
CA GLN G 53 0.90 32.13 55.24
C GLN G 53 -0.53 32.67 55.24
N VAL G 54 -1.40 32.03 56.02
CA VAL G 54 -2.79 32.45 56.18
C VAL G 54 -2.93 33.01 57.60
N LEU G 55 -3.20 34.31 57.70
CA LEU G 55 -3.28 34.98 58.98
C LEU G 55 -4.72 35.39 59.27
N PRO G 56 -5.28 35.03 60.43
CA PRO G 56 -6.63 35.49 60.76
C PRO G 56 -6.68 37.00 60.88
N GLY G 57 -7.81 37.57 60.48
CA GLY G 57 -8.00 39.01 60.53
C GLY G 57 -8.06 39.67 59.17
N ALA G 65 3.98 44.63 50.33
CA ALA G 65 3.26 43.71 49.47
C ALA G 65 1.99 44.35 48.92
N ARG G 66 1.78 44.21 47.61
CA ARG G 66 0.59 44.76 46.97
C ARG G 66 -0.66 44.09 47.53
N VAL G 67 -1.66 44.92 47.87
CA VAL G 67 -2.85 44.49 48.59
C VAL G 67 -3.99 44.33 47.61
N VAL G 68 -4.61 43.15 47.61
CA VAL G 68 -5.83 42.89 46.87
C VAL G 68 -6.96 42.68 47.88
N ASP G 69 -7.94 43.57 47.87
CA ASP G 69 -8.99 43.60 48.88
C ASP G 69 -10.26 42.99 48.32
N LEU G 70 -10.83 42.02 49.03
CA LEU G 70 -12.11 41.40 48.70
C LEU G 70 -12.97 41.28 49.95
N GLY G 71 -13.05 42.39 50.70
CA GLY G 71 -13.69 42.36 52.01
C GLY G 71 -15.17 42.05 51.98
N ASP G 72 -15.85 42.30 50.86
CA ASP G 72 -17.27 42.01 50.73
C ASP G 72 -17.51 40.84 49.78
N LYS G 73 -16.62 39.85 49.81
CA LYS G 73 -16.72 38.68 48.95
C LYS G 73 -16.32 37.44 49.75
N VAL G 74 -16.75 36.29 49.25
CA VAL G 74 -16.48 35.00 49.88
C VAL G 74 -15.42 34.29 49.03
N CYS G 75 -14.31 33.93 49.66
CA CYS G 75 -13.20 33.32 48.94
C CYS G 75 -13.18 31.81 49.12
N LEU G 76 -12.86 31.11 48.04
CA LEU G 76 -12.80 29.66 47.99
C LEU G 76 -11.57 29.26 47.19
N PRO G 77 -11.10 28.03 47.34
CA PRO G 77 -10.09 27.51 46.42
C PRO G 77 -10.67 27.34 45.02
N GLY G 78 -9.77 27.27 44.04
CA GLY G 78 -10.21 27.06 42.67
C GLY G 78 -10.85 25.69 42.50
N TRP G 79 -11.86 25.65 41.65
CA TRP G 79 -12.63 24.42 41.42
C TRP G 79 -11.94 23.54 40.39
N THR G 80 -12.20 22.24 40.49
CA THR G 80 -11.69 21.25 39.55
C THR G 80 -12.85 20.48 38.93
N ASP G 81 -12.87 20.43 37.60
CA ASP G 81 -13.88 19.68 36.86
C ASP G 81 -13.23 18.39 36.35
N LEU G 82 -13.75 17.25 36.79
CA LEU G 82 -13.11 15.96 36.55
C LEU G 82 -13.62 15.26 35.30
N HIS G 83 -14.49 15.91 34.51
CA HIS G 83 -14.96 15.30 33.27
C HIS G 83 -15.34 16.44 32.32
N VAL G 84 -14.44 16.76 31.39
CA VAL G 84 -14.67 17.76 30.35
C VAL G 84 -14.12 17.25 29.03
N HIS G 85 -14.60 17.86 27.95
CA HIS G 85 -14.09 17.61 26.59
C HIS G 85 -13.82 18.96 25.97
N LEU G 86 -12.63 19.52 26.21
CA LEU G 86 -12.31 20.86 25.77
C LEU G 86 -12.10 20.96 24.27
N GLY G 87 -12.02 19.84 23.56
CA GLY G 87 -11.82 19.82 22.13
C GLY G 87 -13.08 19.70 21.30
N SER G 88 -14.25 19.76 21.92
CA SER G 88 -15.50 19.64 21.17
C SER G 88 -16.63 20.29 21.97
N GLN G 89 -17.73 20.54 21.28
CA GLN G 89 -18.96 21.04 21.90
C GLN G 89 -20.14 20.57 21.07
N SER G 90 -21.23 20.20 21.74
CA SER G 90 -22.37 19.62 21.05
C SER G 90 -23.06 20.66 20.18
N SER G 91 -23.51 20.23 19.00
CA SER G 91 -24.13 21.11 18.02
C SER G 91 -24.99 20.26 17.10
N PRO G 92 -25.98 20.87 16.44
CA PRO G 92 -26.75 20.10 15.44
C PRO G 92 -25.92 19.60 14.27
N GLN G 93 -24.72 20.15 14.06
CA GLN G 93 -23.85 19.73 12.97
C GLN G 93 -22.72 18.82 13.45
N SER G 94 -22.81 18.28 14.66
CA SER G 94 -21.70 17.55 15.26
C SER G 94 -21.52 16.15 14.66
N TYR G 95 -22.50 15.64 13.92
CA TYR G 95 -22.43 14.30 13.37
C TYR G 95 -22.01 14.29 11.90
N SER G 96 -21.62 15.44 11.35
CA SER G 96 -21.05 15.51 10.02
C SER G 96 -19.66 16.12 10.00
N GLU G 97 -19.18 16.67 11.11
CA GLU G 97 -17.87 17.32 11.16
C GLU G 97 -16.71 16.34 11.23
N ASP G 98 -16.99 15.05 11.46
CA ASP G 98 -15.94 14.04 11.43
C ASP G 98 -15.37 13.90 10.02
N PHE G 99 -16.15 14.28 9.00
CA PHE G 99 -15.73 14.16 7.62
C PHE G 99 -15.54 15.49 6.92
N ARG G 100 -15.69 16.61 7.63
CA ARG G 100 -15.55 17.94 7.03
C ARG G 100 -14.48 18.79 7.68
N LEU G 101 -14.35 18.75 9.01
CA LEU G 101 -13.46 19.64 9.73
C LEU G 101 -12.12 18.98 10.03
N ASP G 102 -11.15 19.82 10.39
CA ASP G 102 -9.80 19.42 10.69
C ASP G 102 -9.46 19.70 12.15
N PRO G 103 -8.42 19.06 12.70
CA PRO G 103 -8.03 19.33 14.10
C PRO G 103 -7.66 20.79 14.37
N VAL G 104 -7.21 21.52 13.35
CA VAL G 104 -6.82 22.91 13.56
C VAL G 104 -8.03 23.77 13.90
N ASP G 105 -9.17 23.50 13.24
CA ASP G 105 -10.41 24.19 13.58
C ASP G 105 -10.82 23.88 15.02
N HIS G 106 -10.67 22.62 15.43
CA HIS G 106 -10.97 22.26 16.81
C HIS G 106 -10.04 22.97 17.79
N ALA G 107 -8.77 23.17 17.43
CA ALA G 107 -7.87 23.93 18.30
C ALA G 107 -8.30 25.39 18.40
N PHE G 108 -8.69 26.00 17.28
CA PHE G 108 -9.14 27.38 17.31
C PHE G 108 -10.42 27.56 18.11
N ARG G 109 -11.29 26.54 18.12
CA ARG G 109 -12.45 26.60 19.00
C ARG G 109 -12.07 26.35 20.45
N ALA G 110 -11.12 25.45 20.69
CA ALA G 110 -10.68 25.10 22.03
C ALA G 110 -10.03 26.27 22.75
N VAL G 111 -9.41 27.20 22.01
CA VAL G 111 -8.86 28.38 22.66
C VAL G 111 -9.95 29.13 23.43
N GLY G 112 -11.07 29.44 22.76
CA GLY G 112 -12.17 30.09 23.41
C GLY G 112 -12.85 29.23 24.45
N TYR G 113 -12.98 27.93 24.19
CA TYR G 113 -13.55 27.03 25.19
C TYR G 113 -12.76 27.07 26.48
N ALA G 114 -11.42 27.01 26.39
CA ALA G 114 -10.58 27.01 27.57
C ALA G 114 -10.63 28.36 28.29
N GLU G 115 -10.66 29.46 27.54
CA GLU G 115 -10.78 30.77 28.20
C GLU G 115 -12.10 30.88 28.96
N LYS G 116 -13.20 30.45 28.34
CA LYS G 116 -14.49 30.48 29.03
C LYS G 116 -14.52 29.56 30.24
N THR G 117 -13.89 28.38 30.15
CA THR G 117 -13.83 27.48 31.29
C THR G 117 -13.04 28.09 32.44
N LEU G 118 -11.90 28.74 32.14
CA LEU G 118 -11.09 29.34 33.19
C LEU G 118 -11.82 30.51 33.84
N MET G 119 -12.53 31.33 33.05
CA MET G 119 -13.19 32.50 33.61
C MET G 119 -14.37 32.14 34.51
N ALA G 120 -14.84 30.89 34.48
CA ALA G 120 -15.97 30.49 35.30
C ALA G 120 -15.57 30.09 36.72
N GLY G 121 -14.27 30.06 37.03
CA GLY G 121 -13.80 29.69 38.35
C GLY G 121 -13.15 28.32 38.43
N PHE G 122 -13.01 27.61 37.30
CA PHE G 122 -12.42 26.28 37.27
C PHE G 122 -10.98 26.42 36.80
N THR G 123 -10.05 26.39 37.75
CA THR G 123 -8.63 26.55 37.46
C THR G 123 -7.94 25.23 37.11
N SER G 124 -8.62 24.13 37.18
CA SER G 124 -8.05 22.82 36.80
C SER G 124 -9.15 21.93 36.22
N VAL G 125 -8.85 21.13 35.24
CA VAL G 125 -9.79 20.21 34.60
C VAL G 125 -9.09 18.88 34.33
N ARG G 126 -9.88 17.83 34.26
CA ARG G 126 -9.43 16.51 33.84
C ARG G 126 -10.12 16.18 32.52
N ASP G 127 -9.35 16.14 31.45
CA ASP G 127 -9.89 15.87 30.12
C ASP G 127 -9.95 14.37 29.89
N LEU G 128 -11.11 13.88 29.48
CA LEU G 128 -11.40 12.46 29.40
C LEU G 128 -11.64 12.01 27.97
N GLY G 129 -10.82 12.48 27.05
CA GLY G 129 -10.93 12.09 25.65
C GLY G 129 -10.75 13.22 24.67
N GLY G 130 -9.99 12.98 23.61
CA GLY G 130 -9.71 14.00 22.62
C GLY G 130 -8.23 14.07 22.28
N GLU G 131 -7.93 14.34 21.02
CA GLU G 131 -6.55 14.38 20.54
C GLU G 131 -5.92 15.78 20.63
N VAL G 132 -6.74 16.82 20.77
CA VAL G 132 -6.20 18.18 20.84
C VAL G 132 -5.78 18.55 22.26
N SER G 133 -6.37 17.89 23.27
CA SER G 133 -6.16 18.31 24.66
C SER G 133 -4.70 18.28 25.12
N PRO G 134 -3.88 17.27 24.81
CA PRO G 134 -2.47 17.37 25.20
C PRO G 134 -1.75 18.57 24.60
N HIS G 135 -2.04 18.91 23.34
CA HIS G 135 -1.42 20.08 22.73
C HIS G 135 -1.93 21.37 23.35
N LEU G 136 -3.21 21.45 23.70
CA LEU G 136 -3.73 22.62 24.40
C LEU G 136 -3.09 22.76 25.78
N ARG G 137 -2.88 21.64 26.48
CA ARG G 137 -2.19 21.67 27.76
C ARG G 137 -0.76 22.18 27.60
N ASP G 138 -0.06 21.70 26.56
CA ASP G 138 1.29 22.19 26.30
C ASP G 138 1.30 23.69 25.99
N ALA G 139 0.34 24.16 25.20
CA ALA G 139 0.28 25.58 24.87
C ALA G 139 -0.02 26.43 26.09
N ILE G 140 -0.91 25.96 26.96
CA ILE G 140 -1.23 26.72 28.17
C ILE G 140 -0.03 26.74 29.13
N ASN G 141 0.69 25.62 29.22
CA ASN G 141 1.85 25.57 30.10
C ASN G 141 2.98 26.46 29.59
N GLN G 142 3.06 26.66 28.27
CA GLN G 142 4.06 27.56 27.70
C GLN G 142 3.64 29.02 27.71
N GLY G 143 2.43 29.32 28.16
CA GLY G 143 1.97 30.69 28.22
C GLY G 143 1.46 31.25 26.91
N LEU G 144 1.23 30.41 25.90
CA LEU G 144 0.76 30.92 24.62
C LEU G 144 -0.70 31.34 24.68
N VAL G 145 -1.53 30.57 25.38
CA VAL G 145 -2.95 30.85 25.50
C VAL G 145 -3.34 30.74 26.97
N ARG G 146 -4.55 31.19 27.27
CA ARG G 146 -5.08 31.20 28.63
C ARG G 146 -6.06 30.05 28.82
N GLY G 147 -6.05 29.47 30.03
CA GLY G 147 -6.93 28.38 30.36
C GLY G 147 -6.57 27.73 31.68
N PRO G 148 -7.28 26.68 32.05
CA PRO G 148 -7.03 26.00 33.32
C PRO G 148 -5.87 25.00 33.17
N ARG G 149 -5.56 24.35 34.28
CA ARG G 149 -4.53 23.31 34.31
C ARG G 149 -5.16 21.99 33.88
N ILE G 150 -4.66 21.42 32.79
CA ILE G 150 -5.30 20.27 32.15
C ILE G 150 -4.57 19.00 32.54
N PHE G 151 -5.32 18.00 32.98
CA PHE G 151 -4.82 16.63 33.15
C PHE G 151 -5.46 15.80 32.04
N ALA G 152 -4.69 15.52 31.00
CA ALA G 152 -5.23 14.98 29.77
C ALA G 152 -5.05 13.46 29.72
N ALA G 153 -6.14 12.76 29.42
CA ALA G 153 -6.11 11.31 29.24
C ALA G 153 -5.76 10.88 27.82
N GLY G 154 -5.98 11.75 26.84
CA GLY G 154 -5.70 11.42 25.46
C GLY G 154 -6.75 10.52 24.83
N LYS G 155 -6.32 9.56 24.02
CA LYS G 155 -7.25 8.63 23.39
C LYS G 155 -7.94 7.77 24.45
N SER G 156 -9.21 7.47 24.20
CA SER G 156 -9.96 6.54 25.04
C SER G 156 -9.88 5.14 24.45
N ILE G 157 -9.70 4.15 25.32
CA ILE G 157 -9.50 2.77 24.90
C ILE G 157 -10.84 2.05 24.92
N ALA G 158 -11.18 1.41 23.80
CA ALA G 158 -12.43 0.68 23.66
C ALA G 158 -12.16 -0.61 22.90
N THR G 159 -13.20 -1.42 22.72
CA THR G 159 -13.16 -2.64 21.93
C THR G 159 -13.84 -2.43 20.59
N THR G 160 -13.85 -3.47 19.76
CA THR G 160 -14.45 -3.37 18.44
C THR G 160 -15.94 -3.14 18.56
N GLY G 161 -16.44 -2.11 17.88
CA GLY G 161 -17.83 -1.72 18.01
C GLY G 161 -18.17 -1.01 19.29
N GLY G 162 -17.17 -0.59 20.07
CA GLY G 162 -17.40 0.02 21.36
C GLY G 162 -17.87 1.45 21.27
N HIS G 163 -18.13 2.02 22.44
CA HIS G 163 -18.63 3.39 22.53
C HIS G 163 -17.62 4.40 22.00
N ALA G 164 -16.32 4.08 22.10
CA ALA G 164 -15.26 4.99 21.66
C ALA G 164 -14.59 4.51 20.38
N ASP G 165 -15.24 3.62 19.62
CA ASP G 165 -14.70 3.19 18.35
C ASP G 165 -14.69 4.35 17.37
N PRO G 166 -13.55 4.67 16.75
CA PRO G 166 -13.50 5.83 15.84
C PRO G 166 -14.12 5.60 14.47
N THR G 167 -14.56 4.38 14.16
CA THR G 167 -15.13 4.07 12.86
C THR G 167 -16.56 3.56 12.95
N ASN G 168 -17.25 3.87 14.04
CA ASN G 168 -18.64 3.45 14.18
C ASN G 168 -19.53 4.23 13.22
N GLY G 169 -20.39 3.51 12.50
CA GLY G 169 -21.33 4.12 11.59
C GLY G 169 -20.81 4.39 10.20
N TRP G 170 -19.52 4.17 9.94
CA TRP G 170 -18.97 4.41 8.62
C TRP G 170 -19.42 3.35 7.64
N ASN G 171 -19.44 3.70 6.35
CA ASN G 171 -19.84 2.76 5.33
C ASN G 171 -18.64 1.88 4.94
N GLU G 172 -18.89 0.92 4.05
CA GLU G 172 -17.87 -0.08 3.73
C GLU G 172 -16.67 0.53 3.03
N ARG G 173 -16.91 1.52 2.16
CA ARG G 173 -15.81 2.12 1.41
C ARG G 173 -14.84 2.85 2.33
N LEU G 174 -15.38 3.71 3.21
CA LEU G 174 -14.52 4.44 4.14
C LEU G 174 -13.82 3.50 5.11
N ALA G 175 -14.54 2.52 5.64
CA ALA G 175 -13.94 1.57 6.58
C ALA G 175 -12.89 0.70 5.92
N HIS G 176 -13.03 0.40 4.63
CA HIS G 176 -12.01 -0.37 3.92
C HIS G 176 -10.78 0.50 3.63
N LEU G 177 -10.96 1.79 3.39
CA LEU G 177 -9.77 2.62 3.02
C LEU G 177 -9.07 3.17 4.27
N VAL G 178 -9.63 2.93 5.48
CA VAL G 178 -9.01 3.42 6.74
C VAL G 178 -8.39 2.23 7.48
N GLY G 179 -8.92 1.04 7.24
CA GLY G 179 -8.42 -0.17 7.92
C GLY G 179 -9.05 -0.38 9.26
N ALA G 180 -9.08 -1.64 9.74
CA ALA G 180 -9.60 -1.95 11.06
C ALA G 180 -8.71 -1.34 12.13
N PRO G 181 -9.23 -0.52 13.03
CA PRO G 181 -8.39 0.08 14.07
C PRO G 181 -7.76 -0.96 14.98
N GLY G 182 -6.55 -0.66 15.44
CA GLY G 182 -5.83 -1.55 16.32
C GLY G 182 -5.39 -0.86 17.59
N PRO G 183 -4.43 -1.45 18.30
CA PRO G 183 -3.97 -0.85 19.57
C PRO G 183 -3.38 0.54 19.42
N ALA G 184 -2.88 0.91 18.23
CA ALA G 184 -2.37 2.25 18.03
C ALA G 184 -3.50 3.26 17.92
N GLU G 185 -4.69 2.82 17.53
CA GLU G 185 -5.86 3.69 17.44
C GLU G 185 -6.73 3.63 18.69
N GLY G 186 -6.39 2.77 19.65
CA GLY G 186 -7.14 2.66 20.88
C GLY G 186 -8.15 1.53 20.94
N VAL G 187 -8.20 0.66 19.94
CA VAL G 187 -9.16 -0.44 19.89
C VAL G 187 -8.41 -1.73 20.16
N VAL G 188 -8.82 -2.45 21.22
CA VAL G 188 -8.15 -3.67 21.65
C VAL G 188 -9.19 -4.79 21.77
N ASN G 189 -8.70 -6.03 21.68
CA ASN G 189 -9.56 -7.19 21.82
C ASN G 189 -8.90 -8.31 22.63
N SER G 190 -7.76 -8.06 23.28
CA SER G 190 -7.09 -9.08 24.07
C SER G 190 -6.21 -8.39 25.10
N VAL G 191 -5.54 -9.21 25.92
CA VAL G 191 -4.70 -8.69 26.99
C VAL G 191 -3.45 -8.05 26.44
N ASP G 192 -2.79 -8.71 25.48
CA ASP G 192 -1.56 -8.19 24.91
C ASP G 192 -1.81 -6.93 24.09
N GLU G 193 -3.01 -6.80 23.52
CA GLU G 193 -3.38 -5.57 22.83
C GLU G 193 -3.66 -4.43 23.81
N ALA G 194 -4.27 -4.75 24.96
CA ALA G 194 -4.50 -3.73 25.98
C ALA G 194 -3.18 -3.21 26.56
N ARG G 195 -2.20 -4.09 26.76
CA ARG G 195 -0.88 -3.64 27.21
C ARG G 195 -0.28 -2.65 26.22
N GLN G 196 -0.31 -2.98 24.93
CA GLN G 196 0.22 -2.08 23.91
C GLN G 196 -0.57 -0.78 23.84
N ALA G 197 -1.88 -0.83 24.05
CA ALA G 197 -2.69 0.39 24.05
C ALA G 197 -2.28 1.32 25.18
N VAL G 198 -2.09 0.77 26.38
CA VAL G 198 -1.66 1.60 27.51
C VAL G 198 -0.27 2.18 27.25
N ARG G 199 0.63 1.36 26.71
CA ARG G 199 1.98 1.85 26.40
C ARG G 199 1.95 2.94 25.34
N GLN G 200 1.08 2.81 24.33
CA GLN G 200 0.95 3.83 23.31
C GLN G 200 0.34 5.11 23.86
N ARG G 201 -0.60 5.00 24.80
CA ARG G 201 -1.13 6.19 25.46
C ARG G 201 -0.03 6.90 26.24
N TYR G 202 0.81 6.15 26.95
CA TYR G 202 1.95 6.76 27.63
C TYR G 202 2.90 7.42 26.63
N LYS G 203 3.14 6.76 25.49
CA LYS G 203 4.07 7.28 24.50
C LYS G 203 3.61 8.61 23.92
N GLU G 204 2.30 8.83 23.84
CA GLU G 204 1.75 10.04 23.24
C GLU G 204 1.59 11.18 24.23
N GLY G 205 2.01 11.02 25.48
CA GLY G 205 2.00 12.11 26.44
C GLY G 205 0.70 12.26 27.20
N SER G 206 0.19 11.17 27.75
CA SER G 206 -1.04 11.19 28.53
C SER G 206 -0.75 11.22 30.02
N ASP G 207 -1.72 11.72 30.79
CA ASP G 207 -1.60 11.78 32.24
C ASP G 207 -2.37 10.69 32.94
N LEU G 208 -3.32 10.04 32.26
CA LEU G 208 -4.12 8.97 32.84
C LEU G 208 -4.73 8.17 31.70
N ILE G 209 -5.48 7.12 32.07
CA ILE G 209 -6.08 6.22 31.09
C ILE G 209 -7.61 6.26 31.20
N KCX G 210 -8.27 6.25 30.05
CA KCX G 210 -9.73 6.24 30.00
CB KCX G 210 -10.25 7.57 29.45
CG KCX G 210 -11.38 8.19 30.25
CD KCX G 210 -12.52 7.22 30.47
CE KCX G 210 -13.86 7.91 30.27
NZ KCX G 210 -14.01 8.35 28.86
C KCX G 210 -10.25 5.09 29.15
O KCX G 210 -9.86 4.95 27.99
CX KCX G 210 -15.06 9.06 28.49
OQ1 KCX G 210 -15.93 9.37 29.32
OQ2 KCX G 210 -15.18 9.42 27.31
N ILE G 211 -11.13 4.28 29.71
CA ILE G 211 -11.75 3.18 28.97
C ILE G 211 -13.28 3.30 29.01
N THR G 212 -13.94 2.73 28.01
CA THR G 212 -15.39 2.64 27.96
C THR G 212 -15.77 1.19 28.23
N ALA G 213 -16.29 0.93 29.43
CA ALA G 213 -16.64 -0.44 29.81
C ALA G 213 -17.93 -0.91 29.17
N THR G 214 -18.89 -0.02 28.98
CA THR G 214 -20.16 -0.38 28.36
C THR G 214 -20.46 0.53 27.17
N GLY G 215 -21.67 0.43 26.63
CA GLY G 215 -22.07 1.29 25.54
C GLY G 215 -22.44 2.69 26.03
N GLY G 216 -22.66 3.58 25.06
CA GLY G 216 -22.93 4.97 25.37
C GLY G 216 -24.14 5.48 24.60
N VAL G 217 -24.62 6.65 25.05
CA VAL G 217 -25.78 7.28 24.45
C VAL G 217 -25.45 7.85 23.07
N LEU G 218 -24.31 8.51 22.94
CA LEU G 218 -24.02 9.35 21.77
C LEU G 218 -23.24 8.62 20.69
N SER G 219 -22.99 7.32 20.83
CA SER G 219 -22.26 6.59 19.80
C SER G 219 -23.19 6.16 18.68
N TYR G 220 -22.61 5.95 17.50
CA TYR G 220 -23.35 5.44 16.35
C TYR G 220 -23.40 3.91 16.38
N ALA G 221 -23.97 3.40 17.47
CA ALA G 221 -24.06 1.97 17.72
C ALA G 221 -25.43 1.64 18.30
N ARG G 222 -25.77 0.36 18.28
CA ARG G 222 -27.08 -0.10 18.72
C ARG G 222 -27.22 -0.17 20.23
N SER G 223 -26.14 -0.42 20.95
CA SER G 223 -26.22 -0.68 22.39
C SER G 223 -25.96 0.58 23.19
N GLY G 224 -26.53 0.61 24.40
CA GLY G 224 -26.34 1.71 25.31
C GLY G 224 -25.79 1.32 26.66
N ASP G 225 -26.02 0.06 27.07
CA ASP G 225 -25.54 -0.39 28.38
C ASP G 225 -25.06 -1.84 28.34
N ALA G 226 -24.52 -2.30 27.21
CA ALA G 226 -24.12 -3.70 27.25
C ALA G 226 -22.65 -3.84 27.61
N PRO G 227 -22.26 -4.92 28.30
CA PRO G 227 -20.85 -5.11 28.66
C PRO G 227 -20.00 -5.33 27.42
N GLN G 228 -18.91 -4.56 27.32
CA GLN G 228 -18.03 -4.58 26.16
C GLN G 228 -16.58 -4.88 26.52
N PHE G 229 -16.30 -5.17 27.79
CA PHE G 229 -14.97 -5.54 28.25
C PHE G 229 -15.07 -6.79 29.09
N THR G 230 -14.11 -7.70 28.93
CA THR G 230 -13.99 -8.83 29.82
C THR G 230 -13.13 -8.45 31.02
N VAL G 231 -13.23 -9.22 32.10
CA VAL G 231 -12.50 -8.88 33.35
C VAL G 231 -10.97 -9.02 33.15
N ASP G 232 -10.53 -9.92 32.26
CA ASP G 232 -9.10 -10.03 32.01
C ASP G 232 -8.54 -8.81 31.28
N GLU G 233 -9.27 -8.26 30.31
CA GLU G 233 -8.78 -7.08 29.59
C GLU G 233 -8.70 -5.86 30.50
N ILE G 234 -9.72 -5.66 31.35
CA ILE G 234 -9.67 -4.52 32.27
C ILE G 234 -8.55 -4.71 33.28
N LYS G 235 -8.36 -5.93 33.77
CA LYS G 235 -7.27 -6.18 34.71
C LYS G 235 -5.91 -5.92 34.06
N ALA G 236 -5.74 -6.31 32.80
CA ALA G 236 -4.51 -6.01 32.09
C ALA G 236 -4.30 -4.52 31.91
N VAL G 237 -5.37 -3.79 31.58
CA VAL G 237 -5.26 -2.34 31.44
C VAL G 237 -4.83 -1.71 32.76
N VAL G 238 -5.45 -2.11 33.87
CA VAL G 238 -5.11 -1.53 35.17
C VAL G 238 -3.68 -1.91 35.56
N ASP G 239 -3.27 -3.15 35.32
CA ASP G 239 -1.92 -3.58 35.67
C ASP G 239 -0.87 -2.82 34.86
N THR G 240 -1.12 -2.62 33.56
CA THR G 240 -0.18 -1.85 32.75
C THR G 240 -0.15 -0.38 33.18
N ALA G 241 -1.30 0.18 33.52
CA ALA G 241 -1.36 1.58 33.95
C ALA G 241 -0.60 1.79 35.25
N ARG G 242 -0.72 0.83 36.18
CA ARG G 242 -0.02 0.96 37.46
C ARG G 242 1.49 1.05 37.28
N ASP G 243 2.03 0.43 36.22
CA ASP G 243 3.46 0.49 35.97
C ASP G 243 3.93 1.89 35.64
N TYR G 244 3.15 2.61 34.83
CA TYR G 244 3.53 3.93 34.35
C TYR G 244 3.00 5.06 35.22
N GLY G 245 2.43 4.74 36.39
CA GLY G 245 1.94 5.77 37.27
C GLY G 245 0.63 6.40 36.85
N PHE G 246 -0.24 5.65 36.17
CA PHE G 246 -1.50 6.16 35.67
C PHE G 246 -2.66 5.69 36.54
N ARG G 247 -3.73 6.47 36.53
CA ARG G 247 -5.00 6.09 37.12
C ARG G 247 -6.02 5.86 36.00
N VAL G 248 -7.01 5.01 36.27
CA VAL G 248 -7.94 4.54 35.26
C VAL G 248 -9.35 5.01 35.60
N ALA G 249 -10.01 5.64 34.64
CA ALA G 249 -11.40 6.03 34.74
C ALA G 249 -12.21 5.19 33.74
N ALA G 250 -13.42 4.80 34.15
CA ALA G 250 -14.24 3.88 33.38
C ALA G 250 -15.60 4.49 33.08
N HIS G 251 -15.96 4.52 31.80
CA HIS G 251 -17.31 4.86 31.37
C HIS G 251 -18.18 3.61 31.44
N ALA G 252 -19.34 3.74 32.09
CA ALA G 252 -20.21 2.58 32.28
C ALA G 252 -21.64 3.06 32.49
N HIS G 253 -22.59 2.37 31.87
CA HIS G 253 -24.01 2.58 32.12
C HIS G 253 -24.68 1.34 32.70
N GLY G 254 -24.43 0.16 32.12
CA GLY G 254 -25.04 -1.06 32.59
C GLY G 254 -24.42 -1.58 33.87
N THR G 255 -25.12 -2.54 34.48
CA THR G 255 -24.68 -3.08 35.77
C THR G 255 -23.48 -4.01 35.62
N GLU G 256 -23.48 -4.86 34.59
CA GLU G 256 -22.44 -5.87 34.47
C GLU G 256 -21.09 -5.26 34.15
N GLY G 257 -21.04 -4.32 33.20
CA GLY G 257 -19.78 -3.64 32.91
C GLY G 257 -19.27 -2.83 34.08
N MET G 258 -20.18 -2.16 34.79
CA MET G 258 -19.80 -1.42 35.99
C MET G 258 -19.19 -2.35 37.03
N LYS G 259 -19.81 -3.52 37.24
CA LYS G 259 -19.29 -4.48 38.19
C LYS G 259 -17.91 -4.99 37.78
N ARG G 260 -17.74 -5.31 36.50
CA ARG G 260 -16.44 -5.77 36.02
C ARG G 260 -15.37 -4.71 36.22
N ALA G 261 -15.67 -3.46 35.88
CA ALA G 261 -14.70 -2.38 36.04
C ALA G 261 -14.37 -2.14 37.51
N VAL G 262 -15.38 -2.19 38.38
CA VAL G 262 -15.15 -1.95 39.81
C VAL G 262 -14.29 -3.05 40.41
N GLN G 263 -14.58 -4.32 40.05
CA GLN G 263 -13.80 -5.42 40.60
C GLN G 263 -12.40 -5.51 39.99
N ALA G 264 -12.21 -4.99 38.76
CA ALA G 264 -10.88 -5.00 38.19
C ALA G 264 -9.95 -4.02 38.88
N GLY G 265 -10.48 -2.90 39.36
CA GLY G 265 -9.67 -1.95 40.12
C GLY G 265 -9.53 -0.58 39.51
N VAL G 266 -10.54 -0.13 38.77
CA VAL G 266 -10.51 1.24 38.23
C VAL G 266 -10.65 2.25 39.36
N THR G 267 -10.17 3.46 39.12
CA THR G 267 -10.15 4.48 40.17
C THR G 267 -11.51 5.15 40.35
N SER G 268 -12.16 5.52 39.25
CA SER G 268 -13.43 6.22 39.31
C SER G 268 -14.36 5.70 38.23
N ILE G 269 -15.66 5.89 38.45
CA ILE G 269 -16.71 5.47 37.53
C ILE G 269 -17.37 6.74 36.99
N GLU G 270 -17.47 6.84 35.66
CA GLU G 270 -17.88 8.10 35.05
C GLU G 270 -19.40 8.28 35.00
N HIS G 271 -20.16 7.19 34.84
CA HIS G 271 -21.60 7.25 34.98
C HIS G 271 -22.07 5.98 35.68
N GLY G 272 -23.22 6.07 36.33
CA GLY G 272 -23.72 4.94 37.08
C GLY G 272 -25.19 4.65 36.84
N THR G 273 -25.64 4.84 35.60
CA THR G 273 -27.07 4.92 35.30
C THR G 273 -27.85 3.73 35.87
N TYR G 274 -27.29 2.53 35.80
CA TYR G 274 -27.97 1.33 36.26
C TYR G 274 -27.23 0.68 37.43
N MET G 275 -26.75 1.49 38.36
CA MET G 275 -26.06 0.99 39.55
C MET G 275 -27.08 0.44 40.53
N ASP G 276 -26.80 -0.74 41.07
CA ASP G 276 -27.67 -1.40 42.04
C ASP G 276 -26.94 -1.58 43.36
N ASP G 277 -27.59 -2.29 44.30
CA ASP G 277 -27.07 -2.38 45.66
C ASP G 277 -25.73 -3.10 45.72
N GLU G 278 -25.57 -4.18 44.96
CA GLU G 278 -24.31 -4.92 44.99
C GLU G 278 -23.15 -4.08 44.46
N VAL G 279 -23.40 -3.32 43.39
CA VAL G 279 -22.37 -2.44 42.85
C VAL G 279 -21.98 -1.38 43.87
N MET G 280 -22.97 -0.82 44.59
CA MET G 280 -22.67 0.16 45.62
C MET G 280 -21.84 -0.45 46.75
N ARG G 281 -22.18 -1.68 47.16
CA ARG G 281 -21.41 -2.33 48.20
C ARG G 281 -19.97 -2.59 47.75
N LEU G 282 -19.79 -3.04 46.51
CA LEU G 282 -18.45 -3.27 45.99
C LEU G 282 -17.66 -1.97 45.89
N MET G 283 -18.32 -0.89 45.49
CA MET G 283 -17.65 0.41 45.43
C MET G 283 -17.24 0.89 46.81
N LYS G 284 -18.10 0.70 47.80
CA LYS G 284 -17.75 1.09 49.17
C LYS G 284 -16.57 0.26 49.69
N GLN G 285 -16.58 -1.05 49.40
CA GLN G 285 -15.49 -1.89 49.87
C GLN G 285 -14.17 -1.57 49.16
N HIS G 286 -14.23 -1.29 47.86
CA HIS G 286 -13.02 -1.02 47.10
C HIS G 286 -12.55 0.42 47.23
N GLY G 287 -13.45 1.34 47.55
CA GLY G 287 -13.10 2.75 47.63
C GLY G 287 -13.18 3.51 46.32
N THR G 288 -13.94 3.01 45.35
CA THR G 288 -14.04 3.66 44.04
C THR G 288 -14.80 4.98 44.16
N TRP G 289 -14.35 5.98 43.40
CA TRP G 289 -15.02 7.26 43.32
C TRP G 289 -16.12 7.24 42.27
N TYR G 290 -17.15 8.05 42.48
CA TYR G 290 -18.32 8.11 41.60
C TYR G 290 -18.49 9.54 41.10
N VAL G 291 -18.70 9.68 39.79
CA VAL G 291 -18.89 10.97 39.15
C VAL G 291 -20.25 10.97 38.48
N PRO G 292 -21.24 11.69 39.04
CA PRO G 292 -22.61 11.56 38.51
C PRO G 292 -22.83 12.22 37.16
N THR G 293 -22.32 13.44 36.94
CA THR G 293 -22.51 14.21 35.71
C THR G 293 -24.01 14.43 35.43
N PHE G 294 -24.63 15.23 36.31
CA PHE G 294 -26.03 15.59 36.13
C PHE G 294 -26.24 16.36 34.82
N TYR G 295 -25.31 17.26 34.50
CA TYR G 295 -25.50 18.18 33.38
C TYR G 295 -25.68 17.45 32.07
N ALA G 296 -24.86 16.41 31.83
CA ALA G 296 -24.96 15.67 30.56
C ALA G 296 -26.30 14.98 30.43
N GLY G 297 -26.78 14.35 31.50
CA GLY G 297 -28.08 13.71 31.45
C GLY G 297 -29.21 14.68 31.19
N ARG G 298 -29.21 15.82 31.89
CA ARG G 298 -30.26 16.81 31.66
C ARG G 298 -30.20 17.35 30.23
N PHE G 299 -29.00 17.63 29.73
CA PHE G 299 -28.85 18.15 28.38
C PHE G 299 -29.36 17.15 27.34
N VAL G 300 -29.01 15.87 27.48
CA VAL G 300 -29.46 14.90 26.48
C VAL G 300 -30.95 14.68 26.58
N THR G 301 -31.53 14.68 27.78
CA THR G 301 -32.98 14.54 27.89
C THR G 301 -33.70 15.73 27.26
N GLU G 302 -33.17 16.93 27.43
CA GLU G 302 -33.81 18.09 26.81
C GLU G 302 -33.63 18.10 25.30
N LYS G 303 -32.49 17.64 24.79
CA LYS G 303 -32.25 17.65 23.35
C LYS G 303 -32.88 16.47 22.63
N ALA G 304 -33.29 15.43 23.35
CA ALA G 304 -34.00 14.33 22.71
C ALA G 304 -35.42 14.68 22.32
N ALA G 305 -36.00 15.74 22.91
CA ALA G 305 -37.34 16.17 22.56
C ALA G 305 -37.38 16.88 21.21
N ILE G 306 -36.30 17.58 20.85
CA ILE G 306 -36.25 18.27 19.57
C ILE G 306 -36.11 17.24 18.45
N ASP G 307 -36.71 17.54 17.30
CA ASP G 307 -36.70 16.63 16.16
C ASP G 307 -35.54 17.00 15.24
N GLY G 308 -34.74 15.99 14.88
CA GLY G 308 -33.63 16.17 13.99
C GLY G 308 -32.31 16.54 14.64
N TYR G 309 -32.30 16.79 15.95
CA TYR G 309 -31.05 17.13 16.62
C TYR G 309 -30.10 15.94 16.64
N PHE G 310 -30.60 14.77 17.06
CA PHE G 310 -29.81 13.55 17.14
C PHE G 310 -30.17 12.61 16.00
N PRO G 311 -29.24 11.75 15.59
CA PRO G 311 -29.58 10.70 14.63
C PRO G 311 -30.61 9.74 15.22
N GLU G 312 -31.37 9.10 14.33
CA GLU G 312 -32.44 8.21 14.78
C GLU G 312 -31.93 7.04 15.60
N VAL G 313 -30.68 6.63 15.39
CA VAL G 313 -30.10 5.59 16.23
C VAL G 313 -29.83 6.10 17.63
N VAL G 314 -29.48 7.38 17.77
CA VAL G 314 -29.08 7.92 19.06
C VAL G 314 -30.28 8.38 19.91
N ARG G 315 -31.35 8.84 19.27
CA ARG G 315 -32.44 9.49 19.99
C ARG G 315 -33.08 8.63 21.06
N PRO G 316 -33.44 7.36 20.82
CA PRO G 316 -34.01 6.56 21.92
C PRO G 316 -33.09 6.41 23.12
N LYS G 317 -31.78 6.25 22.88
CA LYS G 317 -30.84 6.13 23.98
C LYS G 317 -30.79 7.42 24.81
N ALA G 318 -30.77 8.57 24.15
CA ALA G 318 -30.76 9.84 24.87
C ALA G 318 -32.06 10.02 25.65
N ALA G 319 -33.19 9.62 25.08
CA ALA G 319 -34.46 9.75 25.77
C ALA G 319 -34.54 8.83 26.98
N ARG G 320 -33.96 7.64 26.89
CA ARG G 320 -34.11 6.65 27.95
C ARG G 320 -33.06 6.79 29.06
N ILE G 321 -31.78 6.75 28.70
CA ILE G 321 -30.72 6.57 29.70
C ILE G 321 -30.56 7.82 30.57
N GLY G 322 -30.62 9.00 29.95
CA GLY G 322 -30.26 10.23 30.65
C GLY G 322 -31.23 10.65 31.74
N ALA G 323 -32.38 10.01 31.86
CA ALA G 323 -33.42 10.45 32.78
C ALA G 323 -33.29 9.87 34.18
N LEU G 324 -32.31 8.99 34.43
CA LEU G 324 -32.19 8.31 35.71
C LEU G 324 -30.97 8.76 36.51
N ILE G 325 -30.19 9.70 35.98
CA ILE G 325 -28.94 10.11 36.61
C ILE G 325 -29.19 10.74 37.98
N SER G 326 -30.21 11.60 38.06
CA SER G 326 -30.51 12.33 39.32
C SER G 326 -30.88 11.34 40.43
N GLN G 327 -31.78 10.40 40.13
CA GLN G 327 -32.20 9.41 41.10
C GLN G 327 -31.07 8.47 41.50
N THR G 328 -30.27 8.02 40.53
CA THR G 328 -29.15 7.15 40.85
C THR G 328 -28.14 7.85 41.75
N ALA G 329 -27.82 9.11 41.44
CA ALA G 329 -26.84 9.84 42.24
C ALA G 329 -27.37 10.09 43.64
N ALA G 330 -28.65 10.43 43.78
CA ALA G 330 -29.21 10.63 45.11
C ALA G 330 -29.19 9.35 45.93
N LYS G 331 -29.55 8.23 45.36
CA LYS G 331 -29.52 6.92 46.09
C LYS G 331 -28.08 6.59 46.46
N ALA G 332 -27.14 6.80 45.51
CA ALA G 332 -25.74 6.51 45.82
C ALA G 332 -25.23 7.37 46.97
N TYR G 333 -25.62 8.64 47.00
CA TYR G 333 -25.20 9.51 48.10
C TYR G 333 -25.83 9.07 49.42
N ARG G 334 -27.09 8.63 49.39
CA ARG G 334 -27.73 8.17 50.62
C ARG G 334 -27.12 6.87 51.14
N ASN G 335 -26.38 6.14 50.30
CA ASN G 335 -25.80 4.87 50.69
C ASN G 335 -24.35 4.98 51.17
N GLY G 336 -23.75 6.16 51.10
CA GLY G 336 -22.38 6.34 51.54
C GLY G 336 -21.32 6.20 50.48
N VAL G 337 -21.70 6.19 49.20
CA VAL G 337 -20.71 6.11 48.13
C VAL G 337 -20.02 7.45 47.97
N ARG G 338 -18.69 7.41 47.82
CA ARG G 338 -17.92 8.64 47.67
C ARG G 338 -18.17 9.25 46.29
N ILE G 339 -18.48 10.54 46.27
CA ILE G 339 -18.92 11.24 45.06
C ILE G 339 -18.01 12.44 44.83
N ALA G 340 -17.61 12.64 43.58
CA ALA G 340 -16.78 13.76 43.16
C ALA G 340 -17.53 14.59 42.13
N PHE G 341 -16.90 15.68 41.70
CA PHE G 341 -17.53 16.67 40.83
C PHE G 341 -17.09 16.45 39.38
N GLY G 342 -18.06 16.34 38.49
CA GLY G 342 -17.79 16.25 37.06
C GLY G 342 -19.04 16.58 36.28
N THR G 343 -18.84 17.20 35.11
CA THR G 343 -19.95 17.73 34.33
C THR G 343 -20.12 17.12 32.95
N ASP G 344 -19.06 16.56 32.36
CA ASP G 344 -19.10 16.03 31.00
C ASP G 344 -19.35 17.15 29.99
N GLN G 345 -18.77 18.31 30.22
CA GLN G 345 -18.91 19.41 29.29
C GLN G 345 -18.23 19.08 27.96
N GLY G 346 -18.66 19.77 26.91
CA GLY G 346 -18.51 19.31 25.56
C GLY G 346 -19.76 18.65 25.03
N VAL G 347 -20.59 18.13 25.92
CA VAL G 347 -22.00 17.89 25.63
C VAL G 347 -22.83 19.14 25.93
N GLY G 348 -22.64 19.71 27.12
CA GLY G 348 -23.17 21.01 27.43
C GLY G 348 -22.23 22.11 26.99
N PRO G 349 -22.68 23.37 27.11
CA PRO G 349 -21.84 24.49 26.67
C PRO G 349 -20.72 24.77 27.66
N HIS G 350 -19.50 24.94 27.14
CA HIS G 350 -18.35 25.26 27.99
C HIS G 350 -18.54 26.62 28.66
N GLY G 351 -18.14 26.69 29.93
CA GLY G 351 -18.30 27.89 30.72
C GLY G 351 -19.50 27.89 31.64
N ASP G 352 -20.43 26.96 31.44
CA ASP G 352 -21.61 26.83 32.29
C ASP G 352 -21.50 25.66 33.27
N ASN G 353 -20.28 25.28 33.63
CA ASN G 353 -20.08 24.11 34.47
C ASN G 353 -20.71 24.27 35.85
N ALA G 354 -20.59 25.46 36.44
CA ALA G 354 -21.01 25.67 37.83
C ALA G 354 -22.50 25.42 38.04
N ARG G 355 -23.30 25.41 36.98
CA ARG G 355 -24.72 25.08 37.12
C ARG G 355 -24.92 23.69 37.70
N GLU G 356 -23.95 22.78 37.52
CA GLU G 356 -24.06 21.47 38.14
C GLU G 356 -24.17 21.57 39.66
N PHE G 357 -23.54 22.57 40.27
CA PHE G 357 -23.68 22.77 41.70
C PHE G 357 -25.14 22.93 42.11
N VAL G 358 -25.95 23.55 41.23
CA VAL G 358 -27.37 23.69 41.51
C VAL G 358 -28.07 22.33 41.44
N TYR G 359 -27.66 21.48 40.51
CA TYR G 359 -28.33 20.19 40.32
C TYR G 359 -28.06 19.25 41.49
N MET G 360 -26.85 19.28 42.05
CA MET G 360 -26.53 18.41 43.18
C MET G 360 -27.32 18.81 44.43
N VAL G 361 -27.37 20.12 44.72
CA VAL G 361 -28.01 20.56 45.96
C VAL G 361 -29.51 20.27 45.92
N GLU G 362 -30.13 20.44 44.76
CA GLU G 362 -31.55 20.09 44.63
C GLU G 362 -31.77 18.58 44.51
N ALA G 363 -30.70 17.78 44.51
CA ALA G 363 -30.80 16.34 44.55
C ALA G 363 -30.64 15.78 45.96
N GLY G 364 -30.51 16.64 46.96
CA GLY G 364 -30.37 16.23 48.34
C GLY G 364 -28.98 16.34 48.91
N ILE G 365 -27.98 16.59 48.07
CA ILE G 365 -26.60 16.71 48.57
C ILE G 365 -26.41 18.11 49.16
N PRO G 366 -25.88 18.22 50.38
CA PRO G 366 -25.70 19.54 50.98
C PRO G 366 -24.71 20.40 50.20
N ALA G 367 -24.84 21.72 50.37
CA ALA G 367 -24.00 22.66 49.64
C ALA G 367 -22.53 22.52 50.04
N ALA G 368 -22.25 22.30 51.33
CA ALA G 368 -20.87 22.17 51.77
C ALA G 368 -20.19 20.96 51.15
N TYR G 369 -20.88 19.82 51.09
CA TYR G 369 -20.30 18.65 50.44
C TYR G 369 -20.14 18.86 48.95
N ALA G 370 -21.09 19.54 48.30
CA ALA G 370 -20.96 19.82 46.87
C ALA G 370 -19.78 20.73 46.57
N LEU G 371 -19.47 21.66 47.49
CA LEU G 371 -18.29 22.50 47.32
C LEU G 371 -17.01 21.73 47.62
N GLN G 372 -17.02 20.84 48.61
CA GLN G 372 -15.85 20.02 48.90
C GLN G 372 -15.54 19.05 47.76
N ALA G 373 -16.57 18.57 47.06
CA ALA G 373 -16.38 17.58 46.02
C ALA G 373 -15.59 18.11 44.83
N ALA G 374 -15.52 19.43 44.67
CA ALA G 374 -14.79 20.03 43.57
C ALA G 374 -13.42 20.58 43.97
N THR G 375 -13.10 20.60 45.27
CA THR G 375 -11.82 21.12 45.72
C THR G 375 -10.96 20.06 46.39
N VAL G 376 -11.45 19.42 47.45
CA VAL G 376 -10.60 18.56 48.28
C VAL G 376 -10.74 17.11 47.87
N HIS G 377 -11.87 16.76 47.25
CA HIS G 377 -12.06 15.41 46.75
C HIS G 377 -11.57 15.25 45.32
N ALA G 378 -11.61 16.31 44.52
CA ALA G 378 -11.04 16.25 43.18
C ALA G 378 -9.54 16.07 43.22
N ALA G 379 -8.87 16.63 44.23
CA ALA G 379 -7.44 16.40 44.39
C ALA G 379 -7.15 14.95 44.77
N GLN G 380 -8.01 14.33 45.59
CA GLN G 380 -7.84 12.92 45.91
C GLN G 380 -8.07 12.05 44.69
N VAL G 381 -9.06 12.38 43.87
CA VAL G 381 -9.28 11.65 42.63
C VAL G 381 -8.09 11.80 41.70
N LEU G 382 -7.55 13.01 41.57
CA LEU G 382 -6.40 13.23 40.70
C LEU G 382 -5.13 12.66 41.30
N GLY G 383 -5.06 12.54 42.63
CA GLY G 383 -3.86 12.06 43.26
C GLY G 383 -2.77 13.09 43.46
N VAL G 384 -3.13 14.38 43.52
CA VAL G 384 -2.17 15.46 43.71
C VAL G 384 -2.44 16.12 45.05
N ASP G 385 -1.36 16.39 45.78
CA ASP G 385 -1.45 16.95 47.13
C ASP G 385 -1.14 18.44 47.18
N ASP G 386 -0.83 19.07 46.06
CA ASP G 386 -0.42 20.47 46.03
C ASP G 386 -1.58 21.44 45.87
N GLN G 387 -2.81 20.95 45.69
CA GLN G 387 -3.96 21.81 45.45
C GLN G 387 -5.13 21.32 46.28
N GLY G 388 -6.23 22.07 46.19
CA GLY G 388 -7.46 21.67 46.86
C GLY G 388 -7.86 22.54 48.02
N VAL G 389 -6.90 22.95 48.85
CA VAL G 389 -7.18 23.73 50.05
C VAL G 389 -6.31 24.96 50.07
N LEU G 390 -6.76 25.99 50.78
CA LEU G 390 -6.02 27.24 50.93
C LEU G 390 -5.14 27.13 52.17
N GLU G 391 -4.02 26.43 52.00
CA GLU G 391 -3.08 26.17 53.08
C GLU G 391 -1.68 26.57 52.65
N PRO G 392 -0.80 26.90 53.60
CA PRO G 392 0.57 27.26 53.23
C PRO G 392 1.28 26.13 52.50
N GLY G 393 2.07 26.51 51.50
CA GLY G 393 2.81 25.55 50.71
C GLY G 393 2.07 24.97 49.53
N LYS G 394 0.81 25.37 49.32
CA LYS G 394 -0.01 24.85 48.23
C LYS G 394 -0.14 25.89 47.12
N ARG G 395 -0.60 25.42 45.97
CA ARG G 395 -0.77 26.30 44.82
C ARG G 395 -1.80 27.37 45.12
N ALA G 396 -1.52 28.60 44.67
CA ALA G 396 -2.39 29.75 44.94
C ALA G 396 -3.44 29.87 43.85
N ASP G 397 -4.44 29.00 43.93
CA ASP G 397 -5.63 29.06 43.07
C ASP G 397 -6.78 29.53 43.95
N VAL G 398 -7.17 30.79 43.81
CA VAL G 398 -8.18 31.40 44.65
C VAL G 398 -9.26 32.03 43.79
N ILE G 399 -10.52 31.74 44.11
CA ILE G 399 -11.64 32.37 43.44
C ILE G 399 -12.51 33.04 44.50
N ALA G 400 -13.31 34.00 44.05
CA ALA G 400 -14.17 34.76 44.94
C ALA G 400 -15.57 34.88 44.36
N LEU G 401 -16.55 34.92 45.26
CA LEU G 401 -17.95 35.04 44.90
C LEU G 401 -18.56 36.26 45.59
N ALA G 402 -19.53 36.87 44.92
CA ALA G 402 -20.20 38.05 45.49
C ALA G 402 -21.01 37.68 46.72
N GLY G 403 -21.70 36.54 46.69
CA GLY G 403 -22.57 36.12 47.77
C GLY G 403 -22.06 34.87 48.47
N ASN G 404 -22.84 34.44 49.45
CA ASN G 404 -22.51 33.25 50.24
C ASN G 404 -23.16 32.03 49.62
N PRO G 405 -22.39 31.03 49.17
CA PRO G 405 -22.99 29.86 48.53
C PRO G 405 -23.60 28.85 49.49
N LEU G 406 -23.34 28.95 50.78
CA LEU G 406 -23.88 27.99 51.73
C LEU G 406 -25.34 28.25 52.07
N GLU G 407 -25.87 29.42 51.74
CA GLU G 407 -27.30 29.70 51.89
C GLU G 407 -28.01 29.90 50.57
N ASP G 408 -27.31 30.27 49.50
CA ASP G 408 -27.88 30.42 48.18
C ASP G 408 -26.90 29.82 47.18
N ILE G 409 -27.28 28.70 46.58
CA ILE G 409 -26.37 27.92 45.74
C ILE G 409 -26.27 28.55 44.35
N ASN G 410 -27.00 29.63 44.11
CA ASN G 410 -26.91 30.33 42.84
C ASN G 410 -25.73 31.32 42.79
N ALA G 411 -25.12 31.62 43.94
CA ALA G 411 -23.99 32.53 43.98
C ALA G 411 -22.79 31.98 43.20
N VAL G 412 -22.74 30.69 42.93
CA VAL G 412 -21.64 30.09 42.18
C VAL G 412 -21.78 30.41 40.71
N LEU G 413 -22.85 31.13 40.35
CA LEU G 413 -23.04 31.58 38.98
C LEU G 413 -22.51 32.99 38.74
N ASP G 414 -21.86 33.59 39.74
CA ASP G 414 -21.31 34.95 39.64
C ASP G 414 -19.93 34.96 40.31
N VAL G 415 -18.89 34.72 39.52
CA VAL G 415 -17.51 34.70 40.02
C VAL G 415 -16.90 36.07 39.77
N ARG G 416 -16.33 36.67 40.82
CA ARG G 416 -15.82 38.03 40.75
C ARG G 416 -14.30 38.12 40.78
N PHE G 417 -13.59 37.04 41.09
CA PHE G 417 -12.14 37.09 41.20
C PHE G 417 -11.58 35.70 40.93
N VAL G 418 -10.60 35.61 40.04
CA VAL G 418 -9.95 34.36 39.67
C VAL G 418 -8.45 34.55 39.74
N MET G 419 -7.77 33.59 40.38
CA MET G 419 -6.31 33.59 40.49
C MET G 419 -5.81 32.16 40.36
N LYS G 420 -4.84 31.96 39.47
CA LYS G 420 -4.27 30.64 39.21
C LYS G 420 -2.76 30.76 39.18
N ASP G 421 -2.09 30.02 40.08
CA ASP G 421 -0.64 30.02 40.20
C ASP G 421 -0.10 31.42 40.51
N GLY G 422 -0.85 32.20 41.26
CA GLY G 422 -0.41 33.51 41.68
C GLY G 422 -0.64 34.64 40.69
N VAL G 423 -1.17 34.33 39.51
CA VAL G 423 -1.43 35.34 38.49
C VAL G 423 -2.92 35.63 38.46
N ILE G 424 -3.26 36.91 38.52
CA ILE G 424 -4.67 37.33 38.49
C ILE G 424 -5.15 37.36 37.05
N TYR G 425 -6.25 36.65 36.78
CA TYR G 425 -6.85 36.63 35.46
C TYR G 425 -8.16 37.39 35.37
N LYS G 426 -8.97 37.35 36.42
CA LYS G 426 -10.20 38.14 36.51
C LYS G 426 -10.21 38.86 37.84
N GLN G 427 -10.39 40.17 37.80
CA GLN G 427 -10.41 40.99 39.01
C GLN G 427 -11.75 41.69 39.18
N PRO H 22 56.97 -16.60 13.00
CA PRO H 22 57.26 -16.62 14.44
C PRO H 22 57.97 -15.35 14.90
N VAL H 23 57.37 -14.66 15.88
CA VAL H 23 57.91 -13.41 16.41
C VAL H 23 58.19 -13.60 17.90
N ALA H 24 59.38 -13.19 18.32
CA ALA H 24 59.76 -13.24 19.73
C ALA H 24 59.67 -11.82 20.30
N VAL H 25 58.77 -11.63 21.26
CA VAL H 25 58.55 -10.35 21.90
C VAL H 25 59.20 -10.37 23.28
N GLN H 26 60.17 -9.51 23.49
CA GLN H 26 60.87 -9.40 24.77
C GLN H 26 60.23 -8.28 25.59
N CYS H 27 59.82 -8.60 26.81
CA CYS H 27 59.08 -7.69 27.67
C CYS H 27 59.87 -7.43 28.94
N GLY H 28 60.06 -6.15 29.27
CA GLY H 28 60.74 -5.80 30.50
C GLY H 28 59.94 -6.19 31.74
N ARG H 29 58.64 -5.95 31.73
CA ARG H 29 57.75 -6.34 32.81
C ARG H 29 56.44 -6.85 32.24
N LEU H 30 55.88 -7.88 32.86
CA LEU H 30 54.68 -8.55 32.38
C LEU H 30 53.60 -8.51 33.46
N PHE H 31 52.35 -8.37 33.04
CA PHE H 31 51.20 -8.35 33.94
C PHE H 31 50.44 -9.66 33.79
N ASP H 32 50.26 -10.36 34.90
CA ASP H 32 49.50 -11.62 34.93
C ASP H 32 48.06 -11.29 35.31
N ALA H 33 47.16 -11.32 34.32
CA ALA H 33 45.78 -10.97 34.57
C ALA H 33 45.08 -11.98 35.46
N ARG H 34 45.51 -13.24 35.42
CA ARG H 34 44.88 -14.27 36.24
C ARG H 34 45.20 -14.10 37.72
N SER H 35 46.24 -13.33 38.05
CA SER H 35 46.61 -13.09 39.44
C SER H 35 46.58 -11.62 39.84
N GLY H 36 46.67 -10.70 38.87
CA GLY H 36 46.71 -9.29 39.18
C GLY H 36 48.05 -8.79 39.67
N GLN H 37 49.14 -9.51 39.38
CA GLN H 37 50.47 -9.14 39.83
C GLN H 37 51.37 -8.87 38.63
N LEU H 38 52.35 -8.00 38.84
CA LEU H 38 53.30 -7.64 37.79
C LEU H 38 54.57 -8.46 37.95
N LYS H 39 54.91 -9.24 36.92
CA LYS H 39 56.04 -10.14 36.96
C LYS H 39 57.29 -9.43 36.43
N GLY H 40 58.36 -10.18 36.21
CA GLY H 40 59.59 -9.63 35.71
C GLY H 40 59.70 -9.76 34.20
N PRO H 41 60.93 -9.70 33.68
CA PRO H 41 61.13 -9.83 32.24
C PRO H 41 60.65 -11.17 31.72
N HIS H 42 60.15 -11.16 30.49
CA HIS H 42 59.63 -12.38 29.88
C HIS H 42 59.82 -12.32 28.37
N THR H 43 59.58 -13.45 27.72
CA THR H 43 59.65 -13.55 26.27
C THR H 43 58.45 -14.34 25.76
N LEU H 44 57.69 -13.75 24.85
CA LEU H 44 56.51 -14.37 24.27
C LEU H 44 56.83 -14.83 22.86
N LEU H 45 56.47 -16.08 22.55
CA LEU H 45 56.65 -16.61 21.20
C LEU H 45 55.30 -16.63 20.51
N VAL H 46 55.18 -15.91 19.39
CA VAL H 46 53.93 -15.79 18.66
C VAL H 46 54.09 -16.50 17.32
N ALA H 47 53.16 -17.40 17.03
CA ALA H 47 53.17 -18.12 15.77
C ALA H 47 51.73 -18.45 15.37
N ASP H 48 51.40 -18.24 14.10
CA ASP H 48 50.07 -18.51 13.55
C ASP H 48 49.00 -17.67 14.24
N GLY H 49 49.38 -16.52 14.79
CA GLY H 49 48.43 -15.62 15.41
C GLY H 49 48.10 -15.91 16.86
N ARG H 50 48.74 -16.90 17.47
CA ARG H 50 48.51 -17.23 18.87
C ARG H 50 49.82 -17.21 19.63
N ILE H 51 49.72 -17.37 20.95
CA ILE H 51 50.88 -17.42 21.83
C ILE H 51 51.35 -18.86 21.96
N ARG H 52 52.62 -19.10 21.66
CA ARG H 52 53.16 -20.45 21.71
C ARG H 52 53.77 -20.78 23.07
N GLN H 53 54.63 -19.88 23.55
CA GLN H 53 55.33 -20.15 24.83
C GLN H 53 55.78 -18.87 25.51
N VAL H 54 55.61 -18.79 26.83
CA VAL H 54 56.05 -17.65 27.63
C VAL H 54 57.24 -18.13 28.47
N LEU H 55 58.41 -17.56 28.20
CA LEU H 55 59.64 -17.97 28.87
C LEU H 55 60.13 -16.87 29.80
N PRO H 56 60.39 -17.15 31.07
CA PRO H 56 60.94 -16.13 31.95
C PRO H 56 62.32 -15.68 31.49
N GLY H 57 62.61 -14.40 31.67
CA GLY H 57 63.88 -13.83 31.28
C GLY H 57 63.77 -12.87 30.12
N ALA H 65 63.76 -16.11 14.72
CA ALA H 65 62.52 -15.37 14.92
C ALA H 65 62.80 -13.88 15.07
N ARG H 66 62.03 -13.06 14.36
CA ARG H 66 62.18 -11.62 14.45
C ARG H 66 61.88 -11.13 15.86
N VAL H 67 62.75 -10.27 16.38
CA VAL H 67 62.73 -9.85 17.78
C VAL H 67 62.10 -8.47 17.87
N VAL H 68 61.08 -8.35 18.71
CA VAL H 68 60.47 -7.07 19.06
C VAL H 68 60.79 -6.80 20.52
N ASP H 69 61.56 -5.73 20.77
CA ASP H 69 62.07 -5.44 22.10
C ASP H 69 61.25 -4.32 22.73
N LEU H 70 60.76 -4.55 23.95
CA LEU H 70 60.06 -3.56 24.75
C LEU H 70 60.58 -3.58 26.18
N GLY H 71 61.90 -3.58 26.32
CA GLY H 71 62.54 -3.77 27.61
C GLY H 71 62.24 -2.69 28.63
N ASP H 72 61.90 -1.48 28.18
CA ASP H 72 61.57 -0.38 29.06
C ASP H 72 60.08 -0.05 29.02
N LYS H 73 59.24 -1.08 28.89
CA LYS H 73 57.80 -0.90 28.82
C LYS H 73 57.12 -2.02 29.60
N VAL H 74 55.87 -1.77 29.97
CA VAL H 74 55.07 -2.72 30.74
C VAL H 74 54.03 -3.32 29.78
N CYS H 75 54.04 -4.64 29.67
CA CYS H 75 53.16 -5.33 28.72
C CYS H 75 51.94 -5.90 29.43
N LEU H 76 50.79 -5.80 28.76
CA LEU H 76 49.51 -6.27 29.25
C LEU H 76 48.78 -6.93 28.10
N PRO H 77 47.78 -7.77 28.40
CA PRO H 77 46.89 -8.23 27.34
C PRO H 77 46.03 -7.08 26.81
N GLY H 78 45.50 -7.29 25.61
CA GLY H 78 44.63 -6.29 25.03
C GLY H 78 43.35 -6.11 25.83
N TRP H 79 42.88 -4.87 25.89
CA TRP H 79 41.70 -4.53 26.68
C TRP H 79 40.43 -4.80 25.89
N THR H 80 39.35 -5.04 26.63
CA THR H 80 38.03 -5.26 26.04
C THR H 80 37.04 -4.24 26.64
N ASP H 81 36.34 -3.53 25.76
CA ASP H 81 35.31 -2.59 26.16
C ASP H 81 33.95 -3.22 25.92
N LEU H 82 33.17 -3.40 26.98
CA LEU H 82 31.94 -4.17 26.92
C LEU H 82 30.71 -3.32 26.65
N HIS H 83 30.87 -2.01 26.39
CA HIS H 83 29.73 -1.16 26.07
C HIS H 83 30.24 -0.02 25.20
N VAL H 84 30.06 -0.13 23.89
CA VAL H 84 30.42 0.91 22.93
C VAL H 84 29.32 1.02 21.89
N HIS H 85 29.30 2.17 21.20
CA HIS H 85 28.42 2.41 20.06
C HIS H 85 29.29 2.95 18.94
N LEU H 86 29.89 2.05 18.16
CA LEU H 86 30.84 2.45 17.13
C LEU H 86 30.18 3.11 15.94
N GLY H 87 28.86 3.07 15.83
CA GLY H 87 28.14 3.68 14.74
C GLY H 87 27.61 5.07 14.99
N SER H 88 27.97 5.70 16.12
CA SER H 88 27.48 7.03 16.42
C SER H 88 28.44 7.69 17.40
N GLN H 89 28.31 9.01 17.51
CA GLN H 89 29.04 9.80 18.50
C GLN H 89 28.21 11.03 18.83
N SER H 90 28.21 11.41 20.10
CA SER H 90 27.36 12.50 20.56
C SER H 90 27.84 13.83 19.98
N SER H 91 26.88 14.68 19.63
CA SER H 91 27.15 15.96 18.99
C SER H 91 25.95 16.87 19.21
N PRO H 92 26.14 18.18 19.13
CA PRO H 92 24.97 19.09 19.22
C PRO H 92 23.97 18.90 18.10
N GLN H 93 24.35 18.24 17.00
CA GLN H 93 23.45 18.00 15.88
C GLN H 93 22.90 16.58 15.86
N SER H 94 23.05 15.83 16.97
CA SER H 94 22.69 14.41 16.99
C SER H 94 21.19 14.16 17.01
N TYR H 95 20.38 15.17 17.31
CA TYR H 95 18.93 14.99 17.39
C TYR H 95 18.19 15.44 16.14
N SER H 96 18.92 15.78 15.08
CA SER H 96 18.33 16.06 13.79
C SER H 96 18.85 15.16 12.67
N GLU H 97 19.89 14.36 12.93
CA GLU H 97 20.49 13.51 11.91
C GLU H 97 19.67 12.25 11.63
N ASP H 98 18.67 11.96 12.45
CA ASP H 98 17.78 10.83 12.19
C ASP H 98 16.96 11.09 10.92
N PHE H 99 16.79 12.35 10.55
CA PHE H 99 15.99 12.73 9.39
C PHE H 99 16.80 13.35 8.28
N ARG H 100 18.13 13.44 8.42
CA ARG H 100 18.99 14.07 7.41
C ARG H 100 20.05 13.14 6.87
N LEU H 101 20.68 12.32 7.71
CA LEU H 101 21.81 11.51 7.32
C LEU H 101 21.39 10.09 6.95
N ASP H 102 22.30 9.39 6.28
CA ASP H 102 22.12 8.03 5.79
C ASP H 102 23.09 7.08 6.48
N PRO H 103 22.81 5.78 6.47
CA PRO H 103 23.74 4.82 7.08
C PRO H 103 25.14 4.82 6.48
N VAL H 104 25.27 5.23 5.22
CA VAL H 104 26.59 5.24 4.58
C VAL H 104 27.49 6.29 5.23
N ASP H 105 26.93 7.45 5.58
CA ASP H 105 27.69 8.46 6.31
C ASP H 105 28.13 7.93 7.67
N HIS H 106 27.24 7.20 8.34
CA HIS H 106 27.62 6.58 9.62
C HIS H 106 28.73 5.56 9.45
N ALA H 107 28.72 4.81 8.34
CA ALA H 107 29.82 3.87 8.08
C ALA H 107 31.14 4.61 7.86
N PHE H 108 31.10 5.69 7.09
CA PHE H 108 32.32 6.44 6.84
C PHE H 108 32.86 7.10 8.11
N ARG H 109 31.98 7.46 9.05
CA ARG H 109 32.46 7.93 10.35
C ARG H 109 32.97 6.78 11.20
N ALA H 110 32.30 5.63 11.13
CA ALA H 110 32.67 4.46 11.92
C ALA H 110 34.04 3.92 11.55
N VAL H 111 34.49 4.13 10.30
CA VAL H 111 35.85 3.72 9.95
C VAL H 111 36.87 4.39 10.86
N GLY H 112 36.80 5.72 10.96
CA GLY H 112 37.69 6.45 11.85
C GLY H 112 37.45 6.17 13.32
N TYR H 113 36.19 6.00 13.71
CA TYR H 113 35.90 5.64 15.10
C TYR H 113 36.58 4.34 15.48
N ALA H 114 36.49 3.32 14.61
CA ALA H 114 37.09 2.03 14.91
C ALA H 114 38.62 2.11 14.92
N GLU H 115 39.19 2.86 13.99
CA GLU H 115 40.65 3.01 14.01
C GLU H 115 41.13 3.68 15.29
N LYS H 116 40.44 4.74 15.72
CA LYS H 116 40.80 5.41 16.97
C LYS H 116 40.60 4.50 18.18
N THR H 117 39.54 3.69 18.18
CA THR H 117 39.32 2.75 19.27
C THR H 117 40.44 1.71 19.34
N LEU H 118 40.84 1.17 18.19
CA LEU H 118 41.90 0.16 18.18
C LEU H 118 43.23 0.75 18.62
N MET H 119 43.54 1.98 18.19
CA MET H 119 44.83 2.57 18.53
C MET H 119 44.96 2.91 20.01
N ALA H 120 43.86 2.91 20.76
CA ALA H 120 43.91 3.23 22.18
C ALA H 120 44.28 2.05 23.06
N GLY H 121 44.41 0.85 22.49
CA GLY H 121 44.74 -0.34 23.24
C GLY H 121 43.59 -1.32 23.43
N PHE H 122 42.43 -1.05 22.85
CA PHE H 122 41.26 -1.91 22.98
C PHE H 122 41.15 -2.75 21.72
N THR H 123 41.60 -4.00 21.81
CA THR H 123 41.60 -4.91 20.68
C THR H 123 40.29 -5.67 20.52
N SER H 124 39.36 -5.52 21.42
CA SER H 124 38.04 -6.17 21.32
C SER H 124 36.98 -5.27 21.95
N VAL H 125 35.81 -5.22 21.40
CA VAL H 125 34.68 -4.43 21.90
C VAL H 125 33.40 -5.26 21.79
N ARG H 126 32.44 -4.92 22.65
CA ARG H 126 31.09 -5.46 22.60
C ARG H 126 30.15 -4.32 22.25
N ASP H 127 29.58 -4.37 21.04
CA ASP H 127 28.68 -3.32 20.57
C ASP H 127 27.27 -3.62 21.04
N LEU H 128 26.63 -2.63 21.66
CA LEU H 128 25.36 -2.80 22.34
C LEU H 128 24.25 -1.98 21.67
N GLY H 129 24.20 -2.01 20.34
CA GLY H 129 23.16 -1.31 19.62
C GLY H 129 23.65 -0.58 18.39
N GLY H 130 22.93 -0.73 17.28
CA GLY H 130 23.30 -0.10 16.02
C GLY H 130 23.23 -1.07 14.87
N GLU H 131 22.79 -0.57 13.72
CA GLU H 131 22.62 -1.38 12.52
C GLU H 131 23.88 -1.46 11.67
N VAL H 132 24.84 -0.56 11.87
CA VAL H 132 26.05 -0.56 11.06
C VAL H 132 27.10 -1.52 11.63
N SER H 133 27.03 -1.82 12.93
CA SER H 133 28.09 -2.58 13.58
C SER H 133 28.31 -3.98 13.01
N PRO H 134 27.28 -4.78 12.68
CA PRO H 134 27.57 -6.08 12.04
C PRO H 134 28.33 -5.95 10.73
N HIS H 135 27.99 -4.95 9.91
CA HIS H 135 28.71 -4.75 8.65
C HIS H 135 30.14 -4.28 8.88
N LEU H 136 30.37 -3.44 9.88
CA LEU H 136 31.73 -3.05 10.22
C LEU H 136 32.54 -4.24 10.73
N ARG H 137 31.91 -5.12 11.52
CA ARG H 137 32.57 -6.33 11.95
C ARG H 137 32.94 -7.21 10.77
N ASP H 138 32.03 -7.36 9.82
CA ASP H 138 32.32 -8.14 8.62
C ASP H 138 33.47 -7.53 7.81
N ALA H 139 33.48 -6.20 7.68
CA ALA H 139 34.55 -5.54 6.94
C ALA H 139 35.90 -5.69 7.62
N ILE H 140 35.92 -5.60 8.96
CA ILE H 140 37.18 -5.75 9.68
C ILE H 140 37.67 -7.21 9.60
N ASN H 141 36.75 -8.17 9.66
CA ASN H 141 37.15 -9.57 9.56
C ASN H 141 37.68 -9.91 8.17
N GLN H 142 37.20 -9.21 7.14
CA GLN H 142 37.70 -9.42 5.78
C GLN H 142 38.97 -8.64 5.49
N GLY H 143 39.45 -7.83 6.42
CA GLY H 143 40.66 -7.08 6.21
C GLY H 143 40.50 -5.81 5.41
N LEU H 144 39.26 -5.35 5.18
CA LEU H 144 39.07 -4.14 4.39
C LEU H 144 39.46 -2.89 5.17
N VAL H 145 39.13 -2.84 6.46
CA VAL H 145 39.43 -1.71 7.31
C VAL H 145 40.06 -2.21 8.60
N ARG H 146 40.59 -1.28 9.37
CA ARG H 146 41.27 -1.58 10.63
C ARG H 146 40.36 -1.27 11.81
N GLY H 147 40.46 -2.10 12.86
CA GLY H 147 39.67 -1.91 14.05
C GLY H 147 39.77 -3.09 14.98
N PRO H 148 39.04 -3.06 16.08
CA PRO H 148 39.07 -4.15 17.06
C PRO H 148 38.14 -5.28 16.64
N ARG H 149 38.14 -6.33 17.46
CA ARG H 149 37.25 -7.47 17.26
C ARG H 149 35.89 -7.15 17.86
N ILE H 150 34.85 -7.14 17.03
CA ILE H 150 33.53 -6.66 17.42
C ILE H 150 32.63 -7.83 17.74
N PHE H 151 31.98 -7.79 18.90
CA PHE H 151 30.89 -8.69 19.24
C PHE H 151 29.62 -7.86 19.20
N ALA H 152 28.85 -8.00 18.12
CA ALA H 152 27.76 -7.09 17.82
C ALA H 152 26.42 -7.67 18.26
N ALA H 153 25.67 -6.88 19.02
CA ALA H 153 24.32 -7.25 19.44
C ALA H 153 23.25 -6.90 18.41
N GLY H 154 23.52 -5.94 17.53
CA GLY H 154 22.55 -5.53 16.54
C GLY H 154 21.47 -4.63 17.10
N LYS H 155 20.24 -4.82 16.65
CA LYS H 155 19.11 -4.02 17.15
C LYS H 155 18.85 -4.33 18.62
N SER H 156 18.47 -3.29 19.37
CA SER H 156 18.07 -3.46 20.76
C SER H 156 16.57 -3.64 20.84
N ILE H 157 16.13 -4.54 21.71
CA ILE H 157 14.72 -4.90 21.84
C ILE H 157 14.10 -4.07 22.95
N ALA H 158 12.99 -3.41 22.65
CA ALA H 158 12.27 -2.57 23.59
C ALA H 158 10.78 -2.78 23.42
N THR H 159 9.99 -2.10 24.24
CA THR H 159 8.53 -2.11 24.16
C THR H 159 8.05 -0.79 23.58
N THR H 160 6.74 -0.66 23.42
CA THR H 160 6.16 0.54 22.85
C THR H 160 6.41 1.73 23.76
N GLY H 161 6.96 2.80 23.19
CA GLY H 161 7.35 3.94 23.98
C GLY H 161 8.62 3.76 24.79
N GLY H 162 9.37 2.68 24.55
CA GLY H 162 10.53 2.36 25.34
C GLY H 162 11.73 3.22 25.01
N HIS H 163 12.80 2.98 25.76
CA HIS H 163 14.04 3.75 25.59
C HIS H 163 14.65 3.55 24.21
N ALA H 164 14.45 2.37 23.61
CA ALA H 164 15.01 2.06 22.30
C ALA H 164 13.96 2.06 21.19
N ASP H 165 12.82 2.70 21.42
CA ASP H 165 11.80 2.82 20.39
C ASP H 165 12.33 3.70 19.26
N PRO H 166 12.31 3.22 18.01
CA PRO H 166 12.87 4.01 16.90
C PRO H 166 11.98 5.16 16.43
N THR H 167 10.77 5.30 16.96
CA THR H 167 9.84 6.35 16.54
C THR H 167 9.44 7.27 17.69
N ASN H 168 10.24 7.34 18.75
CA ASN H 168 9.94 8.23 19.86
C ASN H 168 10.13 9.68 19.44
N GLY H 169 9.14 10.52 19.75
CA GLY H 169 9.22 11.93 19.47
C GLY H 169 8.77 12.35 18.08
N TRP H 170 8.46 11.40 17.21
CA TRP H 170 8.03 11.73 15.86
C TRP H 170 6.60 12.29 15.88
N ASN H 171 6.28 13.09 14.87
CA ASN H 171 4.93 13.64 14.78
C ASN H 171 3.99 12.64 14.12
N GLU H 172 2.72 13.02 14.05
CA GLU H 172 1.69 12.07 13.59
C GLU H 172 1.88 11.70 12.12
N ARG H 173 2.31 12.65 11.29
CA ARG H 173 2.46 12.38 9.86
C ARG H 173 3.56 11.34 9.61
N LEU H 174 4.74 11.56 10.20
CA LEU H 174 5.85 10.62 10.03
C LEU H 174 5.51 9.26 10.64
N ALA H 175 4.92 9.26 11.84
CA ALA H 175 4.60 8.00 12.50
C ALA H 175 3.53 7.22 11.74
N HIS H 176 2.71 7.93 10.95
CA HIS H 176 1.69 7.24 10.12
C HIS H 176 2.36 6.58 8.91
N LEU H 177 3.22 7.31 8.19
CA LEU H 177 3.83 6.76 6.95
C LEU H 177 4.92 5.74 7.28
N VAL H 178 5.29 5.60 8.56
CA VAL H 178 6.29 4.58 8.97
C VAL H 178 5.54 3.38 9.55
N GLY H 179 4.35 3.60 10.13
CA GLY H 179 3.69 2.49 10.75
C GLY H 179 4.19 2.20 12.15
N ALA H 180 3.37 1.48 12.90
CA ALA H 180 3.75 1.08 14.26
C ALA H 180 4.82 -0.01 14.20
N PRO H 181 5.98 0.19 14.83
CA PRO H 181 7.01 -0.84 14.77
C PRO H 181 6.56 -2.14 15.42
N GLY H 182 7.06 -3.26 14.88
CA GLY H 182 6.73 -4.56 15.38
C GLY H 182 7.97 -5.37 15.72
N PRO H 183 7.82 -6.69 15.83
CA PRO H 183 8.96 -7.54 16.20
C PRO H 183 10.09 -7.49 15.19
N ALA H 184 9.83 -7.14 13.93
CA ALA H 184 10.90 -7.03 12.95
C ALA H 184 11.71 -5.76 13.17
N GLU H 185 11.13 -4.75 13.81
CA GLU H 185 11.83 -3.51 14.13
C GLU H 185 12.40 -3.52 15.55
N GLY H 186 12.13 -4.56 16.33
CA GLY H 186 12.64 -4.65 17.68
C GLY H 186 11.69 -4.24 18.78
N VAL H 187 10.43 -3.93 18.46
CA VAL H 187 9.45 -3.50 19.45
C VAL H 187 8.47 -4.63 19.68
N VAL H 188 8.37 -5.09 20.93
CA VAL H 188 7.52 -6.22 21.29
C VAL H 188 6.61 -5.81 22.44
N ASN H 189 5.49 -6.53 22.56
CA ASN H 189 4.55 -6.29 23.64
C ASN H 189 3.98 -7.59 24.22
N SER H 190 4.53 -8.75 23.88
CA SER H 190 4.04 -10.01 24.40
C SER H 190 5.16 -11.05 24.29
N VAL H 191 4.86 -12.26 24.77
CA VAL H 191 5.84 -13.33 24.79
C VAL H 191 6.13 -13.82 23.37
N ASP H 192 5.08 -14.04 22.58
CA ASP H 192 5.25 -14.55 21.23
C ASP H 192 5.95 -13.52 20.33
N GLU H 193 5.77 -12.23 20.63
CA GLU H 193 6.49 -11.20 19.90
C GLU H 193 7.96 -11.14 20.31
N ALA H 194 8.25 -11.38 21.59
CA ALA H 194 9.64 -11.43 22.04
C ALA H 194 10.39 -12.60 21.42
N ARG H 195 9.73 -13.76 21.30
CA ARG H 195 10.35 -14.90 20.62
C ARG H 195 10.72 -14.55 19.19
N GLN H 196 9.80 -13.93 18.45
CA GLN H 196 10.07 -13.53 17.07
C GLN H 196 11.16 -12.47 17.01
N ALA H 197 11.21 -11.55 17.98
CA ALA H 197 12.27 -10.55 18.00
C ALA H 197 13.64 -11.18 18.16
N VAL H 198 13.76 -12.14 19.08
CA VAL H 198 15.04 -12.83 19.27
C VAL H 198 15.42 -13.60 18.01
N ARG H 199 14.45 -14.29 17.40
CA ARG H 199 14.73 -15.02 16.17
C ARG H 199 15.15 -14.11 15.04
N GLN H 200 14.53 -12.92 14.93
CA GLN H 200 14.91 -11.96 13.91
C GLN H 200 16.29 -11.37 14.17
N ARG H 201 16.65 -11.17 15.44
CA ARG H 201 18.01 -10.73 15.74
C ARG H 201 19.03 -11.79 15.33
N TYR H 202 18.72 -13.06 15.60
CA TYR H 202 19.60 -14.14 15.12
C TYR H 202 19.69 -14.15 13.60
N LYS H 203 18.55 -13.94 12.93
CA LYS H 203 18.51 -13.99 11.47
C LYS H 203 19.38 -12.91 10.83
N GLU H 204 19.53 -11.77 11.50
CA GLU H 204 20.27 -10.64 10.96
C GLU H 204 21.75 -10.67 11.29
N GLY H 205 22.23 -11.73 11.95
CA GLY H 205 23.65 -11.89 12.20
C GLY H 205 24.15 -11.23 13.46
N SER H 206 23.48 -11.45 14.58
CA SER H 206 23.88 -10.89 15.86
C SER H 206 24.65 -11.91 16.69
N ASP H 207 25.46 -11.40 17.61
CA ASP H 207 26.23 -12.24 18.51
C ASP H 207 25.63 -12.34 19.91
N LEU H 208 24.72 -11.44 20.26
CA LEU H 208 24.07 -11.45 21.56
C LEU H 208 22.81 -10.60 21.48
N ILE H 209 22.08 -10.54 22.59
CA ILE H 209 20.81 -9.82 22.64
C ILE H 209 20.89 -8.67 23.64
N KCX H 210 20.31 -7.52 23.27
CA KCX H 210 20.27 -6.36 24.13
CB KCX H 210 21.15 -5.24 23.56
CG KCX H 210 22.08 -4.59 24.56
CD KCX H 210 21.34 -4.09 25.78
CE KCX H 210 21.83 -2.72 26.21
NZ KCX H 210 21.51 -1.72 25.17
C KCX H 210 18.84 -5.85 24.32
O KCX H 210 18.14 -5.58 23.33
CX KCX H 210 21.94 -0.47 25.29
OQ1 KCX H 210 22.63 -0.15 26.27
OQ2 KCX H 210 21.67 0.36 24.42
N ILE H 211 18.41 -5.70 25.56
CA ILE H 211 17.09 -5.16 25.86
C ILE H 211 17.21 -3.94 26.77
N THR H 212 16.21 -3.06 26.72
CA THR H 212 16.10 -1.92 27.62
C THR H 212 14.98 -2.21 28.60
N ALA H 213 15.34 -2.52 29.85
CA ALA H 213 14.34 -2.87 30.85
C ALA H 213 13.61 -1.66 31.39
N THR H 214 14.29 -0.52 31.51
CA THR H 214 13.65 0.69 32.00
C THR H 214 13.85 1.84 31.02
N GLY H 215 13.49 3.06 31.43
CA GLY H 215 13.70 4.22 30.60
C GLY H 215 15.14 4.67 30.60
N GLY H 216 15.44 5.64 29.73
CA GLY H 216 16.80 6.13 29.57
C GLY H 216 16.86 7.64 29.59
N VAL H 217 18.09 8.14 29.74
CA VAL H 217 18.33 9.58 29.79
C VAL H 217 18.15 10.22 28.42
N LEU H 218 18.66 9.60 27.36
CA LEU H 218 18.80 10.25 26.07
C LEU H 218 17.64 9.99 25.12
N SER H 219 16.58 9.31 25.58
CA SER H 219 15.44 9.06 24.71
C SER H 219 14.51 10.26 24.68
N TYR H 220 13.74 10.36 23.60
CA TYR H 220 12.72 11.40 23.46
C TYR H 220 11.41 10.95 24.11
N ALA H 221 11.51 10.66 25.40
CA ALA H 221 10.39 10.15 26.19
C ALA H 221 10.39 10.82 27.56
N ARG H 222 9.26 10.71 28.25
CA ARG H 222 9.08 11.37 29.53
C ARG H 222 9.77 10.65 30.68
N SER H 223 9.91 9.34 30.61
CA SER H 223 10.39 8.56 31.75
C SER H 223 11.89 8.31 31.65
N GLY H 224 12.51 8.13 32.81
CA GLY H 224 13.92 7.84 32.90
C GLY H 224 14.25 6.57 33.64
N ASP H 225 13.37 6.14 34.55
CA ASP H 225 13.62 4.92 35.32
C ASP H 225 12.35 4.12 35.57
N ALA H 226 11.39 4.15 34.64
CA ALA H 226 10.20 3.38 34.97
C ALA H 226 10.26 1.98 34.36
N PRO H 227 9.67 0.98 35.03
CA PRO H 227 9.70 -0.38 34.48
C PRO H 227 8.90 -0.46 33.18
N GLN H 228 9.52 -1.03 32.15
CA GLN H 228 8.93 -1.11 30.82
C GLN H 228 8.86 -2.54 30.29
N PHE H 229 9.23 -3.52 31.10
CA PHE H 229 9.15 -4.93 30.74
C PHE H 229 8.47 -5.68 31.86
N THR H 230 7.67 -6.69 31.51
CA THR H 230 7.04 -7.57 32.53
C THR H 230 7.97 -8.77 32.69
N VAL H 231 7.87 -9.50 33.80
CA VAL H 231 8.81 -10.64 34.06
C VAL H 231 8.61 -11.73 33.01
N ASP H 232 7.40 -11.87 32.45
CA ASP H 232 7.08 -12.93 31.47
C ASP H 232 7.70 -12.63 30.09
N GLU H 233 7.84 -11.36 29.70
CA GLU H 233 8.51 -11.00 28.45
C GLU H 233 10.02 -11.17 28.55
N ILE H 234 10.61 -10.76 29.68
CA ILE H 234 12.06 -10.93 29.84
C ILE H 234 12.40 -12.41 29.92
N LYS H 235 11.58 -13.21 30.62
CA LYS H 235 11.84 -14.64 30.68
C LYS H 235 11.75 -15.28 29.30
N ALA H 236 10.78 -14.86 28.48
CA ALA H 236 10.70 -15.37 27.12
C ALA H 236 11.91 -14.97 26.29
N VAL H 237 12.38 -13.73 26.44
CA VAL H 237 13.56 -13.29 25.71
C VAL H 237 14.77 -14.14 26.10
N VAL H 238 14.96 -14.37 27.40
CA VAL H 238 16.10 -15.15 27.87
C VAL H 238 15.99 -16.60 27.40
N ASP H 239 14.79 -17.17 27.46
CA ASP H 239 14.60 -18.56 27.04
C ASP H 239 14.87 -18.73 25.54
N THR H 240 14.39 -17.78 24.73
CA THR H 240 14.66 -17.85 23.29
C THR H 240 16.15 -17.64 22.99
N ALA H 241 16.80 -16.74 23.72
CA ALA H 241 18.22 -16.50 23.50
C ALA H 241 19.05 -17.72 23.85
N ARG H 242 18.69 -18.42 24.93
CA ARG H 242 19.44 -19.61 25.33
C ARG H 242 19.43 -20.68 24.24
N ASP H 243 18.37 -20.73 23.43
CA ASP H 243 18.31 -21.71 22.35
C ASP H 243 19.36 -21.47 21.29
N TYR H 244 19.58 -20.21 20.94
CA TYR H 244 20.49 -19.84 19.86
C TYR H 244 21.90 -19.54 20.34
N GLY H 245 22.20 -19.80 21.61
CA GLY H 245 23.53 -19.57 22.13
C GLY H 245 23.86 -18.11 22.40
N PHE H 246 22.87 -17.30 22.76
CA PHE H 246 23.06 -15.89 22.99
C PHE H 246 23.08 -15.58 24.49
N ARG H 247 23.74 -14.49 24.83
CA ARG H 247 23.69 -13.91 26.17
C ARG H 247 22.94 -12.59 26.11
N VAL H 248 22.33 -12.21 27.24
CA VAL H 248 21.41 -11.09 27.30
C VAL H 248 21.98 -10.01 28.22
N ALA H 249 22.05 -8.78 27.72
CA ALA H 249 22.42 -7.62 28.49
C ALA H 249 21.21 -6.71 28.64
N ALA H 250 21.06 -6.09 29.81
CA ALA H 250 19.87 -5.33 30.14
C ALA H 250 20.25 -3.90 30.53
N HIS H 251 19.63 -2.93 29.87
CA HIS H 251 19.71 -1.53 30.27
C HIS H 251 18.66 -1.27 31.34
N ALA H 252 19.08 -0.66 32.45
CA ALA H 252 18.17 -0.43 33.57
C ALA H 252 18.68 0.73 34.41
N HIS H 253 17.77 1.60 34.83
CA HIS H 253 18.07 2.65 35.80
C HIS H 253 17.27 2.48 37.09
N GLY H 254 15.97 2.23 36.99
CA GLY H 254 15.14 2.08 38.17
C GLY H 254 15.32 0.75 38.86
N THR H 255 14.79 0.68 40.08
CA THR H 255 14.97 -0.51 40.90
C THR H 255 14.09 -1.67 40.43
N GLU H 256 12.84 -1.38 40.05
CA GLU H 256 11.91 -2.45 39.73
C GLU H 256 12.29 -3.16 38.44
N GLY H 257 12.64 -2.41 37.39
CA GLY H 257 13.08 -3.03 36.16
C GLY H 257 14.37 -3.80 36.33
N MET H 258 15.30 -3.26 37.12
CA MET H 258 16.54 -3.98 37.42
C MET H 258 16.25 -5.29 38.12
N LYS H 259 15.33 -5.28 39.10
CA LYS H 259 14.97 -6.50 39.81
C LYS H 259 14.34 -7.52 38.88
N ARG H 260 13.43 -7.06 38.01
CA ARG H 260 12.80 -7.97 37.06
C ARG H 260 13.83 -8.60 36.13
N ALA H 261 14.74 -7.80 35.60
CA ALA H 261 15.76 -8.31 34.69
C ALA H 261 16.70 -9.28 35.40
N VAL H 262 17.08 -8.97 36.64
CA VAL H 262 18.00 -9.83 37.38
C VAL H 262 17.35 -11.17 37.69
N GLN H 263 16.07 -11.14 38.12
CA GLN H 263 15.38 -12.39 38.44
C GLN H 263 15.02 -13.19 37.19
N ALA H 264 14.86 -12.53 36.05
CA ALA H 264 14.57 -13.28 34.83
C ALA H 264 15.77 -14.07 34.35
N GLY H 265 16.98 -13.57 34.56
CA GLY H 265 18.19 -14.31 34.23
C GLY H 265 19.07 -13.68 33.18
N VAL H 266 19.10 -12.33 33.12
CA VAL H 266 20.00 -11.66 32.21
C VAL H 266 21.45 -11.84 32.68
N THR H 267 22.39 -11.71 31.74
CA THR H 267 23.79 -11.98 32.05
C THR H 267 24.44 -10.79 32.76
N SER H 268 24.22 -9.58 32.26
CA SER H 268 24.86 -8.39 32.81
C SER H 268 23.85 -7.24 32.84
N ILE H 269 24.13 -6.28 33.72
CA ILE H 269 23.30 -5.09 33.89
C ILE H 269 24.13 -3.88 33.45
N GLU H 270 23.57 -3.07 32.55
CA GLU H 270 24.34 -2.04 31.89
C GLU H 270 24.47 -0.76 32.72
N HIS H 271 23.46 -0.41 33.51
CA HIS H 271 23.56 0.68 34.46
C HIS H 271 22.81 0.28 35.72
N GLY H 272 23.23 0.84 36.85
CA GLY H 272 22.61 0.50 38.12
C GLY H 272 22.25 1.72 38.95
N THR H 273 21.77 2.77 38.30
CA THR H 273 21.67 4.09 38.93
C THR H 273 20.93 4.04 40.27
N TYR H 274 19.86 3.25 40.35
CA TYR H 274 19.03 3.17 41.56
C TYR H 274 19.05 1.77 42.15
N MET H 275 20.23 1.16 42.19
CA MET H 275 20.38 -0.17 42.77
C MET H 275 20.38 -0.07 44.29
N ASP H 276 19.62 -0.94 44.94
CA ASP H 276 19.52 -0.97 46.40
C ASP H 276 20.03 -2.31 46.92
N ASP H 277 19.88 -2.51 48.23
CA ASP H 277 20.48 -3.67 48.90
C ASP H 277 19.90 -4.98 48.39
N GLU H 278 18.58 -5.04 48.19
CA GLU H 278 17.97 -6.28 47.73
C GLU H 278 18.42 -6.64 46.33
N VAL H 279 18.55 -5.65 45.45
CA VAL H 279 19.05 -5.91 44.10
C VAL H 279 20.48 -6.43 44.15
N MET H 280 21.32 -5.85 45.03
CA MET H 280 22.68 -6.34 45.17
C MET H 280 22.72 -7.77 45.67
N ARG H 281 21.86 -8.11 46.64
CA ARG H 281 21.81 -9.47 47.13
C ARG H 281 21.36 -10.45 46.04
N LEU H 282 20.36 -10.07 45.26
CA LEU H 282 19.91 -10.92 44.16
C LEU H 282 20.99 -11.09 43.11
N MET H 283 21.73 -10.02 42.81
CA MET H 283 22.82 -10.11 41.85
C MET H 283 23.93 -11.03 42.36
N LYS H 284 24.26 -10.93 43.65
CA LYS H 284 25.27 -11.82 44.22
C LYS H 284 24.82 -13.27 44.18
N GLN H 285 23.54 -13.53 44.49
CA GLN H 285 23.05 -14.90 44.47
C GLN H 285 22.98 -15.46 43.05
N HIS H 286 22.58 -14.63 42.08
CA HIS H 286 22.44 -15.09 40.71
C HIS H 286 23.76 -15.09 39.95
N GLY H 287 24.71 -14.27 40.36
CA GLY H 287 25.98 -14.15 39.66
C GLY H 287 25.98 -13.15 38.51
N THR H 288 25.07 -12.20 38.51
CA THR H 288 24.98 -11.22 37.42
C THR H 288 26.18 -10.27 37.46
N TRP H 289 26.67 -9.91 36.27
CA TRP H 289 27.74 -8.95 36.13
C TRP H 289 27.19 -7.53 36.09
N TYR H 290 28.00 -6.58 36.56
CA TYR H 290 27.61 -5.17 36.65
C TYR H 290 28.60 -4.33 35.85
N VAL H 291 28.07 -3.43 35.03
CA VAL H 291 28.87 -2.54 34.20
C VAL H 291 28.53 -1.10 34.58
N PRO H 292 29.42 -0.41 35.29
CA PRO H 292 29.04 0.92 35.82
C PRO H 292 28.94 2.01 34.77
N THR H 293 29.90 2.10 33.84
CA THR H 293 29.95 3.15 32.81
C THR H 293 30.00 4.55 33.45
N PHE H 294 31.12 4.82 34.13
CA PHE H 294 31.34 6.13 34.72
C PHE H 294 31.36 7.23 33.66
N TYR H 295 31.99 6.95 32.52
CA TYR H 295 32.23 7.97 31.51
C TYR H 295 30.93 8.59 31.00
N ALA H 296 29.92 7.75 30.74
CA ALA H 296 28.65 8.27 30.22
C ALA H 296 27.98 9.19 31.23
N GLY H 297 27.97 8.80 32.50
CA GLY H 297 27.38 9.65 33.51
C GLY H 297 28.09 10.99 33.65
N ARG H 298 29.43 10.96 33.69
CA ARG H 298 30.16 12.22 33.78
C ARG H 298 29.92 13.10 32.57
N PHE H 299 29.91 12.50 31.37
CA PHE H 299 29.70 13.26 30.15
C PHE H 299 28.32 13.92 30.14
N VAL H 300 27.27 13.16 30.52
CA VAL H 300 25.93 13.75 30.49
C VAL H 300 25.78 14.82 31.56
N THR H 301 26.38 14.62 32.74
CA THR H 301 26.31 15.67 33.76
C THR H 301 27.02 16.94 33.31
N GLU H 302 28.15 16.80 32.62
CA GLU H 302 28.85 17.99 32.14
C GLU H 302 28.11 18.66 30.99
N LYS H 303 27.45 17.89 30.12
CA LYS H 303 26.76 18.46 28.99
C LYS H 303 25.36 18.98 29.34
N ALA H 304 24.81 18.61 30.50
CA ALA H 304 23.53 19.16 30.92
C ALA H 304 23.65 20.61 31.39
N ALA H 305 24.85 21.06 31.74
CA ALA H 305 25.04 22.44 32.15
C ALA H 305 24.99 23.41 30.97
N ILE H 306 25.44 22.96 29.79
CA ILE H 306 25.39 23.81 28.61
C ILE H 306 23.94 23.99 28.17
N ASP H 307 23.63 25.16 27.62
CA ASP H 307 22.28 25.48 27.19
C ASP H 307 22.14 25.16 25.71
N GLY H 308 21.09 24.41 25.37
CA GLY H 308 20.80 24.06 24.00
C GLY H 308 21.47 22.80 23.48
N TYR H 309 22.33 22.17 24.28
CA TYR H 309 22.97 20.93 23.84
C TYR H 309 21.95 19.80 23.71
N PHE H 310 21.13 19.60 24.75
CA PHE H 310 20.12 18.58 24.81
C PHE H 310 18.73 19.17 24.61
N PRO H 311 17.79 18.39 24.10
CA PRO H 311 16.39 18.85 24.05
C PRO H 311 15.85 19.04 25.47
N GLU H 312 14.85 19.92 25.58
CA GLU H 312 14.30 20.26 26.89
C GLU H 312 13.69 19.06 27.60
N VAL H 313 13.24 18.04 26.84
CA VAL H 313 12.74 16.82 27.46
C VAL H 313 13.89 16.02 28.06
N VAL H 314 15.07 16.08 27.45
CA VAL H 314 16.19 15.25 27.87
C VAL H 314 17.01 15.89 29.00
N ARG H 315 17.07 17.22 29.04
CA ARG H 315 18.00 17.89 29.95
C ARG H 315 17.78 17.56 31.44
N PRO H 316 16.55 17.59 31.97
CA PRO H 316 16.40 17.20 33.39
C PRO H 316 16.87 15.79 33.69
N LYS H 317 16.62 14.84 32.79
CA LYS H 317 17.07 13.47 33.01
C LYS H 317 18.59 13.38 33.05
N ALA H 318 19.26 14.08 32.12
CA ALA H 318 20.73 14.09 32.13
C ALA H 318 21.28 14.75 33.39
N ALA H 319 20.62 15.82 33.85
CA ALA H 319 21.08 16.49 35.06
C ALA H 319 20.88 15.63 36.30
N ARG H 320 19.80 14.84 36.34
CA ARG H 320 19.47 14.09 37.54
C ARG H 320 20.15 12.72 37.59
N ILE H 321 19.91 11.88 36.58
CA ILE H 321 20.26 10.46 36.69
C ILE H 321 21.77 10.25 36.67
N GLY H 322 22.48 10.96 35.78
CA GLY H 322 23.93 10.71 35.60
C GLY H 322 24.82 11.08 36.77
N ALA H 323 24.33 11.86 37.73
CA ALA H 323 25.18 12.34 38.84
C ALA H 323 25.28 11.29 39.96
N LEU H 324 24.76 10.07 39.75
CA LEU H 324 24.72 9.05 40.84
C LEU H 324 25.44 7.77 40.44
N ILE H 325 26.15 7.76 39.31
CA ILE H 325 26.78 6.49 38.81
C ILE H 325 28.06 6.22 39.61
N SER H 326 28.59 7.24 40.29
CA SER H 326 29.88 7.07 41.01
C SER H 326 29.67 6.49 42.40
N GLN H 327 28.63 6.92 43.11
CA GLN H 327 28.39 6.47 44.51
C GLN H 327 27.78 5.07 44.49
N THR H 328 26.99 4.77 43.46
CA THR H 328 26.38 3.45 43.32
C THR H 328 27.43 2.41 42.97
N ALA H 329 28.34 2.72 42.06
CA ALA H 329 29.39 1.77 41.70
C ALA H 329 30.31 1.47 42.87
N ALA H 330 30.68 2.50 43.64
CA ALA H 330 31.53 2.28 44.81
C ALA H 330 30.82 1.42 45.85
N LYS H 331 29.56 1.67 46.10
CA LYS H 331 28.78 0.86 47.08
C LYS H 331 28.68 -0.58 46.58
N ALA H 332 28.41 -0.75 45.27
CA ALA H 332 28.31 -2.10 44.73
C ALA H 332 29.63 -2.85 44.85
N TYR H 333 30.76 -2.16 44.62
CA TYR H 333 32.05 -2.81 44.78
C TYR H 333 32.31 -3.16 46.24
N ARG H 334 31.91 -2.29 47.18
CA ARG H 334 32.11 -2.59 48.58
C ARG H 334 31.24 -3.75 49.07
N ASN H 335 30.19 -4.10 48.34
CA ASN H 335 29.27 -5.15 48.74
C ASN H 335 29.60 -6.51 48.14
N GLY H 336 30.60 -6.58 47.26
CA GLY H 336 30.98 -7.85 46.65
C GLY H 336 30.33 -8.15 45.32
N VAL H 337 29.70 -7.17 44.68
CA VAL H 337 29.10 -7.39 43.37
C VAL H 337 30.19 -7.44 42.32
N ARG H 338 30.10 -8.42 41.41
CA ARG H 338 31.08 -8.56 40.35
C ARG H 338 30.92 -7.44 39.32
N ILE H 339 32.04 -6.78 39.00
CA ILE H 339 32.04 -5.58 38.17
C ILE H 339 32.97 -5.79 36.98
N ALA H 340 32.52 -5.39 35.80
CA ALA H 340 33.29 -5.47 34.57
C ALA H 340 33.50 -4.07 34.00
N PHE H 341 34.23 -4.00 32.89
CA PHE H 341 34.66 -2.75 32.30
C PHE H 341 33.76 -2.39 31.13
N GLY H 342 33.21 -1.17 31.15
CA GLY H 342 32.42 -0.66 30.04
C GLY H 342 32.31 0.84 30.15
N THR H 343 32.27 1.50 28.98
CA THR H 343 32.34 2.95 28.92
C THR H 343 31.13 3.63 28.32
N ASP H 344 30.35 2.93 27.48
CA ASP H 344 29.21 3.53 26.77
C ASP H 344 29.68 4.61 25.80
N GLN H 345 30.81 4.39 25.14
CA GLN H 345 31.30 5.34 24.17
C GLN H 345 30.35 5.40 22.97
N GLY H 346 30.43 6.51 22.25
CA GLY H 346 29.36 6.97 21.40
C GLY H 346 28.51 8.03 22.07
N VAL H 347 28.51 8.06 23.39
CA VAL H 347 28.15 9.25 24.15
C VAL H 347 29.37 10.12 24.38
N GLY H 348 30.46 9.52 24.86
CA GLY H 348 31.74 10.18 24.90
C GLY H 348 32.48 10.01 23.59
N PRO H 349 33.63 10.68 23.45
CA PRO H 349 34.39 10.60 22.20
C PRO H 349 35.13 9.27 22.08
N HIS H 350 35.03 8.66 20.91
CA HIS H 350 35.73 7.39 20.66
C HIS H 350 37.24 7.60 20.70
N GLY H 351 37.94 6.63 21.30
CA GLY H 351 39.37 6.71 21.48
C GLY H 351 39.82 7.17 22.85
N ASP H 352 38.91 7.72 23.65
CA ASP H 352 39.21 8.16 25.01
C ASP H 352 38.69 7.19 26.06
N ASN H 353 38.54 5.91 25.71
CA ASN H 353 37.94 4.95 26.62
C ASN H 353 38.76 4.76 27.89
N ALA H 354 40.09 4.72 27.76
CA ALA H 354 40.96 4.38 28.89
C ALA H 354 40.85 5.36 30.04
N ARG H 355 40.31 6.56 29.81
CA ARG H 355 40.08 7.50 30.90
C ARG H 355 39.15 6.92 31.97
N GLU H 356 38.29 5.97 31.61
CA GLU H 356 37.45 5.32 32.61
C GLU H 356 38.29 4.64 33.67
N PHE H 357 39.47 4.12 33.32
CA PHE H 357 40.35 3.53 34.31
C PHE H 357 40.68 4.52 35.43
N VAL H 358 40.78 5.81 35.08
CA VAL H 358 41.04 6.83 36.09
C VAL H 358 39.82 6.99 37.00
N TYR H 359 38.62 6.89 36.45
CA TYR H 359 37.41 7.13 37.24
C TYR H 359 37.17 6.01 38.24
N MET H 360 37.48 4.76 37.86
CA MET H 360 37.28 3.65 38.79
C MET H 360 38.25 3.72 39.96
N VAL H 361 39.52 4.01 39.69
CA VAL H 361 40.53 4.00 40.75
C VAL H 361 40.25 5.11 41.76
N GLU H 362 39.81 6.26 41.29
CA GLU H 362 39.44 7.34 42.20
C GLU H 362 38.08 7.12 42.84
N ALA H 363 37.39 6.04 42.50
CA ALA H 363 36.15 5.65 43.15
C ALA H 363 36.36 4.59 44.23
N GLY H 364 37.61 4.22 44.50
CA GLY H 364 37.94 3.26 45.52
C GLY H 364 38.32 1.88 45.02
N ILE H 365 38.14 1.61 43.73
CA ILE H 365 38.49 0.31 43.17
C ILE H 365 39.99 0.28 42.92
N PRO H 366 40.71 -0.75 43.39
CA PRO H 366 42.16 -0.80 43.18
C PRO H 366 42.51 -0.91 41.69
N ALA H 367 43.75 -0.49 41.39
CA ALA H 367 44.20 -0.48 40.00
C ALA H 367 44.28 -1.89 39.42
N ALA H 368 44.74 -2.85 40.21
CA ALA H 368 44.85 -4.23 39.72
C ALA H 368 43.49 -4.81 39.35
N TYR H 369 42.47 -4.58 40.17
CA TYR H 369 41.14 -5.05 39.83
C TYR H 369 40.58 -4.32 38.62
N ALA H 370 40.84 -3.02 38.50
CA ALA H 370 40.37 -2.28 37.33
C ALA H 370 41.02 -2.77 36.05
N LEU H 371 42.28 -3.22 36.12
CA LEU H 371 42.93 -3.80 34.96
C LEU H 371 42.42 -5.20 34.67
N GLN H 372 42.14 -5.99 35.71
CA GLN H 372 41.59 -7.32 35.51
C GLN H 372 40.18 -7.26 34.91
N ALA H 373 39.40 -6.23 35.25
CA ALA H 373 38.03 -6.13 34.80
C ALA H 373 37.91 -5.96 33.29
N ALA H 374 38.97 -5.52 32.63
CA ALA H 374 38.95 -5.32 31.19
C ALA H 374 39.64 -6.44 30.41
N THR H 375 40.30 -7.37 31.10
CA THR H 375 40.99 -8.47 30.42
C THR H 375 40.41 -9.83 30.76
N VAL H 376 40.37 -10.21 32.04
CA VAL H 376 40.04 -11.58 32.41
C VAL H 376 38.57 -11.70 32.79
N HIS H 377 37.96 -10.59 33.19
CA HIS H 377 36.53 -10.58 33.50
C HIS H 377 35.69 -10.26 32.28
N ALA H 378 36.21 -9.47 31.34
CA ALA H 378 35.50 -9.23 30.09
C ALA H 378 35.37 -10.50 29.26
N ALA H 379 36.36 -11.39 29.33
CA ALA H 379 36.25 -12.67 28.65
C ALA H 379 35.19 -13.56 29.31
N GLN H 380 35.06 -13.49 30.63
CA GLN H 380 34.01 -14.24 31.31
C GLN H 380 32.63 -13.69 30.94
N VAL H 381 32.50 -12.36 30.85
CA VAL H 381 31.24 -11.76 30.44
C VAL H 381 30.91 -12.17 29.00
N LEU H 382 31.91 -12.14 28.12
CA LEU H 382 31.67 -12.51 26.72
C LEU H 382 31.47 -14.01 26.57
N GLY H 383 32.03 -14.81 27.47
CA GLY H 383 31.94 -16.25 27.36
C GLY H 383 32.93 -16.88 26.42
N VAL H 384 34.07 -16.24 26.19
CA VAL H 384 35.11 -16.76 25.30
C VAL H 384 36.36 -17.06 26.13
N ASP H 385 36.97 -18.21 25.87
CA ASP H 385 38.12 -18.68 26.61
C ASP H 385 39.44 -18.49 25.89
N ASP H 386 39.43 -17.93 24.68
CA ASP H 386 40.63 -17.82 23.87
C ASP H 386 41.39 -16.51 24.10
N GLN H 387 40.87 -15.60 24.92
CA GLN H 387 41.49 -14.31 25.12
C GLN H 387 41.47 -13.98 26.61
N GLY H 388 42.07 -12.83 26.93
CA GLY H 388 42.04 -12.34 28.30
C GLY H 388 43.38 -12.37 29.02
N VAL H 389 44.14 -13.45 28.83
CA VAL H 389 45.42 -13.63 29.52
C VAL H 389 46.50 -13.94 28.51
N LEU H 390 47.74 -13.64 28.88
CA LEU H 390 48.91 -13.93 28.04
C LEU H 390 49.43 -15.31 28.39
N GLU H 391 48.75 -16.32 27.86
CA GLU H 391 49.07 -17.72 28.12
C GLU H 391 49.20 -18.46 26.81
N PRO H 392 49.97 -19.56 26.79
CA PRO H 392 50.10 -20.34 25.56
C PRO H 392 48.77 -20.86 25.06
N GLY H 393 48.61 -20.84 23.74
CA GLY H 393 47.39 -21.29 23.11
C GLY H 393 46.29 -20.26 22.99
N LYS H 394 46.52 -19.03 23.46
CA LYS H 394 45.52 -17.97 23.42
C LYS H 394 45.87 -16.96 22.34
N ARG H 395 44.88 -16.13 22.00
CA ARG H 395 45.07 -15.10 20.98
C ARG H 395 46.16 -14.12 21.42
N ALA H 396 46.98 -13.71 20.45
CA ALA H 396 48.12 -12.83 20.73
C ALA H 396 47.68 -11.38 20.57
N ASP H 397 46.96 -10.89 21.57
CA ASP H 397 46.59 -9.48 21.69
C ASP H 397 47.43 -8.90 22.83
N VAL H 398 48.45 -8.13 22.48
CA VAL H 398 49.40 -7.60 23.45
C VAL H 398 49.50 -6.09 23.27
N ILE H 399 49.40 -5.35 24.39
CA ILE H 399 49.61 -3.91 24.37
C ILE H 399 50.71 -3.59 25.37
N ALA H 400 51.32 -2.42 25.18
CA ALA H 400 52.42 -1.98 26.03
C ALA H 400 52.23 -0.54 26.44
N LEU H 401 52.71 -0.22 27.65
CA LEU H 401 52.63 1.11 28.22
C LEU H 401 54.02 1.59 28.59
N ALA H 402 54.22 2.91 28.49
CA ALA H 402 55.52 3.49 28.83
C ALA H 402 55.81 3.37 30.32
N GLY H 403 54.79 3.57 31.16
CA GLY H 403 54.96 3.55 32.59
C GLY H 403 54.23 2.39 33.25
N ASN H 404 54.33 2.36 34.57
CA ASN H 404 53.70 1.31 35.37
C ASN H 404 52.32 1.77 35.82
N PRO H 405 51.24 1.09 35.43
CA PRO H 405 49.89 1.55 35.81
C PRO H 405 49.50 1.21 37.24
N LEU H 406 50.23 0.34 37.92
CA LEU H 406 49.86 -0.04 39.28
C LEU H 406 50.24 1.01 40.32
N GLU H 407 51.10 1.97 39.95
CA GLU H 407 51.42 3.09 40.82
C GLU H 407 50.94 4.43 40.29
N ASP H 408 50.73 4.55 38.98
CA ASP H 408 50.19 5.76 38.36
C ASP H 408 49.18 5.33 37.31
N ILE H 409 47.90 5.61 37.57
CA ILE H 409 46.83 5.09 36.73
C ILE H 409 46.67 5.95 35.47
N ASN H 410 47.50 6.98 35.34
CA ASN H 410 47.47 7.80 34.13
C ASN H 410 48.30 7.21 33.00
N ALA H 411 49.14 6.21 33.29
CA ALA H 411 49.95 5.58 32.27
C ALA H 411 49.10 4.88 31.20
N VAL H 412 47.84 4.58 31.50
CA VAL H 412 46.96 3.93 30.54
C VAL H 412 46.51 4.93 29.49
N LEU H 413 46.94 6.18 29.62
CA LEU H 413 46.65 7.20 28.62
C LEU H 413 47.75 7.34 27.58
N ASP H 414 48.78 6.48 27.64
CA ASP H 414 49.91 6.52 26.70
C ASP H 414 50.27 5.09 26.31
N VAL H 415 49.67 4.61 25.23
CA VAL H 415 49.91 3.25 24.72
C VAL H 415 50.98 3.32 23.64
N ARG H 416 52.02 2.50 23.78
CA ARG H 416 53.16 2.55 22.89
C ARG H 416 53.27 1.36 21.94
N PHE H 417 52.49 0.31 22.14
CA PHE H 417 52.59 -0.88 21.30
C PHE H 417 51.25 -1.61 21.32
N VAL H 418 50.74 -1.93 20.13
CA VAL H 418 49.47 -2.63 19.97
C VAL H 418 49.68 -3.81 19.03
N MET H 419 49.17 -4.97 19.41
CA MET H 419 49.24 -6.17 18.59
C MET H 419 47.93 -6.94 18.75
N LYS H 420 47.32 -7.30 17.62
CA LYS H 420 46.05 -8.01 17.60
C LYS H 420 46.15 -9.16 16.62
N ASP H 421 45.95 -10.39 17.10
CA ASP H 421 46.02 -11.60 16.29
C ASP H 421 47.38 -11.76 15.63
N GLY H 422 48.44 -11.32 16.30
CA GLY H 422 49.79 -11.49 15.81
C GLY H 422 50.27 -10.44 14.83
N VAL H 423 49.42 -9.48 14.47
CA VAL H 423 49.78 -8.42 13.53
C VAL H 423 50.02 -7.14 14.31
N ILE H 424 51.15 -6.50 14.06
CA ILE H 424 51.49 -5.26 14.76
C ILE H 424 50.79 -4.10 14.05
N TYR H 425 50.04 -3.31 14.82
CA TYR H 425 49.36 -2.13 14.29
C TYR H 425 49.97 -0.83 14.75
N LYS H 426 50.47 -0.76 15.97
CA LYS H 426 51.19 0.40 16.47
C LYS H 426 52.48 -0.07 17.13
N GLN H 427 53.60 0.50 16.69
CA GLN H 427 54.90 0.12 17.22
C GLN H 427 55.58 1.31 17.90
ZN ZN I . 30.58 3.28 -17.20
ZN ZN J . 29.43 2.87 -20.77
ZN ZN K . 8.15 34.24 1.65
ZN ZN L . 10.63 34.46 -1.16
ZN ZN M . -27.97 17.01 -13.03
ZN ZN N . -26.39 20.32 -13.83
ZN ZN O . -5.54 -13.96 -31.88
ZN ZN P . -7.65 -11.25 -33.42
ZN ZN Q . 14.77 -32.05 1.52
ZN ZN R . 16.13 -31.74 5.03
ZN ZN S . -26.98 -22.35 4.43
ZN ZN T . -24.96 -25.17 5.87
ZN ZN U . -17.33 12.01 28.33
ZN ZN V . -19.07 8.78 29.17
ZN ZN W . 24.40 2.31 25.42
ZN ZN X . 22.01 2.24 28.32
#